data_8ERR
#
_entry.id   8ERR
#
loop_
_entity.id
_entity.type
_entity.pdbx_description
1 polymer 'Spike glycoprotein'
2 polymer 'S2X324 heavy chain'
3 polymer 'S2X324 light chain'
4 branched 2-acetamido-2-deoxy-beta-D-glucopyranose-(1-4)-2-acetamido-2-deoxy-beta-D-glucopyranose
5 non-polymer 2-acetamido-2-deoxy-beta-D-glucopyranose
#
loop_
_entity_poly.entity_id
_entity_poly.type
_entity_poly.pdbx_seq_one_letter_code
_entity_poly.pdbx_strand_id
1 'polypeptide(L)'
;MFVFLVLLPLVSSQCVNLTTRTQLPPAYTNSFTRGVYYPDKVFRSSVLHSTQDLFLPFFSNVTWFHVISGTNGTKRFDNP
VLPFNDGVYFASIEKSNIIRGWIFGTTLDSKTQSLLIVNNATNVVIKVCEFQFCNDPFLDHKNNKSWMESEFRVYSSANN
CTFEYVSQPFLMDLEGKQGNFKNLREFVFKNIDGYFKIYSKHTPIIVREPEDLPQGFSALEPLVDLPIGINITRFQTLLA
LHRSYLTPGDSSSGWTAGAAAYYVGYLQPRTFLLKYNENGTITDAVDCALDPLSETKCTLKSFTVEKGIYQTSNFRVQPT
ESIVRFPNITNLCPFDEVFNATRFASVYAWNRKRISNCVADYSVLYNLAPFFTFKCYGVSPTKLNDLCFTNVYADSFVIR
GDEVRQIAPGQTGNIADYNYKLPDDFTGCVIAWNSNKLDSKVSGNYNYLYRLFRKSNLKPFERDISTEIYQAGNKPCNGV
AGFNCYFPLRSYSFRPTYGVGHQPYRVVVLSFELLHAPATVCGPKKSTNLVKNKCVNFNFNGLKGTGVLTESNKKFLPFQ
QFGRDIADTTDAVRDPQTLEILDITPCSFGGVSVITPGTNTSNQVAVLYQGVNCTEVPVAIHADQLTPTWRVYSTGSNVF
QTRAGCLIGAEYVNNSYECDIPIGAGICASYQTQTKSHRRARSVASQSIIAYTMSLGAENSVACSNNSIAIPTNFTISVT
TEILPVSMTKTSVDCTMYICGDSTECSNLLLQYGSFCTQLKRALTGIAVEQDKNTQEVFAQVKQIYKTPPIKYFGGFNFS
QILPDPSKPSKRSPIEDLLFNKVTLADAGFIKQYGDCLGDIAARDLICAQKFKGLTVLPPLLTDEMIAQYTSALLAGTIC
SGWTFGAGPALQIPFPMQMAYRFNGIGVTQNVLYENQKLIANQFNSAIGKIQDSLSSTPSALGKLQDVVNHNAQALNTLV
KQLSSKFGAISSVLNDIFSRLDKPEAEVQIDRLITGRLQSLQTYVTQQLIRAAEIRASANLAATKMSECVLGQSKRVDFC
GKGYHLMSFPQSAPHGVVFLHVTYVPAQEKNFTTAPAICHDGKAHFPREGVFVSNGTHWFVTQRNFYEPQIITTDNTFVS
GNCDVVIGIVNNTVYDPLQPELDSFKEELDKYFKNHTSPDVDLGDISGINASVVNIQKEIDRLNEVAKNLNESLIDLQEL
GKYEQGSGYIPEAPRDGQAYVRKDGEWVLLSTFLGRSLEVLFQGPGSGGLNDIFEAQKIEWHEGSGHHHHHHHH
;
A,B,C
2 'polypeptide(L)'
;QITLKESGPTLVKPTQTLTLTCTFSGFSVTTSGVGVGWIRQPPGKALEYLALIYWDDDKRYSTSLKSRLTITKDTSKNQV
VLTMTNMDPVDTATYYCARHTIPSIFDYWGQGILVTVSS
;
H,E,I
3 'polypeptide(L)'
;QPVLTQPASVSGSPGQSITISCTATSSDVGNYNYVSWYQHHPGKAPKLMIYEVSNRPSGVSNRFSGSKSGNTASLTISGL
QAEDEADYYCSSYTSSSLLFGGGTKLTVLG
;
L,F,J
#
loop_
_chem_comp.id
_chem_comp.type
_chem_comp.name
_chem_comp.formula
NAG D-saccharide, beta linking 2-acetamido-2-deoxy-beta-D-glucopyranose 'C8 H15 N O6'
#
# COMPACT_ATOMS: atom_id res chain seq x y z
N PRO A 26 -25.49 0.04 54.48
CA PRO A 26 -25.58 0.07 53.03
C PRO A 26 -27.02 -0.21 52.56
N ALA A 27 -27.87 0.82 52.65
CA ALA A 27 -29.27 0.70 52.25
C ALA A 27 -29.40 0.85 50.74
N TYR A 28 -29.03 -0.20 50.02
CA TYR A 28 -28.94 -0.11 48.57
C TYR A 28 -30.19 0.47 47.94
N THR A 29 -30.00 1.41 47.03
CA THR A 29 -31.12 2.05 46.35
C THR A 29 -30.98 1.96 44.83
N ASN A 30 -31.93 2.60 44.15
CA ASN A 30 -32.04 2.53 42.69
C ASN A 30 -31.44 3.76 42.02
N SER A 31 -30.41 3.55 41.21
CA SER A 31 -29.72 4.64 40.53
C SER A 31 -30.54 5.26 39.40
N PHE A 32 -31.61 4.57 39.02
CA PHE A 32 -32.51 5.00 37.95
C PHE A 32 -31.74 5.41 36.70
N THR A 33 -31.89 6.66 36.28
CA THR A 33 -31.28 7.14 35.04
C THR A 33 -30.32 8.30 35.29
N ARG A 34 -29.68 8.30 36.47
CA ARG A 34 -28.74 9.36 36.82
C ARG A 34 -27.30 8.92 36.59
N GLY A 35 -26.39 9.90 36.54
CA GLY A 35 -24.96 9.61 36.46
C GLY A 35 -24.38 9.84 35.06
N VAL A 36 -25.16 10.47 34.19
CA VAL A 36 -24.70 10.80 32.85
C VAL A 36 -23.99 12.14 32.84
N TYR A 37 -22.92 12.23 32.08
CA TYR A 37 -22.12 13.45 32.00
C TYR A 37 -21.64 13.68 30.57
N TYR A 38 -21.20 14.91 30.30
CA TYR A 38 -20.63 15.25 29.01
C TYR A 38 -19.27 14.61 28.80
N PRO A 39 -19.14 13.68 27.84
CA PRO A 39 -17.96 12.87 27.57
C PRO A 39 -16.85 13.66 26.86
N ASP A 40 -17.20 14.82 26.33
CA ASP A 40 -16.25 15.59 25.52
C ASP A 40 -16.55 17.09 25.57
N LYS A 41 -15.73 17.88 24.88
CA LYS A 41 -15.87 19.33 24.82
C LYS A 41 -16.28 19.77 23.42
N VAL A 42 -16.96 18.88 22.71
CA VAL A 42 -17.39 19.13 21.35
C VAL A 42 -18.85 19.55 21.28
N PHE A 43 -19.09 20.66 20.59
CA PHE A 43 -20.46 21.15 20.41
C PHE A 43 -21.21 20.32 19.37
N ARG A 44 -22.39 19.88 19.77
CA ARG A 44 -23.28 19.11 18.92
C ARG A 44 -24.69 19.60 19.16
N SER A 45 -25.55 19.54 18.14
CA SER A 45 -26.93 19.96 18.34
C SER A 45 -27.88 19.21 17.42
N SER A 46 -29.09 18.99 17.91
CA SER A 46 -30.14 18.31 17.16
C SER A 46 -29.61 17.03 16.51
N VAL A 47 -28.93 16.21 17.31
CA VAL A 47 -28.27 15.02 16.78
C VAL A 47 -28.17 13.92 17.82
N LEU A 48 -28.17 12.67 17.36
CA LEU A 48 -27.94 11.53 18.22
C LEU A 48 -26.50 11.03 18.08
N HIS A 49 -25.84 10.83 19.22
CA HIS A 49 -24.46 10.36 19.19
C HIS A 49 -24.26 9.14 20.08
N SER A 50 -23.68 8.09 19.50
CA SER A 50 -23.40 6.85 20.24
C SER A 50 -21.97 6.82 20.73
N THR A 51 -21.78 6.71 22.05
CA THR A 51 -20.44 6.77 22.61
C THR A 51 -20.19 5.70 23.68
N GLN A 52 -18.96 5.21 23.73
CA GLN A 52 -18.53 4.28 24.77
C GLN A 52 -17.60 4.97 25.75
N ASP A 53 -17.98 4.93 27.03
CA ASP A 53 -17.19 5.57 28.07
C ASP A 53 -17.60 5.02 29.42
N LEU A 54 -16.97 5.50 30.48
CA LEU A 54 -17.32 5.05 31.82
C LEU A 54 -18.53 5.80 32.34
N PHE A 55 -19.67 5.11 32.38
CA PHE A 55 -20.93 5.68 32.81
C PHE A 55 -21.54 4.83 33.90
N LEU A 56 -22.39 5.43 34.72
CA LEU A 56 -23.13 4.66 35.71
C LEU A 56 -24.28 3.95 35.01
N PRO A 57 -24.34 2.61 35.03
CA PRO A 57 -25.37 1.78 34.41
C PRO A 57 -26.72 2.18 34.95
N PHE A 58 -27.74 2.09 34.11
CA PHE A 58 -29.10 2.44 34.55
C PHE A 58 -29.69 1.37 35.43
N PHE A 59 -30.47 1.81 36.41
CA PHE A 59 -31.18 0.91 37.33
C PHE A 59 -30.25 -0.06 38.04
N SER A 60 -29.10 0.45 38.50
CA SER A 60 -28.14 -0.36 39.24
C SER A 60 -28.27 -0.16 40.75
N ASN A 61 -27.58 -1.01 41.54
CA ASN A 61 -27.52 -0.88 42.99
C ASN A 61 -26.55 0.22 43.41
N VAL A 62 -27.03 1.17 44.20
CA VAL A 62 -26.22 2.26 44.74
C VAL A 62 -26.17 2.17 46.24
N THR A 63 -24.97 2.21 46.80
CA THR A 63 -24.84 2.07 48.25
C THR A 63 -25.23 3.35 48.94
N TRP A 64 -26.08 3.23 49.95
CA TRP A 64 -26.62 4.39 50.65
C TRP A 64 -26.07 4.50 52.06
N PHE A 65 -25.30 5.56 52.30
CA PHE A 65 -24.68 5.80 53.60
C PHE A 65 -25.38 6.96 54.32
N HIS A 66 -25.42 6.90 55.65
CA HIS A 66 -26.10 7.93 56.43
C HIS A 66 -25.14 8.72 57.31
N VAL A 67 -25.46 9.99 57.52
CA VAL A 67 -24.68 10.86 58.40
C VAL A 67 -25.57 11.49 59.48
N ILE A 68 -25.17 11.32 60.75
CA ILE A 68 -25.89 11.89 61.89
C ILE A 68 -24.92 12.69 62.76
N LYS A 75 -26.49 8.34 67.72
CA LYS A 75 -25.97 9.42 66.89
C LYS A 75 -24.58 9.06 66.34
N ARG A 76 -24.57 8.32 65.23
CA ARG A 76 -23.33 7.91 64.56
C ARG A 76 -23.43 8.13 63.06
N PHE A 77 -22.32 8.54 62.46
CA PHE A 77 -22.26 8.76 61.02
C PHE A 77 -21.40 7.71 60.34
N ASP A 78 -21.67 7.49 59.05
CA ASP A 78 -20.89 6.59 58.23
C ASP A 78 -19.72 7.30 57.57
N ASN A 79 -18.51 6.82 57.82
CA ASN A 79 -17.32 7.37 57.18
C ASN A 79 -16.28 6.28 56.90
N PRO A 80 -16.63 5.24 56.13
CA PRO A 80 -15.80 4.13 55.74
C PRO A 80 -14.84 4.53 54.64
N VAL A 81 -13.80 3.74 54.45
CA VAL A 81 -12.93 3.91 53.29
C VAL A 81 -13.41 3.01 52.17
N LEU A 82 -13.76 3.61 51.05
CA LEU A 82 -14.39 2.90 49.94
C LEU A 82 -13.39 2.72 48.81
N PRO A 83 -13.53 1.66 48.01
CA PRO A 83 -12.71 1.35 46.85
C PRO A 83 -12.99 2.31 45.71
N PHE A 84 -11.98 2.52 44.88
CA PHE A 84 -12.07 3.32 43.67
C PHE A 84 -11.67 2.42 42.50
N ASN A 85 -12.61 2.13 41.62
CA ASN A 85 -12.36 1.16 40.56
C ASN A 85 -12.00 1.82 39.25
N ASP A 86 -12.96 1.86 38.33
CA ASP A 86 -12.76 2.52 37.04
C ASP A 86 -13.06 3.99 37.18
N GLY A 87 -13.94 4.30 38.13
CA GLY A 87 -14.34 5.66 38.44
C GLY A 87 -15.46 5.61 39.45
N VAL A 88 -15.74 6.73 40.10
CA VAL A 88 -16.77 6.76 41.14
C VAL A 88 -17.84 7.82 40.91
N TYR A 89 -19.08 7.40 41.07
CA TYR A 89 -20.21 8.31 41.06
C TYR A 89 -20.62 8.63 42.49
N PHE A 90 -20.60 9.90 42.85
CA PHE A 90 -20.92 10.30 44.20
C PHE A 90 -22.05 11.30 44.22
N ALA A 91 -23.01 11.10 45.10
CA ALA A 91 -24.12 12.04 45.20
C ALA A 91 -24.50 12.26 46.65
N SER A 92 -25.00 13.44 46.96
CA SER A 92 -25.45 13.70 48.33
C SER A 92 -26.63 14.63 48.39
N ILE A 93 -27.44 14.45 49.44
CA ILE A 93 -28.56 15.33 49.73
C ILE A 93 -28.43 15.87 51.14
N GLU A 94 -28.39 17.19 51.28
CA GLU A 94 -28.20 17.82 52.58
C GLU A 94 -28.76 19.23 52.63
N LYS A 95 -28.91 19.76 53.85
CA LYS A 95 -29.35 21.13 54.05
C LYS A 95 -28.29 21.98 54.75
N SER A 96 -27.49 21.35 55.60
CA SER A 96 -26.57 22.09 56.47
C SER A 96 -25.11 21.99 56.04
N ASN A 97 -24.85 21.57 54.81
CA ASN A 97 -23.49 21.54 54.29
C ASN A 97 -22.54 20.75 55.18
N ILE A 98 -22.81 19.46 55.36
CA ILE A 98 -21.98 18.63 56.22
C ILE A 98 -20.82 18.03 55.46
N ILE A 99 -21.06 17.63 54.22
CA ILE A 99 -19.99 17.07 53.41
C ILE A 99 -19.11 18.20 52.89
N ARG A 100 -17.82 18.14 53.20
CA ARG A 100 -16.92 19.23 52.83
C ARG A 100 -15.88 18.82 51.79
N GLY A 101 -15.50 17.55 51.76
CA GLY A 101 -14.43 17.17 50.85
C GLY A 101 -14.19 15.67 50.76
N TRP A 102 -13.11 15.31 50.06
CA TRP A 102 -12.78 13.92 49.80
C TRP A 102 -11.28 13.68 49.87
N ILE A 103 -10.91 12.45 50.22
CA ILE A 103 -9.54 11.99 50.12
C ILE A 103 -9.42 10.90 49.09
N PHE A 104 -8.40 10.99 48.22
CA PHE A 104 -8.13 9.96 47.21
C PHE A 104 -6.63 9.56 47.22
N GLY A 105 -6.32 8.26 47.10
CA GLY A 105 -4.91 7.83 47.10
C GLY A 105 -4.81 6.32 47.16
N THR A 106 -3.78 5.79 47.81
CA THR A 106 -3.61 4.32 47.94
C THR A 106 -3.33 3.98 49.41
N THR A 107 -2.11 4.26 49.90
CA THR A 107 -1.75 3.98 51.33
C THR A 107 -2.62 4.85 52.24
N LEU A 108 -3.12 5.96 51.73
CA LEU A 108 -4.05 6.82 52.52
C LEU A 108 -3.39 7.27 53.81
N ASP A 109 -2.10 7.60 53.77
CA ASP A 109 -1.40 8.12 54.97
C ASP A 109 -0.06 8.76 54.55
N SER A 110 0.71 9.25 55.53
CA SER A 110 2.03 9.88 55.23
C SER A 110 3.01 8.81 54.75
N LYS A 111 2.51 7.81 54.01
CA LYS A 111 3.37 6.75 53.46
C LYS A 111 3.52 6.97 51.95
N THR A 112 2.41 7.34 51.28
CA THR A 112 2.46 7.65 49.83
C THR A 112 1.70 8.96 49.57
N GLN A 113 1.91 9.58 48.41
CA GLN A 113 1.24 10.83 48.09
C GLN A 113 -0.26 10.61 47.90
N SER A 114 -1.04 11.62 48.26
CA SER A 114 -2.49 11.55 48.18
C SER A 114 -3.12 12.88 47.79
N LEU A 115 -4.28 12.80 47.14
CA LEU A 115 -5.01 13.98 46.69
C LEU A 115 -6.11 14.37 47.68
N LEU A 116 -5.98 15.56 48.24
CA LEU A 116 -6.93 16.05 49.24
C LEU A 116 -7.74 17.22 48.70
N ILE A 117 -9.05 17.06 48.64
CA ILE A 117 -9.94 18.11 48.16
C ILE A 117 -10.87 18.59 49.26
N VAL A 118 -10.68 19.82 49.71
CA VAL A 118 -11.53 20.35 50.79
C VAL A 118 -12.14 21.70 50.43
N ASN A 119 -13.45 21.80 50.58
CA ASN A 119 -14.17 23.04 50.33
C ASN A 119 -14.40 23.82 51.63
N ASN A 120 -14.43 25.15 51.53
CA ASN A 120 -14.84 26.03 52.62
C ASN A 120 -15.65 27.21 52.08
N ALA A 121 -16.01 28.16 52.94
CA ALA A 121 -16.95 29.23 52.61
C ALA A 121 -16.48 30.16 51.48
N THR A 122 -15.18 30.19 51.20
CA THR A 122 -14.70 31.13 50.19
C THR A 122 -14.05 30.48 48.97
N ASN A 123 -13.46 29.31 49.13
CA ASN A 123 -12.80 28.64 48.01
C ASN A 123 -12.63 27.13 48.23
N VAL A 124 -12.16 26.44 47.19
CA VAL A 124 -11.80 25.04 47.31
C VAL A 124 -10.29 24.90 47.23
N VAL A 125 -9.75 24.11 48.15
CA VAL A 125 -8.32 23.91 48.20
C VAL A 125 -7.96 22.48 47.84
N ILE A 126 -7.18 22.32 46.79
CA ILE A 126 -6.77 21.01 46.35
C ILE A 126 -5.27 20.83 46.48
N LYS A 127 -4.86 19.84 47.27
CA LYS A 127 -3.44 19.59 47.49
C LYS A 127 -3.06 18.15 47.23
N VAL A 128 -1.86 17.96 46.67
CA VAL A 128 -1.32 16.62 46.51
C VAL A 128 -0.03 16.51 47.30
N CYS A 129 -0.07 15.72 48.38
CA CYS A 129 1.04 15.64 49.34
C CYS A 129 1.06 14.28 50.02
N GLU A 130 2.15 14.02 50.73
CA GLU A 130 2.23 12.88 51.63
C GLU A 130 1.67 13.30 52.99
N PHE A 131 0.41 12.96 53.22
CA PHE A 131 -0.29 13.42 54.41
C PHE A 131 -0.34 12.35 55.49
N GLN A 132 -0.11 12.77 56.73
CA GLN A 132 -0.31 11.89 57.87
C GLN A 132 -1.78 11.94 58.28
N PHE A 133 -2.62 11.29 57.48
CA PHE A 133 -4.07 11.34 57.67
C PHE A 133 -4.50 10.74 58.99
N CYS A 134 -5.54 11.32 59.56
CA CYS A 134 -6.15 10.82 60.79
C CYS A 134 -6.86 9.49 60.54
N ASN A 135 -7.09 8.73 61.61
CA ASN A 135 -7.81 7.46 61.50
C ASN A 135 -9.28 7.69 61.21
N ASP A 136 -9.73 8.92 61.44
CA ASP A 136 -11.11 9.33 61.17
C ASP A 136 -11.15 10.82 60.91
N PRO A 137 -10.68 11.25 59.73
CA PRO A 137 -10.43 12.63 59.34
C PRO A 137 -11.73 13.40 59.21
N PHE A 138 -11.74 14.65 59.68
CA PHE A 138 -12.94 15.47 59.60
C PHE A 138 -12.62 16.96 59.67
N LEU A 139 -13.65 17.78 59.42
CA LEU A 139 -13.52 19.22 59.56
C LEU A 139 -14.28 19.67 60.80
N ASP A 140 -13.74 20.66 61.49
CA ASP A 140 -14.34 21.14 62.74
C ASP A 140 -15.19 22.40 62.52
N HIS A 141 -16.51 22.25 62.60
CA HIS A 141 -17.45 23.35 62.37
C HIS A 141 -17.87 23.97 63.69
N GLU A 151 -11.57 24.53 61.91
CA GLU A 151 -10.23 23.96 62.00
C GLU A 151 -10.15 22.63 61.25
N PHE A 152 -8.93 22.24 60.87
CA PHE A 152 -8.67 21.00 60.12
C PHE A 152 -8.24 19.86 61.02
N ARG A 153 -8.98 18.76 60.97
CA ARG A 153 -8.65 17.55 61.72
C ARG A 153 -8.59 16.39 60.74
N VAL A 154 -8.02 16.67 59.57
CA VAL A 154 -7.93 15.71 58.48
C VAL A 154 -6.60 14.97 58.53
N TYR A 155 -5.53 15.72 58.75
CA TYR A 155 -4.19 15.16 58.82
C TYR A 155 -3.37 15.93 59.85
N SER A 156 -2.35 15.28 60.38
CA SER A 156 -1.49 15.90 61.37
C SER A 156 -0.35 16.69 60.74
N SER A 157 0.09 16.25 59.58
CA SER A 157 1.22 16.90 58.92
C SER A 157 1.30 16.56 57.44
N ALA A 158 1.76 17.54 56.65
CA ALA A 158 2.06 17.31 55.24
C ALA A 158 3.56 17.38 55.06
N ASN A 159 4.18 16.24 54.74
CA ASN A 159 5.64 16.16 54.71
C ASN A 159 6.26 16.43 53.35
N ASN A 160 5.54 16.14 52.27
CA ASN A 160 6.06 16.26 50.91
C ASN A 160 4.95 16.60 49.93
N CYS A 161 4.97 17.82 49.38
CA CYS A 161 3.93 18.31 48.47
C CYS A 161 4.46 18.50 47.07
N THR A 162 3.61 18.21 46.07
CA THR A 162 4.00 18.34 44.68
C THR A 162 3.07 19.26 43.88
N PHE A 163 1.80 19.29 44.25
CA PHE A 163 0.81 20.03 43.45
C PHE A 163 -0.21 20.74 44.33
N GLU A 164 -0.61 21.94 43.92
CA GLU A 164 -1.67 22.67 44.62
C GLU A 164 -2.50 23.49 43.64
N TYR A 165 -3.81 23.50 43.85
CA TYR A 165 -4.74 24.25 43.02
C TYR A 165 -5.85 24.89 43.86
N VAL A 166 -6.16 26.15 43.56
CA VAL A 166 -7.22 26.84 44.29
C VAL A 166 -8.21 27.52 43.33
N SER A 167 -9.49 27.34 43.59
CA SER A 167 -10.55 27.93 42.78
C SER A 167 -11.80 28.19 43.59
N GLN A 168 -12.83 28.74 42.96
CA GLN A 168 -14.10 28.95 43.65
C GLN A 168 -14.67 27.59 44.07
N PRO A 169 -15.49 27.54 45.14
CA PRO A 169 -16.01 26.33 45.77
C PRO A 169 -16.73 25.41 44.80
N PHE A 170 -16.58 24.11 45.00
CA PHE A 170 -17.31 23.11 44.21
C PHE A 170 -18.75 22.96 44.70
N LEU A 171 -18.95 23.09 46.02
CA LEU A 171 -20.25 22.89 46.66
C LEU A 171 -21.12 24.13 46.48
N PHE A 181 -36.52 23.15 51.03
CA PHE A 181 -35.92 22.42 49.91
C PHE A 181 -34.49 21.97 50.25
N LYS A 182 -34.22 20.68 50.03
CA LYS A 182 -32.89 20.10 50.24
C LYS A 182 -32.02 20.32 49.01
N ASN A 183 -30.70 20.30 49.20
CA ASN A 183 -29.76 20.50 48.10
C ASN A 183 -29.18 19.19 47.58
N LEU A 184 -29.33 18.95 46.28
CA LEU A 184 -28.77 17.76 45.66
C LEU A 184 -27.52 18.10 44.86
N ARG A 185 -26.42 17.44 45.19
CA ARG A 185 -25.18 17.64 44.46
C ARG A 185 -24.62 16.33 43.97
N GLU A 186 -24.27 16.30 42.69
CA GLU A 186 -23.76 15.10 42.04
C GLU A 186 -22.36 15.33 41.51
N PHE A 187 -21.48 14.36 41.74
CA PHE A 187 -20.11 14.43 41.28
C PHE A 187 -19.67 13.15 40.58
N VAL A 188 -18.83 13.28 39.57
CA VAL A 188 -18.20 12.13 38.95
C VAL A 188 -16.69 12.26 39.00
N PHE A 189 -16.04 11.29 39.62
CA PHE A 189 -14.59 11.33 39.80
C PHE A 189 -13.89 10.28 38.94
N LYS A 190 -13.09 10.74 37.98
CA LYS A 190 -12.35 9.85 37.10
C LYS A 190 -10.86 10.15 37.14
N ASN A 191 -10.06 9.13 36.89
CA ASN A 191 -8.60 9.29 36.86
C ASN A 191 -8.03 8.62 35.62
N ILE A 192 -7.90 9.38 34.55
CA ILE A 192 -7.52 8.82 33.26
C ILE A 192 -6.16 9.34 32.79
N ASP A 193 -5.23 8.40 32.61
CA ASP A 193 -3.90 8.73 32.11
C ASP A 193 -3.22 9.84 32.90
N GLY A 194 -3.39 9.82 34.22
CA GLY A 194 -2.74 10.77 35.10
C GLY A 194 -3.61 12.01 35.38
N TYR A 195 -4.70 12.17 34.64
CA TYR A 195 -5.56 13.33 34.86
C TYR A 195 -6.76 12.99 35.72
N PHE A 196 -6.91 13.73 36.80
CA PHE A 196 -8.05 13.55 37.70
C PHE A 196 -9.09 14.60 37.35
N LYS A 197 -10.22 14.14 36.86
CA LYS A 197 -11.22 15.08 36.36
C LYS A 197 -12.55 14.94 37.07
N ILE A 198 -13.16 16.08 37.32
CA ILE A 198 -14.40 16.13 38.08
C ILE A 198 -15.53 16.75 37.25
N TYR A 199 -16.67 16.09 37.25
CA TYR A 199 -17.90 16.60 36.66
C TYR A 199 -18.90 16.81 37.78
N SER A 200 -19.80 17.78 37.64
CA SER A 200 -20.78 17.97 38.69
C SER A 200 -21.99 18.79 38.27
N LYS A 201 -23.06 18.67 39.05
CA LYS A 201 -24.22 19.53 38.92
C LYS A 201 -24.93 19.73 40.26
N HIS A 202 -25.54 20.90 40.43
CA HIS A 202 -26.30 21.24 41.64
C HIS A 202 -27.74 21.60 41.30
N THR A 203 -28.68 20.89 41.90
CA THR A 203 -30.10 21.17 41.71
C THR A 203 -30.79 21.19 43.08
N PRO A 204 -31.91 21.91 43.20
CA PRO A 204 -32.80 21.93 44.35
C PRO A 204 -33.62 20.65 44.42
N ILE A 205 -34.01 20.26 45.64
CA ILE A 205 -34.89 19.13 45.89
C ILE A 205 -35.45 19.19 47.31
N ASP A 212 -33.79 8.22 49.50
CA ASP A 212 -33.33 7.57 48.28
C ASP A 212 -33.13 8.61 47.16
N LEU A 213 -32.65 8.15 45.99
CA LEU A 213 -32.38 9.04 44.86
C LEU A 213 -33.66 9.35 44.09
N PRO A 214 -33.82 10.58 43.60
CA PRO A 214 -34.92 11.07 42.77
C PRO A 214 -34.87 10.50 41.38
N GLN A 215 -36.00 10.51 40.71
CA GLN A 215 -36.08 10.10 39.31
C GLN A 215 -35.94 11.32 38.41
N GLY A 216 -35.51 11.09 37.19
CA GLY A 216 -35.35 12.18 36.22
C GLY A 216 -34.00 12.08 35.53
N PHE A 217 -33.75 12.99 34.59
CA PHE A 217 -32.51 12.93 33.84
C PHE A 217 -31.84 14.30 33.72
N SER A 218 -30.53 14.31 33.92
CA SER A 218 -29.73 15.52 33.75
C SER A 218 -28.26 15.16 33.54
N ALA A 219 -27.61 15.81 32.59
CA ALA A 219 -26.20 15.57 32.35
C ALA A 219 -25.33 16.51 33.19
N LEU A 220 -24.20 16.00 33.66
CA LEU A 220 -23.26 16.78 34.44
C LEU A 220 -22.20 17.43 33.58
N GLU A 221 -21.91 18.70 33.85
CA GLU A 221 -20.88 19.44 33.13
C GLU A 221 -19.54 19.33 33.87
N PRO A 222 -18.41 19.42 33.16
CA PRO A 222 -17.06 19.41 33.70
C PRO A 222 -16.79 20.58 34.64
N LEU A 223 -15.94 20.35 35.63
CA LEU A 223 -15.42 21.42 36.47
C LEU A 223 -13.95 21.67 36.17
N VAL A 224 -13.13 20.63 36.36
CA VAL A 224 -11.70 20.77 36.21
C VAL A 224 -11.01 19.43 35.94
N ASP A 225 -9.98 19.46 35.09
CA ASP A 225 -9.15 18.30 34.81
C ASP A 225 -7.69 18.53 35.22
N LEU A 226 -7.33 18.05 36.39
CA LEU A 226 -6.02 18.37 36.96
C LEU A 226 -4.96 17.31 36.62
N PRO A 227 -3.73 17.74 36.32
CA PRO A 227 -2.57 16.91 36.05
C PRO A 227 -1.94 16.43 37.36
N ILE A 228 -2.67 15.58 38.06
CA ILE A 228 -2.25 15.11 39.37
C ILE A 228 -1.13 14.07 39.27
N GLY A 229 -1.30 13.10 38.38
CA GLY A 229 -0.26 12.10 38.12
C GLY A 229 -0.08 11.04 39.23
N ILE A 230 -1.16 10.68 39.91
CA ILE A 230 -1.05 9.67 40.97
C ILE A 230 -2.06 8.55 40.74
N ASN A 231 -1.85 7.42 41.43
CA ASN A 231 -2.79 6.30 41.42
C ASN A 231 -3.83 6.48 42.52
N ILE A 232 -5.06 5.97 42.27
CA ILE A 232 -6.12 5.96 43.27
C ILE A 232 -6.75 4.58 43.34
N THR A 233 -6.83 4.02 44.55
CA THR A 233 -7.44 2.72 44.76
C THR A 233 -8.56 2.80 45.80
N ARG A 234 -8.48 3.80 46.66
CA ARG A 234 -9.46 3.99 47.72
C ARG A 234 -9.76 5.46 47.93
N PHE A 235 -10.91 5.76 48.52
CA PHE A 235 -11.24 7.14 48.86
C PHE A 235 -12.11 7.22 50.10
N GLN A 236 -12.14 8.41 50.71
CA GLN A 236 -12.95 8.62 51.91
C GLN A 236 -13.63 9.99 51.88
N THR A 237 -14.84 10.06 52.41
CA THR A 237 -15.59 11.31 52.46
C THR A 237 -15.33 12.09 53.75
N LEU A 238 -15.04 13.37 53.62
CA LEU A 238 -14.78 14.22 54.78
C LEU A 238 -16.02 14.99 55.20
N LEU A 239 -16.44 14.76 56.43
CA LEU A 239 -17.63 15.38 57.00
C LEU A 239 -17.27 16.44 58.02
N ALA A 240 -18.12 17.45 58.16
CA ALA A 240 -17.96 18.45 59.20
C ALA A 240 -18.71 18.03 60.45
N LEU A 241 -18.04 18.08 61.58
CA LEU A 241 -18.66 17.71 62.85
C LEU A 241 -18.87 18.94 63.73
N HIS A 242 -19.90 18.89 64.58
CA HIS A 242 -20.23 19.99 65.49
C HIS A 242 -21.05 19.46 66.66
N GLY A 258 -27.30 18.79 62.68
CA GLY A 258 -27.87 18.50 61.38
C GLY A 258 -27.64 17.04 61.00
N ALA A 259 -28.12 16.66 59.81
CA ALA A 259 -28.00 15.30 59.28
C ALA A 259 -27.96 15.33 57.76
N ALA A 260 -27.41 14.28 57.16
CA ALA A 260 -27.27 14.20 55.71
C ALA A 260 -27.12 12.75 55.27
N ALA A 261 -27.20 12.51 53.96
CA ALA A 261 -26.94 11.18 53.44
C ALA A 261 -26.24 11.27 52.09
N TYR A 262 -25.45 10.25 51.77
CA TYR A 262 -24.77 10.22 50.49
C TYR A 262 -24.79 8.85 49.86
N TYR A 263 -24.64 8.83 48.55
CA TYR A 263 -24.77 7.62 47.77
C TYR A 263 -23.52 7.38 46.93
N VAL A 264 -23.11 6.12 46.83
CA VAL A 264 -21.94 5.81 46.03
C VAL A 264 -22.19 4.71 45.01
N GLY A 265 -21.87 4.99 43.76
CA GLY A 265 -21.99 4.01 42.69
C GLY A 265 -20.67 3.89 41.94
N TYR A 266 -20.61 2.97 40.99
CA TYR A 266 -19.38 2.78 40.23
C TYR A 266 -19.65 2.76 38.73
N LEU A 267 -18.68 3.30 37.97
CA LEU A 267 -18.83 3.42 36.53
C LEU A 267 -18.38 2.16 35.80
N GLN A 268 -19.00 1.91 34.65
CA GLN A 268 -18.63 0.79 33.79
C GLN A 268 -18.47 1.26 32.33
N PRO A 269 -17.62 0.59 31.55
CA PRO A 269 -17.34 0.87 30.15
C PRO A 269 -18.46 0.41 29.23
N ARG A 270 -19.59 1.09 29.34
CA ARG A 270 -20.77 0.76 28.54
C ARG A 270 -21.00 1.77 27.42
N THR A 271 -21.80 1.38 26.45
CA THR A 271 -22.19 2.27 25.37
C THR A 271 -23.56 2.88 25.62
N PHE A 272 -23.62 4.20 25.45
CA PHE A 272 -24.86 4.96 25.60
C PHE A 272 -25.19 5.74 24.34
N LEU A 273 -26.48 5.86 24.06
CA LEU A 273 -26.96 6.72 22.99
C LEU A 273 -27.43 8.04 23.59
N LEU A 274 -26.74 9.13 23.25
CA LEU A 274 -27.06 10.42 23.84
C LEU A 274 -27.76 11.35 22.85
N LYS A 275 -28.83 11.99 23.31
CA LYS A 275 -29.56 12.93 22.46
C LYS A 275 -29.28 14.37 22.84
N TYR A 276 -28.76 15.13 21.87
CA TYR A 276 -28.46 16.55 22.03
C TYR A 276 -29.58 17.38 21.43
N ASN A 277 -30.10 18.33 22.19
CA ASN A 277 -31.16 19.20 21.67
C ASN A 277 -30.56 20.36 20.90
N GLU A 278 -31.39 21.34 20.57
CA GLU A 278 -30.99 22.47 19.73
C GLU A 278 -29.85 23.31 20.32
N ASN A 279 -29.78 23.40 21.66
CA ASN A 279 -28.78 24.20 22.37
C ASN A 279 -27.55 23.37 22.76
N GLY A 280 -27.51 22.08 22.39
CA GLY A 280 -26.43 21.16 22.73
C GLY A 280 -26.53 20.60 24.15
N THR A 281 -27.71 20.67 24.75
CA THR A 281 -27.94 20.11 26.08
C THR A 281 -28.39 18.66 25.98
N ILE A 282 -27.74 17.77 26.73
CA ILE A 282 -28.11 16.37 26.67
C ILE A 282 -29.42 16.19 27.42
N THR A 283 -30.45 15.81 26.68
CA THR A 283 -31.80 15.75 27.23
C THR A 283 -32.25 14.33 27.53
N ASP A 284 -31.69 13.37 26.82
CA ASP A 284 -32.07 11.98 27.04
C ASP A 284 -30.92 11.03 26.71
N ALA A 285 -31.03 9.80 27.22
CA ALA A 285 -30.00 8.79 26.95
C ALA A 285 -30.56 7.38 27.04
N VAL A 286 -29.97 6.47 26.25
CA VAL A 286 -30.32 5.05 26.31
C VAL A 286 -29.14 4.17 26.71
N ASP A 287 -29.36 3.33 27.71
CA ASP A 287 -28.36 2.33 28.13
C ASP A 287 -28.51 1.10 27.24
N CYS A 288 -27.55 0.90 26.33
CA CYS A 288 -27.69 -0.08 25.26
C CYS A 288 -27.56 -1.52 25.75
N ALA A 289 -27.30 -1.70 27.05
CA ALA A 289 -27.16 -3.05 27.59
C ALA A 289 -28.12 -3.30 28.74
N LEU A 290 -29.21 -2.54 28.79
CA LEU A 290 -30.19 -2.68 29.87
C LEU A 290 -31.26 -3.73 29.56
N ASP A 291 -31.77 -3.71 28.34
CA ASP A 291 -32.85 -4.58 27.92
C ASP A 291 -32.86 -4.67 26.38
N PRO A 292 -33.48 -5.71 25.79
CA PRO A 292 -33.60 -5.93 24.35
C PRO A 292 -34.29 -4.80 23.62
N LEU A 293 -35.14 -4.04 24.32
CA LEU A 293 -35.77 -2.92 23.66
C LEU A 293 -34.78 -1.79 23.44
N SER A 294 -33.95 -1.52 24.44
CA SER A 294 -32.92 -0.50 24.32
C SER A 294 -31.89 -0.91 23.31
N GLU A 295 -31.59 -2.20 23.24
CA GLU A 295 -30.65 -2.68 22.25
C GLU A 295 -31.16 -2.37 20.85
N THR A 296 -32.45 -2.56 20.64
CA THR A 296 -33.07 -2.26 19.36
C THR A 296 -33.01 -0.77 19.07
N LYS A 297 -33.30 0.06 20.07
CA LYS A 297 -33.23 1.50 19.90
C LYS A 297 -31.83 1.97 19.50
N CYS A 298 -30.79 1.43 20.16
CA CYS A 298 -29.41 1.77 19.87
C CYS A 298 -29.00 1.31 18.47
N THR A 299 -29.43 0.11 18.09
CA THR A 299 -29.15 -0.45 16.78
C THR A 299 -29.72 0.44 15.67
N LEU A 300 -30.94 0.92 15.88
CA LEU A 300 -31.61 1.77 14.90
C LEU A 300 -31.28 3.26 14.97
N LYS A 301 -30.42 3.63 15.92
CA LYS A 301 -30.06 5.02 16.14
C LYS A 301 -31.26 5.94 16.37
N SER A 302 -32.17 5.48 17.21
CA SER A 302 -33.39 6.23 17.53
C SER A 302 -33.95 6.02 18.94
N PHE A 303 -34.88 6.88 19.34
CA PHE A 303 -35.56 6.72 20.63
C PHE A 303 -36.96 6.15 20.44
N THR A 304 -37.29 5.85 19.19
CA THR A 304 -38.58 5.26 18.87
C THR A 304 -38.40 4.08 17.91
N VAL A 305 -39.23 3.06 18.07
CA VAL A 305 -39.15 1.87 17.25
C VAL A 305 -40.51 1.56 16.62
N GLU A 306 -40.51 1.28 15.32
CA GLU A 306 -41.73 0.96 14.58
C GLU A 306 -42.09 -0.51 14.70
N LYS A 307 -43.34 -0.85 14.42
CA LYS A 307 -43.79 -2.23 14.45
C LYS A 307 -42.95 -3.10 13.53
N GLY A 308 -42.47 -4.23 14.05
CA GLY A 308 -41.71 -5.16 13.22
C GLY A 308 -40.75 -6.03 14.02
N ILE A 309 -39.99 -6.86 13.30
CA ILE A 309 -39.00 -7.74 13.90
C ILE A 309 -37.61 -7.27 13.47
N TYR A 310 -36.74 -7.04 14.45
CA TYR A 310 -35.43 -6.48 14.16
C TYR A 310 -34.29 -7.40 14.55
N GLN A 311 -33.30 -7.51 13.67
CA GLN A 311 -32.10 -8.28 13.95
C GLN A 311 -31.14 -7.45 14.80
N THR A 312 -30.74 -7.99 15.95
CA THR A 312 -29.88 -7.28 16.86
C THR A 312 -28.62 -8.09 17.18
N SER A 313 -27.87 -7.65 18.19
CA SER A 313 -26.63 -8.31 18.55
C SER A 313 -26.85 -9.79 18.82
N ASN A 314 -25.89 -10.60 18.40
CA ASN A 314 -25.97 -12.04 18.55
C ASN A 314 -25.70 -12.45 20.00
N PHE A 315 -25.83 -13.73 20.28
CA PHE A 315 -25.48 -14.23 21.61
C PHE A 315 -24.36 -15.25 21.48
N ARG A 316 -23.55 -15.37 22.52
CA ARG A 316 -22.44 -16.31 22.48
C ARG A 316 -22.23 -16.93 23.86
N VAL A 317 -22.12 -18.26 23.91
CA VAL A 317 -21.83 -18.94 25.17
C VAL A 317 -20.38 -18.72 25.59
N GLN A 318 -20.17 -18.34 26.84
CA GLN A 318 -18.84 -18.03 27.33
C GLN A 318 -18.19 -19.26 27.97
N PRO A 319 -16.85 -19.35 27.92
CA PRO A 319 -16.03 -20.35 28.56
C PRO A 319 -16.00 -20.15 30.07
N THR A 320 -15.86 -21.25 30.81
CA THR A 320 -15.83 -21.18 32.27
C THR A 320 -14.48 -21.58 32.89
N GLU A 321 -13.63 -22.28 32.14
CA GLU A 321 -12.38 -22.82 32.68
C GLU A 321 -11.19 -22.58 31.76
N SER A 322 -10.00 -22.64 32.33
CA SER A 322 -8.75 -22.51 31.58
C SER A 322 -7.98 -23.83 31.61
N ILE A 323 -7.85 -24.47 30.46
CA ILE A 323 -7.22 -25.78 30.37
C ILE A 323 -5.87 -25.71 29.68
N VAL A 324 -4.81 -26.00 30.43
CA VAL A 324 -3.45 -25.93 29.90
C VAL A 324 -2.77 -27.29 29.89
N ARG A 325 -2.29 -27.72 28.73
CA ARG A 325 -1.64 -29.02 28.67
C ARG A 325 -0.25 -28.95 28.01
N PHE A 326 0.79 -29.32 28.74
CA PHE A 326 2.16 -29.18 28.16
C PHE A 326 2.91 -30.49 28.36
N PRO A 327 3.78 -30.91 27.43
CA PRO A 327 4.53 -32.12 27.61
C PRO A 327 5.21 -31.92 28.97
N ASN A 328 5.08 -32.86 29.91
CA ASN A 328 5.74 -32.56 31.21
C ASN A 328 7.15 -33.13 31.19
N ILE A 329 8.15 -32.25 31.08
CA ILE A 329 9.57 -32.66 31.08
C ILE A 329 10.29 -31.63 31.96
N THR A 330 10.70 -32.02 33.17
CA THR A 330 11.34 -31.07 34.11
C THR A 330 12.81 -30.85 33.74
N ASN A 331 13.39 -31.76 32.96
CA ASN A 331 14.81 -31.64 32.53
C ASN A 331 14.94 -30.17 32.13
N LEU A 332 15.56 -29.34 32.96
CA LEU A 332 15.80 -27.95 32.54
C LEU A 332 16.78 -27.95 31.40
N CYS A 333 16.56 -27.10 30.39
CA CYS A 333 17.43 -27.08 29.22
C CYS A 333 18.80 -26.49 29.53
N PRO A 334 19.84 -27.10 28.96
CA PRO A 334 21.23 -26.74 29.18
C PRO A 334 21.75 -25.70 28.21
N PHE A 335 21.29 -24.46 28.40
CA PHE A 335 21.80 -23.33 27.65
C PHE A 335 23.16 -22.92 28.20
N ASP A 336 23.48 -23.39 29.40
CA ASP A 336 24.73 -23.05 30.06
C ASP A 336 25.93 -23.41 29.18
N GLU A 337 25.83 -24.55 28.50
CA GLU A 337 26.91 -25.05 27.67
C GLU A 337 27.02 -24.31 26.35
N VAL A 338 26.05 -23.45 26.08
CA VAL A 338 26.01 -22.68 24.84
C VAL A 338 26.52 -21.27 25.05
N PHE A 339 26.06 -20.63 26.11
CA PHE A 339 26.38 -19.23 26.34
C PHE A 339 27.59 -19.00 27.27
N ASN A 340 27.85 -19.92 28.21
CA ASN A 340 28.94 -19.81 29.17
C ASN A 340 30.08 -20.79 28.86
N ALA A 341 30.21 -21.17 27.58
CA ALA A 341 31.28 -22.06 27.12
C ALA A 341 32.65 -21.40 27.24
N THR A 342 33.67 -22.19 27.54
CA THR A 342 35.02 -21.64 27.66
C THR A 342 35.69 -21.48 26.31
N ARG A 343 35.15 -22.14 25.29
CA ARG A 343 35.73 -22.08 23.96
C ARG A 343 34.66 -21.95 22.89
N PHE A 344 34.83 -20.98 22.00
CA PHE A 344 33.95 -20.79 20.86
C PHE A 344 34.66 -21.12 19.56
N ALA A 345 33.89 -21.59 18.59
CA ALA A 345 34.41 -21.96 17.29
C ALA A 345 34.71 -20.74 16.43
N SER A 346 35.62 -20.90 15.48
CA SER A 346 35.86 -19.89 14.47
C SER A 346 34.64 -19.77 13.58
N VAL A 347 34.43 -18.58 13.03
CA VAL A 347 33.25 -18.35 12.22
C VAL A 347 33.22 -19.19 10.94
N TYR A 348 34.40 -19.52 10.40
CA TYR A 348 34.45 -20.30 9.17
C TYR A 348 33.98 -21.74 9.42
N ALA A 349 34.04 -22.16 10.67
CA ALA A 349 33.67 -23.52 11.05
C ALA A 349 32.84 -23.48 12.32
N TRP A 350 31.67 -22.86 12.23
CA TRP A 350 30.81 -22.62 13.38
C TRP A 350 30.27 -23.92 13.95
N ASN A 351 30.06 -23.94 15.26
CA ASN A 351 29.58 -25.15 15.92
C ASN A 351 28.07 -25.17 16.00
N ARG A 352 27.50 -26.36 16.15
CA ARG A 352 26.06 -26.51 16.35
C ARG A 352 25.73 -27.52 17.43
N LYS A 353 24.83 -27.15 18.32
CA LYS A 353 24.33 -28.05 19.35
C LYS A 353 22.84 -28.27 19.23
N ARG A 354 22.41 -29.52 19.31
CA ARG A 354 20.99 -29.84 19.23
C ARG A 354 20.34 -29.82 20.59
N ILE A 355 19.21 -29.12 20.69
CA ILE A 355 18.45 -29.02 21.92
C ILE A 355 17.07 -29.68 21.79
N SER A 356 16.78 -30.61 22.69
CA SER A 356 15.52 -31.35 22.66
C SER A 356 15.17 -31.93 24.03
N ASN A 357 13.91 -32.32 24.21
CA ASN A 357 13.45 -32.99 25.43
C ASN A 357 13.86 -32.25 26.70
N CYS A 358 13.54 -30.95 26.77
CA CYS A 358 13.92 -30.09 27.88
C CYS A 358 12.91 -28.96 28.10
N VAL A 359 12.99 -28.32 29.26
CA VAL A 359 12.19 -27.12 29.52
C VAL A 359 13.06 -25.87 29.34
N ALA A 360 12.68 -25.04 28.38
CA ALA A 360 13.52 -23.93 27.99
C ALA A 360 13.14 -22.64 28.67
N ASP A 361 13.95 -22.23 29.63
CA ASP A 361 13.74 -21.00 30.35
C ASP A 361 14.59 -19.89 29.75
N TYR A 362 13.94 -18.93 29.11
CA TYR A 362 14.65 -17.91 28.36
C TYR A 362 14.93 -16.66 29.18
N SER A 363 14.61 -16.69 30.47
CA SER A 363 14.88 -15.54 31.33
C SER A 363 16.31 -15.59 31.89
N VAL A 364 16.95 -16.75 31.73
CA VAL A 364 18.25 -17.01 32.33
C VAL A 364 19.40 -16.31 31.63
N LEU A 365 19.32 -16.27 30.30
CA LEU A 365 20.38 -15.71 29.46
C LEU A 365 20.44 -14.19 29.32
N TYR A 366 19.63 -13.48 30.10
CA TYR A 366 19.64 -12.02 30.03
C TYR A 366 20.70 -11.45 30.97
N ASN A 367 21.50 -12.34 31.56
CA ASN A 367 22.53 -11.95 32.52
C ASN A 367 23.91 -12.42 32.06
N LEU A 368 24.14 -12.43 30.76
CA LEU A 368 25.42 -12.85 30.19
C LEU A 368 26.36 -11.68 29.98
N ALA A 369 25.80 -10.48 29.97
CA ALA A 369 26.48 -9.29 29.49
C ALA A 369 25.58 -8.07 29.68
N PRO A 370 26.04 -6.87 29.30
CA PRO A 370 25.20 -5.73 28.98
C PRO A 370 24.15 -6.15 27.97
N PHE A 371 24.49 -7.18 27.19
CA PHE A 371 23.55 -7.76 26.24
C PHE A 371 23.28 -6.81 25.08
N PHE A 372 24.30 -6.64 24.24
CA PHE A 372 24.32 -5.64 23.19
C PHE A 372 23.31 -5.89 22.07
N THR A 373 23.19 -7.14 21.62
CA THR A 373 22.25 -7.46 20.56
C THR A 373 21.35 -8.62 20.91
N PHE A 374 20.05 -8.44 20.69
CA PHE A 374 19.09 -9.51 20.82
C PHE A 374 17.91 -9.26 19.91
N LYS A 375 17.93 -9.89 18.75
CA LYS A 375 16.92 -9.64 17.74
C LYS A 375 16.28 -10.94 17.27
N CYS A 376 14.95 -11.00 17.31
CA CYS A 376 14.20 -12.19 16.95
C CYS A 376 13.44 -12.00 15.64
N TYR A 377 13.32 -13.08 14.88
CA TYR A 377 12.61 -13.09 13.61
C TYR A 377 11.47 -14.09 13.65
N GLY A 378 10.25 -13.61 13.40
CA GLY A 378 9.09 -14.48 13.40
C GLY A 378 8.50 -14.68 14.80
N VAL A 379 9.14 -14.07 15.79
CA VAL A 379 8.69 -14.20 17.17
C VAL A 379 9.21 -13.05 18.02
N SER A 380 8.40 -12.63 19.00
CA SER A 380 8.83 -11.63 19.96
C SER A 380 9.73 -12.25 21.04
N PRO A 381 10.79 -11.55 21.46
CA PRO A 381 11.70 -11.90 22.53
C PRO A 381 10.98 -12.20 23.85
N THR A 382 9.79 -11.63 24.01
CA THR A 382 9.04 -11.76 25.26
C THR A 382 7.93 -12.79 25.21
N LYS A 383 7.79 -13.47 24.08
CA LYS A 383 6.74 -14.49 23.96
C LYS A 383 7.34 -15.88 23.95
N LEU A 384 8.67 -15.96 23.94
CA LEU A 384 9.36 -17.25 23.87
C LEU A 384 9.03 -18.17 25.03
N ASN A 385 8.82 -17.58 26.20
CA ASN A 385 8.49 -18.33 27.40
C ASN A 385 7.12 -19.02 27.33
N ASP A 386 6.28 -18.58 26.39
CA ASP A 386 4.91 -19.11 26.28
C ASP A 386 4.74 -20.07 25.11
N LEU A 387 5.81 -20.31 24.38
CA LEU A 387 5.73 -21.11 23.15
C LEU A 387 6.37 -22.49 23.42
N CYS A 388 6.22 -23.43 22.48
CA CYS A 388 6.86 -24.73 22.52
C CYS A 388 7.32 -25.13 21.12
N PHE A 389 8.54 -25.62 21.02
CA PHE A 389 9.20 -25.81 19.73
C PHE A 389 9.48 -27.28 19.44
N THR A 390 9.56 -27.64 18.16
CA THR A 390 9.81 -29.04 17.80
C THR A 390 11.30 -29.35 17.74
N ASN A 391 12.09 -28.35 17.37
CA ASN A 391 13.54 -28.49 17.29
C ASN A 391 14.23 -27.17 17.57
N VAL A 392 15.22 -27.17 18.46
CA VAL A 392 15.98 -25.97 18.72
C VAL A 392 17.46 -26.23 18.49
N TYR A 393 18.10 -25.36 17.70
CA TYR A 393 19.54 -25.53 17.43
C TYR A 393 20.29 -24.28 17.78
N ALA A 394 21.44 -24.44 18.41
CA ALA A 394 22.26 -23.31 18.80
C ALA A 394 23.58 -23.28 18.03
N ASP A 395 23.71 -22.30 17.14
CA ASP A 395 24.92 -22.12 16.33
C ASP A 395 25.81 -21.05 16.96
N SER A 396 27.08 -21.39 17.22
CA SER A 396 27.94 -20.44 17.93
C SER A 396 29.27 -20.17 17.21
N PHE A 397 29.71 -18.91 17.29
CA PHE A 397 30.97 -18.47 16.67
C PHE A 397 31.42 -17.09 17.16
N VAL A 398 32.68 -16.75 16.87
CA VAL A 398 33.21 -15.41 17.19
C VAL A 398 33.56 -14.58 15.96
N ILE A 399 33.04 -13.36 15.92
CA ILE A 399 33.28 -12.40 14.84
C ILE A 399 33.59 -11.01 15.39
N ARG A 400 33.88 -10.05 14.51
CA ARG A 400 34.10 -8.67 14.94
C ARG A 400 32.77 -7.98 15.20
N GLY A 401 32.79 -6.96 16.06
CA GLY A 401 31.57 -6.21 16.36
C GLY A 401 30.91 -5.63 15.10
N ASP A 402 31.73 -5.17 14.16
CA ASP A 402 31.19 -4.53 12.93
C ASP A 402 30.65 -5.58 11.97
N GLU A 403 30.78 -6.87 12.31
CA GLU A 403 30.30 -7.95 11.47
C GLU A 403 29.01 -8.55 12.03
N VAL A 404 28.60 -8.07 13.20
CA VAL A 404 27.41 -8.62 13.84
C VAL A 404 26.18 -8.36 12.98
N ARG A 405 26.17 -7.21 12.30
CA ARG A 405 25.08 -6.85 11.42
C ARG A 405 24.91 -7.81 10.24
N GLN A 406 25.92 -8.63 9.95
CA GLN A 406 25.83 -9.57 8.85
C GLN A 406 25.09 -10.84 9.24
N ILE A 407 24.88 -11.03 10.53
CA ILE A 407 24.20 -12.24 10.98
C ILE A 407 22.70 -11.96 11.01
N ALA A 408 22.12 -11.90 9.82
CA ALA A 408 20.72 -11.62 9.64
C ALA A 408 20.28 -12.02 8.22
N PRO A 409 19.00 -12.33 8.02
CA PRO A 409 18.37 -12.57 6.74
C PRO A 409 18.54 -11.40 5.79
N GLY A 410 18.86 -11.70 4.54
CA GLY A 410 18.97 -10.68 3.50
C GLY A 410 20.33 -9.98 3.47
N GLN A 411 21.21 -10.32 4.41
CA GLN A 411 22.50 -9.64 4.48
C GLN A 411 23.55 -10.33 3.62
N THR A 412 24.52 -9.54 3.16
CA THR A 412 25.64 -10.05 2.37
C THR A 412 26.96 -9.52 2.93
N GLY A 413 28.06 -10.14 2.53
CA GLY A 413 29.39 -9.73 2.97
C GLY A 413 30.27 -10.95 3.21
N ASN A 414 31.49 -10.71 3.70
CA ASN A 414 32.44 -11.81 3.87
C ASN A 414 31.92 -12.89 4.82
N ILE A 415 31.19 -12.48 5.86
CA ILE A 415 30.71 -13.46 6.81
C ILE A 415 29.42 -14.08 6.28
N ALA A 416 28.51 -13.23 5.85
CA ALA A 416 27.22 -13.71 5.36
C ALA A 416 27.35 -14.67 4.19
N ASP A 417 28.31 -14.43 3.31
CA ASP A 417 28.46 -15.24 2.10
C ASP A 417 29.48 -16.37 2.17
N TYR A 418 30.56 -16.20 2.94
CA TYR A 418 31.62 -17.22 2.92
C TYR A 418 31.73 -18.03 4.20
N ASN A 419 31.10 -17.58 5.29
CA ASN A 419 31.29 -18.25 6.57
C ASN A 419 29.99 -18.79 7.17
N TYR A 420 28.99 -17.94 7.30
CA TYR A 420 27.73 -18.31 7.96
C TYR A 420 26.52 -17.63 7.32
N LYS A 421 25.73 -18.41 6.58
CA LYS A 421 24.57 -17.88 5.88
C LYS A 421 23.25 -18.29 6.53
N LEU A 422 22.37 -17.31 6.74
CA LEU A 422 21.01 -17.58 7.19
C LEU A 422 20.05 -17.48 6.01
N PRO A 423 18.96 -18.25 6.01
CA PRO A 423 17.89 -18.23 5.04
C PRO A 423 17.03 -16.97 5.20
N ASP A 424 16.40 -16.55 4.11
CA ASP A 424 15.54 -15.37 4.14
C ASP A 424 14.25 -15.64 4.91
N ASP A 425 13.97 -16.92 5.13
CA ASP A 425 12.78 -17.34 5.86
C ASP A 425 13.12 -17.76 7.28
N PHE A 426 14.29 -17.36 7.75
CA PHE A 426 14.77 -17.73 9.07
C PHE A 426 13.82 -17.36 10.20
N THR A 427 13.60 -18.31 11.09
CA THR A 427 12.84 -18.08 12.31
C THR A 427 13.71 -18.45 13.50
N GLY A 428 13.86 -17.53 14.43
CA GLY A 428 14.75 -17.74 15.56
C GLY A 428 15.21 -16.41 16.14
N CYS A 429 16.19 -16.46 17.06
CA CYS A 429 16.73 -15.27 17.71
C CYS A 429 18.25 -15.25 17.65
N VAL A 430 18.80 -14.06 17.40
CA VAL A 430 20.23 -13.85 17.34
C VAL A 430 20.69 -13.10 18.58
N ILE A 431 21.65 -13.68 19.30
CA ILE A 431 22.17 -13.11 20.53
C ILE A 431 23.66 -12.84 20.41
N ALA A 432 24.09 -11.63 20.75
CA ALA A 432 25.51 -11.33 20.67
C ALA A 432 25.95 -10.37 21.78
N TRP A 433 27.18 -10.56 22.26
CA TRP A 433 27.72 -9.67 23.26
C TRP A 433 29.22 -9.51 23.15
N ASN A 434 29.71 -8.39 23.67
CA ASN A 434 31.13 -8.05 23.65
C ASN A 434 31.92 -8.95 24.58
N SER A 435 32.97 -9.57 24.05
CA SER A 435 33.79 -10.49 24.85
C SER A 435 35.26 -10.10 24.82
N ASN A 436 35.53 -8.80 24.71
CA ASN A 436 36.90 -8.30 24.65
C ASN A 436 37.72 -8.72 25.87
N LYS A 437 37.06 -8.92 27.00
CA LYS A 437 37.77 -9.29 28.22
C LYS A 437 38.25 -10.74 28.21
N LEU A 438 37.71 -11.54 27.30
CA LEU A 438 38.06 -12.96 27.23
C LEU A 438 38.83 -13.34 25.95
N ASP A 439 38.47 -12.73 24.83
CA ASP A 439 38.96 -13.16 23.52
C ASP A 439 40.05 -12.28 22.92
N SER A 440 40.66 -11.41 23.71
CA SER A 440 41.74 -10.58 23.20
C SER A 440 43.04 -10.83 23.94
N LYS A 441 44.16 -10.48 23.31
CA LYS A 441 45.47 -10.63 23.94
C LYS A 441 46.32 -9.39 23.70
N VAL A 442 47.31 -9.18 24.55
CA VAL A 442 48.11 -7.95 24.49
C VAL A 442 48.70 -7.71 23.10
N SER A 443 49.23 -8.75 22.49
CA SER A 443 49.86 -8.63 21.19
C SER A 443 48.98 -9.14 20.05
N GLY A 444 47.74 -9.45 20.35
CA GLY A 444 46.81 -9.96 19.35
C GLY A 444 46.47 -11.43 19.51
N ASN A 445 45.18 -11.73 19.52
CA ASN A 445 44.68 -13.10 19.57
C ASN A 445 44.46 -13.62 18.15
N TYR A 446 45.30 -14.57 17.74
CA TYR A 446 45.29 -15.07 16.36
C TYR A 446 44.63 -16.43 16.24
N ASN A 447 43.91 -16.85 17.27
CA ASN A 447 43.30 -18.18 17.27
C ASN A 447 41.91 -18.20 16.64
N TYR A 448 41.44 -17.06 16.17
CA TYR A 448 40.14 -17.00 15.53
C TYR A 448 40.27 -16.67 14.05
N LEU A 449 39.76 -17.57 13.21
CA LEU A 449 39.91 -17.45 11.76
C LEU A 449 38.58 -17.19 11.06
N TYR A 450 38.67 -16.55 9.90
CA TYR A 450 37.52 -16.36 9.02
C TYR A 450 37.93 -16.60 7.58
N ARG A 451 36.96 -16.93 6.75
CA ARG A 451 37.24 -17.14 5.34
C ARG A 451 37.09 -15.87 4.53
N LEU A 452 38.11 -15.60 3.73
CA LEU A 452 38.12 -14.44 2.83
C LEU A 452 37.97 -14.86 1.37
N PHE A 453 38.55 -16.02 1.02
CA PHE A 453 38.54 -16.44 -0.37
C PHE A 453 37.73 -17.71 -0.58
N ARG A 454 36.78 -17.65 -1.51
CA ARG A 454 35.96 -18.80 -1.87
C ARG A 454 35.52 -18.84 -3.34
N LYS A 455 35.29 -20.04 -3.85
CA LYS A 455 34.82 -20.21 -5.23
C LYS A 455 33.46 -19.55 -5.50
N SER A 456 32.54 -19.74 -4.55
CA SER A 456 31.21 -19.17 -4.67
C SER A 456 30.62 -18.87 -3.30
N ASN A 457 29.31 -18.65 -3.24
CA ASN A 457 28.64 -18.29 -2.00
C ASN A 457 28.03 -19.52 -1.33
N LEU A 458 27.84 -19.44 -0.02
CA LEU A 458 27.22 -20.52 0.74
C LEU A 458 25.70 -20.49 0.69
N LYS A 459 25.11 -21.67 0.82
CA LYS A 459 23.66 -21.81 1.01
C LYS A 459 23.37 -21.77 2.51
N PRO A 460 22.13 -21.53 2.92
CA PRO A 460 21.70 -21.47 4.30
C PRO A 460 22.18 -22.68 5.08
N PHE A 461 22.80 -22.42 6.22
CA PHE A 461 23.30 -23.43 7.14
C PHE A 461 24.33 -24.39 6.54
N GLU A 462 24.94 -24.00 5.43
CA GLU A 462 26.00 -24.81 4.83
C GLU A 462 27.32 -24.60 5.58
N ARG A 463 28.05 -25.68 5.81
CA ARG A 463 29.34 -25.58 6.48
C ARG A 463 30.46 -26.16 5.63
N ASP A 464 31.57 -25.41 5.51
CA ASP A 464 32.73 -25.86 4.74
C ASP A 464 34.02 -25.68 5.53
N ILE A 465 34.65 -26.81 5.86
CA ILE A 465 35.85 -26.81 6.71
C ILE A 465 37.13 -26.94 5.87
N SER A 466 36.98 -27.12 4.57
CA SER A 466 38.11 -27.35 3.68
C SER A 466 39.09 -26.18 3.70
N THR A 467 40.38 -26.49 3.61
CA THR A 467 41.43 -25.46 3.57
C THR A 467 42.18 -25.50 2.24
N GLU A 468 41.55 -26.08 1.22
CA GLU A 468 42.13 -26.18 -0.11
C GLU A 468 42.50 -24.80 -0.64
N ILE A 469 43.71 -24.69 -1.21
CA ILE A 469 44.21 -23.41 -1.68
C ILE A 469 43.41 -22.88 -2.86
N TYR A 470 43.04 -21.60 -2.80
CA TYR A 470 42.20 -20.97 -3.80
C TYR A 470 43.00 -20.43 -4.98
N GLN A 471 42.56 -20.80 -6.18
CA GLN A 471 43.17 -20.31 -7.41
C GLN A 471 42.36 -19.14 -7.95
N ALA A 472 42.98 -17.97 -7.98
CA ALA A 472 42.28 -16.76 -8.41
C ALA A 472 42.57 -16.45 -9.87
N GLY A 473 43.47 -17.22 -10.47
CA GLY A 473 43.91 -16.97 -11.84
C GLY A 473 43.62 -18.15 -12.75
N ASN A 474 44.34 -18.23 -13.86
CA ASN A 474 44.15 -19.27 -14.86
C ASN A 474 45.31 -20.24 -14.91
N LYS A 475 46.10 -20.28 -13.84
CA LYS A 475 47.23 -21.20 -13.75
C LYS A 475 47.21 -21.93 -12.41
N PRO A 476 47.55 -23.22 -12.40
CA PRO A 476 47.63 -24.09 -11.24
C PRO A 476 48.86 -23.78 -10.39
N CYS A 477 48.65 -23.04 -9.29
CA CYS A 477 49.74 -22.67 -8.38
C CYS A 477 50.19 -23.87 -7.56
N ASN A 478 49.35 -24.90 -7.51
CA ASN A 478 49.67 -26.15 -6.83
C ASN A 478 50.08 -25.93 -5.37
N GLY A 479 49.39 -25.02 -4.70
CA GLY A 479 49.63 -24.78 -3.28
C GLY A 479 50.66 -23.68 -3.03
N VAL A 480 51.31 -23.18 -4.08
CA VAL A 480 52.31 -22.15 -3.89
C VAL A 480 51.67 -20.77 -3.87
N ALA A 481 51.66 -20.16 -2.68
CA ALA A 481 50.93 -18.92 -2.48
C ALA A 481 51.66 -17.72 -3.06
N GLY A 482 51.64 -17.64 -4.39
CA GLY A 482 52.22 -16.53 -5.13
C GLY A 482 51.11 -15.62 -5.63
N PHE A 483 51.26 -15.10 -6.85
CA PHE A 483 50.23 -14.23 -7.40
C PHE A 483 49.01 -15.05 -7.79
N ASN A 484 47.83 -14.54 -7.46
CA ASN A 484 46.56 -15.22 -7.73
C ASN A 484 46.47 -16.62 -7.12
N CYS A 485 46.98 -16.78 -5.89
CA CYS A 485 46.94 -18.04 -5.15
C CYS A 485 46.91 -17.73 -3.65
N TYR A 486 45.81 -18.08 -3.00
CA TYR A 486 45.62 -17.64 -1.62
C TYR A 486 45.22 -18.75 -0.66
N PHE A 487 45.63 -18.62 0.59
CA PHE A 487 45.12 -19.46 1.67
C PHE A 487 43.77 -18.89 2.10
N PRO A 488 42.68 -19.65 2.00
CA PRO A 488 41.30 -19.25 2.23
C PRO A 488 41.04 -18.50 3.54
N LEU A 489 41.75 -18.89 4.61
CA LEU A 489 41.46 -18.33 5.93
C LEU A 489 42.44 -17.24 6.36
N ARG A 490 41.92 -16.28 7.13
CA ARG A 490 42.71 -15.19 7.71
C ARG A 490 42.42 -15.05 9.19
N SER A 491 43.38 -14.50 9.93
CA SER A 491 43.21 -14.29 11.37
C SER A 491 42.60 -12.93 11.68
N TYR A 492 41.85 -12.85 12.76
CA TYR A 492 41.26 -11.58 13.20
C TYR A 492 42.25 -10.68 13.94
N SER A 493 43.15 -11.28 14.71
CA SER A 493 44.10 -10.52 15.54
C SER A 493 43.40 -9.52 16.46
N PHE A 494 42.76 -10.02 17.52
CA PHE A 494 42.04 -9.15 18.46
C PHE A 494 42.95 -8.59 19.54
N ARG A 495 42.85 -7.29 19.82
CA ARG A 495 43.64 -6.63 20.87
C ARG A 495 42.78 -5.76 21.80
N PRO A 496 43.17 -5.60 23.07
CA PRO A 496 42.56 -4.74 24.08
C PRO A 496 42.51 -3.27 23.70
N THR A 497 43.39 -2.86 22.79
CA THR A 497 43.48 -1.45 22.42
C THR A 497 42.55 -1.08 21.27
N TYR A 498 41.86 -2.07 20.72
CA TYR A 498 40.95 -1.83 19.60
C TYR A 498 39.69 -1.11 20.06
N GLY A 499 39.19 -0.21 19.23
CA GLY A 499 37.95 0.47 19.52
C GLY A 499 36.76 -0.41 19.19
N VAL A 500 35.56 0.03 19.57
CA VAL A 500 34.36 -0.76 19.34
C VAL A 500 34.12 -0.96 17.86
N GLY A 501 33.85 -2.20 17.49
CA GLY A 501 33.65 -2.59 16.10
C GLY A 501 34.78 -3.50 15.63
N HIS A 502 35.95 -3.34 16.25
CA HIS A 502 37.09 -4.20 15.95
C HIS A 502 37.28 -5.21 17.07
N GLN A 503 36.53 -5.03 18.15
CA GLN A 503 36.56 -5.93 19.30
C GLN A 503 35.74 -7.19 18.95
N PRO A 504 36.09 -8.34 19.54
CA PRO A 504 35.43 -9.61 19.35
C PRO A 504 34.06 -9.66 20.01
N TYR A 505 33.13 -10.29 19.33
CA TYR A 505 31.80 -10.55 19.86
C TYR A 505 31.43 -12.02 19.75
N ARG A 506 30.83 -12.54 20.80
CA ARG A 506 30.37 -13.91 20.80
C ARG A 506 28.93 -13.98 20.33
N VAL A 507 28.69 -14.77 19.30
CA VAL A 507 27.37 -14.83 18.71
C VAL A 507 26.76 -16.22 18.83
N VAL A 508 25.55 -16.26 19.33
CA VAL A 508 24.78 -17.50 19.41
C VAL A 508 23.46 -17.33 18.69
N VAL A 509 23.19 -18.20 17.74
CA VAL A 509 21.94 -18.13 17.00
C VAL A 509 21.04 -19.30 17.33
N LEU A 510 19.87 -19.01 17.87
CA LEU A 510 18.92 -20.05 18.24
C LEU A 510 17.83 -20.17 17.19
N SER A 511 17.86 -21.26 16.43
CA SER A 511 16.86 -21.46 15.39
C SER A 511 15.67 -22.16 16.00
N PHE A 512 14.48 -21.70 15.66
CA PHE A 512 13.26 -22.29 16.19
C PHE A 512 12.42 -22.89 15.09
N GLU A 513 11.69 -23.93 15.43
CA GLU A 513 10.73 -24.51 14.50
C GLU A 513 9.34 -24.54 15.10
N LEU A 514 8.49 -23.65 14.62
CA LEU A 514 7.09 -23.63 15.03
C LEU A 514 6.35 -24.48 14.03
N LEU A 515 6.27 -25.77 14.30
CA LEU A 515 5.90 -26.74 13.30
C LEU A 515 4.71 -27.59 13.72
N HIS A 516 4.06 -28.17 12.74
CA HIS A 516 2.90 -29.03 12.94
C HIS A 516 3.28 -30.33 13.66
N ALA A 517 4.59 -30.58 13.73
CA ALA A 517 5.13 -31.77 14.36
C ALA A 517 4.94 -31.71 15.88
N PRO A 518 4.95 -32.85 16.57
CA PRO A 518 4.98 -32.96 18.01
C PRO A 518 6.15 -32.16 18.58
N ALA A 519 5.87 -31.36 19.60
CA ALA A 519 6.90 -30.48 20.16
C ALA A 519 7.61 -31.13 21.33
N THR A 520 8.89 -30.80 21.53
CA THR A 520 9.66 -31.37 22.61
C THR A 520 10.29 -30.33 23.54
N VAL A 521 10.39 -29.09 23.11
CA VAL A 521 11.01 -28.06 23.94
C VAL A 521 10.04 -26.96 24.32
N CYS A 522 9.42 -27.09 25.50
CA CYS A 522 8.38 -26.17 25.96
C CYS A 522 8.92 -25.24 27.02
N GLY A 523 8.33 -24.04 27.11
CA GLY A 523 8.68 -23.12 28.18
C GLY A 523 8.16 -23.66 29.51
N PRO A 524 8.49 -23.00 30.61
CA PRO A 524 8.23 -23.38 31.99
C PRO A 524 6.80 -23.13 32.46
N LYS A 525 5.85 -23.85 31.87
CA LYS A 525 4.46 -23.76 32.32
C LYS A 525 4.00 -25.03 33.01
N LYS A 526 2.98 -24.90 33.84
CA LYS A 526 2.39 -26.05 34.51
C LYS A 526 1.10 -26.46 33.82
N SER A 527 0.78 -27.73 33.89
CA SER A 527 -0.43 -28.26 33.28
C SER A 527 -1.58 -28.30 34.25
N THR A 528 -2.79 -28.25 33.73
CA THR A 528 -4.00 -28.39 34.51
C THR A 528 -4.72 -29.66 34.10
N ASN A 529 -5.81 -29.97 34.78
CA ASN A 529 -6.59 -31.15 34.44
C ASN A 529 -7.35 -30.94 33.15
N LEU A 530 -7.56 -32.02 32.41
CA LEU A 530 -8.32 -31.97 31.17
C LEU A 530 -9.80 -32.20 31.44
N VAL A 531 -10.64 -31.38 30.83
CA VAL A 531 -12.08 -31.55 30.96
C VAL A 531 -12.73 -31.66 29.59
N LYS A 532 -13.79 -32.45 29.50
CA LYS A 532 -14.49 -32.62 28.23
C LYS A 532 -15.96 -32.25 28.34
N ASN A 533 -16.56 -31.94 27.19
CA ASN A 533 -17.97 -31.59 27.07
C ASN A 533 -18.33 -30.28 27.75
N LYS A 534 -17.33 -29.44 27.98
CA LYS A 534 -17.53 -28.11 28.53
C LYS A 534 -16.94 -27.06 27.60
N CYS A 535 -17.45 -25.82 27.67
CA CYS A 535 -16.88 -24.71 26.93
C CYS A 535 -15.70 -24.11 27.70
N VAL A 536 -14.51 -24.28 27.16
CA VAL A 536 -13.30 -23.84 27.84
C VAL A 536 -12.34 -23.04 26.95
N ASN A 537 -11.41 -22.37 27.62
CA ASN A 537 -10.26 -21.77 26.96
C ASN A 537 -9.11 -22.77 27.06
N PHE A 538 -8.70 -23.33 25.93
CA PHE A 538 -7.71 -24.39 25.98
C PHE A 538 -6.36 -23.95 25.42
N ASN A 539 -5.30 -24.62 25.88
CA ASN A 539 -3.94 -24.40 25.39
C ASN A 539 -3.16 -25.69 25.27
N PHE A 540 -2.93 -26.13 24.04
CA PHE A 540 -2.20 -27.37 23.78
C PHE A 540 -0.85 -27.08 23.14
N ASN A 541 0.22 -27.20 23.92
CA ASN A 541 1.57 -26.91 23.45
C ASN A 541 1.72 -25.52 22.84
N GLY A 542 1.02 -24.52 23.38
CA GLY A 542 1.12 -23.17 22.85
C GLY A 542 0.00 -22.82 21.86
N LEU A 543 -0.74 -23.82 21.42
CA LEU A 543 -1.86 -23.59 20.50
C LEU A 543 -3.15 -23.43 21.28
N LYS A 544 -3.73 -22.23 21.24
CA LYS A 544 -4.89 -21.96 22.08
C LYS A 544 -6.07 -21.35 21.34
N GLY A 545 -7.24 -21.45 21.97
CA GLY A 545 -8.49 -20.91 21.44
C GLY A 545 -9.66 -21.27 22.35
N THR A 546 -10.87 -20.94 21.92
CA THR A 546 -12.07 -21.22 22.72
C THR A 546 -12.96 -22.24 22.04
N GLY A 547 -13.39 -23.24 22.79
CA GLY A 547 -14.28 -24.25 22.23
C GLY A 547 -14.51 -25.41 23.18
N VAL A 548 -15.32 -26.35 22.73
CA VAL A 548 -15.67 -27.53 23.50
C VAL A 548 -14.84 -28.72 23.07
N LEU A 549 -14.18 -29.36 24.04
CA LEU A 549 -13.34 -30.51 23.76
C LEU A 549 -14.09 -31.81 23.98
N THR A 550 -14.10 -32.68 22.97
CA THR A 550 -14.74 -33.99 23.10
C THR A 550 -13.83 -35.08 22.54
N GLU A 551 -14.14 -36.33 22.83
CA GLU A 551 -13.38 -37.43 22.26
C GLU A 551 -13.67 -37.58 20.77
N SER A 552 -12.63 -37.81 19.97
CA SER A 552 -12.82 -37.98 18.53
C SER A 552 -12.67 -39.44 18.14
N ASN A 553 -13.07 -39.76 16.92
CA ASN A 553 -12.86 -41.09 16.37
C ASN A 553 -11.84 -41.04 15.24
N LYS A 554 -11.04 -39.97 15.22
CA LYS A 554 -10.00 -39.79 14.23
C LYS A 554 -8.74 -40.52 14.66
N LYS A 555 -7.99 -41.05 13.70
CA LYS A 555 -6.73 -41.73 14.02
C LYS A 555 -5.56 -41.05 13.32
N PHE A 556 -4.72 -40.39 14.09
CA PHE A 556 -3.58 -39.66 13.55
C PHE A 556 -2.41 -40.59 13.32
N LEU A 557 -1.61 -40.28 12.31
CA LEU A 557 -0.37 -41.01 12.08
C LEU A 557 0.63 -40.58 13.16
N PRO A 558 1.62 -41.40 13.47
CA PRO A 558 2.62 -41.19 14.51
C PRO A 558 3.32 -39.83 14.43
N PHE A 559 3.35 -39.23 13.25
CA PHE A 559 4.05 -37.96 13.06
C PHE A 559 3.11 -36.75 13.00
N GLN A 560 1.83 -36.96 13.27
CA GLN A 560 0.85 -35.88 13.19
C GLN A 560 0.33 -35.46 14.56
N GLN A 561 0.58 -34.21 14.92
CA GLN A 561 0.14 -33.67 16.22
C GLN A 561 -1.31 -33.21 16.19
N PHE A 562 -1.76 -32.69 15.06
CA PHE A 562 -3.12 -32.18 14.94
C PHE A 562 -3.63 -32.20 13.50
N GLY A 563 -4.95 -32.05 13.34
CA GLY A 563 -5.56 -32.01 12.03
C GLY A 563 -6.24 -30.69 11.76
N ARG A 564 -6.62 -30.47 10.50
CA ARG A 564 -7.28 -29.23 10.09
C ARG A 564 -8.46 -29.47 9.16
N ASP A 565 -9.40 -28.51 9.15
CA ASP A 565 -10.56 -28.55 8.27
C ASP A 565 -10.27 -27.89 6.92
N ILE A 566 -11.32 -27.72 6.11
CA ILE A 566 -11.18 -27.17 4.75
C ILE A 566 -10.84 -25.68 4.75
N ALA A 567 -10.87 -25.05 5.91
CA ALA A 567 -10.56 -23.64 6.04
C ALA A 567 -9.18 -23.46 6.64
N ASP A 568 -8.43 -24.55 6.69
CA ASP A 568 -7.10 -24.59 7.28
C ASP A 568 -7.13 -24.15 8.75
N THR A 569 -8.14 -24.61 9.48
CA THR A 569 -8.28 -24.32 10.89
C THR A 569 -8.27 -25.62 11.69
N THR A 570 -7.51 -25.65 12.79
CA THR A 570 -7.38 -26.86 13.59
C THR A 570 -8.72 -27.28 14.16
N ASP A 571 -9.06 -28.56 14.00
CA ASP A 571 -10.32 -29.07 14.51
C ASP A 571 -10.14 -30.35 15.31
N ALA A 572 -8.88 -30.71 15.56
CA ALA A 572 -8.58 -31.89 16.36
C ALA A 572 -7.12 -31.85 16.80
N VAL A 573 -6.88 -32.21 18.06
CA VAL A 573 -5.51 -32.23 18.59
C VAL A 573 -5.21 -33.48 19.38
N ARG A 574 -3.93 -33.83 19.45
CA ARG A 574 -3.48 -34.92 20.32
C ARG A 574 -3.03 -34.39 21.67
N ASP A 575 -3.56 -34.96 22.74
CA ASP A 575 -3.20 -34.56 24.09
C ASP A 575 -1.72 -34.86 24.37
N PRO A 576 -0.93 -33.86 24.77
CA PRO A 576 0.49 -33.92 25.07
C PRO A 576 0.89 -34.99 26.09
N GLN A 577 -0.04 -35.40 26.94
CA GLN A 577 0.32 -36.34 28.00
C GLN A 577 -0.28 -37.73 27.80
N THR A 578 -1.54 -37.79 27.35
CA THR A 578 -2.25 -39.06 27.30
C THR A 578 -2.36 -39.59 25.88
N LEU A 579 -1.94 -38.79 24.90
CA LEU A 579 -1.99 -39.17 23.49
C LEU A 579 -3.42 -39.43 23.01
N GLU A 580 -4.38 -38.79 23.66
CA GLU A 580 -5.78 -38.88 23.30
C GLU A 580 -6.11 -37.87 22.22
N ILE A 581 -6.89 -38.27 21.22
CA ILE A 581 -7.26 -37.33 20.17
C ILE A 581 -8.59 -36.69 20.48
N LEU A 582 -8.59 -35.37 20.58
CA LEU A 582 -9.76 -34.60 20.95
C LEU A 582 -10.28 -33.78 19.77
N ASP A 583 -11.60 -33.78 19.60
CA ASP A 583 -12.26 -32.97 18.59
C ASP A 583 -12.56 -31.59 19.16
N ILE A 584 -12.36 -30.55 18.35
CA ILE A 584 -12.64 -29.20 18.82
C ILE A 584 -13.83 -28.58 18.09
N THR A 585 -14.92 -28.38 18.82
CA THR A 585 -16.13 -27.77 18.29
C THR A 585 -16.42 -26.45 19.00
N PRO A 586 -16.61 -25.35 18.26
CA PRO A 586 -16.91 -24.02 18.77
C PRO A 586 -18.09 -24.04 19.72
N CYS A 587 -18.07 -23.14 20.72
CA CYS A 587 -19.12 -23.01 21.72
C CYS A 587 -20.39 -22.45 21.08
N SER A 588 -21.54 -22.93 21.53
CA SER A 588 -22.83 -22.56 20.95
C SER A 588 -23.03 -21.05 20.84
N PHE A 589 -23.56 -20.64 19.69
CA PHE A 589 -23.87 -19.23 19.41
C PHE A 589 -25.03 -19.17 18.42
N GLY A 590 -25.60 -17.99 18.26
CA GLY A 590 -26.71 -17.82 17.31
C GLY A 590 -27.18 -16.37 17.25
N GLY A 591 -28.20 -16.14 16.42
CA GLY A 591 -28.72 -14.78 16.22
C GLY A 591 -29.83 -14.45 17.18
N VAL A 592 -30.12 -13.16 17.34
CA VAL A 592 -31.23 -12.74 18.18
C VAL A 592 -32.05 -11.66 17.47
N SER A 593 -33.37 -11.85 17.46
CA SER A 593 -34.26 -10.86 16.88
C SER A 593 -35.31 -10.40 17.88
N VAL A 594 -35.61 -9.12 17.86
CA VAL A 594 -36.56 -8.53 18.80
C VAL A 594 -37.87 -8.19 18.11
N ILE A 595 -38.97 -8.69 18.67
CA ILE A 595 -40.29 -8.50 18.10
C ILE A 595 -41.08 -7.47 18.89
N THR A 596 -41.45 -6.38 18.23
CA THR A 596 -42.16 -5.31 18.94
C THR A 596 -43.33 -4.79 18.12
N PRO A 597 -44.45 -4.44 18.77
CA PRO A 597 -45.62 -3.84 18.18
C PRO A 597 -45.41 -2.36 17.87
N GLY A 598 -44.31 -1.79 18.33
CA GLY A 598 -44.04 -0.38 18.16
C GLY A 598 -44.02 0.34 19.50
N THR A 599 -43.17 1.35 19.59
CA THR A 599 -43.00 2.13 20.80
C THR A 599 -44.28 2.85 21.24
N ASN A 600 -45.10 3.25 20.27
CA ASN A 600 -46.35 3.97 20.54
C ASN A 600 -47.50 3.07 20.95
N THR A 601 -47.25 1.73 21.03
CA THR A 601 -48.25 0.76 21.44
C THR A 601 -47.94 0.20 22.82
N SER A 602 -46.70 -0.21 23.04
CA SER A 602 -46.30 -0.77 24.33
C SER A 602 -44.79 -0.74 24.51
N ASN A 603 -44.33 -1.04 25.71
CA ASN A 603 -42.90 -1.10 25.98
C ASN A 603 -42.41 -2.52 26.25
N GLN A 604 -43.14 -3.51 25.73
CA GLN A 604 -42.75 -4.90 25.91
C GLN A 604 -42.37 -5.53 24.58
N VAL A 605 -41.44 -6.47 24.62
CA VAL A 605 -41.01 -7.16 23.42
C VAL A 605 -40.96 -8.67 23.62
N ALA A 606 -40.95 -9.39 22.51
CA ALA A 606 -40.67 -10.83 22.52
C ALA A 606 -39.32 -11.06 21.84
N VAL A 607 -38.60 -12.08 22.30
CA VAL A 607 -37.27 -12.31 21.75
C VAL A 607 -37.14 -13.68 21.08
N LEU A 608 -36.68 -13.68 19.84
CA LEU A 608 -36.46 -14.90 19.08
C LEU A 608 -34.99 -15.26 19.00
N TYR A 609 -34.64 -16.47 19.44
CA TYR A 609 -33.28 -16.96 19.33
C TYR A 609 -33.18 -17.85 18.10
N GLN A 610 -32.41 -17.41 17.12
CA GLN A 610 -32.39 -18.05 15.82
C GLN A 610 -31.36 -19.18 15.71
N GLY A 611 -31.83 -20.35 15.26
CA GLY A 611 -30.98 -21.51 15.03
C GLY A 611 -30.67 -22.31 16.30
N VAL A 612 -31.58 -22.26 17.27
CA VAL A 612 -31.35 -22.94 18.54
C VAL A 612 -32.56 -23.75 18.97
N ASN A 613 -32.33 -24.58 20.01
CA ASN A 613 -33.40 -25.38 20.61
C ASN A 613 -33.73 -24.80 22.03
N CYS A 614 -35.01 -24.63 22.30
CA CYS A 614 -35.42 -24.01 23.60
C CYS A 614 -34.68 -24.67 24.77
N THR A 615 -34.13 -25.87 24.56
CA THR A 615 -33.40 -26.57 25.61
C THR A 615 -32.07 -25.91 26.00
N GLU A 616 -31.45 -25.18 25.08
CA GLU A 616 -30.15 -24.51 25.38
C GLU A 616 -30.25 -23.00 25.09
N VAL A 617 -31.35 -22.34 25.42
CA VAL A 617 -31.53 -20.89 25.08
C VAL A 617 -30.30 -20.21 25.70
N PRO A 618 -29.99 -20.43 27.00
CA PRO A 618 -28.81 -19.85 27.64
C PRO A 618 -27.54 -20.53 27.14
N ASN A 638 -43.42 -17.31 28.55
CA ASN A 638 -43.88 -18.35 27.65
C ASN A 638 -42.79 -18.71 26.64
N VAL A 639 -42.53 -20.02 26.48
CA VAL A 639 -41.51 -20.52 25.57
C VAL A 639 -42.16 -21.38 24.48
N PHE A 640 -41.95 -20.99 23.23
CA PHE A 640 -42.55 -21.68 22.10
C PHE A 640 -41.52 -22.01 21.01
N GLN A 641 -41.41 -23.29 20.67
CA GLN A 641 -40.43 -23.72 19.67
C GLN A 641 -40.99 -23.64 18.26
N THR A 642 -40.27 -22.96 17.38
CA THR A 642 -40.63 -22.88 15.98
C THR A 642 -39.44 -23.32 15.13
N ARG A 643 -39.67 -23.50 13.84
CA ARG A 643 -38.57 -23.87 12.95
C ARG A 643 -37.60 -22.71 12.77
N ALA A 644 -38.06 -21.51 13.12
CA ALA A 644 -37.27 -20.30 12.98
C ALA A 644 -36.38 -20.05 14.20
N GLY A 645 -36.52 -20.88 15.23
CA GLY A 645 -35.78 -20.67 16.47
C GLY A 645 -36.70 -20.77 17.68
N CYS A 646 -36.16 -20.42 18.85
CA CYS A 646 -36.90 -20.47 20.11
C CYS A 646 -37.47 -19.10 20.43
N LEU A 647 -38.80 -19.03 20.50
CA LEU A 647 -39.48 -17.77 20.74
C LEU A 647 -39.89 -17.62 22.19
N ILE A 648 -39.35 -16.60 22.86
CA ILE A 648 -39.63 -16.42 24.27
C ILE A 648 -40.29 -15.08 24.57
N GLY A 649 -41.41 -15.12 25.30
CA GLY A 649 -42.13 -13.91 25.69
C GLY A 649 -43.47 -13.78 24.99
N ALA A 650 -43.65 -14.54 23.90
CA ALA A 650 -44.92 -14.54 23.18
C ALA A 650 -45.75 -15.77 23.52
N GLU A 651 -47.05 -15.59 23.70
CA GLU A 651 -47.95 -16.70 23.99
C GLU A 651 -48.57 -17.27 22.73
N TYR A 652 -48.31 -18.53 22.45
CA TYR A 652 -48.86 -19.17 21.26
C TYR A 652 -50.32 -19.57 21.50
N VAL A 653 -51.17 -19.28 20.51
CA VAL A 653 -52.59 -19.58 20.59
C VAL A 653 -53.08 -20.37 19.36
N ASN A 654 -54.21 -21.07 19.52
CA ASN A 654 -54.89 -21.75 18.40
C ASN A 654 -56.04 -20.86 17.89
N ASN A 655 -55.67 -20.05 16.86
CA ASN A 655 -56.50 -18.96 16.30
C ASN A 655 -55.72 -18.33 15.16
N SER A 656 -56.25 -18.40 13.96
CA SER A 656 -55.52 -17.88 12.82
C SER A 656 -56.00 -16.50 12.46
N TYR A 657 -55.07 -15.67 12.03
CA TYR A 657 -55.31 -14.30 11.68
C TYR A 657 -54.49 -13.96 10.45
N GLU A 658 -54.68 -12.75 9.94
CA GLU A 658 -53.77 -12.25 8.91
C GLU A 658 -52.41 -12.02 9.56
N CYS A 659 -51.33 -12.25 8.81
CA CYS A 659 -49.98 -12.13 9.35
C CYS A 659 -49.61 -10.67 9.57
N ASP A 660 -49.22 -10.34 10.81
CA ASP A 660 -48.82 -9.00 11.19
C ASP A 660 -47.30 -8.88 11.15
N ILE A 661 -46.62 -9.46 12.14
CA ILE A 661 -45.16 -9.50 12.15
C ILE A 661 -44.70 -10.94 11.94
N PRO A 662 -44.15 -11.28 10.77
CA PRO A 662 -43.76 -12.62 10.38
C PRO A 662 -42.54 -13.09 11.15
N ILE A 663 -42.55 -14.35 11.55
CA ILE A 663 -41.40 -14.98 12.20
C ILE A 663 -40.74 -16.00 11.29
N GLY A 664 -41.55 -16.88 10.70
CA GLY A 664 -41.05 -17.88 9.78
C GLY A 664 -41.80 -19.21 9.90
N ALA A 665 -41.80 -19.98 8.82
CA ALA A 665 -42.44 -21.28 8.77
C ALA A 665 -43.92 -21.22 9.12
N GLY A 666 -44.59 -20.16 8.67
CA GLY A 666 -46.02 -20.01 8.87
C GLY A 666 -46.39 -19.36 10.20
N ILE A 667 -45.39 -19.14 11.06
CA ILE A 667 -45.67 -18.52 12.36
C ILE A 667 -45.49 -17.00 12.29
N CYS A 668 -46.50 -16.27 12.78
CA CYS A 668 -46.52 -14.82 12.84
C CYS A 668 -46.89 -14.37 14.25
N ALA A 669 -46.55 -13.14 14.59
CA ALA A 669 -46.88 -12.59 15.91
C ALA A 669 -47.69 -11.31 15.79
N SER A 670 -48.42 -10.99 16.85
CA SER A 670 -49.17 -9.74 16.92
C SER A 670 -49.42 -9.33 18.37
N TYR A 671 -49.87 -8.11 18.57
CA TYR A 671 -50.19 -7.60 19.90
C TYR A 671 -51.69 -7.36 20.05
N GLN A 672 -52.32 -8.11 20.94
CA GLN A 672 -53.77 -7.99 21.11
C GLN A 672 -54.22 -8.52 22.47
N THR A 673 -55.50 -8.30 22.80
CA THR A 673 -56.10 -8.82 24.04
C THR A 673 -56.24 -10.34 23.98
N SER A 686 -56.12 -6.17 29.20
CA SER A 686 -54.70 -6.50 29.21
C SER A 686 -54.28 -7.14 27.89
N GLN A 687 -53.39 -6.46 27.15
CA GLN A 687 -52.89 -6.94 25.87
C GLN A 687 -51.48 -7.51 26.03
N SER A 688 -51.12 -8.43 25.15
CA SER A 688 -49.78 -9.03 25.15
C SER A 688 -49.43 -9.56 23.77
N ILE A 689 -48.16 -9.91 23.60
CA ILE A 689 -47.70 -10.46 22.33
C ILE A 689 -48.03 -11.94 22.23
N ILE A 690 -48.66 -12.32 21.12
CA ILE A 690 -49.05 -13.70 20.89
C ILE A 690 -48.46 -14.24 19.60
N ALA A 691 -48.40 -15.56 19.49
CA ALA A 691 -47.93 -16.22 18.29
C ALA A 691 -49.02 -17.12 17.72
N TYR A 692 -49.09 -17.22 16.40
CA TYR A 692 -50.12 -18.02 15.75
C TYR A 692 -49.71 -18.49 14.36
N THR A 693 -50.41 -19.49 13.85
CA THR A 693 -50.22 -19.89 12.46
C THR A 693 -51.09 -18.99 11.58
N MET A 694 -50.47 -18.39 10.57
CA MET A 694 -51.15 -17.41 9.74
C MET A 694 -52.23 -18.02 8.86
N SER A 695 -53.27 -17.24 8.59
CA SER A 695 -54.31 -17.64 7.64
C SER A 695 -53.85 -17.34 6.23
N LEU A 696 -54.44 -18.01 5.24
CA LEU A 696 -54.11 -17.76 3.86
C LEU A 696 -55.15 -16.91 3.15
N GLY A 697 -56.40 -17.02 3.60
CA GLY A 697 -57.50 -16.29 2.99
C GLY A 697 -58.83 -16.78 3.55
N ALA A 698 -59.92 -16.25 3.02
CA ALA A 698 -61.25 -16.61 3.48
C ALA A 698 -61.55 -18.06 3.13
N GLU A 699 -62.21 -18.77 4.03
CA GLU A 699 -62.58 -20.16 3.76
C GLU A 699 -63.85 -20.22 2.93
N ASN A 700 -63.76 -20.81 1.74
CA ASN A 700 -64.89 -20.87 0.83
C ASN A 700 -64.96 -22.16 0.04
N SER A 701 -65.98 -22.22 -0.80
CA SER A 701 -66.19 -23.33 -1.71
C SER A 701 -66.80 -22.81 -2.99
N VAL A 702 -66.36 -23.35 -4.10
CA VAL A 702 -66.94 -22.97 -5.38
C VAL A 702 -67.90 -24.06 -5.83
N ALA A 703 -69.09 -23.67 -6.25
CA ALA A 703 -70.07 -24.65 -6.66
C ALA A 703 -69.64 -25.34 -7.93
N CYS A 704 -69.77 -26.65 -8.01
CA CYS A 704 -69.49 -27.47 -9.15
C CYS A 704 -70.74 -28.14 -9.66
N SER A 705 -71.10 -27.92 -10.90
CA SER A 705 -72.33 -28.45 -11.46
C SER A 705 -72.13 -28.80 -12.93
N ASN A 706 -73.06 -29.59 -13.48
CA ASN A 706 -73.05 -29.96 -14.91
C ASN A 706 -74.29 -29.50 -15.65
N ASN A 707 -75.22 -28.80 -14.97
CA ASN A 707 -76.49 -28.40 -15.57
C ASN A 707 -76.97 -27.01 -15.19
N SER A 708 -76.11 -26.20 -14.60
CA SER A 708 -76.53 -24.85 -14.20
C SER A 708 -75.41 -23.84 -14.36
N ILE A 709 -75.80 -22.59 -14.60
CA ILE A 709 -74.85 -21.52 -14.79
C ILE A 709 -75.22 -20.28 -13.99
N ALA A 710 -74.21 -19.62 -13.43
CA ALA A 710 -74.43 -18.39 -12.69
C ALA A 710 -74.20 -17.17 -13.58
N ILE A 711 -75.24 -16.36 -13.73
CA ILE A 711 -75.15 -15.15 -14.54
C ILE A 711 -75.53 -13.92 -13.70
N PRO A 712 -74.63 -12.92 -13.60
CA PRO A 712 -74.80 -11.65 -12.90
C PRO A 712 -75.99 -10.88 -13.44
N THR A 713 -76.69 -10.18 -12.55
CA THR A 713 -77.81 -9.34 -12.98
C THR A 713 -77.53 -7.84 -12.77
N ASN A 714 -76.41 -7.51 -12.12
CA ASN A 714 -76.01 -6.14 -11.82
C ASN A 714 -74.51 -5.99 -11.99
N PHE A 715 -74.00 -4.79 -11.78
CA PHE A 715 -72.55 -4.49 -11.88
C PHE A 715 -72.18 -3.28 -11.04
N THR A 716 -70.88 -3.16 -10.79
CA THR A 716 -70.33 -2.00 -10.12
C THR A 716 -69.13 -1.46 -10.87
N ILE A 717 -69.09 -0.14 -11.05
CA ILE A 717 -67.91 0.50 -11.62
C ILE A 717 -66.99 0.94 -10.48
N SER A 718 -65.75 0.50 -10.53
CA SER A 718 -64.80 0.78 -9.47
C SER A 718 -63.51 1.38 -10.02
N VAL A 719 -62.80 2.10 -9.17
CA VAL A 719 -61.53 2.70 -9.54
C VAL A 719 -60.44 2.33 -8.53
N THR A 720 -59.32 1.83 -9.04
CA THR A 720 -58.19 1.50 -8.18
C THR A 720 -56.97 2.34 -8.53
N THR A 721 -56.05 2.47 -7.59
CA THR A 721 -54.87 3.30 -7.80
C THR A 721 -53.59 2.49 -7.78
N GLU A 722 -52.75 2.69 -8.80
CA GLU A 722 -51.46 2.02 -8.87
C GLU A 722 -50.32 3.03 -8.92
N ILE A 723 -49.31 2.82 -8.08
CA ILE A 723 -48.18 3.72 -8.02
C ILE A 723 -46.87 3.05 -8.44
N LEU A 724 -46.19 3.66 -9.40
CA LEU A 724 -44.91 3.14 -9.88
C LEU A 724 -43.84 4.24 -9.85
N PRO A 725 -42.62 3.93 -9.41
CA PRO A 725 -41.44 4.77 -9.51
C PRO A 725 -40.95 4.82 -10.95
N VAL A 726 -40.42 5.97 -11.35
CA VAL A 726 -39.89 6.12 -12.70
C VAL A 726 -38.42 6.51 -12.70
N SER A 727 -38.02 7.35 -11.76
CA SER A 727 -36.66 7.85 -11.74
C SER A 727 -36.16 8.01 -10.31
N MET A 728 -34.87 8.22 -10.15
CA MET A 728 -34.29 8.42 -8.83
C MET A 728 -33.31 9.60 -8.84
N THR A 729 -32.93 10.05 -7.66
CA THR A 729 -32.04 11.19 -7.52
C THR A 729 -30.72 10.99 -8.25
N LYS A 730 -30.33 12.01 -9.03
CA LYS A 730 -29.08 12.00 -9.76
C LYS A 730 -27.96 12.58 -8.90
N THR A 731 -26.84 11.87 -8.81
CA THR A 731 -25.72 12.36 -8.01
C THR A 731 -24.41 12.28 -8.79
N SER A 732 -23.44 13.04 -8.33
CA SER A 732 -22.09 13.01 -8.88
C SER A 732 -21.09 13.23 -7.75
N VAL A 733 -19.88 12.74 -7.94
CA VAL A 733 -18.87 12.82 -6.89
C VAL A 733 -17.55 13.35 -7.41
N ASP A 734 -16.96 14.25 -6.63
CA ASP A 734 -15.61 14.70 -6.88
C ASP A 734 -14.66 13.74 -6.20
N CYS A 735 -14.00 12.88 -6.97
CA CYS A 735 -13.17 11.82 -6.42
C CYS A 735 -12.10 12.36 -5.47
N THR A 736 -11.20 13.17 -6.03
CA THR A 736 -10.11 13.73 -5.23
C THR A 736 -10.58 14.63 -4.07
N MET A 737 -11.71 15.34 -4.20
CA MET A 737 -12.18 16.13 -3.06
C MET A 737 -12.69 15.25 -1.92
N TYR A 738 -13.26 14.10 -2.27
CA TYR A 738 -13.79 13.17 -1.28
C TYR A 738 -12.67 12.41 -0.57
N ILE A 739 -11.76 11.83 -1.34
CA ILE A 739 -10.70 10.99 -0.76
C ILE A 739 -9.66 11.78 0.07
N CYS A 740 -9.19 12.92 -0.48
CA CYS A 740 -8.12 13.69 0.20
C CYS A 740 -8.65 15.00 0.70
N GLY A 741 -9.15 15.87 -0.12
CA GLY A 741 -9.54 17.22 0.28
C GLY A 741 -8.62 18.27 -0.33
N ASP A 742 -8.25 19.27 0.47
CA ASP A 742 -7.44 20.40 0.00
C ASP A 742 -5.96 20.13 0.20
N SER A 743 -5.60 18.90 0.56
CA SER A 743 -4.22 18.53 0.77
C SER A 743 -3.55 18.15 -0.54
N THR A 744 -2.67 19.03 -1.04
CA THR A 744 -2.05 18.85 -2.35
C THR A 744 -1.06 17.69 -2.36
N GLU A 745 -0.47 17.40 -1.21
CA GLU A 745 0.48 16.29 -1.09
C GLU A 745 -0.21 14.92 -1.20
N CYS A 746 -1.55 14.89 -1.00
CA CYS A 746 -2.35 13.67 -1.08
C CYS A 746 -2.92 13.52 -2.50
N SER A 747 -3.42 14.62 -3.04
CA SER A 747 -4.01 14.61 -4.38
C SER A 747 -3.00 14.21 -5.44
N ASN A 748 -1.73 14.54 -5.21
CA ASN A 748 -0.69 14.18 -6.16
C ASN A 748 -0.14 12.79 -5.87
N LEU A 749 -0.72 12.09 -4.90
CA LEU A 749 -0.28 10.74 -4.56
C LEU A 749 -1.35 9.85 -5.16
N LEU A 750 -2.60 10.30 -5.13
CA LEU A 750 -3.70 9.51 -5.70
C LEU A 750 -3.56 9.13 -7.23
N LEU A 751 -2.69 9.91 -7.84
CA LEU A 751 -2.25 9.67 -9.20
C LEU A 751 -1.61 8.34 -9.55
N GLN A 752 -1.14 7.64 -8.52
CA GLN A 752 -0.54 6.32 -8.66
C GLN A 752 -1.59 5.28 -9.04
N TYR A 753 -2.87 5.63 -8.88
CA TYR A 753 -3.97 4.77 -9.26
C TYR A 753 -4.51 5.25 -10.60
N GLY A 754 -4.74 6.56 -10.69
CA GLY A 754 -5.09 7.22 -11.95
C GLY A 754 -6.50 6.96 -12.44
N SER A 755 -6.72 5.79 -13.05
CA SER A 755 -7.96 5.52 -13.77
C SER A 755 -9.12 5.15 -12.87
N PHE A 756 -8.83 4.89 -11.60
CA PHE A 756 -9.87 4.47 -10.66
C PHE A 756 -10.94 5.53 -10.47
N CYS A 757 -10.53 6.81 -10.38
CA CYS A 757 -11.47 7.93 -10.23
C CYS A 757 -12.28 8.13 -11.50
N THR A 758 -11.66 7.86 -12.65
CA THR A 758 -12.34 8.02 -13.93
C THR A 758 -13.48 7.02 -14.05
N GLN A 759 -13.23 5.78 -13.67
CA GLN A 759 -14.27 4.75 -13.75
C GLN A 759 -15.47 5.09 -12.87
N LEU A 760 -15.20 5.60 -11.68
CA LEU A 760 -16.28 5.94 -10.75
C LEU A 760 -17.09 7.12 -11.28
N LYS A 761 -16.40 8.11 -11.82
CA LYS A 761 -17.03 9.27 -12.43
C LYS A 761 -17.91 8.86 -13.60
N ARG A 762 -17.39 7.98 -14.44
CA ARG A 762 -18.11 7.52 -15.62
C ARG A 762 -19.39 6.79 -15.26
N ALA A 763 -19.31 5.91 -14.26
CA ALA A 763 -20.47 5.12 -13.85
C ALA A 763 -21.60 6.02 -13.36
N LEU A 764 -21.26 7.01 -12.54
CA LEU A 764 -22.27 7.91 -12.02
C LEU A 764 -22.86 8.80 -13.11
N THR A 765 -22.02 9.20 -14.07
CA THR A 765 -22.51 10.00 -15.18
C THR A 765 -23.52 9.23 -16.00
N GLY A 766 -23.22 7.95 -16.27
CA GLY A 766 -24.11 7.11 -17.05
C GLY A 766 -25.48 7.00 -16.39
N ILE A 767 -25.50 6.83 -15.07
CA ILE A 767 -26.76 6.75 -14.34
C ILE A 767 -27.54 8.06 -14.46
N ALA A 768 -26.86 9.17 -14.24
CA ALA A 768 -27.50 10.47 -14.25
C ALA A 768 -28.20 10.72 -15.59
N VAL A 769 -27.55 10.35 -16.68
CA VAL A 769 -28.14 10.54 -18.00
C VAL A 769 -29.38 9.68 -18.16
N GLU A 770 -29.29 8.42 -17.74
CA GLU A 770 -30.40 7.47 -17.83
C GLU A 770 -31.66 7.97 -17.15
N GLN A 771 -31.51 8.65 -16.02
CA GLN A 771 -32.67 9.10 -15.26
C GLN A 771 -33.50 10.12 -16.02
N ASP A 772 -32.89 10.84 -16.96
CA ASP A 772 -33.61 11.83 -17.75
C ASP A 772 -34.22 11.22 -18.99
N LYS A 773 -34.01 9.91 -19.17
CA LYS A 773 -34.59 9.19 -20.29
C LYS A 773 -35.83 8.45 -19.82
N ASN A 774 -35.75 7.91 -18.61
CA ASN A 774 -36.86 7.15 -18.04
C ASN A 774 -38.13 7.99 -18.00
N THR A 775 -38.00 9.29 -17.74
CA THR A 775 -39.15 10.16 -17.65
C THR A 775 -39.70 10.57 -19.01
N GLN A 776 -38.91 10.38 -20.06
CA GLN A 776 -39.38 10.72 -21.40
C GLN A 776 -40.13 9.53 -21.97
N GLU A 777 -39.64 8.33 -21.67
CA GLU A 777 -40.27 7.11 -22.15
C GLU A 777 -41.67 6.96 -21.58
N VAL A 778 -41.86 7.40 -20.34
CA VAL A 778 -43.15 7.28 -19.68
C VAL A 778 -44.12 8.41 -20.05
N PHE A 779 -43.66 9.66 -19.99
CA PHE A 779 -44.58 10.79 -20.16
C PHE A 779 -44.61 11.38 -21.56
N ALA A 780 -43.46 11.45 -22.23
CA ALA A 780 -43.38 12.13 -23.52
C ALA A 780 -43.74 11.19 -24.65
N GLN A 781 -44.97 10.68 -24.63
CA GLN A 781 -45.42 9.73 -25.64
C GLN A 781 -46.24 10.40 -26.72
N VAL A 782 -46.44 11.70 -26.57
CA VAL A 782 -47.19 12.48 -27.55
C VAL A 782 -46.34 13.63 -28.07
N LYS A 783 -46.36 13.81 -29.38
CA LYS A 783 -45.64 14.93 -29.99
C LYS A 783 -46.56 16.14 -30.07
N GLN A 784 -47.83 15.92 -29.76
CA GLN A 784 -48.84 16.95 -29.78
C GLN A 784 -49.30 17.26 -28.36
N ILE A 785 -49.07 18.48 -27.90
CA ILE A 785 -49.47 18.85 -26.55
C ILE A 785 -50.84 19.51 -26.58
N TYR A 786 -51.84 18.78 -26.14
CA TYR A 786 -53.22 19.24 -26.22
C TYR A 786 -53.61 20.09 -25.02
N LYS A 787 -54.33 21.17 -25.30
CA LYS A 787 -54.90 22.01 -24.25
C LYS A 787 -56.04 21.28 -23.56
N THR A 788 -56.18 21.48 -22.25
CA THR A 788 -57.27 20.84 -21.52
C THR A 788 -58.60 21.42 -21.95
N PRO A 789 -59.69 20.63 -21.82
CA PRO A 789 -61.02 21.08 -22.20
C PRO A 789 -61.49 22.21 -21.27
N PRO A 790 -62.24 23.21 -21.78
CA PRO A 790 -62.78 24.26 -20.91
C PRO A 790 -63.72 23.68 -19.86
N ILE A 791 -64.45 22.60 -20.18
CA ILE A 791 -65.46 22.01 -19.25
C ILE A 791 -64.89 20.75 -18.59
N LYS A 792 -65.37 20.42 -17.39
CA LYS A 792 -64.89 19.23 -16.65
C LYS A 792 -66.08 18.33 -16.25
N TYR A 793 -67.18 18.38 -16.99
CA TYR A 793 -68.38 17.54 -16.71
C TYR A 793 -69.00 17.06 -18.03
N PHE A 794 -68.62 15.87 -18.49
CA PHE A 794 -69.12 15.34 -19.76
C PHE A 794 -70.00 14.12 -19.56
N GLY A 795 -71.27 14.23 -19.97
CA GLY A 795 -72.20 13.10 -19.92
C GLY A 795 -72.69 12.76 -18.54
N GLY A 796 -72.45 13.61 -17.55
CA GLY A 796 -72.79 13.26 -16.16
C GLY A 796 -71.55 12.81 -15.46
N PHE A 797 -70.54 12.42 -16.23
CA PHE A 797 -69.22 12.05 -15.65
C PHE A 797 -68.53 13.35 -15.35
N ASN A 798 -67.86 13.44 -14.21
CA ASN A 798 -67.32 14.77 -13.88
C ASN A 798 -65.88 14.30 -13.67
N PHE A 799 -64.94 14.93 -14.36
CA PHE A 799 -63.50 14.65 -14.22
C PHE A 799 -62.79 15.81 -13.52
N SER A 800 -63.53 16.61 -12.77
CA SER A 800 -62.96 17.80 -12.16
C SER A 800 -61.86 17.48 -11.15
N GLN A 801 -61.91 16.30 -10.57
CA GLN A 801 -60.95 15.92 -9.56
C GLN A 801 -59.67 15.34 -10.18
N ILE A 802 -59.72 15.11 -11.48
CA ILE A 802 -58.61 14.52 -12.23
C ILE A 802 -57.86 15.58 -13.03
N LEU A 803 -58.61 16.48 -13.66
CA LEU A 803 -58.05 17.54 -14.48
C LEU A 803 -57.45 18.66 -13.63
N PRO A 804 -56.49 19.43 -14.16
CA PRO A 804 -55.81 20.56 -13.54
C PRO A 804 -56.77 21.61 -13.00
N ASP A 805 -56.39 22.22 -11.88
CA ASP A 805 -57.20 23.26 -11.26
C ASP A 805 -56.46 24.61 -11.30
N PRO A 806 -56.83 25.50 -12.23
CA PRO A 806 -56.15 26.72 -12.59
C PRO A 806 -56.21 27.78 -11.51
N SER A 807 -57.01 27.54 -10.47
CA SER A 807 -57.12 28.50 -9.39
C SER A 807 -55.87 28.47 -8.51
N LYS A 808 -55.08 27.42 -8.64
CA LYS A 808 -53.86 27.28 -7.88
C LYS A 808 -52.67 27.61 -8.79
N PRO A 809 -51.61 28.22 -8.24
CA PRO A 809 -50.41 28.65 -8.93
C PRO A 809 -49.65 27.49 -9.55
N SER A 810 -49.89 26.28 -9.06
CA SER A 810 -49.22 25.10 -9.56
C SER A 810 -50.06 24.40 -10.63
N LYS A 811 -51.31 24.83 -10.80
CA LYS A 811 -52.24 24.27 -11.78
C LYS A 811 -52.26 22.73 -11.75
N ARG A 812 -52.38 22.16 -10.56
CA ARG A 812 -52.43 20.71 -10.40
C ARG A 812 -53.83 20.26 -10.01
N SER A 813 -54.21 19.07 -10.44
CA SER A 813 -55.52 18.52 -10.08
C SER A 813 -55.54 18.24 -8.58
N PRO A 814 -56.73 18.21 -7.96
CA PRO A 814 -56.96 17.90 -6.56
C PRO A 814 -56.30 16.59 -6.09
N ILE A 815 -56.22 15.59 -6.95
CA ILE A 815 -55.55 14.35 -6.58
C ILE A 815 -54.04 14.49 -6.69
N GLU A 816 -53.59 15.07 -7.79
CA GLU A 816 -52.17 15.26 -8.04
C GLU A 816 -51.53 16.15 -6.97
N ASP A 817 -52.29 17.16 -6.53
CA ASP A 817 -51.84 18.09 -5.50
C ASP A 817 -51.70 17.42 -4.14
N LEU A 818 -52.30 16.25 -4.00
CA LEU A 818 -52.20 15.49 -2.75
C LEU A 818 -50.99 14.58 -2.80
N LEU A 819 -50.78 13.95 -3.96
CA LEU A 819 -49.65 13.05 -4.14
C LEU A 819 -48.33 13.77 -3.88
N PHE A 820 -48.24 15.01 -4.33
CA PHE A 820 -47.02 15.79 -4.18
C PHE A 820 -46.75 16.26 -2.75
N ASN A 821 -47.73 16.13 -1.86
CA ASN A 821 -47.56 16.56 -0.49
C ASN A 821 -47.40 15.38 0.47
N LYS A 822 -47.42 14.16 -0.06
CA LYS A 822 -47.34 12.97 0.83
C LYS A 822 -45.95 12.35 0.68
N VAL A 823 -45.15 12.86 -0.26
CA VAL A 823 -43.77 12.33 -0.48
C VAL A 823 -42.77 13.47 -0.26
N ILE A 847 -27.98 19.61 3.32
CA ILE A 847 -27.25 19.22 2.12
C ILE A 847 -25.80 19.71 2.10
N CYS A 848 -25.49 20.75 2.90
CA CYS A 848 -24.16 21.33 2.97
C CYS A 848 -23.12 20.32 3.49
N ALA A 849 -23.55 19.47 4.41
CA ALA A 849 -22.66 18.47 4.98
C ALA A 849 -22.19 17.55 3.86
N GLN A 850 -23.08 17.29 2.89
CA GLN A 850 -22.74 16.44 1.76
C GLN A 850 -21.95 17.20 0.71
N LYS A 851 -22.46 18.38 0.36
CA LYS A 851 -21.83 19.23 -0.64
C LYS A 851 -20.38 19.58 -0.37
N PHE A 852 -20.08 19.85 0.88
CA PHE A 852 -18.75 20.25 1.32
C PHE A 852 -17.73 19.12 1.19
N LYS A 853 -18.21 17.91 0.92
CA LYS A 853 -17.34 16.76 0.82
C LYS A 853 -17.24 16.26 -0.61
N GLY A 854 -17.73 17.07 -1.55
CA GLY A 854 -17.62 16.74 -2.96
C GLY A 854 -18.78 15.90 -3.47
N LEU A 855 -19.86 15.83 -2.72
CA LEU A 855 -21.02 15.04 -3.13
C LEU A 855 -22.16 15.97 -3.46
N THR A 856 -22.52 16.03 -4.74
CA THR A 856 -23.56 16.97 -5.16
C THR A 856 -24.72 16.27 -5.83
N VAL A 857 -25.86 16.96 -5.85
CA VAL A 857 -27.07 16.46 -6.48
C VAL A 857 -27.43 17.30 -7.69
N LEU A 858 -27.72 16.64 -8.79
CA LEU A 858 -28.03 17.33 -10.04
C LEU A 858 -29.54 17.41 -10.25
N PRO A 859 -30.04 18.51 -10.82
CA PRO A 859 -31.43 18.73 -11.18
C PRO A 859 -31.78 17.91 -12.42
N PRO A 860 -33.06 17.53 -12.56
CA PRO A 860 -33.66 16.86 -13.70
C PRO A 860 -33.79 17.82 -14.86
N LEU A 861 -33.81 17.29 -16.08
CA LEU A 861 -34.03 18.12 -17.25
C LEU A 861 -35.48 18.61 -17.32
N LEU A 862 -36.41 17.73 -16.99
CA LEU A 862 -37.82 18.08 -17.04
C LEU A 862 -38.35 18.39 -15.65
N THR A 863 -38.78 19.63 -15.45
CA THR A 863 -39.29 20.05 -14.14
C THR A 863 -40.72 19.59 -13.96
N ASP A 864 -41.22 19.66 -12.73
CA ASP A 864 -42.59 19.23 -12.44
C ASP A 864 -43.60 19.97 -13.31
N GLU A 865 -43.33 21.25 -13.58
CA GLU A 865 -44.20 22.06 -14.41
C GLU A 865 -44.31 21.52 -15.84
N MET A 866 -43.23 20.91 -16.34
CA MET A 866 -43.20 20.37 -17.70
C MET A 866 -43.83 18.99 -17.75
N ILE A 867 -43.61 18.21 -16.70
CA ILE A 867 -44.19 16.87 -16.62
C ILE A 867 -45.70 16.99 -16.57
N ALA A 868 -46.19 17.97 -15.82
CA ALA A 868 -47.62 18.20 -15.69
C ALA A 868 -48.26 18.47 -17.05
N GLN A 869 -47.55 19.15 -17.94
CA GLN A 869 -48.09 19.48 -19.25
C GLN A 869 -48.29 18.22 -20.09
N TYR A 870 -47.38 17.26 -19.95
CA TYR A 870 -47.54 16.01 -20.67
C TYR A 870 -48.75 15.25 -20.15
N THR A 871 -48.91 15.23 -18.84
CA THR A 871 -50.05 14.55 -18.24
C THR A 871 -51.35 15.21 -18.67
N SER A 872 -51.37 16.53 -18.73
CA SER A 872 -52.56 17.25 -19.17
C SER A 872 -52.92 16.92 -20.61
N ALA A 873 -51.91 16.82 -21.48
CA ALA A 873 -52.15 16.50 -22.87
C ALA A 873 -52.77 15.12 -23.02
N LEU A 874 -52.28 14.17 -22.22
CA LEU A 874 -52.79 12.81 -22.26
C LEU A 874 -54.23 12.74 -21.77
N LEU A 875 -54.55 13.48 -20.71
CA LEU A 875 -55.90 13.51 -20.18
C LEU A 875 -56.87 14.15 -21.16
N ALA A 876 -56.44 15.24 -21.81
CA ALA A 876 -57.29 15.93 -22.76
C ALA A 876 -57.63 15.04 -23.94
N GLY A 877 -56.64 14.30 -24.44
CA GLY A 877 -56.86 13.38 -25.54
C GLY A 877 -57.78 12.24 -25.11
N THR A 878 -57.53 11.67 -23.95
CA THR A 878 -58.34 10.55 -23.47
C THR A 878 -59.82 10.91 -23.38
N ILE A 879 -60.12 12.10 -22.91
CA ILE A 879 -61.51 12.52 -22.74
C ILE A 879 -62.19 12.98 -24.04
N CYS A 880 -61.52 13.81 -24.85
CA CYS A 880 -62.14 14.40 -26.04
C CYS A 880 -62.05 13.49 -27.26
N SER A 881 -61.02 12.64 -27.33
CA SER A 881 -60.83 11.79 -28.49
C SER A 881 -61.05 10.31 -28.20
N GLY A 882 -60.46 9.83 -27.12
CA GLY A 882 -60.49 8.41 -26.81
C GLY A 882 -59.14 7.77 -27.11
N TRP A 883 -59.15 6.56 -27.68
CA TRP A 883 -57.89 5.86 -27.92
C TRP A 883 -57.29 6.17 -29.28
N THR A 884 -58.02 6.89 -30.11
CA THR A 884 -57.62 7.08 -31.49
C THR A 884 -56.40 7.97 -31.61
N PHE A 885 -56.21 8.90 -30.67
CA PHE A 885 -55.10 9.84 -30.75
C PHE A 885 -53.78 9.15 -30.48
N GLY A 886 -53.84 7.94 -29.93
CA GLY A 886 -52.65 7.17 -29.62
C GLY A 886 -52.18 6.36 -30.82
N ALA A 887 -52.93 6.41 -31.92
CA ALA A 887 -52.60 5.66 -33.12
C ALA A 887 -53.01 6.44 -34.36
N GLY A 888 -52.57 7.69 -34.44
CA GLY A 888 -52.96 8.57 -35.54
C GLY A 888 -53.48 9.91 -35.01
N PRO A 889 -54.21 10.65 -35.84
CA PRO A 889 -54.85 11.93 -35.55
C PRO A 889 -55.91 11.78 -34.48
N ALA A 890 -56.15 12.85 -33.72
CA ALA A 890 -57.22 12.84 -32.73
C ALA A 890 -58.57 12.98 -33.41
N LEU A 891 -59.53 12.16 -32.99
CA LEU A 891 -60.86 12.17 -33.58
C LEU A 891 -61.93 12.38 -32.52
N GLN A 892 -62.60 13.53 -32.57
CA GLN A 892 -63.58 13.85 -31.55
C GLN A 892 -64.72 12.83 -31.50
N ILE A 893 -65.17 12.54 -30.28
CA ILE A 893 -66.29 11.64 -30.02
C ILE A 893 -67.01 12.09 -28.73
N PRO A 894 -68.33 11.98 -28.65
CA PRO A 894 -69.12 12.11 -27.44
C PRO A 894 -68.66 11.11 -26.40
N PHE A 895 -68.53 11.55 -25.15
CA PHE A 895 -68.01 10.66 -24.12
C PHE A 895 -68.88 9.40 -23.93
N PRO A 896 -70.22 9.51 -23.85
CA PRO A 896 -71.14 8.39 -23.73
C PRO A 896 -70.91 7.35 -24.81
N MET A 897 -70.52 7.78 -26.00
CA MET A 897 -70.24 6.84 -27.08
C MET A 897 -68.88 6.20 -26.90
N GLN A 898 -67.96 6.92 -26.30
CA GLN A 898 -66.65 6.37 -25.99
C GLN A 898 -66.79 5.23 -25.01
N MET A 899 -67.66 5.41 -24.02
CA MET A 899 -67.94 4.35 -23.06
C MET A 899 -68.64 3.17 -23.72
N ALA A 900 -69.54 3.46 -24.65
CA ALA A 900 -70.24 2.38 -25.35
C ALA A 900 -69.26 1.44 -26.02
N TYR A 901 -68.22 2.00 -26.63
CA TYR A 901 -67.21 1.18 -27.28
C TYR A 901 -66.47 0.34 -26.26
N ARG A 902 -66.17 0.94 -25.12
CA ARG A 902 -65.42 0.28 -24.06
C ARG A 902 -66.24 -0.82 -23.38
N PHE A 903 -67.56 -0.68 -23.37
CA PHE A 903 -68.44 -1.73 -22.87
C PHE A 903 -68.50 -2.91 -23.84
N ASN A 904 -68.58 -2.64 -25.14
CA ASN A 904 -68.58 -3.71 -26.12
C ASN A 904 -67.27 -4.50 -26.03
N GLY A 905 -66.19 -3.79 -25.74
CA GLY A 905 -64.86 -4.39 -25.65
C GLY A 905 -64.72 -5.40 -24.52
N ILE A 906 -65.67 -5.41 -23.58
CA ILE A 906 -65.60 -6.36 -22.46
C ILE A 906 -66.73 -7.38 -22.55
N GLY A 907 -67.41 -7.43 -23.70
CA GLY A 907 -68.46 -8.40 -23.93
C GLY A 907 -69.81 -8.01 -23.34
N VAL A 908 -70.07 -6.72 -23.17
CA VAL A 908 -71.35 -6.27 -22.66
C VAL A 908 -72.02 -5.39 -23.71
N THR A 909 -73.21 -5.79 -24.15
CA THR A 909 -73.88 -5.07 -25.22
C THR A 909 -74.07 -3.61 -24.84
N GLN A 910 -73.82 -2.73 -25.81
CA GLN A 910 -73.78 -1.28 -25.57
C GLN A 910 -75.08 -0.68 -25.08
N ASN A 911 -76.20 -1.38 -25.27
CA ASN A 911 -77.47 -0.82 -24.82
C ASN A 911 -77.51 -0.78 -23.30
N VAL A 912 -76.66 -1.57 -22.65
CA VAL A 912 -76.62 -1.60 -21.20
C VAL A 912 -76.19 -0.24 -20.67
N LEU A 913 -75.20 0.36 -21.33
CA LEU A 913 -74.71 1.67 -20.95
C LEU A 913 -75.79 2.73 -21.06
N TYR A 914 -76.47 2.78 -22.20
CA TYR A 914 -77.42 3.85 -22.44
C TYR A 914 -78.61 3.76 -21.49
N GLU A 915 -79.14 2.56 -21.27
CA GLU A 915 -80.23 2.39 -20.33
C GLU A 915 -79.83 2.72 -18.89
N ASN A 916 -78.55 2.51 -18.57
CA ASN A 916 -78.06 2.75 -17.23
C ASN A 916 -77.04 3.89 -17.16
N GLN A 917 -77.07 4.82 -18.12
CA GLN A 917 -76.08 5.87 -18.14
C GLN A 917 -75.98 6.66 -16.83
N LYS A 918 -77.12 6.94 -16.22
CA LYS A 918 -77.12 7.72 -14.98
C LYS A 918 -76.51 6.93 -13.82
N LEU A 919 -76.79 5.64 -13.77
CA LEU A 919 -76.26 4.79 -12.71
C LEU A 919 -74.75 4.69 -12.85
N ILE A 920 -74.30 4.50 -14.09
CA ILE A 920 -72.88 4.35 -14.36
C ILE A 920 -72.11 5.63 -14.05
N ALA A 921 -72.65 6.76 -14.46
CA ALA A 921 -72.01 8.04 -14.17
C ALA A 921 -71.94 8.27 -12.66
N ASN A 922 -73.00 7.90 -11.94
CA ASN A 922 -73.02 8.08 -10.50
C ASN A 922 -72.01 7.20 -9.78
N GLN A 923 -71.90 5.94 -10.21
CA GLN A 923 -70.92 5.03 -9.60
C GLN A 923 -69.51 5.52 -9.86
N PHE A 924 -69.27 6.04 -11.07
CA PHE A 924 -67.98 6.59 -11.42
C PHE A 924 -67.62 7.75 -10.51
N ASN A 925 -68.55 8.70 -10.37
CA ASN A 925 -68.31 9.89 -9.56
C ASN A 925 -67.96 9.52 -8.13
N SER A 926 -68.63 8.51 -7.59
CA SER A 926 -68.36 8.06 -6.24
C SER A 926 -66.97 7.43 -6.13
N ALA A 927 -66.63 6.57 -7.08
CA ALA A 927 -65.34 5.89 -7.06
C ALA A 927 -64.18 6.87 -7.14
N ILE A 928 -64.33 7.93 -7.93
CA ILE A 928 -63.27 8.93 -8.06
C ILE A 928 -63.16 9.75 -6.78
N GLY A 929 -64.31 10.14 -6.22
CA GLY A 929 -64.33 10.93 -5.00
C GLY A 929 -63.59 10.25 -3.85
N LYS A 930 -63.65 8.92 -3.80
CA LYS A 930 -63.04 8.17 -2.71
C LYS A 930 -61.53 7.97 -2.85
N ILE A 931 -60.94 8.43 -3.95
CA ILE A 931 -59.51 8.23 -4.16
C ILE A 931 -58.67 8.96 -3.13
N GLN A 932 -59.00 10.22 -2.85
CA GLN A 932 -58.18 11.00 -1.92
C GLN A 932 -58.21 10.39 -0.53
N ASP A 933 -59.35 9.82 -0.15
CA ASP A 933 -59.49 9.20 1.16
C ASP A 933 -58.59 7.96 1.30
N SER A 934 -58.15 7.40 0.18
CA SER A 934 -57.30 6.22 0.20
C SER A 934 -55.82 6.58 0.15
N LEU A 935 -55.54 7.87 0.03
CA LEU A 935 -54.17 8.34 -0.05
C LEU A 935 -53.79 9.14 1.18
N SER A 936 -54.70 10.01 1.61
CA SER A 936 -54.48 10.91 2.73
C SER A 936 -54.62 10.22 4.09
N SER A 937 -55.12 9.00 4.10
CA SER A 937 -55.34 8.28 5.36
C SER A 937 -54.85 6.83 5.31
N THR A 938 -53.83 6.58 4.48
CA THR A 938 -53.21 5.26 4.44
C THR A 938 -51.71 5.37 4.72
N PRO A 939 -51.22 4.70 5.77
CA PRO A 939 -49.87 4.74 6.28
C PRO A 939 -48.79 4.63 5.21
N SER A 940 -49.04 3.83 4.17
CA SER A 940 -48.02 3.67 3.16
C SER A 940 -48.57 3.70 1.74
N ALA A 941 -49.50 4.61 1.47
CA ALA A 941 -50.08 4.67 0.13
C ALA A 941 -49.01 4.89 -0.93
N LEU A 942 -48.01 5.70 -0.61
CA LEU A 942 -46.96 6.02 -1.57
C LEU A 942 -45.61 5.47 -1.13
N GLY A 943 -45.63 4.36 -0.40
CA GLY A 943 -44.39 3.77 0.10
C GLY A 943 -43.41 3.47 -1.01
N LYS A 944 -43.92 3.09 -2.18
CA LYS A 944 -43.05 2.76 -3.30
C LYS A 944 -42.21 3.95 -3.75
N LEU A 945 -42.73 5.16 -3.62
CA LEU A 945 -41.99 6.34 -4.04
C LEU A 945 -41.08 6.81 -2.92
N GLN A 946 -41.56 6.69 -1.69
CA GLN A 946 -40.81 7.14 -0.53
C GLN A 946 -39.57 6.27 -0.30
N ASP A 947 -39.69 4.98 -0.59
CA ASP A 947 -38.57 4.06 -0.42
C ASP A 947 -37.40 4.44 -1.31
N VAL A 948 -37.68 4.94 -2.51
CA VAL A 948 -36.63 5.34 -3.42
C VAL A 948 -35.86 6.50 -2.84
N VAL A 949 -36.60 7.46 -2.29
CA VAL A 949 -36.01 8.63 -1.66
C VAL A 949 -35.19 8.25 -0.42
N ASN A 950 -35.76 7.41 0.42
CA ASN A 950 -35.09 7.03 1.67
C ASN A 950 -33.84 6.22 1.41
N HIS A 951 -33.87 5.36 0.39
CA HIS A 951 -32.73 4.51 0.09
C HIS A 951 -31.55 5.31 -0.41
N ASN A 952 -31.79 6.27 -1.29
CA ASN A 952 -30.70 7.08 -1.80
C ASN A 952 -30.21 8.08 -0.77
N ALA A 953 -31.11 8.55 0.08
CA ALA A 953 -30.74 9.51 1.11
C ALA A 953 -29.79 8.88 2.12
N GLN A 954 -30.11 7.66 2.57
CA GLN A 954 -29.27 7.01 3.56
C GLN A 954 -28.00 6.44 2.93
N ALA A 955 -28.08 6.08 1.65
CA ALA A 955 -26.91 5.56 0.96
C ALA A 955 -25.82 6.62 0.89
N LEU A 956 -26.25 7.86 0.75
CA LEU A 956 -25.31 8.97 0.67
C LEU A 956 -24.78 9.33 2.05
N ASN A 957 -25.66 9.34 3.06
CA ASN A 957 -25.24 9.70 4.42
C ASN A 957 -24.27 8.68 4.99
N THR A 958 -24.44 7.42 4.64
CA THR A 958 -23.56 6.38 5.14
C THR A 958 -22.26 6.42 4.35
N LEU A 959 -22.21 7.29 3.35
CA LEU A 959 -21.02 7.45 2.53
C LEU A 959 -20.06 8.43 3.20
N VAL A 960 -20.60 9.58 3.61
CA VAL A 960 -19.77 10.60 4.29
C VAL A 960 -19.29 10.23 5.68
N LYS A 961 -20.04 9.41 6.39
CA LYS A 961 -19.67 9.02 7.74
C LYS A 961 -18.47 8.08 7.75
N GLN A 962 -18.10 7.53 6.59
CA GLN A 962 -16.97 6.62 6.54
C GLN A 962 -15.64 7.37 6.51
N LEU A 963 -15.71 8.69 6.40
CA LEU A 963 -14.50 9.49 6.43
C LEU A 963 -13.95 9.57 7.84
N SER A 964 -14.74 9.15 8.82
CA SER A 964 -14.31 9.18 10.21
C SER A 964 -13.58 7.90 10.59
N SER A 965 -13.59 6.92 9.68
CA SER A 965 -12.94 5.64 9.93
C SER A 965 -11.44 5.77 9.76
N LYS A 966 -10.70 4.84 10.36
CA LYS A 966 -9.25 4.87 10.31
C LYS A 966 -8.71 3.76 9.43
N PHE A 967 -9.42 2.65 9.38
CA PHE A 967 -9.04 1.51 8.55
C PHE A 967 -7.66 0.98 8.91
N GLY A 968 -7.25 1.12 10.17
CA GLY A 968 -5.95 0.65 10.61
C GLY A 968 -4.92 1.78 10.75
N ALA A 969 -5.24 2.96 10.23
CA ALA A 969 -4.35 4.11 10.38
C ALA A 969 -4.38 4.58 11.82
N ILE A 970 -3.34 5.30 12.24
CA ILE A 970 -3.30 5.84 13.59
C ILE A 970 -4.34 6.95 13.74
N SER A 971 -4.73 7.57 12.63
CA SER A 971 -5.71 8.64 12.69
C SER A 971 -6.54 8.81 11.42
N SER A 972 -7.78 9.26 11.61
CA SER A 972 -8.69 9.57 10.52
C SER A 972 -8.40 10.93 9.89
N VAL A 973 -7.60 11.74 10.58
CA VAL A 973 -7.31 13.08 10.09
C VAL A 973 -6.04 13.11 9.29
N LEU A 974 -6.16 13.46 8.02
CA LEU A 974 -5.07 13.40 7.06
C LEU A 974 -3.91 14.33 7.39
N ASN A 975 -4.23 15.54 7.83
CA ASN A 975 -3.20 16.56 8.07
C ASN A 975 -2.43 16.34 9.37
N ASP A 976 -3.12 15.90 10.41
CA ASP A 976 -2.55 15.71 11.73
C ASP A 976 -1.46 14.64 11.78
N ILE A 977 -1.49 13.71 10.82
CA ILE A 977 -0.46 12.67 10.80
C ILE A 977 0.33 12.71 9.52
N PHE A 978 0.25 13.82 8.80
CA PHE A 978 1.10 14.00 7.60
C PHE A 978 2.36 14.69 8.09
N SER A 979 2.25 15.39 9.22
CA SER A 979 3.40 16.12 9.79
C SER A 979 3.95 15.37 11.00
N ARG A 980 3.08 14.92 11.92
CA ARG A 980 3.52 14.23 13.16
C ARG A 980 4.09 12.85 12.83
N LEU A 981 4.88 12.75 11.74
CA LEU A 981 5.52 11.46 11.37
C LEU A 981 6.43 11.69 10.17
N ASP A 982 7.29 10.72 9.85
CA ASP A 982 8.28 10.88 8.76
C ASP A 982 7.61 10.84 7.39
N LYS A 983 8.24 11.41 6.36
CA LYS A 983 7.69 11.30 4.99
C LYS A 983 7.64 9.82 4.60
N PRO A 984 8.69 9.02 4.86
CA PRO A 984 8.63 7.58 4.57
C PRO A 984 7.56 6.85 5.40
N GLU A 985 7.53 7.09 6.72
CA GLU A 985 6.58 6.35 7.59
C GLU A 985 5.17 6.90 7.38
N ALA A 986 4.90 8.14 7.77
CA ALA A 986 3.53 8.69 7.67
C ALA A 986 2.92 8.28 6.34
N GLU A 987 3.66 8.50 5.24
CA GLU A 987 3.13 8.16 3.90
C GLU A 987 2.57 6.74 3.92
N VAL A 988 3.18 5.82 4.66
CA VAL A 988 2.67 4.45 4.60
C VAL A 988 1.20 4.39 5.00
N GLN A 989 0.74 5.37 5.77
CA GLN A 989 -0.65 5.42 6.21
C GLN A 989 -1.53 6.23 5.29
N ILE A 990 -0.94 6.87 4.28
CA ILE A 990 -1.74 7.62 3.33
C ILE A 990 -2.32 6.63 2.35
N ASP A 991 -1.54 5.58 2.07
CA ASP A 991 -1.98 4.49 1.21
C ASP A 991 -3.15 3.79 1.87
N ARG A 992 -3.06 3.67 3.20
CA ARG A 992 -4.10 3.01 3.97
C ARG A 992 -5.40 3.80 3.98
N LEU A 993 -5.31 5.11 4.24
CA LEU A 993 -6.51 5.94 4.25
C LEU A 993 -7.13 6.05 2.85
N ILE A 994 -6.29 6.14 1.83
CA ILE A 994 -6.79 6.19 0.45
C ILE A 994 -7.47 4.90 0.04
N THR A 995 -6.86 3.76 0.35
CA THR A 995 -7.48 2.50 0.00
C THR A 995 -8.85 2.37 0.67
N GLY A 996 -8.91 2.73 1.94
CA GLY A 996 -10.15 2.67 2.69
C GLY A 996 -11.23 3.55 2.09
N ARG A 997 -10.89 4.81 1.84
CA ARG A 997 -11.86 5.76 1.32
C ARG A 997 -12.22 5.49 -0.14
N LEU A 998 -11.27 4.97 -0.90
CA LEU A 998 -11.51 4.65 -2.30
C LEU A 998 -12.49 3.49 -2.45
N GLN A 999 -12.32 2.44 -1.63
CA GLN A 999 -13.24 1.31 -1.73
C GLN A 999 -14.62 1.65 -1.16
N SER A 1000 -14.68 2.61 -0.24
CA SER A 1000 -15.97 3.07 0.28
C SER A 1000 -16.78 3.74 -0.82
N LEU A 1001 -16.09 4.53 -1.63
CA LEU A 1001 -16.73 5.20 -2.76
C LEU A 1001 -17.07 4.20 -3.85
N GLN A 1002 -16.20 3.21 -4.06
CA GLN A 1002 -16.46 2.17 -5.05
C GLN A 1002 -17.73 1.41 -4.73
N THR A 1003 -17.93 1.09 -3.45
CA THR A 1003 -19.13 0.40 -3.03
C THR A 1003 -20.39 1.23 -3.30
N TYR A 1004 -20.33 2.52 -2.99
CA TYR A 1004 -21.46 3.40 -3.26
C TYR A 1004 -21.85 3.34 -4.73
N VAL A 1005 -20.87 3.48 -5.62
CA VAL A 1005 -21.15 3.47 -7.05
C VAL A 1005 -21.75 2.13 -7.51
N THR A 1006 -21.19 1.02 -7.02
CA THR A 1006 -21.69 -0.29 -7.42
C THR A 1006 -23.14 -0.46 -7.02
N GLN A 1007 -23.49 -0.04 -5.80
CA GLN A 1007 -24.86 -0.18 -5.33
C GLN A 1007 -25.82 0.66 -6.15
N GLN A 1008 -25.36 1.83 -6.60
CA GLN A 1008 -26.18 2.71 -7.42
C GLN A 1008 -26.44 2.12 -8.80
N LEU A 1009 -25.47 1.39 -9.34
CA LEU A 1009 -25.65 0.76 -10.64
C LEU A 1009 -26.70 -0.33 -10.58
N ILE A 1010 -26.69 -1.08 -9.48
CA ILE A 1010 -27.68 -2.14 -9.29
C ILE A 1010 -29.06 -1.53 -9.07
N ARG A 1011 -29.14 -0.54 -8.20
CA ARG A 1011 -30.41 0.13 -7.90
C ARG A 1011 -30.99 0.80 -9.14
N ALA A 1012 -30.13 1.38 -9.97
CA ALA A 1012 -30.58 2.05 -11.18
C ALA A 1012 -31.27 1.07 -12.12
N ALA A 1013 -30.76 -0.16 -12.16
CA ALA A 1013 -31.34 -1.17 -13.03
C ALA A 1013 -32.77 -1.50 -12.60
N GLU A 1014 -33.01 -1.49 -11.30
CA GLU A 1014 -34.34 -1.76 -10.76
C GLU A 1014 -35.31 -0.64 -11.14
N ILE A 1015 -34.83 0.59 -11.08
CA ILE A 1015 -35.65 1.73 -11.47
C ILE A 1015 -35.97 1.68 -12.96
N ARG A 1016 -34.98 1.30 -13.77
CA ARG A 1016 -35.21 1.20 -15.21
C ARG A 1016 -36.33 0.22 -15.52
N ALA A 1017 -36.31 -0.94 -14.85
CA ALA A 1017 -37.34 -1.94 -15.08
C ALA A 1017 -38.72 -1.38 -14.75
N SER A 1018 -38.80 -0.64 -13.66
CA SER A 1018 -40.06 -0.02 -13.26
C SER A 1018 -40.52 1.02 -14.27
N ALA A 1019 -39.57 1.83 -14.75
CA ALA A 1019 -39.87 2.86 -15.75
C ALA A 1019 -40.37 2.23 -17.04
N ASN A 1020 -39.81 1.07 -17.39
CA ASN A 1020 -40.23 0.38 -18.61
C ASN A 1020 -41.65 -0.16 -18.47
N LEU A 1021 -42.02 -0.57 -17.26
CA LEU A 1021 -43.36 -1.06 -17.00
C LEU A 1021 -44.36 0.09 -17.04
N ALA A 1022 -43.98 1.21 -16.45
CA ALA A 1022 -44.83 2.39 -16.43
C ALA A 1022 -45.10 2.89 -17.84
N ALA A 1023 -44.06 2.85 -18.68
CA ALA A 1023 -44.19 3.28 -20.06
C ALA A 1023 -45.13 2.35 -20.83
N THR A 1024 -45.02 1.05 -20.55
CA THR A 1024 -45.87 0.07 -21.21
C THR A 1024 -47.32 0.29 -20.85
N LYS A 1025 -47.60 0.52 -19.57
CA LYS A 1025 -48.97 0.74 -19.11
C LYS A 1025 -49.54 2.06 -19.64
N MET A 1026 -48.70 3.06 -19.80
CA MET A 1026 -49.17 4.30 -20.39
C MET A 1026 -49.72 4.03 -21.80
N SER A 1027 -49.00 3.18 -22.55
CA SER A 1027 -49.41 2.83 -23.90
C SER A 1027 -50.65 1.93 -23.95
N GLU A 1028 -50.69 0.92 -23.09
CA GLU A 1028 -51.73 -0.10 -23.19
C GLU A 1028 -52.98 0.18 -22.35
N CYS A 1029 -52.84 0.89 -21.22
CA CYS A 1029 -53.97 1.17 -20.34
C CYS A 1029 -54.60 2.52 -20.66
N VAL A 1030 -53.76 3.56 -20.74
CA VAL A 1030 -54.24 4.92 -21.00
C VAL A 1030 -54.57 5.20 -22.46
N LEU A 1031 -53.67 4.81 -23.37
CA LEU A 1031 -53.88 5.11 -24.80
C LEU A 1031 -54.63 4.01 -25.54
N GLY A 1032 -55.34 3.17 -24.79
CA GLY A 1032 -56.12 2.08 -25.40
C GLY A 1032 -56.99 1.40 -24.36
N GLN A 1033 -57.28 0.12 -24.62
CA GLN A 1033 -58.06 -0.72 -23.72
C GLN A 1033 -57.41 -2.09 -23.67
N SER A 1034 -57.08 -2.54 -22.47
CA SER A 1034 -56.32 -3.78 -22.34
C SER A 1034 -57.20 -5.00 -22.17
N LYS A 1035 -56.78 -6.10 -22.79
CA LYS A 1035 -57.48 -7.38 -22.67
C LYS A 1035 -56.65 -8.36 -21.85
N ARG A 1036 -55.62 -7.85 -21.20
CA ARG A 1036 -54.73 -8.66 -20.39
C ARG A 1036 -55.21 -8.70 -18.94
N VAL A 1037 -55.37 -9.89 -18.41
CA VAL A 1037 -55.95 -10.05 -17.07
C VAL A 1037 -55.08 -9.46 -15.98
N ASP A 1038 -55.67 -8.63 -15.14
CA ASP A 1038 -55.03 -7.99 -14.00
C ASP A 1038 -53.86 -7.09 -14.38
N PHE A 1039 -53.75 -6.75 -15.66
CA PHE A 1039 -52.69 -5.84 -16.09
C PHE A 1039 -53.01 -4.39 -15.73
N CYS A 1040 -54.26 -3.97 -15.98
CA CYS A 1040 -54.72 -2.60 -15.72
C CYS A 1040 -55.77 -2.62 -14.62
N GLY A 1041 -55.48 -3.33 -13.53
CA GLY A 1041 -56.38 -3.41 -12.39
C GLY A 1041 -57.22 -4.68 -12.43
N LYS A 1042 -57.90 -4.98 -11.32
CA LYS A 1042 -58.77 -6.14 -11.22
C LYS A 1042 -60.11 -5.86 -11.86
N GLY A 1043 -60.72 -6.87 -12.47
CA GLY A 1043 -62.00 -6.70 -13.14
C GLY A 1043 -61.79 -6.50 -14.63
N TYR A 1044 -62.83 -6.06 -15.32
CA TYR A 1044 -62.73 -5.88 -16.76
C TYR A 1044 -62.36 -4.44 -17.08
N HIS A 1045 -61.18 -4.25 -17.66
CA HIS A 1045 -60.66 -2.91 -17.90
C HIS A 1045 -61.52 -2.11 -18.86
N LEU A 1046 -61.87 -0.89 -18.46
CA LEU A 1046 -62.56 0.03 -19.34
C LEU A 1046 -61.61 1.12 -19.83
N MET A 1047 -60.96 1.82 -18.89
CA MET A 1047 -60.05 2.90 -19.24
C MET A 1047 -59.17 3.31 -18.07
N SER A 1048 -58.16 4.13 -18.33
CA SER A 1048 -57.26 4.62 -17.28
C SER A 1048 -56.92 6.10 -17.43
N PHE A 1049 -56.57 6.72 -16.31
CA PHE A 1049 -56.13 8.11 -16.29
C PHE A 1049 -54.80 8.26 -15.54
N PRO A 1050 -53.79 8.89 -16.13
CA PRO A 1050 -52.49 9.19 -15.55
C PRO A 1050 -52.54 10.38 -14.60
N GLN A 1051 -51.69 10.33 -13.58
CA GLN A 1051 -51.45 11.45 -12.67
C GLN A 1051 -49.96 11.56 -12.39
N SER A 1052 -49.45 12.76 -12.16
CA SER A 1052 -48.04 12.95 -11.86
C SER A 1052 -47.75 12.77 -10.37
N ALA A 1053 -46.54 12.33 -10.05
CA ALA A 1053 -46.11 12.17 -8.67
C ALA A 1053 -44.60 12.37 -8.59
N PRO A 1054 -44.06 12.70 -7.42
CA PRO A 1054 -42.64 12.82 -7.15
C PRO A 1054 -41.90 11.55 -7.56
N HIS A 1055 -40.94 11.69 -8.47
CA HIS A 1055 -40.10 10.60 -8.92
C HIS A 1055 -40.88 9.40 -9.47
N GLY A 1056 -42.11 9.62 -9.93
CA GLY A 1056 -42.90 8.49 -10.44
C GLY A 1056 -44.23 8.89 -11.04
N VAL A 1057 -45.05 7.88 -11.34
CA VAL A 1057 -46.34 8.09 -11.98
C VAL A 1057 -47.44 7.29 -11.28
N VAL A 1058 -48.63 7.85 -11.23
CA VAL A 1058 -49.76 7.16 -10.63
C VAL A 1058 -50.89 6.93 -11.64
N PHE A 1059 -51.39 5.71 -11.70
CA PHE A 1059 -52.46 5.39 -12.64
C PHE A 1059 -53.78 5.12 -11.92
N LEU A 1060 -54.84 5.71 -12.43
CA LEU A 1060 -56.18 5.44 -11.94
C LEU A 1060 -56.88 4.51 -12.93
N HIS A 1061 -57.21 3.31 -12.47
CA HIS A 1061 -57.78 2.30 -13.36
C HIS A 1061 -59.27 2.13 -13.14
N VAL A 1062 -60.04 2.36 -14.21
CA VAL A 1062 -61.49 2.25 -14.15
C VAL A 1062 -61.90 0.90 -14.71
N THR A 1063 -62.51 0.08 -13.87
CA THR A 1063 -62.85 -1.29 -14.26
C THR A 1063 -64.32 -1.63 -14.00
N TYR A 1064 -64.81 -2.62 -14.74
CA TYR A 1064 -66.16 -3.14 -14.61
C TYR A 1064 -66.18 -4.45 -13.84
N VAL A 1065 -66.99 -4.52 -12.79
CA VAL A 1065 -67.10 -5.74 -12.01
C VAL A 1065 -68.55 -6.22 -11.92
N PRO A 1066 -68.85 -7.46 -12.32
CA PRO A 1066 -70.17 -8.07 -12.32
C PRO A 1066 -70.64 -8.36 -10.90
N ALA A 1067 -71.95 -8.38 -10.69
CA ALA A 1067 -72.50 -8.66 -9.37
C ALA A 1067 -73.88 -9.32 -9.41
N GLN A 1068 -74.32 -9.77 -8.23
CA GLN A 1068 -75.70 -10.32 -8.07
C GLN A 1068 -75.91 -11.53 -8.96
N GLU A 1069 -75.05 -12.54 -8.81
CA GLU A 1069 -75.14 -13.75 -9.64
C GLU A 1069 -76.39 -14.53 -9.26
N LYS A 1070 -77.23 -14.89 -10.22
CA LYS A 1070 -78.41 -15.73 -9.95
C LYS A 1070 -78.17 -17.06 -10.65
N ASN A 1071 -78.69 -18.17 -10.12
CA ASN A 1071 -78.40 -19.49 -10.69
C ASN A 1071 -79.47 -19.90 -11.69
N PHE A 1072 -79.14 -19.98 -12.99
CA PHE A 1072 -80.08 -20.45 -14.00
C PHE A 1072 -79.74 -21.86 -14.49
N THR A 1073 -80.73 -22.58 -15.01
CA THR A 1073 -80.49 -23.91 -15.58
C THR A 1073 -80.09 -23.80 -17.03
N THR A 1074 -79.08 -24.54 -17.45
CA THR A 1074 -78.58 -24.38 -18.82
C THR A 1074 -78.60 -25.66 -19.65
N ALA A 1075 -78.24 -25.51 -20.93
CA ALA A 1075 -78.13 -26.61 -21.86
C ALA A 1075 -77.22 -26.21 -23.04
N PRO A 1076 -76.37 -27.13 -23.52
CA PRO A 1076 -75.52 -27.01 -24.70
C PRO A 1076 -76.21 -26.58 -25.98
N ALA A 1077 -77.43 -27.06 -26.20
CA ALA A 1077 -78.12 -26.78 -27.45
C ALA A 1077 -79.62 -27.00 -27.33
N ILE A 1078 -80.36 -26.46 -28.29
CA ILE A 1078 -81.79 -26.70 -28.35
C ILE A 1078 -82.16 -27.57 -29.54
N CYS A 1079 -82.88 -28.67 -29.25
CA CYS A 1079 -83.36 -29.57 -30.30
C CYS A 1079 -84.73 -29.11 -30.81
N HIS A 1080 -84.79 -28.89 -32.11
CA HIS A 1080 -86.04 -28.52 -32.76
C HIS A 1080 -86.12 -29.23 -34.10
N ASP A 1081 -87.10 -30.11 -34.26
CA ASP A 1081 -87.29 -30.86 -35.50
C ASP A 1081 -86.05 -31.66 -35.91
N GLY A 1082 -85.32 -32.17 -34.93
CA GLY A 1082 -84.19 -33.05 -35.19
C GLY A 1082 -82.90 -32.31 -35.46
N LYS A 1083 -82.97 -30.99 -35.51
CA LYS A 1083 -81.81 -30.15 -35.74
C LYS A 1083 -81.26 -29.63 -34.42
N ALA A 1084 -79.95 -29.54 -34.30
CA ALA A 1084 -79.33 -29.00 -33.11
C ALA A 1084 -79.01 -27.53 -33.29
N HIS A 1085 -79.67 -26.67 -32.51
CA HIS A 1085 -79.47 -25.23 -32.60
C HIS A 1085 -78.53 -24.72 -31.50
N PHE A 1086 -77.52 -23.95 -31.90
CA PHE A 1086 -76.58 -23.36 -30.96
C PHE A 1086 -76.73 -21.84 -30.98
N PRO A 1087 -76.38 -21.13 -29.90
CA PRO A 1087 -76.39 -19.67 -29.83
C PRO A 1087 -75.35 -19.11 -30.76
N ARG A 1088 -75.64 -17.97 -31.38
CA ARG A 1088 -74.61 -17.29 -32.16
C ARG A 1088 -73.66 -16.56 -31.22
N GLU A 1089 -74.23 -16.02 -30.15
CA GLU A 1089 -73.46 -15.31 -29.13
C GLU A 1089 -74.27 -15.23 -27.85
N GLY A 1090 -73.98 -16.12 -26.91
CA GLY A 1090 -74.73 -16.17 -25.67
C GLY A 1090 -74.87 -17.59 -25.14
N VAL A 1091 -75.68 -17.74 -24.10
CA VAL A 1091 -75.92 -19.02 -23.46
C VAL A 1091 -77.41 -19.28 -23.26
N PHE A 1092 -77.83 -20.52 -23.47
CA PHE A 1092 -79.23 -20.89 -23.26
C PHE A 1092 -79.51 -21.11 -21.78
N VAL A 1093 -80.55 -20.46 -21.27
CA VAL A 1093 -80.92 -20.60 -19.87
C VAL A 1093 -82.41 -20.82 -19.67
N SER A 1094 -82.76 -21.44 -18.55
CA SER A 1094 -84.15 -21.66 -18.19
C SER A 1094 -84.50 -21.06 -16.84
N ASN A 1095 -85.67 -20.40 -16.78
CA ASN A 1095 -86.19 -19.80 -15.54
C ASN A 1095 -87.14 -20.74 -14.79
N GLY A 1096 -87.21 -22.00 -15.24
CA GLY A 1096 -88.05 -23.04 -14.64
C GLY A 1096 -89.20 -23.46 -15.54
N THR A 1097 -89.64 -22.57 -16.44
CA THR A 1097 -90.73 -22.93 -17.34
C THR A 1097 -90.42 -22.64 -18.81
N HIS A 1098 -89.59 -21.62 -19.07
CA HIS A 1098 -89.28 -21.25 -20.44
C HIS A 1098 -87.79 -21.10 -20.67
N TRP A 1099 -87.35 -21.41 -21.89
CA TRP A 1099 -85.96 -21.23 -22.28
C TRP A 1099 -85.74 -19.90 -22.98
N PHE A 1100 -84.62 -19.26 -22.65
CA PHE A 1100 -84.21 -17.99 -23.23
C PHE A 1100 -82.75 -18.02 -23.62
N VAL A 1101 -82.34 -17.11 -24.49
CA VAL A 1101 -80.93 -16.94 -24.80
C VAL A 1101 -80.47 -15.58 -24.32
N THR A 1102 -79.34 -15.53 -23.61
CA THR A 1102 -78.86 -14.27 -23.11
C THR A 1102 -77.34 -14.14 -23.24
N GLN A 1103 -76.84 -12.92 -23.03
CA GLN A 1103 -75.40 -12.68 -23.04
C GLN A 1103 -74.80 -13.14 -21.72
N ARG A 1104 -73.51 -13.46 -21.73
CA ARG A 1104 -72.87 -14.07 -20.57
C ARG A 1104 -72.61 -13.11 -19.41
N ASN A 1105 -72.32 -11.86 -19.71
CA ASN A 1105 -71.82 -10.94 -18.69
C ASN A 1105 -72.88 -10.08 -18.01
N PHE A 1106 -74.14 -10.24 -18.40
CA PHE A 1106 -75.21 -9.45 -17.82
C PHE A 1106 -76.57 -10.03 -18.19
N TYR A 1107 -77.27 -10.58 -17.21
CA TYR A 1107 -78.52 -11.28 -17.49
C TYR A 1107 -79.52 -10.39 -18.19
N GLU A 1108 -79.92 -10.81 -19.38
CA GLU A 1108 -80.85 -10.06 -20.21
C GLU A 1108 -81.49 -10.99 -21.24
N PRO A 1109 -82.52 -11.73 -20.83
CA PRO A 1109 -83.10 -12.88 -21.52
C PRO A 1109 -83.86 -12.45 -22.76
N GLN A 1110 -83.70 -13.22 -23.83
CA GLN A 1110 -84.44 -12.99 -25.06
C GLN A 1110 -85.03 -14.28 -25.61
N ILE A 1111 -86.09 -14.15 -26.40
CA ILE A 1111 -86.71 -15.31 -27.03
C ILE A 1111 -85.73 -15.96 -27.99
N ILE A 1112 -85.68 -17.28 -27.96
CA ILE A 1112 -84.79 -18.02 -28.85
C ILE A 1112 -85.39 -18.07 -30.23
N THR A 1113 -84.69 -17.49 -31.20
CA THR A 1113 -85.22 -17.39 -32.55
C THR A 1113 -84.18 -17.81 -33.55
N THR A 1114 -84.58 -17.98 -34.80
CA THR A 1114 -83.65 -18.40 -35.83
C THR A 1114 -82.63 -17.31 -36.17
N ASP A 1115 -82.83 -16.10 -35.66
CA ASP A 1115 -81.91 -15.00 -35.94
C ASP A 1115 -80.80 -14.85 -34.89
N ASN A 1116 -80.87 -15.65 -33.83
CA ASN A 1116 -79.85 -15.56 -32.78
C ASN A 1116 -79.24 -16.93 -32.47
N THR A 1117 -79.50 -17.88 -33.37
CA THR A 1117 -78.93 -19.22 -33.29
C THR A 1117 -78.39 -19.65 -34.65
N PHE A 1118 -77.71 -20.80 -34.66
CA PHE A 1118 -77.27 -21.41 -35.90
C PHE A 1118 -77.45 -22.92 -35.81
N VAL A 1119 -77.54 -23.59 -36.95
CA VAL A 1119 -77.80 -25.02 -36.94
C VAL A 1119 -76.61 -25.83 -37.41
N SER A 1120 -76.25 -26.85 -36.64
CA SER A 1120 -75.17 -27.73 -37.04
C SER A 1120 -75.29 -29.11 -36.41
N GLY A 1121 -75.47 -30.13 -37.25
CA GLY A 1121 -75.58 -31.51 -36.78
C GLY A 1121 -76.99 -31.85 -36.31
N ASN A 1122 -77.17 -33.11 -35.93
CA ASN A 1122 -78.46 -33.63 -35.48
C ASN A 1122 -78.52 -33.74 -33.96
N CYS A 1123 -79.74 -33.81 -33.41
CA CYS A 1123 -79.98 -33.91 -31.96
C CYS A 1123 -79.37 -35.17 -31.34
N ASP A 1124 -79.00 -36.13 -32.15
CA ASP A 1124 -78.48 -37.41 -31.67
C ASP A 1124 -76.99 -37.35 -31.39
N VAL A 1125 -76.38 -36.19 -31.64
CA VAL A 1125 -74.94 -36.03 -31.48
C VAL A 1125 -74.56 -35.28 -30.21
N VAL A 1126 -75.28 -34.20 -29.90
CA VAL A 1126 -74.94 -33.35 -28.76
C VAL A 1126 -75.42 -33.95 -27.45
N ILE A 1127 -74.53 -34.03 -26.47
CA ILE A 1127 -74.86 -34.57 -25.16
C ILE A 1127 -75.47 -33.49 -24.27
N GLY A 1128 -76.65 -33.75 -23.72
CA GLY A 1128 -77.32 -32.80 -22.84
C GLY A 1128 -78.21 -31.81 -23.56
N ILE A 1129 -78.54 -32.11 -24.82
CA ILE A 1129 -79.41 -31.26 -25.62
C ILE A 1129 -80.85 -31.38 -25.12
N VAL A 1130 -81.58 -30.27 -25.15
CA VAL A 1130 -82.96 -30.28 -24.65
C VAL A 1130 -83.93 -29.83 -25.73
N ASN A 1131 -85.22 -30.22 -25.61
CA ASN A 1131 -86.24 -29.91 -26.61
C ASN A 1131 -86.97 -28.60 -26.29
N ASN A 1132 -86.82 -27.62 -27.21
CA ASN A 1132 -87.49 -26.31 -27.08
C ASN A 1132 -87.71 -25.68 -28.45
N THR A 1133 -88.92 -25.21 -28.70
CA THR A 1133 -89.24 -24.61 -29.98
C THR A 1133 -88.50 -23.30 -30.24
N VAL A 1134 -87.94 -23.20 -31.45
CA VAL A 1134 -87.23 -22.00 -31.92
C VAL A 1134 -88.18 -21.15 -32.77
N TYR A 1135 -88.30 -19.88 -32.42
CA TYR A 1135 -89.22 -18.99 -33.09
C TYR A 1135 -88.73 -18.55 -34.45
N ASP A 1136 -89.61 -18.58 -35.44
CA ASP A 1136 -89.31 -18.08 -36.76
C ASP A 1136 -90.13 -16.81 -37.00
N PRO A 1137 -89.51 -15.63 -37.04
CA PRO A 1137 -90.14 -14.33 -37.19
C PRO A 1137 -90.86 -14.17 -38.54
N LEU A 1138 -90.66 -15.11 -39.47
CA LEU A 1138 -91.28 -14.93 -40.78
C LEU A 1138 -92.76 -15.30 -40.73
N GLN A 1139 -93.05 -16.51 -40.25
CA GLN A 1139 -94.40 -17.07 -40.35
C GLN A 1139 -95.58 -16.12 -40.08
N PRO A 1140 -95.54 -15.24 -39.06
CA PRO A 1140 -96.59 -14.28 -38.73
C PRO A 1140 -97.11 -13.44 -39.90
N GLU A 1141 -96.25 -13.15 -40.88
CA GLU A 1141 -96.65 -12.36 -42.07
C GLU A 1141 -96.93 -13.22 -43.31
N LEU A 1142 -97.01 -14.54 -43.13
CA LEU A 1142 -97.14 -15.50 -44.22
C LEU A 1142 -98.49 -16.19 -44.22
N PRO B 26 14.19 45.36 -21.93
CA PRO B 26 13.99 44.43 -23.02
C PRO B 26 12.54 44.46 -23.53
N ALA B 27 12.33 43.88 -24.72
CA ALA B 27 11.01 43.79 -25.35
C ALA B 27 10.37 42.47 -24.97
N TYR B 28 9.06 42.36 -25.18
CA TYR B 28 8.40 41.09 -24.92
C TYR B 28 7.73 40.55 -26.17
N THR B 29 7.75 39.22 -26.33
CA THR B 29 7.14 38.55 -27.47
C THR B 29 6.24 37.39 -27.04
N ASN B 30 5.67 36.71 -28.03
CA ASN B 30 4.69 35.64 -27.80
C ASN B 30 5.30 34.26 -28.03
N SER B 31 5.37 33.46 -26.96
CA SER B 31 5.98 32.14 -27.04
C SER B 31 5.22 31.21 -27.97
N PHE B 32 3.96 31.54 -28.24
CA PHE B 32 3.08 30.72 -29.06
C PHE B 32 3.02 29.29 -28.52
N THR B 33 3.38 28.33 -29.35
CA THR B 33 3.31 26.92 -28.97
C THR B 33 4.68 26.25 -29.11
N ARG B 34 5.63 26.67 -28.29
CA ARG B 34 7.01 26.25 -28.43
C ARG B 34 7.59 25.89 -27.07
N GLY B 35 8.78 25.28 -27.07
CA GLY B 35 9.45 24.94 -25.81
C GLY B 35 9.09 23.54 -25.33
N VAL B 36 8.60 22.72 -26.25
CA VAL B 36 8.29 21.33 -25.96
C VAL B 36 9.44 20.44 -26.39
N TYR B 37 9.85 19.56 -25.49
CA TYR B 37 10.97 18.67 -25.72
C TYR B 37 10.59 17.24 -25.40
N TYR B 38 11.37 16.29 -25.91
CA TYR B 38 11.14 14.89 -25.60
C TYR B 38 11.55 14.60 -24.15
N PRO B 39 10.61 14.24 -23.28
CA PRO B 39 10.77 14.06 -21.84
C PRO B 39 11.55 12.79 -21.51
N ASP B 40 11.68 11.89 -22.48
CA ASP B 40 12.32 10.60 -22.25
C ASP B 40 12.93 10.05 -23.53
N LYS B 41 13.41 8.81 -23.46
CA LYS B 41 14.03 8.16 -24.60
C LYS B 41 13.23 6.92 -25.00
N VAL B 42 11.90 7.01 -24.86
CA VAL B 42 11.03 5.89 -25.13
C VAL B 42 10.30 6.01 -26.46
N PHE B 43 10.37 4.94 -27.25
CA PHE B 43 9.68 4.91 -28.54
C PHE B 43 8.18 4.65 -28.36
N ARG B 44 7.38 5.50 -28.98
CA ARG B 44 5.92 5.36 -28.93
C ARG B 44 5.34 5.59 -30.32
N SER B 45 4.47 4.68 -30.75
CA SER B 45 3.95 4.75 -32.12
C SER B 45 2.47 5.06 -32.21
N SER B 46 2.17 6.24 -32.75
CA SER B 46 0.80 6.69 -32.97
C SER B 46 -0.08 6.64 -31.72
N VAL B 47 0.42 7.20 -30.62
CA VAL B 47 -0.35 7.27 -29.38
C VAL B 47 -0.33 8.67 -28.80
N LEU B 48 -1.25 8.91 -27.86
CA LEU B 48 -1.26 10.14 -27.08
C LEU B 48 -0.70 9.81 -25.70
N HIS B 49 0.00 10.76 -25.11
CA HIS B 49 0.59 10.51 -23.79
C HIS B 49 0.60 11.75 -22.92
N SER B 50 0.13 11.59 -21.68
CA SER B 50 0.09 12.70 -20.73
C SER B 50 1.37 12.78 -19.92
N THR B 51 2.04 13.93 -20.00
CA THR B 51 3.30 14.13 -19.30
C THR B 51 3.26 15.38 -18.43
N GLN B 52 3.75 15.26 -17.21
CA GLN B 52 3.83 16.40 -16.30
C GLN B 52 5.29 16.71 -16.04
N ASP B 53 5.77 17.82 -16.57
CA ASP B 53 7.20 18.14 -16.52
C ASP B 53 7.44 19.64 -16.67
N LEU B 54 8.73 20.02 -16.63
CA LEU B 54 9.13 21.41 -16.78
C LEU B 54 9.14 21.83 -18.24
N PHE B 55 7.97 22.24 -18.72
CA PHE B 55 7.77 22.66 -20.11
C PHE B 55 7.54 24.16 -20.17
N LEU B 56 7.81 24.77 -21.32
CA LEU B 56 7.45 26.17 -21.50
C LEU B 56 5.95 26.25 -21.72
N PRO B 57 5.20 27.03 -20.91
CA PRO B 57 3.77 27.27 -21.02
C PRO B 57 3.45 27.89 -22.38
N PHE B 58 2.29 27.56 -22.93
CA PHE B 58 1.92 28.12 -24.22
C PHE B 58 1.42 29.56 -24.10
N PHE B 59 1.77 30.36 -25.11
CA PHE B 59 1.37 31.76 -25.20
C PHE B 59 1.81 32.59 -24.00
N SER B 60 3.03 32.32 -23.52
CA SER B 60 3.59 33.05 -22.38
C SER B 60 4.39 34.28 -22.84
N ASN B 61 4.73 35.14 -21.86
CA ASN B 61 5.56 36.34 -22.09
C ASN B 61 7.04 35.98 -22.09
N VAL B 62 7.70 36.15 -23.24
CA VAL B 62 9.10 35.83 -23.43
C VAL B 62 9.94 37.09 -23.55
N THR B 63 11.01 37.17 -22.77
CA THR B 63 11.86 38.36 -22.76
C THR B 63 12.77 38.37 -23.99
N TRP B 64 12.78 39.48 -24.69
CA TRP B 64 13.48 39.60 -25.97
C TRP B 64 14.65 40.59 -25.88
N PHE B 65 15.88 40.07 -26.02
CA PHE B 65 17.09 40.86 -25.90
C PHE B 65 17.73 41.08 -27.27
N HIS B 66 18.41 42.21 -27.43
CA HIS B 66 19.01 42.55 -28.73
C HIS B 66 20.51 42.81 -28.66
N VAL B 67 21.22 42.40 -29.72
CA VAL B 67 22.63 42.71 -29.89
C VAL B 67 22.83 43.41 -31.23
N ILE B 68 23.20 44.68 -31.17
CA ILE B 68 23.31 45.49 -32.38
C ILE B 68 24.69 46.13 -32.51
N ARG B 76 24.91 48.34 -28.99
CA ARG B 76 24.29 47.83 -27.76
C ARG B 76 24.41 46.32 -27.70
N PHE B 77 24.95 45.81 -26.60
CA PHE B 77 25.10 44.37 -26.44
C PHE B 77 24.40 43.87 -25.20
N ASP B 78 23.15 43.44 -25.34
CA ASP B 78 22.41 42.94 -24.19
C ASP B 78 22.98 41.61 -23.74
N ASN B 79 23.51 41.58 -22.53
CA ASN B 79 24.07 40.36 -21.95
C ASN B 79 24.04 40.37 -20.43
N PRO B 80 22.87 40.59 -19.81
CA PRO B 80 22.64 40.69 -18.38
C PRO B 80 22.76 39.34 -17.70
N VAL B 81 22.93 39.35 -16.39
CA VAL B 81 22.87 38.12 -15.62
C VAL B 81 21.43 37.86 -15.19
N LEU B 82 20.91 36.71 -15.57
CA LEU B 82 19.52 36.37 -15.34
C LEU B 82 19.41 35.18 -14.39
N PRO B 83 18.30 35.06 -13.66
CA PRO B 83 17.98 33.95 -12.78
C PRO B 83 17.74 32.68 -13.58
N PHE B 84 18.10 31.54 -12.99
CA PHE B 84 17.91 30.24 -13.64
C PHE B 84 16.60 29.59 -13.17
N ASN B 85 16.20 29.89 -11.95
CA ASN B 85 15.01 29.29 -11.36
C ASN B 85 15.05 27.77 -11.42
N ASP B 86 14.03 27.16 -12.02
CA ASP B 86 13.94 25.71 -12.09
C ASP B 86 14.27 25.19 -13.48
N GLY B 87 14.82 26.05 -14.33
CA GLY B 87 15.14 25.69 -15.70
C GLY B 87 14.82 26.85 -16.63
N VAL B 88 15.57 26.94 -17.73
CA VAL B 88 15.45 28.06 -18.64
C VAL B 88 15.29 27.65 -20.09
N TYR B 89 14.39 28.35 -20.79
CA TYR B 89 14.25 28.19 -22.22
C TYR B 89 15.03 29.30 -22.92
N PHE B 90 15.86 28.91 -23.87
CA PHE B 90 16.68 29.89 -24.59
C PHE B 90 16.57 29.71 -26.10
N ALA B 91 16.46 30.82 -26.81
CA ALA B 91 16.41 30.74 -28.26
C ALA B 91 17.12 31.93 -28.89
N SER B 92 17.65 31.74 -30.09
CA SER B 92 18.29 32.84 -30.80
C SER B 92 18.08 32.77 -32.30
N ILE B 93 18.04 33.93 -32.94
CA ILE B 93 17.97 34.03 -34.40
C ILE B 93 19.03 34.99 -34.92
N GLU B 94 19.91 34.50 -35.80
CA GLU B 94 20.97 35.36 -36.36
C GLU B 94 21.69 34.73 -37.54
N LYS B 95 22.55 35.53 -38.17
CA LYS B 95 23.43 35.06 -39.25
C LYS B 95 24.91 35.12 -38.88
N SER B 96 25.25 36.03 -37.97
CA SER B 96 26.64 36.35 -37.69
C SER B 96 27.26 35.45 -36.62
N ASN B 97 26.45 34.60 -36.02
CA ASN B 97 26.91 33.70 -34.97
C ASN B 97 27.62 34.43 -33.85
N ILE B 98 27.04 35.54 -33.40
CA ILE B 98 27.60 36.33 -32.30
C ILE B 98 27.55 35.55 -30.99
N ILE B 99 26.46 34.82 -30.77
CA ILE B 99 26.33 34.04 -29.54
C ILE B 99 27.17 32.78 -29.64
N ARG B 100 28.07 32.60 -28.68
CA ARG B 100 29.00 31.47 -28.73
C ARG B 100 28.77 30.49 -27.58
N GLY B 101 28.25 30.95 -26.46
CA GLY B 101 28.14 30.06 -25.32
C GLY B 101 27.35 30.62 -24.16
N TRP B 102 27.37 29.89 -23.06
CA TRP B 102 26.61 30.24 -21.88
C TRP B 102 27.43 30.04 -20.61
N ILE B 103 27.16 30.88 -19.62
CA ILE B 103 27.76 30.73 -18.30
C ILE B 103 26.69 30.42 -17.27
N PHE B 104 26.88 29.32 -16.55
CA PHE B 104 25.92 28.94 -15.50
C PHE B 104 26.63 28.78 -14.16
N GLY B 105 25.98 29.23 -13.09
CA GLY B 105 26.55 29.10 -11.75
C GLY B 105 25.65 29.73 -10.72
N THR B 106 26.25 30.18 -9.61
CA THR B 106 25.52 30.83 -8.53
C THR B 106 26.05 32.23 -8.32
N THR B 107 27.28 32.31 -7.80
CA THR B 107 27.95 33.59 -7.56
C THR B 107 28.81 34.00 -8.75
N LEU B 108 29.11 33.05 -9.62
CA LEU B 108 29.92 33.32 -10.80
C LEU B 108 31.27 33.96 -10.46
N ASP B 109 31.93 33.45 -9.41
CA ASP B 109 33.23 33.94 -8.99
C ASP B 109 34.12 32.78 -8.53
N SER B 110 35.31 33.07 -8.00
CA SER B 110 36.25 32.02 -7.61
C SER B 110 35.89 31.31 -6.31
N LYS B 111 34.75 31.65 -5.72
CA LYS B 111 34.35 31.01 -4.48
C LYS B 111 33.49 29.77 -4.72
N THR B 112 33.13 29.53 -5.99
CA THR B 112 32.26 28.40 -6.31
C THR B 112 32.56 27.83 -7.70
N GLN B 113 32.18 26.58 -7.91
CA GLN B 113 32.33 25.96 -9.23
C GLN B 113 31.27 26.48 -10.19
N SER B 114 31.68 26.75 -11.42
CA SER B 114 30.77 27.23 -12.45
C SER B 114 30.89 26.43 -13.73
N LEU B 115 29.81 26.38 -14.48
CA LEU B 115 29.75 25.67 -15.75
C LEU B 115 29.90 26.61 -16.94
N LEU B 116 30.95 26.40 -17.71
CA LEU B 116 31.22 27.22 -18.87
C LEU B 116 31.12 26.42 -20.16
N ILE B 117 30.19 26.80 -21.02
CA ILE B 117 29.99 26.12 -22.29
C ILE B 117 30.34 27.03 -23.46
N VAL B 118 31.40 26.68 -24.18
CA VAL B 118 31.81 27.51 -25.31
C VAL B 118 31.92 26.73 -26.62
N ASN B 119 31.21 27.23 -27.64
CA ASN B 119 31.25 26.64 -28.97
C ASN B 119 32.17 27.42 -29.90
N ASN B 120 32.78 26.73 -30.88
CA ASN B 120 33.51 27.37 -31.98
C ASN B 120 33.48 26.50 -33.23
N ALA B 121 34.30 26.85 -34.22
CA ALA B 121 34.27 26.24 -35.56
C ALA B 121 34.57 24.74 -35.57
N THR B 122 35.26 24.23 -34.55
CA THR B 122 35.68 22.84 -34.63
C THR B 122 35.06 21.94 -33.58
N ASN B 123 34.74 22.51 -32.41
CA ASN B 123 34.14 21.71 -31.36
C ASN B 123 33.46 22.54 -30.27
N VAL B 124 32.87 21.85 -29.30
CA VAL B 124 32.35 22.49 -28.11
C VAL B 124 33.07 21.94 -26.89
N VAL B 125 33.54 22.84 -26.04
CA VAL B 125 34.26 22.42 -24.85
C VAL B 125 33.56 22.90 -23.60
N ILE B 126 33.21 21.94 -22.74
CA ILE B 126 32.48 22.23 -21.52
C ILE B 126 33.33 21.95 -20.29
N LYS B 127 33.53 22.98 -19.48
CA LYS B 127 34.34 22.82 -18.28
C LYS B 127 33.61 23.24 -17.02
N VAL B 128 33.88 22.52 -15.93
CA VAL B 128 33.37 22.89 -14.62
C VAL B 128 34.53 23.18 -13.69
N CYS B 129 34.72 24.48 -13.38
CA CYS B 129 35.89 24.95 -12.66
C CYS B 129 35.53 26.12 -11.76
N GLU B 130 36.43 26.46 -10.84
CA GLU B 130 36.22 27.64 -10.02
C GLU B 130 36.78 28.88 -10.73
N PHE B 131 36.03 29.36 -11.72
CA PHE B 131 36.44 30.47 -12.56
C PHE B 131 36.17 31.81 -11.87
N GLN B 132 37.10 32.74 -12.00
CA GLN B 132 36.86 34.11 -11.58
C GLN B 132 36.49 34.93 -12.80
N PHE B 133 35.19 35.11 -12.99
CA PHE B 133 34.66 35.69 -14.22
C PHE B 133 34.84 37.20 -14.28
N CYS B 134 34.93 37.71 -15.50
CA CYS B 134 34.99 39.14 -15.76
C CYS B 134 33.65 39.79 -15.47
N ASN B 135 33.67 41.10 -15.25
CA ASN B 135 32.45 41.87 -15.00
C ASN B 135 31.60 41.98 -16.26
N ASP B 136 32.21 41.71 -17.40
CA ASP B 136 31.55 41.72 -18.69
C ASP B 136 32.27 40.77 -19.65
N PRO B 137 32.09 39.46 -19.46
CA PRO B 137 32.83 38.39 -20.11
C PRO B 137 32.53 38.32 -21.59
N PHE B 138 33.57 38.09 -22.40
CA PHE B 138 33.38 37.97 -23.84
C PHE B 138 34.49 37.18 -24.51
N LEU B 139 34.26 36.82 -25.77
CA LEU B 139 35.30 36.20 -26.59
C LEU B 139 35.76 37.18 -27.66
N ASP B 140 37.04 37.14 -28.00
CA ASP B 140 37.58 38.03 -29.03
C ASP B 140 37.89 37.25 -30.29
N HIS B 141 37.06 37.42 -31.31
CA HIS B 141 37.14 36.57 -32.51
C HIS B 141 38.22 37.05 -33.48
N GLU B 151 40.85 34.24 -28.74
CA GLU B 151 41.32 34.53 -27.39
C GLU B 151 40.16 34.75 -26.43
N PHE B 152 40.31 34.28 -25.18
CA PHE B 152 39.26 34.34 -24.17
C PHE B 152 39.39 35.55 -23.25
N ARG B 153 38.29 36.25 -23.05
CA ARG B 153 38.20 37.33 -22.08
C ARG B 153 36.97 37.10 -21.21
N VAL B 154 36.71 35.82 -20.95
CA VAL B 154 35.57 35.37 -20.17
C VAL B 154 35.86 35.46 -18.68
N TYR B 155 37.04 35.01 -18.29
CA TYR B 155 37.46 35.01 -16.90
C TYR B 155 38.90 35.45 -16.78
N SER B 156 39.25 36.01 -15.63
CA SER B 156 40.61 36.49 -15.42
C SER B 156 41.50 35.39 -14.87
N SER B 157 40.93 34.48 -14.10
CA SER B 157 41.70 33.42 -13.48
C SER B 157 40.83 32.24 -13.08
N ALA B 158 41.47 31.17 -12.62
CA ALA B 158 40.78 29.99 -12.12
C ALA B 158 41.67 29.24 -11.13
N ASN B 159 41.05 28.50 -10.22
CA ASN B 159 41.81 27.68 -9.27
C ASN B 159 42.14 26.31 -9.87
N ASN B 160 41.13 25.44 -10.01
CA ASN B 160 41.27 24.16 -10.69
C ASN B 160 39.93 23.70 -11.23
N CYS B 161 39.93 22.57 -11.95
CA CYS B 161 38.74 22.02 -12.61
C CYS B 161 38.39 20.63 -12.09
N THR B 162 37.10 20.31 -12.10
CA THR B 162 36.63 19.02 -11.63
C THR B 162 36.08 18.16 -12.76
N PHE B 163 35.61 18.81 -13.82
CA PHE B 163 35.00 18.08 -14.93
C PHE B 163 35.27 18.75 -16.28
N GLU B 164 35.51 17.93 -17.29
CA GLU B 164 35.66 18.42 -18.66
C GLU B 164 35.02 17.47 -19.64
N TYR B 165 34.31 18.04 -20.62
CA TYR B 165 33.68 17.26 -21.67
C TYR B 165 33.83 17.94 -23.03
N VAL B 166 34.18 17.17 -24.05
CA VAL B 166 34.35 17.71 -25.40
C VAL B 166 33.54 16.91 -26.42
N SER B 167 32.81 17.62 -27.27
CA SER B 167 32.03 16.98 -28.32
C SER B 167 31.87 17.88 -29.54
N GLN B 168 30.92 17.54 -30.40
CA GLN B 168 30.69 18.31 -31.61
C GLN B 168 29.88 19.56 -31.27
N PRO B 169 30.01 20.64 -32.06
CA PRO B 169 29.42 21.94 -31.84
C PRO B 169 27.90 21.86 -31.66
N PHE B 170 27.38 22.60 -30.70
CA PHE B 170 25.94 22.69 -30.48
C PHE B 170 25.28 23.64 -31.49
N LEU B 171 25.99 24.71 -31.85
CA LEU B 171 25.49 25.76 -32.72
C LEU B 171 25.58 25.32 -34.19
N PHE B 181 18.04 33.44 -45.32
CA PHE B 181 17.54 32.72 -44.16
C PHE B 181 18.47 32.90 -42.96
N LYS B 182 17.87 33.05 -41.77
CA LYS B 182 18.60 33.18 -40.51
C LYS B 182 18.66 31.84 -39.80
N ASN B 183 19.62 31.69 -38.91
CA ASN B 183 19.75 30.45 -38.14
C ASN B 183 18.92 30.51 -36.86
N LEU B 184 17.92 29.64 -36.78
CA LEU B 184 17.08 29.56 -35.60
C LEU B 184 17.54 28.43 -34.70
N ARG B 185 17.99 28.78 -33.52
CA ARG B 185 18.49 27.80 -32.57
C ARG B 185 17.71 27.85 -31.28
N GLU B 186 17.18 26.69 -30.88
CA GLU B 186 16.41 26.63 -29.64
C GLU B 186 17.03 25.63 -28.68
N PHE B 187 17.09 26.02 -27.42
CA PHE B 187 17.69 25.20 -26.37
C PHE B 187 16.80 25.11 -25.12
N VAL B 188 16.93 23.99 -24.41
CA VAL B 188 16.32 23.86 -23.10
C VAL B 188 17.38 23.48 -22.09
N PHE B 189 17.53 24.30 -21.06
CA PHE B 189 18.54 24.06 -20.04
C PHE B 189 17.90 23.70 -18.69
N LYS B 190 18.11 22.46 -18.26
CA LYS B 190 17.54 21.98 -17.00
C LYS B 190 18.63 21.44 -16.09
N ASN B 191 18.42 21.55 -14.78
CA ASN B 191 19.36 20.98 -13.82
C ASN B 191 18.62 20.18 -12.77
N ILE B 192 18.65 18.87 -12.91
CA ILE B 192 17.89 17.99 -12.01
C ILE B 192 18.78 16.97 -11.33
N ASP B 193 18.75 16.97 -10.01
CA ASP B 193 19.51 16.02 -9.19
C ASP B 193 20.98 16.00 -9.57
N GLY B 194 21.54 17.17 -9.85
CA GLY B 194 22.96 17.28 -10.14
C GLY B 194 23.32 17.08 -11.61
N TYR B 195 22.32 16.81 -12.46
CA TYR B 195 22.58 16.62 -13.89
C TYR B 195 22.11 17.80 -14.72
N PHE B 196 22.98 18.26 -15.61
CA PHE B 196 22.63 19.38 -16.48
C PHE B 196 22.25 18.85 -17.85
N LYS B 197 20.98 18.99 -18.19
CA LYS B 197 20.42 18.39 -19.41
C LYS B 197 20.22 19.42 -20.50
N ILE B 198 20.72 19.13 -21.69
CA ILE B 198 20.57 20.05 -22.82
C ILE B 198 19.79 19.43 -23.96
N TYR B 199 18.72 20.13 -24.38
CA TYR B 199 17.93 19.76 -25.55
C TYR B 199 18.04 20.88 -26.56
N SER B 200 17.92 20.56 -27.85
CA SER B 200 18.00 21.62 -28.85
C SER B 200 17.49 21.21 -30.22
N LYS B 201 17.25 22.22 -31.06
CA LYS B 201 16.91 22.05 -32.46
C LYS B 201 17.48 23.21 -33.28
N HIS B 202 18.02 22.92 -34.46
CA HIS B 202 18.57 23.95 -35.33
C HIS B 202 17.93 23.91 -36.70
N THR B 203 17.21 24.98 -37.04
CA THR B 203 16.51 25.09 -38.32
C THR B 203 16.75 26.49 -38.91
N PRO B 204 16.58 26.67 -40.21
CA PRO B 204 16.52 27.95 -40.90
C PRO B 204 15.19 28.64 -40.63
N ILE B 205 15.18 29.98 -40.72
CA ILE B 205 13.95 30.76 -40.58
C ILE B 205 13.98 32.04 -41.43
N LEU B 213 9.24 35.76 -32.29
CA LEU B 213 9.36 34.32 -32.46
C LEU B 213 8.44 33.86 -33.60
N PRO B 214 8.84 32.80 -34.32
CA PRO B 214 8.08 32.13 -35.36
C PRO B 214 6.92 31.32 -34.78
N GLN B 215 5.92 31.07 -35.62
CA GLN B 215 4.80 30.23 -35.23
C GLN B 215 4.97 28.81 -35.76
N GLY B 216 4.33 27.86 -35.10
CA GLY B 216 4.39 26.46 -35.51
C GLY B 216 4.82 25.58 -34.36
N PHE B 217 5.00 24.29 -34.63
CA PHE B 217 5.38 23.35 -33.57
C PHE B 217 6.54 22.46 -34.00
N SER B 218 7.52 22.32 -33.11
CA SER B 218 8.65 21.43 -33.32
C SER B 218 9.22 21.00 -31.97
N ALA B 219 9.33 19.69 -31.76
CA ALA B 219 9.85 19.18 -30.51
C ALA B 219 11.38 19.22 -30.49
N LEU B 220 11.95 19.51 -29.32
CA LEU B 220 13.40 19.59 -29.15
C LEU B 220 13.98 18.28 -28.63
N GLU B 221 14.93 17.73 -29.38
CA GLU B 221 15.60 16.48 -29.02
C GLU B 221 16.75 16.74 -28.04
N PRO B 222 17.10 15.78 -27.18
CA PRO B 222 18.23 15.79 -26.28
C PRO B 222 19.54 15.73 -27.05
N LEU B 223 20.53 16.50 -26.59
CA LEU B 223 21.86 16.47 -27.19
C LEU B 223 22.88 15.83 -26.26
N VAL B 224 22.84 16.21 -24.99
CA VAL B 224 23.81 15.70 -24.03
C VAL B 224 23.28 15.79 -22.61
N ASP B 225 23.74 14.89 -21.75
CA ASP B 225 23.38 14.89 -20.34
C ASP B 225 24.62 14.69 -19.48
N LEU B 226 25.09 15.76 -18.86
CA LEU B 226 26.33 15.70 -18.10
C LEU B 226 26.07 15.88 -16.61
N PRO B 227 26.82 15.18 -15.76
CA PRO B 227 26.84 15.33 -14.33
C PRO B 227 27.59 16.60 -13.96
N ILE B 228 27.18 17.25 -12.88
CA ILE B 228 27.94 18.38 -12.38
C ILE B 228 27.91 18.45 -10.85
N GLY B 229 26.74 18.17 -10.27
CA GLY B 229 26.62 18.08 -8.82
C GLY B 229 26.59 19.43 -8.11
N ILE B 230 26.25 20.51 -8.82
CA ILE B 230 26.24 21.84 -8.19
C ILE B 230 24.91 22.53 -8.46
N ASN B 231 24.61 23.56 -7.67
CA ASN B 231 23.43 24.40 -7.81
C ASN B 231 23.64 25.47 -8.89
N ILE B 232 22.63 25.68 -9.74
CA ILE B 232 22.63 26.74 -10.74
C ILE B 232 21.47 27.69 -10.45
N THR B 233 21.79 28.95 -10.17
CA THR B 233 20.79 29.94 -9.82
C THR B 233 20.85 31.16 -10.72
N ARG B 234 21.99 31.35 -11.39
CA ARG B 234 22.21 32.49 -12.28
C ARG B 234 22.88 32.05 -13.57
N PHE B 235 22.61 32.76 -14.65
CA PHE B 235 23.30 32.47 -15.90
C PHE B 235 23.49 33.73 -16.74
N GLN B 236 24.41 33.67 -17.69
CA GLN B 236 24.69 34.79 -18.57
C GLN B 236 24.98 34.32 -20.01
N THR B 237 24.57 35.11 -20.98
CA THR B 237 24.82 34.80 -22.39
C THR B 237 26.18 35.33 -22.81
N LEU B 238 27.00 34.46 -23.41
CA LEU B 238 28.34 34.83 -23.84
C LEU B 238 28.39 35.19 -25.32
N LEU B 239 28.77 36.43 -25.60
CA LEU B 239 28.83 36.96 -26.97
C LEU B 239 30.28 37.15 -27.43
N ALA B 259 22.90 42.38 -37.17
CA ALA B 259 22.51 42.30 -35.76
C ALA B 259 22.04 40.89 -35.42
N ALA B 260 21.81 40.64 -34.13
CA ALA B 260 21.37 39.35 -33.60
C ALA B 260 20.44 39.58 -32.41
N ALA B 261 19.57 38.61 -32.15
CA ALA B 261 18.70 38.71 -30.98
C ALA B 261 18.43 37.35 -30.37
N TYR B 262 18.10 37.34 -29.09
CA TYR B 262 17.81 36.09 -28.39
C TYR B 262 16.67 36.26 -27.39
N TYR B 263 16.06 35.14 -27.04
CA TYR B 263 14.87 35.15 -26.21
C TYR B 263 15.06 34.29 -24.97
N VAL B 264 14.52 34.74 -23.84
CA VAL B 264 14.60 33.97 -22.61
C VAL B 264 13.23 33.74 -21.99
N GLY B 265 12.92 32.47 -21.76
CA GLY B 265 11.68 32.08 -21.10
C GLY B 265 11.98 31.19 -19.91
N TYR B 266 10.95 30.80 -19.18
CA TYR B 266 11.15 29.93 -18.02
C TYR B 266 10.21 28.74 -18.03
N LEU B 267 10.71 27.62 -17.54
CA LEU B 267 9.94 26.38 -17.54
C LEU B 267 9.10 26.25 -16.29
N GLN B 268 7.95 25.58 -16.43
CA GLN B 268 7.04 25.35 -15.31
C GLN B 268 6.57 23.89 -15.30
N PRO B 269 6.22 23.37 -14.13
CA PRO B 269 5.68 22.03 -13.90
C PRO B 269 4.26 21.96 -14.44
N ARG B 270 4.19 21.97 -15.77
CA ARG B 270 2.95 22.09 -16.52
C ARG B 270 2.53 20.75 -17.10
N THR B 271 1.23 20.49 -17.14
CA THR B 271 0.73 19.26 -17.75
C THR B 271 0.45 19.47 -19.23
N PHE B 272 1.02 18.58 -20.05
CA PHE B 272 0.78 18.58 -21.48
C PHE B 272 0.33 17.21 -21.97
N LEU B 273 -0.49 17.22 -23.03
CA LEU B 273 -0.93 16.00 -23.69
C LEU B 273 -0.19 15.99 -25.03
N LEU B 274 0.77 15.08 -25.20
CA LEU B 274 1.56 15.06 -26.42
C LEU B 274 1.08 14.02 -27.42
N LYS B 275 1.20 14.37 -28.70
CA LYS B 275 0.78 13.45 -29.75
C LYS B 275 1.95 12.94 -30.56
N TYR B 276 2.09 11.62 -30.61
CA TYR B 276 3.14 10.96 -31.37
C TYR B 276 2.62 10.42 -32.69
N ASN B 277 3.51 10.34 -33.67
CA ASN B 277 3.18 9.71 -34.96
C ASN B 277 3.75 8.30 -35.04
N GLU B 278 3.61 7.67 -36.21
CA GLU B 278 4.09 6.30 -36.41
C GLU B 278 5.62 6.16 -36.43
N ASN B 279 6.35 7.28 -36.56
CA ASN B 279 7.81 7.28 -36.61
C ASN B 279 8.45 7.55 -35.24
N GLY B 280 7.62 7.64 -34.18
CA GLY B 280 8.11 7.86 -32.83
C GLY B 280 8.46 9.32 -32.54
N THR B 281 7.90 10.25 -33.30
CA THR B 281 8.18 11.66 -33.08
C THR B 281 6.97 12.37 -32.50
N ILE B 282 7.23 13.49 -31.83
CA ILE B 282 6.14 14.32 -31.30
C ILE B 282 5.75 15.33 -32.36
N THR B 283 4.51 15.27 -32.81
CA THR B 283 4.08 16.13 -33.91
C THR B 283 3.17 17.26 -33.43
N ASP B 284 2.56 17.09 -32.26
CA ASP B 284 1.71 18.14 -31.71
C ASP B 284 1.69 18.09 -30.18
N ALA B 285 1.02 19.08 -29.57
CA ALA B 285 0.88 19.14 -28.11
C ALA B 285 -0.20 20.13 -27.70
N VAL B 286 -0.86 19.84 -26.59
CA VAL B 286 -1.82 20.80 -26.02
C VAL B 286 -1.50 21.11 -24.56
N ASP B 287 -1.57 22.38 -24.21
CA ASP B 287 -1.36 22.84 -22.84
C ASP B 287 -2.65 22.73 -22.05
N CYS B 288 -2.69 21.82 -21.07
CA CYS B 288 -3.92 21.44 -20.38
C CYS B 288 -4.44 22.53 -19.45
N ALA B 289 -3.67 23.61 -19.28
CA ALA B 289 -4.10 24.70 -18.40
C ALA B 289 -4.18 26.03 -19.16
N LEU B 290 -4.32 25.96 -20.48
CA LEU B 290 -4.38 27.15 -21.32
C LEU B 290 -5.80 27.65 -21.56
N ASP B 291 -6.76 26.73 -21.65
CA ASP B 291 -8.12 27.05 -22.06
C ASP B 291 -9.07 25.94 -21.61
N PRO B 292 -10.32 26.27 -21.21
CA PRO B 292 -11.39 25.35 -20.89
C PRO B 292 -11.58 24.27 -21.95
N LEU B 293 -11.37 24.63 -23.22
CA LEU B 293 -11.49 23.63 -24.29
C LEU B 293 -10.27 22.70 -24.27
N SER B 294 -9.11 23.27 -23.98
CA SER B 294 -7.88 22.48 -23.91
C SER B 294 -7.97 21.50 -22.74
N GLU B 295 -8.54 21.99 -21.63
CA GLU B 295 -8.74 21.15 -20.46
C GLU B 295 -9.63 19.97 -20.80
N THR B 296 -10.70 20.24 -21.55
CA THR B 296 -11.60 19.19 -21.99
C THR B 296 -10.87 18.18 -22.87
N LYS B 297 -10.06 18.69 -23.80
CA LYS B 297 -9.29 17.81 -24.67
C LYS B 297 -8.37 16.87 -23.88
N CYS B 298 -7.67 17.41 -22.86
CA CYS B 298 -6.79 16.61 -22.02
C CYS B 298 -7.60 15.60 -21.19
N THR B 299 -8.73 16.06 -20.66
CA THR B 299 -9.59 15.20 -19.85
C THR B 299 -10.08 13.99 -20.64
N LEU B 300 -10.46 14.22 -21.88
CA LEU B 300 -10.95 13.15 -22.74
C LEU B 300 -9.84 12.39 -23.45
N LYS B 301 -8.60 12.81 -23.22
CA LYS B 301 -7.43 12.21 -23.86
C LYS B 301 -7.53 12.19 -25.39
N SER B 302 -7.95 13.30 -25.97
CA SER B 302 -8.09 13.41 -27.42
C SER B 302 -8.02 14.85 -27.94
N PHE B 303 -7.65 15.02 -29.21
CA PHE B 303 -7.66 16.35 -29.82
C PHE B 303 -9.02 16.69 -30.44
N THR B 304 -9.92 15.71 -30.45
CA THR B 304 -11.25 15.92 -31.00
C THR B 304 -12.29 15.89 -29.91
N VAL B 305 -13.12 16.93 -29.85
CA VAL B 305 -14.19 16.97 -28.88
C VAL B 305 -15.54 17.01 -29.57
N GLU B 306 -16.37 16.03 -29.28
CA GLU B 306 -17.68 15.90 -29.89
C GLU B 306 -18.69 16.80 -29.22
N LYS B 307 -19.76 17.13 -29.94
CA LYS B 307 -20.82 18.00 -29.44
C LYS B 307 -21.41 17.47 -28.15
N GLY B 308 -21.53 18.34 -27.15
CA GLY B 308 -22.12 17.95 -25.88
C GLY B 308 -21.58 18.74 -24.70
N ILE B 309 -21.96 18.32 -23.49
CA ILE B 309 -21.51 18.94 -22.27
C ILE B 309 -20.60 17.99 -21.49
N TYR B 310 -19.42 18.45 -21.14
CA TYR B 310 -18.45 17.60 -20.44
C TYR B 310 -18.08 18.13 -19.07
N GLN B 311 -17.93 17.23 -18.12
CA GLN B 311 -17.42 17.61 -16.82
C GLN B 311 -15.91 17.46 -16.80
N THR B 312 -15.20 18.50 -16.36
CA THR B 312 -13.75 18.40 -16.31
C THR B 312 -13.30 18.28 -14.86
N SER B 313 -13.13 19.41 -14.20
CA SER B 313 -12.67 19.40 -12.83
C SER B 313 -13.35 20.46 -11.96
N ASN B 314 -12.80 20.69 -10.78
CA ASN B 314 -13.34 21.61 -9.79
C ASN B 314 -12.49 22.88 -9.77
N PHE B 315 -12.85 23.81 -8.91
CA PHE B 315 -12.08 25.03 -8.75
C PHE B 315 -12.07 25.36 -7.27
N ARG B 316 -11.07 26.14 -6.85
CA ARG B 316 -10.93 26.57 -5.48
C ARG B 316 -10.17 27.87 -5.38
N VAL B 317 -10.29 28.56 -4.25
CA VAL B 317 -9.53 29.77 -3.99
C VAL B 317 -8.02 29.59 -3.82
N GLN B 318 -7.64 28.49 -3.17
CA GLN B 318 -6.23 28.16 -2.94
C GLN B 318 -5.52 29.17 -2.04
N PRO B 319 -5.87 29.20 -0.73
CA PRO B 319 -5.36 30.11 0.28
C PRO B 319 -3.88 29.90 0.52
N THR B 320 -3.14 30.99 0.74
CA THR B 320 -1.70 30.89 1.03
C THR B 320 -1.33 31.38 2.43
N GLU B 321 -2.27 32.03 3.12
CA GLU B 321 -2.01 32.58 4.45
C GLU B 321 -2.12 31.50 5.51
N SER B 322 -1.45 31.71 6.65
CA SER B 322 -1.51 30.77 7.76
C SER B 322 -1.79 31.50 9.07
N ILE B 323 -2.97 31.26 9.63
CA ILE B 323 -3.41 31.93 10.84
C ILE B 323 -3.28 31.03 12.05
N VAL B 324 -2.30 31.34 12.89
CA VAL B 324 -2.01 30.53 14.07
C VAL B 324 -2.39 31.28 15.34
N ARG B 325 -3.25 30.66 16.15
CA ARG B 325 -3.78 31.31 17.34
C ARG B 325 -3.65 30.44 18.58
N PHE B 326 -3.12 31.02 19.65
CA PHE B 326 -3.01 30.34 20.94
C PHE B 326 -3.49 31.25 22.07
N PRO B 327 -3.83 30.70 23.27
CA PRO B 327 -4.23 31.52 24.42
C PRO B 327 -3.03 32.29 24.98
N ASN B 328 -3.25 33.48 25.56
CA ASN B 328 -2.11 34.31 26.02
C ASN B 328 -1.29 33.53 27.04
N ILE B 329 0.05 33.64 26.97
CA ILE B 329 0.93 32.98 27.98
C ILE B 329 0.87 33.85 29.25
N THR B 330 -0.01 33.51 30.19
CA THR B 330 -0.20 34.38 31.38
C THR B 330 0.72 33.96 32.54
N ASN B 331 0.67 32.69 32.95
CA ASN B 331 1.46 32.25 34.13
C ASN B 331 2.96 32.23 33.79
N LEU B 332 3.55 33.40 33.53
CA LEU B 332 4.99 33.41 33.30
C LEU B 332 5.70 32.73 34.46
N CYS B 333 6.71 31.91 34.10
CA CYS B 333 7.49 31.14 35.10
C CYS B 333 8.48 32.06 35.81
N PRO B 334 8.40 32.13 37.15
CA PRO B 334 9.11 33.04 38.02
C PRO B 334 10.59 32.74 38.14
N PHE B 335 11.33 32.95 37.06
CA PHE B 335 12.77 32.79 37.10
C PHE B 335 13.41 33.99 37.78
N ASP B 336 12.61 35.01 38.05
CA ASP B 336 13.08 36.22 38.69
C ASP B 336 13.73 35.92 40.03
N GLU B 337 13.17 34.95 40.76
CA GLU B 337 13.67 34.61 42.08
C GLU B 337 14.88 33.68 42.02
N VAL B 338 15.25 33.28 40.81
CA VAL B 338 16.39 32.41 40.60
C VAL B 338 17.62 33.22 40.23
N PHE B 339 17.43 34.16 39.30
CA PHE B 339 18.55 34.93 38.77
C PHE B 339 18.68 36.36 39.32
N ASN B 340 17.56 36.98 39.75
CA ASN B 340 17.55 38.36 40.25
C ASN B 340 17.36 38.42 41.77
N ALA B 341 17.72 37.32 42.46
CA ALA B 341 17.65 37.23 43.93
C ALA B 341 18.62 38.20 44.58
N THR B 342 18.25 38.74 45.73
CA THR B 342 19.14 39.65 46.45
C THR B 342 20.12 38.89 47.31
N ARG B 343 19.86 37.61 47.53
CA ARG B 343 20.74 36.79 48.34
C ARG B 343 20.97 35.42 47.73
N PHE B 344 22.23 35.03 47.61
CA PHE B 344 22.58 33.70 47.12
C PHE B 344 23.24 32.89 48.23
N ALA B 345 23.07 31.58 48.17
CA ALA B 345 23.60 30.67 49.16
C ALA B 345 25.09 30.40 48.95
N SER B 346 25.75 29.99 50.03
CA SER B 346 27.12 29.52 49.95
C SER B 346 27.19 28.20 49.24
N VAL B 347 28.33 27.88 48.65
CA VAL B 347 28.45 26.66 47.87
C VAL B 347 28.35 25.41 48.73
N TYR B 348 28.80 25.47 49.97
CA TYR B 348 28.72 24.31 50.86
C TYR B 348 27.27 24.01 51.20
N ALA B 349 26.40 25.00 51.02
CA ALA B 349 25.00 24.89 51.38
C ALA B 349 24.13 25.44 50.26
N TRP B 350 24.21 24.82 49.09
CA TRP B 350 23.54 25.33 47.91
C TRP B 350 22.03 25.28 48.05
N ASN B 351 21.34 26.26 47.46
CA ASN B 351 19.89 26.39 47.60
C ASN B 351 19.11 25.89 46.39
N ARG B 352 18.23 24.92 46.63
CA ARG B 352 17.38 24.37 45.57
C ARG B 352 15.92 24.76 45.74
N LYS B 353 15.29 25.11 44.62
CA LYS B 353 13.84 25.29 44.59
C LYS B 353 13.24 24.58 43.38
N ARG B 354 12.03 24.06 43.54
CA ARG B 354 11.35 23.35 42.45
C ARG B 354 10.58 24.29 41.55
N ILE B 355 10.65 24.03 40.24
CA ILE B 355 9.89 24.75 39.24
C ILE B 355 8.89 23.83 38.55
N SER B 356 7.62 24.24 38.52
CA SER B 356 6.56 23.44 37.92
C SER B 356 5.35 24.30 37.59
N ASN B 357 4.46 23.77 36.75
CA ASN B 357 3.19 24.42 36.44
C ASN B 357 3.37 25.88 36.02
N CYS B 358 4.17 26.12 34.96
CA CYS B 358 4.49 27.47 34.51
C CYS B 358 4.89 27.49 33.04
N VAL B 359 4.97 28.70 32.48
CA VAL B 359 5.50 28.86 31.12
C VAL B 359 6.94 29.35 31.16
N ALA B 360 7.84 28.48 30.76
CA ALA B 360 9.26 28.73 30.92
C ALA B 360 9.83 29.55 29.77
N ASP B 361 9.87 30.86 29.97
CA ASP B 361 10.48 31.77 29.03
C ASP B 361 11.96 31.88 29.37
N TYR B 362 12.80 31.33 28.50
CA TYR B 362 14.23 31.24 28.79
C TYR B 362 15.01 32.39 28.18
N SER B 363 14.32 33.41 27.69
CA SER B 363 14.99 34.57 27.11
C SER B 363 15.27 35.63 28.16
N VAL B 364 14.54 35.57 29.27
CA VAL B 364 14.60 36.59 30.31
C VAL B 364 15.90 36.53 31.09
N LEU B 365 16.62 35.43 30.96
CA LEU B 365 17.85 35.20 31.72
C LEU B 365 19.11 35.54 30.92
N TYR B 366 18.94 36.16 29.76
CA TYR B 366 20.09 36.59 28.97
C TYR B 366 20.31 38.10 29.09
N ASN B 367 19.61 38.72 30.03
CA ASN B 367 19.74 40.15 30.30
C ASN B 367 20.15 40.39 31.76
N LEU B 368 20.93 39.47 32.30
CA LEU B 368 21.32 39.51 33.70
C LEU B 368 22.66 40.23 33.90
N ALA B 369 23.55 40.04 32.94
CA ALA B 369 24.92 40.48 33.02
C ALA B 369 25.58 40.30 31.67
N PRO B 370 26.78 40.88 31.41
CA PRO B 370 27.40 40.80 30.08
C PRO B 370 27.32 39.39 29.51
N PHE B 371 28.24 38.50 29.92
CA PHE B 371 28.27 37.10 29.43
C PHE B 371 29.61 36.48 29.82
N PHE B 372 29.58 35.35 30.54
CA PHE B 372 30.83 34.74 31.00
C PHE B 372 30.84 33.25 30.72
N THR B 373 29.98 32.50 31.41
CA THR B 373 29.90 31.06 31.18
C THR B 373 28.46 30.62 30.93
N PHE B 374 28.29 29.84 29.86
CA PHE B 374 27.01 29.22 29.57
C PHE B 374 27.20 27.94 28.77
N LYS B 375 26.67 26.85 29.29
CA LYS B 375 26.77 25.56 28.62
C LYS B 375 25.55 24.70 28.93
N CYS B 376 25.08 23.94 27.93
CA CYS B 376 23.99 23.01 28.10
C CYS B 376 24.45 21.55 28.01
N TYR B 377 23.53 20.63 27.97
CA TYR B 377 23.80 19.19 28.09
C TYR B 377 22.51 18.41 27.92
N GLY B 378 22.41 17.72 26.79
CA GLY B 378 21.21 16.96 26.47
C GLY B 378 20.13 17.84 25.85
N VAL B 379 20.40 19.15 25.82
CA VAL B 379 19.43 20.11 25.30
C VAL B 379 20.11 21.26 24.56
N SER B 380 19.47 21.72 23.49
CA SER B 380 19.94 22.88 22.74
C SER B 380 19.38 24.18 23.33
N PRO B 381 20.21 25.22 23.50
CA PRO B 381 19.87 26.57 23.93
C PRO B 381 18.73 27.18 23.12
N THR B 382 18.57 26.73 21.88
CA THR B 382 17.56 27.30 21.00
C THR B 382 16.28 26.48 20.93
N LYS B 383 16.24 25.39 21.69
CA LYS B 383 15.06 24.53 21.75
C LYS B 383 14.44 24.58 23.14
N LEU B 384 14.97 25.47 23.98
CA LEU B 384 14.50 25.60 25.35
C LEU B 384 13.09 26.18 25.42
N ASN B 385 12.79 27.12 24.53
CA ASN B 385 11.46 27.72 24.48
C ASN B 385 10.53 26.88 23.62
N ASP B 386 10.47 25.59 23.94
CA ASP B 386 9.69 24.63 23.17
C ASP B 386 9.48 23.36 23.98
N LEU B 387 10.57 22.69 24.32
CA LEU B 387 10.49 21.45 25.09
C LEU B 387 9.79 21.69 26.42
N CYS B 388 8.83 20.80 26.74
CA CYS B 388 8.10 20.91 28.01
C CYS B 388 8.55 19.81 28.96
N PHE B 389 9.00 20.23 30.14
CA PHE B 389 9.67 19.34 31.08
C PHE B 389 8.76 18.86 32.20
N THR B 390 9.04 17.66 32.70
CA THR B 390 8.28 17.06 33.80
C THR B 390 8.60 17.81 35.08
N ASN B 391 9.88 18.08 35.29
CA ASN B 391 10.36 18.80 36.46
C ASN B 391 11.55 19.68 36.10
N VAL B 392 11.60 20.87 36.67
CA VAL B 392 12.78 21.71 36.54
C VAL B 392 13.26 22.15 37.91
N TYR B 393 14.55 22.01 38.18
CA TYR B 393 15.08 22.45 39.46
C TYR B 393 16.17 23.50 39.29
N ALA B 394 16.14 24.53 40.12
CA ALA B 394 17.15 25.58 40.06
C ALA B 394 18.02 25.56 41.30
N ASP B 395 19.29 25.23 41.12
CA ASP B 395 20.26 25.18 42.21
C ASP B 395 21.22 26.37 42.14
N SER B 396 21.20 27.22 43.16
CA SER B 396 22.02 28.42 43.12
C SER B 396 23.08 28.46 44.23
N PHE B 397 24.23 29.05 43.91
CA PHE B 397 25.34 29.20 44.87
C PHE B 397 26.40 30.20 44.39
N VAL B 398 27.25 30.64 45.33
CA VAL B 398 28.36 31.55 45.00
C VAL B 398 29.74 30.92 45.19
N ILE B 399 30.54 30.99 44.14
CA ILE B 399 31.91 30.45 44.11
C ILE B 399 32.90 31.42 43.48
N ARG B 400 34.17 31.04 43.43
CA ARG B 400 35.17 31.82 42.71
C ARG B 400 35.08 31.54 41.22
N GLY B 401 35.48 32.51 40.41
CA GLY B 401 35.44 32.35 38.96
C GLY B 401 36.22 31.13 38.47
N ASP B 402 37.36 30.83 39.10
CA ASP B 402 38.18 29.71 38.67
C ASP B 402 37.56 28.36 39.03
N GLU B 403 36.51 28.38 39.83
CA GLU B 403 35.84 27.15 40.25
C GLU B 403 34.61 26.85 39.39
N VAL B 404 34.28 27.78 38.51
CA VAL B 404 33.10 27.62 37.66
C VAL B 404 33.24 26.40 36.75
N ARG B 405 34.48 26.13 36.33
CA ARG B 405 34.77 25.02 35.46
C ARG B 405 34.52 23.65 36.11
N GLN B 406 34.38 23.63 37.43
CA GLN B 406 34.19 22.36 38.13
C GLN B 406 32.73 21.91 38.10
N ILE B 407 31.82 22.81 37.75
CA ILE B 407 30.42 22.46 37.75
C ILE B 407 30.03 21.91 36.39
N ALA B 408 30.40 20.65 36.18
CA ALA B 408 30.14 19.94 34.94
C ALA B 408 30.35 18.45 35.16
N PRO B 409 29.73 17.60 34.34
CA PRO B 409 29.93 16.16 34.25
C PRO B 409 31.41 15.82 34.05
N GLY B 410 31.89 14.85 34.80
CA GLY B 410 33.25 14.35 34.64
C GLY B 410 34.32 15.19 35.33
N GLN B 411 33.92 16.20 36.09
CA GLN B 411 34.92 17.07 36.71
C GLN B 411 35.24 16.68 38.15
N THR B 412 36.42 17.09 38.60
CA THR B 412 36.91 16.85 39.97
C THR B 412 37.87 17.97 40.39
N GLY B 413 38.02 18.16 41.70
CA GLY B 413 38.89 19.22 42.21
C GLY B 413 38.63 19.51 43.69
N ASN B 414 37.67 20.38 43.97
CA ASN B 414 37.26 20.70 45.33
C ASN B 414 35.75 20.84 45.42
N ILE B 415 35.21 21.75 44.62
CA ILE B 415 33.78 22.02 44.66
C ILE B 415 33.03 20.81 44.15
N ALA B 416 33.52 20.24 43.05
CA ALA B 416 32.88 19.07 42.46
C ALA B 416 32.79 17.93 43.46
N ASP B 417 33.78 17.79 44.34
CA ASP B 417 33.84 16.64 45.22
C ASP B 417 33.22 16.87 46.60
N TYR B 418 33.41 18.06 47.18
CA TYR B 418 33.01 18.30 48.56
C TYR B 418 31.85 19.28 48.75
N ASN B 419 31.44 19.99 47.69
CA ASN B 419 30.42 21.02 47.86
C ASN B 419 29.21 20.83 46.95
N TYR B 420 29.44 20.62 45.67
CA TYR B 420 28.36 20.51 44.69
C TYR B 420 28.73 19.62 43.52
N LYS B 421 28.21 18.39 43.52
CA LYS B 421 28.54 17.40 42.50
C LYS B 421 27.41 17.24 41.49
N LEU B 422 27.75 17.27 40.20
CA LEU B 422 26.79 16.93 39.16
C LEU B 422 27.06 15.51 38.66
N PRO B 423 26.02 14.79 38.26
CA PRO B 423 26.07 13.46 37.69
C PRO B 423 26.66 13.46 36.29
N ASP B 424 27.23 12.33 35.89
CA ASP B 424 27.84 12.20 34.57
C ASP B 424 26.81 12.25 33.45
N ASP B 425 25.56 11.96 33.79
CA ASP B 425 24.46 11.99 32.83
C ASP B 425 23.56 13.21 33.05
N PHE B 426 24.10 14.26 33.67
CA PHE B 426 23.35 15.47 33.91
C PHE B 426 22.74 16.04 32.64
N THR B 427 21.47 16.42 32.75
CA THR B 427 20.76 17.07 31.66
C THR B 427 20.26 18.43 32.15
N GLY B 428 20.57 19.47 31.39
CA GLY B 428 20.19 20.80 31.79
C GLY B 428 21.16 21.85 31.26
N CYS B 429 21.00 23.09 31.73
CA CYS B 429 21.85 24.20 31.32
C CYS B 429 22.41 24.94 32.54
N VAL B 430 23.68 25.33 32.45
CA VAL B 430 24.34 26.04 33.55
C VAL B 430 24.67 27.47 33.17
N ILE B 431 24.28 28.40 34.03
CA ILE B 431 24.48 29.83 33.81
C ILE B 431 25.30 30.45 34.93
N ALA B 432 26.35 31.19 34.58
CA ALA B 432 27.15 31.86 35.61
C ALA B 432 27.62 33.23 35.13
N TRP B 433 27.68 34.19 36.08
CA TRP B 433 28.13 35.53 35.75
C TRP B 433 28.86 36.20 36.90
N ASN B 434 29.62 37.23 36.58
CA ASN B 434 30.44 37.97 37.54
C ASN B 434 29.57 38.88 38.41
N SER B 435 29.64 38.67 39.73
CA SER B 435 28.81 39.41 40.67
C SER B 435 29.62 40.28 41.62
N ASN B 436 30.88 40.54 41.26
CA ASN B 436 31.78 41.33 42.10
C ASN B 436 31.13 42.62 42.60
N LYS B 437 30.49 43.35 41.70
CA LYS B 437 29.94 44.67 42.01
C LYS B 437 28.87 44.63 43.11
N LEU B 438 28.32 43.46 43.39
CA LEU B 438 27.30 43.33 44.43
C LEU B 438 27.82 42.61 45.66
N ASP B 439 28.65 41.59 45.45
CA ASP B 439 29.08 40.71 46.54
C ASP B 439 30.41 41.06 47.20
N SER B 440 31.31 41.76 46.50
CA SER B 440 32.64 41.99 47.08
C SER B 440 32.62 43.07 48.14
N LYS B 441 33.64 43.07 49.00
CA LYS B 441 33.82 44.11 50.02
C LYS B 441 35.26 44.55 50.07
N VAL B 442 35.49 45.76 50.58
CA VAL B 442 36.84 46.33 50.56
C VAL B 442 37.85 45.46 51.29
N SER B 443 37.47 44.96 52.47
CA SER B 443 38.37 44.10 53.25
C SER B 443 38.13 42.62 52.95
N GLY B 444 37.10 42.35 52.15
CA GLY B 444 36.79 40.98 51.77
C GLY B 444 35.48 40.48 52.36
N ASN B 445 34.63 39.92 51.51
CA ASN B 445 33.36 39.35 51.95
C ASN B 445 33.58 37.93 52.47
N TYR B 446 33.49 37.78 53.78
CA TYR B 446 33.80 36.52 54.46
C TYR B 446 32.56 35.70 54.78
N ASN B 447 31.41 36.09 54.23
CA ASN B 447 30.16 35.40 54.55
C ASN B 447 29.86 34.25 53.59
N TYR B 448 30.76 34.00 52.65
CA TYR B 448 30.60 32.88 51.73
C TYR B 448 31.58 31.76 52.06
N LEU B 449 31.03 30.60 52.39
CA LEU B 449 31.85 29.47 52.85
C LEU B 449 31.86 28.28 51.89
N TYR B 450 32.94 27.52 51.94
CA TYR B 450 33.07 26.27 51.21
C TYR B 450 33.76 25.22 52.06
N ARG B 451 33.49 23.95 51.76
CA ARG B 451 34.08 22.86 52.51
C ARG B 451 35.45 22.48 51.98
N LEU B 452 36.42 22.40 52.88
CA LEU B 452 37.78 22.02 52.54
C LEU B 452 38.14 20.62 53.06
N PHE B 453 37.69 20.32 54.28
CA PHE B 453 38.01 19.02 54.89
C PHE B 453 36.82 18.08 54.87
N ARG B 454 37.01 16.92 54.22
CA ARG B 454 35.93 15.98 54.02
C ARG B 454 36.45 14.54 53.90
N LYS B 455 35.80 13.61 54.61
CA LYS B 455 36.20 12.21 54.62
C LYS B 455 36.09 11.51 53.26
N SER B 456 35.04 11.83 52.51
CA SER B 456 34.82 11.18 51.22
C SER B 456 34.06 12.08 50.25
N ASN B 457 34.13 11.74 48.96
CA ASN B 457 33.45 12.50 47.92
C ASN B 457 31.93 12.39 48.02
N LEU B 458 31.24 13.46 47.63
CA LEU B 458 29.78 13.50 47.64
C LEU B 458 29.18 12.83 46.41
N LYS B 459 27.94 12.36 46.58
CA LYS B 459 27.14 11.86 45.47
C LYS B 459 26.53 13.06 44.74
N PRO B 460 26.10 12.90 43.48
CA PRO B 460 25.40 13.89 42.69
C PRO B 460 24.22 14.48 43.43
N PHE B 461 24.16 15.81 43.46
CA PHE B 461 23.11 16.56 44.13
C PHE B 461 22.99 16.26 45.62
N GLU B 462 24.07 15.78 46.22
CA GLU B 462 24.13 15.61 47.67
C GLU B 462 24.61 16.90 48.32
N ARG B 463 24.16 17.16 49.54
CA ARG B 463 24.62 18.31 50.30
C ARG B 463 24.98 17.93 51.72
N ASP B 464 25.88 18.69 52.32
CA ASP B 464 26.26 18.50 53.71
C ASP B 464 26.38 19.84 54.42
N ILE B 465 25.49 20.07 55.37
CA ILE B 465 25.36 21.36 56.04
C ILE B 465 26.04 21.32 57.42
N SER B 466 26.61 20.16 57.75
CA SER B 466 27.24 19.93 59.05
C SER B 466 28.51 20.76 59.25
N THR B 467 28.74 21.22 60.48
CA THR B 467 29.97 21.92 60.83
C THR B 467 30.75 21.15 61.90
N GLU B 468 30.45 19.87 62.00
CA GLU B 468 31.08 18.99 62.98
C GLU B 468 32.60 18.92 62.76
N ILE B 469 33.37 18.91 63.85
CA ILE B 469 34.83 18.91 63.75
C ILE B 469 35.34 17.69 63.01
N TYR B 470 36.26 17.94 62.08
CA TYR B 470 36.85 16.88 61.28
C TYR B 470 38.16 16.40 61.89
N GLN B 471 38.26 15.10 62.08
CA GLN B 471 39.47 14.48 62.60
C GLN B 471 40.36 14.04 61.47
N ALA B 472 41.54 14.62 61.37
CA ALA B 472 42.44 14.31 60.28
C ALA B 472 43.48 13.29 60.75
N GLY B 473 43.75 13.27 62.05
CA GLY B 473 44.76 12.39 62.62
C GLY B 473 44.18 11.08 63.13
N ASN B 474 44.97 10.37 63.94
CA ASN B 474 44.58 9.08 64.50
C ASN B 474 44.19 9.20 65.97
N LYS B 475 43.94 10.43 66.41
CA LYS B 475 43.53 10.67 67.79
C LYS B 475 42.36 11.67 67.83
N PRO B 476 41.40 11.47 68.74
CA PRO B 476 40.28 12.35 69.02
C PRO B 476 40.75 13.63 69.72
N CYS B 477 40.29 14.78 69.23
CA CYS B 477 40.61 16.09 69.81
C CYS B 477 39.47 16.61 70.68
N ASN B 478 38.32 15.94 70.62
CA ASN B 478 37.18 16.28 71.44
C ASN B 478 36.76 17.75 71.30
N GLY B 479 36.82 18.28 70.09
CA GLY B 479 36.40 19.66 69.86
C GLY B 479 37.55 20.68 69.88
N VAL B 480 38.74 20.26 70.33
CA VAL B 480 39.87 21.19 70.43
C VAL B 480 40.66 21.31 69.14
N ALA B 481 40.59 22.48 68.50
CA ALA B 481 41.18 22.68 67.19
C ALA B 481 42.70 22.87 67.27
N GLY B 482 43.41 21.77 67.45
CA GLY B 482 44.87 21.77 67.57
C GLY B 482 45.52 21.10 66.36
N PHE B 483 46.25 20.00 66.61
CA PHE B 483 46.92 19.27 65.54
C PHE B 483 46.02 18.21 64.93
N ASN B 484 46.00 18.16 63.59
CA ASN B 484 45.20 17.20 62.85
C ASN B 484 43.72 17.21 63.30
N CYS B 485 43.20 18.43 63.49
CA CYS B 485 41.83 18.72 63.92
C CYS B 485 41.44 20.07 63.31
N TYR B 486 40.35 20.07 62.54
CA TYR B 486 40.00 21.22 61.71
C TYR B 486 38.50 21.59 61.73
N PHE B 487 38.19 22.89 61.55
CA PHE B 487 36.82 23.31 61.21
C PHE B 487 36.66 23.12 59.70
N PRO B 488 35.69 22.32 59.22
CA PRO B 488 35.49 21.90 57.85
C PRO B 488 35.46 23.01 56.82
N LEU B 489 34.90 24.17 57.21
CA LEU B 489 34.65 25.23 56.25
C LEU B 489 35.71 26.33 56.26
N ARG B 490 35.86 26.97 55.11
CA ARG B 490 36.72 28.13 54.94
C ARG B 490 35.98 29.22 54.18
N SER B 491 36.40 30.46 54.35
CA SER B 491 35.77 31.58 53.67
C SER B 491 36.51 31.97 52.40
N TYR B 492 35.83 32.68 51.52
CA TYR B 492 36.46 33.15 50.28
C TYR B 492 37.13 34.51 50.41
N SER B 493 36.53 35.40 51.19
CA SER B 493 37.04 36.77 51.33
C SER B 493 37.17 37.48 49.97
N PHE B 494 36.03 37.72 49.34
CA PHE B 494 36.00 38.34 48.00
C PHE B 494 36.27 39.85 48.06
N ARG B 495 37.22 40.32 47.24
CA ARG B 495 37.61 41.74 47.24
C ARG B 495 37.57 42.38 45.84
N PRO B 496 37.29 43.69 45.74
CA PRO B 496 37.35 44.53 44.55
C PRO B 496 38.73 44.55 43.89
N THR B 497 39.77 44.23 44.65
CA THR B 497 41.13 44.30 44.13
C THR B 497 41.54 43.00 43.46
N TYR B 498 40.71 41.97 43.56
CA TYR B 498 41.02 40.68 42.97
C TYR B 498 40.87 40.69 41.46
N GLY B 499 41.73 39.95 40.77
CA GLY B 499 41.65 39.82 39.32
C GLY B 499 40.71 38.70 38.90
N VAL B 500 40.63 38.46 37.59
CA VAL B 500 39.73 37.45 37.06
C VAL B 500 40.09 36.07 37.57
N GLY B 501 39.08 35.34 38.04
CA GLY B 501 39.25 34.01 38.58
C GLY B 501 39.17 34.00 40.10
N HIS B 502 39.47 35.15 40.71
CA HIS B 502 39.42 35.28 42.16
C HIS B 502 38.17 36.06 42.59
N GLN B 503 37.49 36.66 41.62
CA GLN B 503 36.26 37.39 41.86
C GLN B 503 35.11 36.38 42.01
N PRO B 504 34.05 36.74 42.74
CA PRO B 504 32.86 35.94 42.96
C PRO B 504 32.00 35.83 41.72
N TYR B 505 31.44 34.64 41.51
CA TYR B 505 30.49 34.39 40.45
C TYR B 505 29.22 33.75 40.99
N ARG B 506 28.09 34.19 40.47
CA ARG B 506 26.80 33.60 40.82
C ARG B 506 26.46 32.51 39.85
N VAL B 507 26.25 31.31 40.36
CA VAL B 507 26.01 30.17 39.50
C VAL B 507 24.62 29.59 39.71
N VAL B 508 23.90 29.41 38.60
CA VAL B 508 22.60 28.79 38.61
C VAL B 508 22.58 27.58 37.69
N VAL B 509 22.22 26.44 38.24
CA VAL B 509 22.11 25.23 37.45
C VAL B 509 20.66 24.83 37.27
N LEU B 510 20.21 24.78 36.02
CA LEU B 510 18.84 24.39 35.74
C LEU B 510 18.78 22.94 35.28
N SER B 511 18.27 22.09 36.16
CA SER B 511 18.17 20.67 35.89
C SER B 511 16.87 20.36 35.17
N PHE B 512 16.97 19.78 33.99
CA PHE B 512 15.81 19.53 33.15
C PHE B 512 15.44 18.06 33.09
N GLU B 513 14.29 17.71 33.65
CA GLU B 513 13.80 16.34 33.61
C GLU B 513 12.81 16.18 32.46
N ALA B 517 6.46 11.21 30.87
CA ALA B 517 5.46 11.54 31.89
C ALA B 517 4.86 12.91 31.58
N PRO B 518 3.64 13.19 32.03
CA PRO B 518 2.94 14.46 31.86
C PRO B 518 3.87 15.60 32.24
N ALA B 519 4.01 16.56 31.34
CA ALA B 519 4.93 17.68 31.57
C ALA B 519 4.18 18.91 32.06
N THR B 520 4.85 19.72 32.88
CA THR B 520 4.20 20.90 33.43
C THR B 520 4.96 22.20 33.17
N VAL B 521 6.23 22.11 32.75
CA VAL B 521 7.00 23.32 32.49
C VAL B 521 7.24 23.47 30.98
N CYS B 522 6.37 24.23 30.32
CA CYS B 522 6.32 24.32 28.86
C CYS B 522 6.84 25.67 28.37
N GLY B 523 7.36 25.69 27.15
CA GLY B 523 7.78 26.96 26.56
C GLY B 523 6.56 27.74 26.11
N PRO B 524 6.74 29.01 25.76
CA PRO B 524 5.74 29.93 25.25
C PRO B 524 5.36 29.59 23.82
N LYS B 525 4.16 30.01 23.42
CA LYS B 525 3.71 29.82 22.04
C LYS B 525 3.55 31.15 21.34
N LYS B 526 3.87 31.18 20.05
CA LYS B 526 3.72 32.38 19.24
C LYS B 526 2.37 32.37 18.51
N SER B 527 1.89 33.55 18.14
CA SER B 527 0.64 33.65 17.42
C SER B 527 0.59 34.86 16.51
N THR B 528 -0.36 34.87 15.59
CA THR B 528 -0.56 35.97 14.66
C THR B 528 -1.97 36.55 14.74
N ASN B 529 -2.28 37.49 13.85
CA ASN B 529 -3.58 38.14 13.83
C ASN B 529 -4.63 37.24 13.23
N LEU B 530 -5.88 37.45 13.62
CA LEU B 530 -7.00 36.68 13.12
C LEU B 530 -7.61 37.33 11.88
N VAL B 531 -7.77 36.54 10.82
CA VAL B 531 -8.35 37.02 9.56
C VAL B 531 -9.74 36.44 9.33
N LYS B 532 -10.71 37.32 9.12
CA LYS B 532 -12.09 36.90 8.89
C LYS B 532 -12.55 37.16 7.46
N ASN B 533 -13.52 36.36 7.02
CA ASN B 533 -14.22 36.55 5.75
C ASN B 533 -13.29 36.58 4.54
N LYS B 534 -12.25 35.75 4.55
CA LYS B 534 -11.33 35.70 3.41
C LYS B 534 -11.22 34.29 2.83
N CYS B 535 -10.33 33.47 3.41
CA CYS B 535 -9.95 32.11 3.00
C CYS B 535 -8.50 31.88 3.38
N VAL B 536 -8.29 31.16 4.47
CA VAL B 536 -6.95 30.99 5.01
C VAL B 536 -6.67 29.56 5.43
N ASN B 537 -5.41 29.26 5.69
CA ASN B 537 -5.08 28.06 6.43
C ASN B 537 -5.02 28.48 7.89
N PHE B 538 -5.27 27.56 8.82
CA PHE B 538 -5.29 27.97 10.22
C PHE B 538 -4.96 26.87 11.21
N ASN B 539 -4.53 27.29 12.40
CA ASN B 539 -4.34 26.37 13.53
C ASN B 539 -4.79 27.03 14.83
N PHE B 540 -5.91 26.53 15.38
CA PHE B 540 -6.49 27.10 16.59
C PHE B 540 -6.25 26.22 17.81
N ASN B 541 -5.26 26.59 18.61
CA ASN B 541 -4.91 25.83 19.81
C ASN B 541 -4.80 24.33 19.52
N GLY B 542 -4.18 23.98 18.40
CA GLY B 542 -3.97 22.59 18.05
C GLY B 542 -4.96 22.06 16.99
N LEU B 543 -6.04 22.79 16.73
CA LEU B 543 -7.01 22.33 15.74
C LEU B 543 -6.65 22.86 14.36
N LYS B 544 -5.99 22.02 13.55
CA LYS B 544 -5.50 22.43 12.25
C LYS B 544 -6.57 22.20 11.18
N GLY B 545 -6.63 23.11 10.23
CA GLY B 545 -7.53 22.93 9.10
C GLY B 545 -7.42 24.09 8.13
N THR B 546 -8.25 24.06 7.10
CA THR B 546 -8.26 25.12 6.10
C THR B 546 -9.69 25.55 5.79
N GLY B 547 -9.85 26.76 5.27
CA GLY B 547 -11.16 27.23 4.84
C GLY B 547 -11.42 28.69 5.21
N VAL B 548 -12.68 29.08 5.12
CA VAL B 548 -13.08 30.46 5.40
C VAL B 548 -13.65 30.56 6.80
N LEU B 549 -13.17 31.55 7.55
CA LEU B 549 -13.61 31.81 8.90
C LEU B 549 -14.61 32.96 8.92
N THR B 550 -15.84 32.68 9.36
CA THR B 550 -16.89 33.70 9.38
C THR B 550 -17.55 33.79 10.74
N GLU B 551 -18.45 34.75 10.91
CA GLU B 551 -19.18 34.89 12.17
C GLU B 551 -20.09 33.69 12.39
N SER B 552 -20.14 33.21 13.63
CA SER B 552 -20.96 32.05 13.95
C SER B 552 -22.12 32.38 14.89
N ASN B 553 -23.22 31.67 14.71
CA ASN B 553 -24.37 31.76 15.61
C ASN B 553 -24.61 30.45 16.34
N LYS B 554 -23.54 29.67 16.53
CA LYS B 554 -23.65 28.40 17.24
C LYS B 554 -23.59 28.63 18.75
N LYS B 555 -24.59 28.12 19.45
CA LYS B 555 -24.68 28.32 20.89
C LYS B 555 -23.84 27.34 21.68
N PHE B 556 -22.53 27.57 21.67
CA PHE B 556 -21.58 26.73 22.39
C PHE B 556 -21.77 26.84 23.89
N LEU B 557 -21.56 25.74 24.60
CA LEU B 557 -21.58 25.74 26.04
C LEU B 557 -20.25 26.31 26.55
N PRO B 558 -20.21 26.85 27.77
CA PRO B 558 -19.05 27.49 28.40
C PRO B 558 -17.78 26.63 28.41
N PHE B 559 -17.94 25.30 28.30
CA PHE B 559 -16.79 24.41 28.36
C PHE B 559 -16.42 23.80 27.01
N GLN B 560 -17.10 24.21 25.95
CA GLN B 560 -16.86 23.64 24.63
C GLN B 560 -15.92 24.49 23.80
N GLN B 561 -14.98 23.83 23.11
CA GLN B 561 -13.94 24.55 22.37
C GLN B 561 -14.13 24.50 20.86
N PHE B 562 -14.82 23.48 20.36
CA PHE B 562 -15.05 23.34 18.93
C PHE B 562 -16.28 22.49 18.68
N GLY B 563 -16.81 22.53 17.48
CA GLY B 563 -18.02 21.75 17.16
C GLY B 563 -17.82 20.89 15.92
N ARG B 564 -18.77 20.00 15.68
CA ARG B 564 -18.72 19.11 14.52
C ARG B 564 -20.06 18.97 13.82
N ASP B 565 -20.01 18.61 12.54
CA ASP B 565 -21.21 18.38 11.73
C ASP B 565 -21.74 16.95 11.90
N ILE B 566 -22.71 16.58 11.08
CA ILE B 566 -23.36 15.28 11.16
C ILE B 566 -22.44 14.11 10.79
N ALA B 567 -21.29 14.43 10.20
CA ALA B 567 -20.33 13.41 9.78
C ALA B 567 -19.13 13.43 10.72
N ASP B 568 -19.32 14.06 11.88
CA ASP B 568 -18.29 14.14 12.90
C ASP B 568 -17.02 14.82 12.37
N THR B 569 -17.21 15.84 11.54
CA THR B 569 -16.10 16.63 11.03
C THR B 569 -16.18 18.06 11.55
N THR B 570 -15.05 18.58 12.02
CA THR B 570 -15.02 19.91 12.63
C THR B 570 -15.55 20.97 11.69
N ASP B 571 -16.50 21.77 12.17
CA ASP B 571 -17.07 22.83 11.35
C ASP B 571 -17.15 24.15 12.11
N ALA B 572 -16.54 24.19 13.28
CA ALA B 572 -16.49 25.41 14.06
C ALA B 572 -15.40 25.31 15.11
N VAL B 573 -14.75 26.42 15.40
CA VAL B 573 -13.76 26.46 16.47
C VAL B 573 -13.93 27.70 17.34
N ARG B 574 -13.45 27.63 18.57
CA ARG B 574 -13.40 28.80 19.43
C ARG B 574 -12.01 29.41 19.37
N ASP B 575 -11.94 30.72 19.15
CA ASP B 575 -10.66 31.41 19.15
C ASP B 575 -10.15 31.50 20.59
N PRO B 576 -8.97 30.96 20.87
CA PRO B 576 -8.39 30.78 22.20
C PRO B 576 -8.08 32.10 22.90
N GLN B 577 -8.06 33.20 22.17
CA GLN B 577 -7.73 34.48 22.78
C GLN B 577 -8.98 35.34 22.96
N THR B 578 -9.84 35.37 21.95
CA THR B 578 -11.02 36.22 22.00
C THR B 578 -12.24 35.46 22.47
N LEU B 579 -12.15 34.12 22.45
CA LEU B 579 -13.22 33.22 22.84
C LEU B 579 -14.44 33.33 21.93
N GLU B 580 -14.25 33.90 20.75
CA GLU B 580 -15.30 34.00 19.74
C GLU B 580 -15.44 32.69 18.97
N ILE B 581 -16.62 32.45 18.42
CA ILE B 581 -16.83 31.25 17.63
C ILE B 581 -16.76 31.55 16.14
N LEU B 582 -15.89 30.81 15.46
CA LEU B 582 -15.69 30.98 14.03
C LEU B 582 -16.29 29.83 13.26
N ASP B 583 -17.15 30.17 12.31
CA ASP B 583 -17.83 29.19 11.48
C ASP B 583 -16.92 28.82 10.32
N ILE B 584 -16.63 27.53 10.17
CA ILE B 584 -15.69 27.10 9.15
C ILE B 584 -16.38 26.43 7.97
N THR B 585 -16.23 27.02 6.80
CA THR B 585 -16.71 26.40 5.57
C THR B 585 -15.55 26.29 4.60
N PRO B 586 -15.63 25.39 3.62
CA PRO B 586 -14.71 25.29 2.50
C PRO B 586 -14.74 26.59 1.71
N CYS B 587 -13.61 26.93 1.08
CA CYS B 587 -13.53 28.11 0.24
C CYS B 587 -14.30 27.83 -1.05
N SER B 588 -14.83 28.88 -1.67
CA SER B 588 -15.74 28.69 -2.80
C SER B 588 -15.24 27.63 -3.76
N PHE B 589 -16.12 26.70 -4.11
CA PHE B 589 -15.80 25.58 -4.99
C PHE B 589 -17.07 25.11 -5.69
N GLY B 590 -16.92 24.21 -6.66
CA GLY B 590 -18.05 23.63 -7.37
C GLY B 590 -17.61 22.99 -8.68
N GLY B 591 -18.39 22.06 -9.19
CA GLY B 591 -18.03 21.36 -10.41
C GLY B 591 -18.09 22.29 -11.61
N VAL B 592 -17.19 22.08 -12.56
CA VAL B 592 -17.18 22.88 -13.77
C VAL B 592 -17.40 22.03 -15.01
N SER B 593 -18.39 22.42 -15.80
CA SER B 593 -18.67 21.72 -17.05
C SER B 593 -18.50 22.64 -18.24
N VAL B 594 -18.01 22.09 -19.33
CA VAL B 594 -17.82 22.84 -20.56
C VAL B 594 -18.83 22.46 -21.61
N ILE B 595 -19.60 23.44 -22.05
CA ILE B 595 -20.61 23.24 -23.07
C ILE B 595 -20.05 23.65 -24.42
N THR B 596 -19.97 22.70 -25.35
CA THR B 596 -19.33 23.00 -26.60
C THR B 596 -19.95 22.23 -27.77
N PRO B 597 -19.96 22.82 -28.97
CA PRO B 597 -20.24 22.18 -30.24
C PRO B 597 -19.05 21.33 -30.63
N GLY B 598 -19.21 20.51 -31.65
CA GLY B 598 -18.08 19.72 -32.11
C GLY B 598 -16.98 20.62 -32.63
N THR B 599 -15.73 20.23 -32.39
CA THR B 599 -14.58 21.01 -32.88
C THR B 599 -14.44 20.99 -34.40
N ASN B 600 -15.27 20.17 -35.07
CA ASN B 600 -15.38 20.13 -36.51
C ASN B 600 -16.06 21.39 -37.07
N THR B 601 -16.82 22.09 -36.20
CA THR B 601 -17.58 23.28 -36.56
C THR B 601 -17.00 24.56 -35.97
N SER B 602 -16.68 24.53 -34.67
CA SER B 602 -16.17 25.74 -34.02
C SER B 602 -15.40 25.43 -32.74
N ASN B 603 -14.72 26.44 -32.21
CA ASN B 603 -13.99 26.28 -30.95
C ASN B 603 -14.52 27.21 -29.86
N GLN B 604 -15.81 27.52 -29.92
CA GLN B 604 -16.44 28.35 -28.90
C GLN B 604 -16.93 27.48 -27.74
N VAL B 605 -16.79 27.97 -26.51
CA VAL B 605 -17.32 27.23 -25.37
C VAL B 605 -18.08 28.13 -24.41
N ALA B 606 -18.97 27.51 -23.64
CA ALA B 606 -19.62 28.16 -22.51
C ALA B 606 -19.32 27.35 -21.26
N VAL B 607 -19.18 28.02 -20.13
CA VAL B 607 -18.82 27.31 -18.91
C VAL B 607 -19.89 27.40 -17.84
N LEU B 608 -20.30 26.25 -17.34
CA LEU B 608 -21.31 26.14 -16.30
C LEU B 608 -20.68 25.78 -14.97
N TYR B 609 -20.94 26.60 -13.96
CA TYR B 609 -20.42 26.34 -12.62
C TYR B 609 -21.54 25.80 -11.74
N GLN B 610 -21.43 24.53 -11.35
CA GLN B 610 -22.51 23.90 -10.60
C GLN B 610 -22.48 24.22 -9.13
N GLY B 611 -23.65 24.54 -8.60
CA GLY B 611 -23.84 24.75 -7.17
C GLY B 611 -23.52 26.15 -6.70
N VAL B 612 -23.09 27.00 -7.63
CA VAL B 612 -22.74 28.36 -7.27
C VAL B 612 -23.47 29.33 -8.20
N ASN B 613 -23.87 30.49 -7.66
CA ASN B 613 -24.53 31.54 -8.49
C ASN B 613 -23.44 32.45 -9.04
N CYS B 614 -23.85 33.68 -9.50
CA CYS B 614 -22.98 34.45 -10.36
C CYS B 614 -22.22 35.54 -9.59
N THR B 615 -22.27 35.43 -8.28
CA THR B 615 -21.59 36.32 -7.36
C THR B 615 -20.34 35.70 -6.72
N GLU B 616 -20.21 34.38 -6.79
CA GLU B 616 -19.08 33.70 -6.14
C GLU B 616 -18.10 33.19 -7.18
N VAL B 617 -18.49 33.29 -8.44
CA VAL B 617 -17.66 32.77 -9.52
C VAL B 617 -16.27 33.45 -9.64
N PRO B 618 -16.14 34.81 -9.57
CA PRO B 618 -14.89 35.58 -9.60
C PRO B 618 -13.85 35.07 -8.61
N ASN B 638 -22.40 37.87 -21.28
CA ASN B 638 -23.26 36.70 -21.45
C ASN B 638 -23.30 35.86 -20.16
N VAL B 639 -23.90 36.44 -19.10
CA VAL B 639 -24.07 35.77 -17.82
C VAL B 639 -25.53 35.46 -17.55
N PHE B 640 -25.84 34.19 -17.37
CA PHE B 640 -27.20 33.72 -17.15
C PHE B 640 -27.30 32.85 -15.91
N GLN B 641 -28.31 33.08 -15.10
CA GLN B 641 -28.48 32.31 -13.88
C GLN B 641 -29.61 31.29 -14.01
N THR B 642 -29.26 30.02 -13.86
CA THR B 642 -30.22 28.93 -13.88
C THR B 642 -30.14 28.10 -12.61
N ARG B 643 -30.92 27.02 -12.56
CA ARG B 643 -30.96 26.17 -11.36
C ARG B 643 -29.68 25.35 -11.20
N ALA B 644 -29.16 24.85 -12.31
CA ALA B 644 -27.97 24.01 -12.27
C ALA B 644 -26.79 24.77 -11.69
N GLY B 645 -26.70 26.04 -12.05
CA GLY B 645 -25.64 26.91 -11.57
C GLY B 645 -25.37 28.04 -12.57
N CYS B 646 -24.39 28.89 -12.27
CA CYS B 646 -24.08 30.05 -13.10
C CYS B 646 -23.54 29.64 -14.48
N LEU B 647 -24.19 30.14 -15.53
CA LEU B 647 -23.77 29.84 -16.90
C LEU B 647 -23.17 31.06 -17.57
N ILE B 648 -21.92 30.94 -18.01
CA ILE B 648 -21.23 32.06 -18.62
C ILE B 648 -20.72 31.75 -20.01
N GLY B 649 -21.03 32.63 -20.97
CA GLY B 649 -20.56 32.48 -22.35
C GLY B 649 -21.69 32.18 -23.31
N ALA B 650 -22.85 31.78 -22.78
CA ALA B 650 -24.01 31.51 -23.60
C ALA B 650 -25.00 32.66 -23.51
N GLU B 651 -25.55 33.06 -24.66
CA GLU B 651 -26.55 34.12 -24.69
C GLU B 651 -27.96 33.56 -24.58
N TYR B 652 -28.69 33.98 -23.55
CA TYR B 652 -30.05 33.49 -23.36
C TYR B 652 -31.01 34.22 -24.28
N VAL B 653 -31.88 33.45 -24.94
CA VAL B 653 -32.89 34.01 -25.84
C VAL B 653 -34.27 33.52 -25.41
N ASN B 654 -35.33 34.26 -25.79
CA ASN B 654 -36.70 33.86 -25.44
C ASN B 654 -37.33 32.92 -26.49
N ASN B 655 -36.59 32.65 -27.59
CA ASN B 655 -37.05 31.76 -28.65
C ASN B 655 -36.78 30.33 -28.19
N SER B 656 -37.82 29.52 -28.15
CA SER B 656 -37.73 28.14 -27.70
C SER B 656 -37.44 27.24 -28.90
N TYR B 657 -36.82 26.10 -28.63
CA TYR B 657 -36.54 25.09 -29.64
C TYR B 657 -36.54 23.71 -29.00
N GLU B 658 -36.33 22.68 -29.80
CA GLU B 658 -36.16 21.33 -29.27
C GLU B 658 -34.81 21.26 -28.55
N CYS B 659 -34.73 20.48 -27.46
CA CYS B 659 -33.50 20.41 -26.67
C CYS B 659 -32.35 19.79 -27.46
N ASP B 660 -31.19 20.45 -27.40
CA ASP B 660 -30.01 20.00 -28.12
C ASP B 660 -28.95 19.51 -27.12
N ILE B 661 -28.27 20.44 -26.46
CA ILE B 661 -27.36 20.07 -25.38
C ILE B 661 -27.98 20.46 -24.04
N PRO B 662 -28.47 19.51 -23.26
CA PRO B 662 -29.24 19.72 -22.05
C PRO B 662 -28.37 20.25 -20.92
N ILE B 663 -28.92 21.21 -20.17
CA ILE B 663 -28.24 21.73 -18.99
C ILE B 663 -28.96 21.32 -17.72
N GLY B 664 -30.28 21.50 -17.70
CA GLY B 664 -31.09 21.11 -16.56
C GLY B 664 -32.18 22.12 -16.25
N ALA B 665 -33.21 21.67 -15.55
CA ALA B 665 -34.33 22.50 -15.13
C ALA B 665 -34.99 23.21 -16.31
N GLY B 666 -35.14 22.51 -17.43
CA GLY B 666 -35.82 23.03 -18.60
C GLY B 666 -34.92 23.83 -19.54
N ILE B 667 -33.66 24.03 -19.15
CA ILE B 667 -32.75 24.81 -19.97
C ILE B 667 -31.81 23.92 -20.80
N CYS B 668 -31.68 24.26 -22.09
CA CYS B 668 -30.78 23.60 -23.03
C CYS B 668 -29.98 24.64 -23.80
N ALA B 669 -28.88 24.21 -24.41
CA ALA B 669 -28.04 25.12 -25.19
C ALA B 669 -27.82 24.60 -26.61
N SER B 670 -27.51 25.52 -27.52
CA SER B 670 -27.20 25.14 -28.90
C SER B 670 -26.31 26.18 -29.56
N TYR B 671 -25.77 25.83 -30.73
CA TYR B 671 -24.90 26.73 -31.50
C TYR B 671 -25.61 27.21 -32.75
N GLN B 672 -26.02 28.48 -32.76
CA GLN B 672 -26.85 29.00 -33.84
C GLN B 672 -26.56 30.49 -34.12
N THR B 673 -27.22 31.05 -35.14
CA THR B 673 -27.08 32.47 -35.50
C THR B 673 -28.15 33.29 -34.81
N SER B 686 -20.84 34.70 -37.26
CA SER B 686 -22.30 34.83 -37.19
C SER B 686 -22.90 33.97 -36.07
N GLN B 687 -22.38 32.75 -35.89
CA GLN B 687 -22.88 31.78 -34.92
C GLN B 687 -22.26 31.96 -33.54
N SER B 688 -23.04 31.64 -32.51
CA SER B 688 -22.58 31.65 -31.12
C SER B 688 -23.42 30.69 -30.28
N ILE B 689 -22.96 30.42 -29.06
CA ILE B 689 -23.70 29.56 -28.15
C ILE B 689 -24.82 30.32 -27.46
N ILE B 690 -26.02 29.75 -27.50
CA ILE B 690 -27.21 30.36 -26.91
C ILE B 690 -27.87 29.41 -25.91
N ALA B 691 -28.68 29.98 -25.03
CA ALA B 691 -29.45 29.19 -24.08
C ALA B 691 -30.94 29.50 -24.24
N TYR B 692 -31.78 28.49 -24.03
CA TYR B 692 -33.22 28.66 -24.18
C TYR B 692 -33.98 27.65 -23.33
N THR B 693 -35.26 27.92 -23.08
CA THR B 693 -36.12 26.92 -22.47
C THR B 693 -36.64 25.99 -23.55
N MET B 694 -36.47 24.70 -23.34
CA MET B 694 -36.83 23.70 -24.33
C MET B 694 -38.34 23.57 -24.49
N SER B 695 -38.77 23.32 -25.72
CA SER B 695 -40.17 23.07 -26.02
C SER B 695 -40.55 21.63 -25.69
N LEU B 696 -41.85 21.37 -25.52
CA LEU B 696 -42.33 20.02 -25.23
C LEU B 696 -42.90 19.34 -26.46
N GLY B 697 -43.49 20.12 -27.36
CA GLY B 697 -44.12 19.57 -28.55
C GLY B 697 -44.98 20.62 -29.23
N ALA B 698 -45.72 20.21 -30.25
CA ALA B 698 -46.56 21.13 -31.00
C ALA B 698 -47.79 21.51 -30.19
N GLU B 699 -48.22 22.76 -30.30
CA GLU B 699 -49.42 23.22 -29.60
C GLU B 699 -50.67 22.85 -30.38
N ASN B 700 -51.60 22.17 -29.72
CA ASN B 700 -52.83 21.74 -30.37
C ASN B 700 -54.01 21.62 -29.42
N SER B 701 -55.17 21.25 -29.95
CA SER B 701 -56.36 21.05 -29.13
C SER B 701 -57.32 20.08 -29.80
N VAL B 702 -58.08 19.36 -28.97
CA VAL B 702 -59.12 18.46 -29.45
C VAL B 702 -60.46 18.92 -28.93
N ALA B 703 -61.41 19.10 -29.82
CA ALA B 703 -62.72 19.58 -29.42
C ALA B 703 -63.51 18.49 -28.69
N CYS B 704 -64.16 18.89 -27.59
CA CYS B 704 -65.16 18.05 -26.91
C CYS B 704 -66.56 18.48 -27.35
N SER B 705 -67.37 17.52 -27.76
CA SER B 705 -68.74 17.77 -28.15
C SER B 705 -69.57 16.53 -27.86
N ASN B 706 -70.90 16.69 -27.78
CA ASN B 706 -71.81 15.59 -27.48
C ASN B 706 -72.71 15.22 -28.65
N ASN B 707 -72.38 15.69 -29.87
CA ASN B 707 -73.20 15.43 -31.05
C ASN B 707 -72.40 15.37 -32.34
N SER B 708 -71.09 15.22 -32.24
CA SER B 708 -70.28 15.21 -33.44
C SER B 708 -69.11 14.24 -33.34
N ILE B 709 -68.93 13.47 -34.40
CA ILE B 709 -67.89 12.45 -34.45
C ILE B 709 -67.05 12.59 -35.71
N ALA B 710 -65.74 12.38 -35.58
CA ALA B 710 -64.86 12.44 -36.75
C ALA B 710 -64.54 11.06 -37.27
N ILE B 711 -64.84 10.83 -38.54
CA ILE B 711 -64.61 9.54 -39.19
C ILE B 711 -63.61 9.71 -40.34
N PRO B 712 -62.48 8.99 -40.32
CA PRO B 712 -61.45 8.93 -41.37
C PRO B 712 -62.06 8.53 -42.70
N THR B 713 -61.75 9.28 -43.76
CA THR B 713 -62.24 8.94 -45.10
C THR B 713 -61.17 8.29 -45.99
N ASN B 714 -59.90 8.32 -45.54
CA ASN B 714 -58.77 7.77 -46.27
C ASN B 714 -57.78 7.16 -45.29
N PHE B 715 -56.68 6.59 -45.80
CA PHE B 715 -55.66 5.96 -44.95
C PHE B 715 -54.31 5.92 -45.64
N THR B 716 -53.28 5.64 -44.86
CA THR B 716 -51.95 5.43 -45.40
C THR B 716 -51.27 4.24 -44.73
N ILE B 717 -50.50 3.50 -45.50
CA ILE B 717 -49.68 2.42 -44.97
C ILE B 717 -48.27 2.92 -44.75
N SER B 718 -47.75 2.75 -43.54
CA SER B 718 -46.42 3.24 -43.21
C SER B 718 -45.57 2.14 -42.61
N VAL B 719 -44.25 2.29 -42.73
CA VAL B 719 -43.32 1.32 -42.18
C VAL B 719 -42.30 1.99 -41.29
N THR B 720 -42.15 1.49 -40.08
CA THR B 720 -41.17 2.04 -39.15
C THR B 720 -40.12 1.01 -38.78
N THR B 721 -38.96 1.48 -38.33
CA THR B 721 -37.86 0.58 -38.01
C THR B 721 -37.53 0.60 -36.53
N GLU B 722 -37.41 -0.59 -35.94
CA GLU B 722 -37.03 -0.72 -34.55
C GLU B 722 -35.78 -1.59 -34.38
N ILE B 723 -34.82 -1.07 -33.64
CA ILE B 723 -33.54 -1.76 -33.46
C ILE B 723 -33.33 -2.18 -32.01
N LEU B 724 -33.04 -3.46 -31.79
CA LEU B 724 -32.77 -3.96 -30.45
C LEU B 724 -31.45 -4.75 -30.41
N PRO B 725 -30.61 -4.53 -29.40
CA PRO B 725 -29.50 -5.36 -29.00
C PRO B 725 -29.96 -6.75 -28.59
N VAL B 726 -29.19 -7.76 -28.93
CA VAL B 726 -29.47 -9.12 -28.51
C VAL B 726 -28.31 -9.71 -27.71
N SER B 727 -27.09 -9.42 -28.13
CA SER B 727 -25.91 -9.99 -27.51
C SER B 727 -24.78 -8.99 -27.42
N MET B 728 -23.72 -9.36 -26.72
CA MET B 728 -22.52 -8.53 -26.61
C MET B 728 -21.28 -9.38 -26.76
N THR B 729 -20.12 -8.73 -26.78
CA THR B 729 -18.85 -9.42 -26.95
C THR B 729 -18.55 -10.35 -25.78
N LYS B 730 -18.18 -11.58 -26.13
CA LYS B 730 -17.80 -12.58 -25.14
C LYS B 730 -16.31 -12.49 -24.86
N THR B 731 -15.93 -12.37 -23.59
CA THR B 731 -14.52 -12.27 -23.26
C THR B 731 -14.14 -13.29 -22.20
N SER B 732 -12.84 -13.55 -22.10
CA SER B 732 -12.31 -14.41 -21.05
C SER B 732 -10.92 -13.94 -20.63
N VAL B 733 -10.54 -14.26 -19.39
CA VAL B 733 -9.28 -13.81 -18.82
C VAL B 733 -8.47 -14.95 -18.22
N ASP B 734 -7.18 -14.99 -18.57
CA ASP B 734 -6.25 -15.91 -17.92
C ASP B 734 -5.64 -15.23 -16.70
N CYS B 735 -6.17 -15.55 -15.52
CA CYS B 735 -5.86 -14.85 -14.27
C CYS B 735 -4.35 -14.81 -13.98
N THR B 736 -3.68 -15.93 -14.24
CA THR B 736 -2.26 -16.02 -13.92
C THR B 736 -1.37 -15.48 -15.03
N MET B 737 -1.97 -14.98 -16.10
CA MET B 737 -1.21 -14.31 -17.15
C MET B 737 -1.34 -12.80 -16.97
N TYR B 738 -2.53 -12.35 -16.58
CA TYR B 738 -2.76 -10.89 -16.40
C TYR B 738 -2.02 -10.38 -15.16
N ILE B 739 -2.01 -11.17 -14.08
CA ILE B 739 -1.39 -10.68 -12.81
C ILE B 739 0.14 -10.72 -12.94
N CYS B 740 0.82 -11.77 -12.42
CA CYS B 740 2.30 -11.74 -12.45
C CYS B 740 2.80 -11.93 -13.89
N GLY B 741 2.10 -12.73 -14.67
CA GLY B 741 2.49 -13.05 -16.03
C GLY B 741 3.60 -14.09 -16.07
N ASP B 742 4.72 -13.72 -16.67
CA ASP B 742 5.85 -14.64 -16.82
C ASP B 742 6.74 -14.72 -15.59
N SER B 743 6.45 -13.92 -14.57
CA SER B 743 7.28 -13.94 -13.37
C SER B 743 6.88 -15.08 -12.45
N THR B 744 7.75 -16.09 -12.37
CA THR B 744 7.49 -17.29 -11.59
C THR B 744 7.52 -16.98 -10.11
N GLU B 745 8.50 -16.18 -9.71
CA GLU B 745 8.65 -15.80 -8.31
C GLU B 745 7.39 -15.09 -7.78
N CYS B 746 6.73 -14.31 -8.65
CA CYS B 746 5.48 -13.63 -8.33
C CYS B 746 4.33 -14.64 -8.29
N SER B 747 4.26 -15.48 -9.31
CA SER B 747 3.19 -16.47 -9.39
C SER B 747 3.15 -17.35 -8.15
N ASN B 748 4.33 -17.65 -7.61
CA ASN B 748 4.43 -18.51 -6.44
C ASN B 748 3.64 -17.98 -5.24
N LEU B 749 3.41 -16.67 -5.17
CA LEU B 749 2.66 -16.12 -4.05
C LEU B 749 1.26 -15.64 -4.49
N LEU B 750 0.82 -16.15 -5.63
CA LEU B 750 -0.55 -15.92 -6.10
C LEU B 750 -1.36 -17.18 -5.88
N LEU B 751 -0.66 -18.27 -5.56
CA LEU B 751 -1.25 -19.60 -5.43
C LEU B 751 -2.22 -19.68 -4.26
N GLN B 752 -1.90 -18.97 -3.17
CA GLN B 752 -2.74 -19.02 -1.98
C GLN B 752 -4.03 -18.25 -2.16
N TYR B 753 -4.16 -17.49 -3.25
CA TYR B 753 -5.40 -16.82 -3.54
C TYR B 753 -6.35 -17.82 -4.18
N GLY B 754 -5.84 -18.52 -5.19
CA GLY B 754 -6.55 -19.66 -5.76
C GLY B 754 -7.98 -19.33 -6.17
N SER B 755 -8.89 -19.50 -5.22
CA SER B 755 -10.32 -19.42 -5.47
C SER B 755 -10.73 -18.05 -5.99
N PHE B 756 -9.91 -17.05 -5.73
CA PHE B 756 -10.21 -15.71 -6.23
C PHE B 756 -10.16 -15.66 -7.77
N CYS B 757 -9.17 -16.33 -8.37
CA CYS B 757 -9.06 -16.43 -9.83
C CYS B 757 -10.20 -17.28 -10.38
N THR B 758 -10.59 -18.29 -9.61
CA THR B 758 -11.69 -19.16 -10.00
C THR B 758 -13.01 -18.39 -10.08
N GLN B 759 -13.27 -17.53 -9.10
CA GLN B 759 -14.49 -16.73 -9.13
C GLN B 759 -14.54 -15.82 -10.35
N LEU B 760 -13.40 -15.23 -10.69
CA LEU B 760 -13.34 -14.32 -11.82
C LEU B 760 -13.55 -15.06 -13.14
N LYS B 761 -12.94 -16.23 -13.28
CA LYS B 761 -13.12 -17.03 -14.48
C LYS B 761 -14.54 -17.56 -14.58
N ARG B 762 -15.09 -17.96 -13.45
CA ARG B 762 -16.42 -18.56 -13.45
C ARG B 762 -17.48 -17.55 -13.88
N ALA B 763 -17.37 -16.33 -13.36
CA ALA B 763 -18.34 -15.29 -13.69
C ALA B 763 -18.31 -14.94 -15.19
N LEU B 764 -17.11 -14.82 -15.74
CA LEU B 764 -16.98 -14.49 -17.16
C LEU B 764 -17.48 -15.64 -18.04
N THR B 765 -17.24 -16.87 -17.61
CA THR B 765 -17.69 -18.02 -18.37
C THR B 765 -19.20 -18.04 -18.45
N GLY B 766 -19.86 -17.76 -17.34
CA GLY B 766 -21.32 -17.74 -17.30
C GLY B 766 -21.88 -16.72 -18.28
N ILE B 767 -21.25 -15.54 -18.33
CA ILE B 767 -21.70 -14.51 -19.25
C ILE B 767 -21.54 -14.96 -20.69
N ALA B 768 -20.38 -15.54 -21.01
CA ALA B 768 -20.09 -15.97 -22.37
C ALA B 768 -21.13 -16.98 -22.87
N VAL B 769 -21.54 -17.89 -22.01
CA VAL B 769 -22.54 -18.88 -22.39
C VAL B 769 -23.89 -18.22 -22.64
N GLU B 770 -24.27 -17.31 -21.75
CA GLU B 770 -25.54 -16.61 -21.84
C GLU B 770 -25.68 -15.87 -23.17
N GLN B 771 -24.59 -15.33 -23.70
CA GLN B 771 -24.66 -14.58 -24.93
C GLN B 771 -25.14 -15.42 -26.12
N ASP B 772 -24.82 -16.72 -26.09
CA ASP B 772 -25.25 -17.59 -27.17
C ASP B 772 -26.70 -18.01 -26.96
N LYS B 773 -27.08 -18.14 -25.69
CA LYS B 773 -28.46 -18.44 -25.35
C LYS B 773 -29.38 -17.33 -25.82
N ASN B 774 -28.96 -16.08 -25.62
CA ASN B 774 -29.75 -14.92 -26.03
C ASN B 774 -30.02 -14.93 -27.53
N THR B 775 -28.99 -15.21 -28.31
CA THR B 775 -29.14 -15.25 -29.76
C THR B 775 -30.09 -16.35 -30.18
N GLN B 776 -29.95 -17.53 -29.58
CA GLN B 776 -30.79 -18.66 -29.92
C GLN B 776 -32.25 -18.39 -29.62
N GLU B 777 -32.54 -17.78 -28.48
CA GLU B 777 -33.92 -17.49 -28.08
C GLU B 777 -34.62 -16.51 -29.00
N VAL B 778 -33.89 -15.55 -29.56
CA VAL B 778 -34.48 -14.55 -30.44
C VAL B 778 -34.72 -15.07 -31.85
N PHE B 779 -33.72 -15.71 -32.44
CA PHE B 779 -33.79 -16.08 -33.85
C PHE B 779 -34.39 -17.46 -34.12
N ALA B 780 -34.07 -18.44 -33.28
CA ALA B 780 -34.50 -19.81 -33.55
C ALA B 780 -35.89 -20.08 -33.00
N GLN B 781 -36.88 -19.39 -33.56
CA GLN B 781 -38.27 -19.57 -33.12
C GLN B 781 -38.87 -20.82 -33.74
N VAL B 782 -38.45 -21.11 -34.96
CA VAL B 782 -38.98 -22.22 -35.74
C VAL B 782 -37.85 -23.11 -36.20
N LYS B 783 -37.96 -24.41 -35.92
CA LYS B 783 -36.89 -25.36 -36.26
C LYS B 783 -37.09 -25.98 -37.64
N GLN B 784 -38.08 -25.48 -38.35
CA GLN B 784 -38.30 -25.87 -39.73
C GLN B 784 -37.71 -24.77 -40.61
N ILE B 785 -36.70 -25.12 -41.38
CA ILE B 785 -35.99 -24.12 -42.18
C ILE B 785 -36.57 -24.07 -43.57
N TYR B 786 -37.28 -22.99 -43.86
CA TYR B 786 -37.96 -22.82 -45.13
C TYR B 786 -37.05 -22.11 -46.12
N LYS B 787 -37.17 -22.49 -47.38
CA LYS B 787 -36.42 -21.85 -48.45
C LYS B 787 -37.21 -20.67 -48.98
N THR B 788 -36.52 -19.66 -49.49
CA THR B 788 -37.22 -18.50 -50.05
C THR B 788 -37.91 -18.91 -51.35
N PRO B 789 -38.99 -18.22 -51.72
CA PRO B 789 -39.73 -18.40 -52.95
C PRO B 789 -38.92 -17.94 -54.15
N PRO B 790 -39.22 -18.45 -55.34
CA PRO B 790 -38.62 -18.12 -56.62
C PRO B 790 -38.99 -16.72 -57.08
N ILE B 791 -40.02 -16.14 -56.48
CA ILE B 791 -40.48 -14.82 -56.86
C ILE B 791 -40.46 -13.87 -55.67
N LYS B 792 -40.28 -12.60 -55.94
CA LYS B 792 -40.21 -11.58 -54.89
C LYS B 792 -41.35 -10.57 -55.04
N TYR B 793 -42.31 -10.89 -55.90
CA TYR B 793 -43.42 -9.99 -56.21
C TYR B 793 -44.75 -10.74 -56.09
N PHE B 794 -45.53 -10.38 -55.07
CA PHE B 794 -46.77 -11.09 -54.75
C PHE B 794 -48.00 -10.18 -54.75
N GLY B 795 -48.79 -10.24 -55.81
CA GLY B 795 -50.04 -9.47 -55.85
C GLY B 795 -49.80 -7.98 -55.89
N GLY B 796 -48.64 -7.57 -56.41
CA GLY B 796 -48.28 -6.16 -56.47
C GLY B 796 -47.32 -5.75 -55.35
N PHE B 797 -47.17 -6.61 -54.36
CA PHE B 797 -46.29 -6.32 -53.22
C PHE B 797 -44.86 -6.76 -53.51
N ASN B 798 -43.92 -5.81 -53.45
CA ASN B 798 -42.50 -6.02 -53.78
C ASN B 798 -41.66 -6.21 -52.52
N PHE B 799 -41.10 -7.42 -52.33
CA PHE B 799 -40.31 -7.78 -51.15
C PHE B 799 -38.82 -7.92 -51.46
N SER B 800 -38.41 -7.38 -52.60
CA SER B 800 -37.01 -7.48 -53.04
C SER B 800 -36.03 -6.88 -52.06
N GLN B 801 -36.49 -5.90 -51.30
CA GLN B 801 -35.64 -5.18 -50.37
C GLN B 801 -35.36 -5.96 -49.09
N ILE B 802 -36.25 -6.88 -48.73
CA ILE B 802 -36.12 -7.59 -47.46
C ILE B 802 -35.61 -9.02 -47.66
N LEU B 803 -35.87 -9.59 -48.84
CA LEU B 803 -35.41 -10.95 -49.15
C LEU B 803 -33.97 -10.92 -49.65
N PRO B 804 -33.19 -11.96 -49.35
CA PRO B 804 -31.76 -12.08 -49.63
C PRO B 804 -31.45 -12.04 -51.11
N ASP B 805 -30.37 -11.35 -51.46
CA ASP B 805 -29.92 -11.22 -52.84
C ASP B 805 -28.90 -12.32 -53.19
N PRO B 806 -29.27 -13.29 -54.03
CA PRO B 806 -28.54 -14.51 -54.34
C PRO B 806 -27.28 -14.24 -55.14
N SER B 807 -27.15 -13.03 -55.67
CA SER B 807 -25.99 -12.71 -56.49
C SER B 807 -24.77 -12.36 -55.62
N LYS B 808 -25.01 -12.14 -54.34
CA LYS B 808 -23.93 -11.76 -53.43
C LYS B 808 -23.53 -12.94 -52.56
N PRO B 809 -22.23 -13.09 -52.26
CA PRO B 809 -21.65 -14.17 -51.48
C PRO B 809 -22.15 -14.16 -50.04
N SER B 810 -22.68 -13.03 -49.60
CA SER B 810 -23.17 -12.88 -48.23
C SER B 810 -24.64 -13.30 -48.09
N LYS B 811 -25.35 -13.42 -49.21
CA LYS B 811 -26.76 -13.79 -49.22
C LYS B 811 -27.58 -12.92 -48.28
N ARG B 812 -27.40 -11.61 -48.38
CA ARG B 812 -28.14 -10.66 -47.57
C ARG B 812 -29.05 -9.81 -48.43
N SER B 813 -30.09 -9.29 -47.82
CA SER B 813 -31.03 -8.40 -48.49
C SER B 813 -30.41 -7.01 -48.66
N PRO B 814 -30.89 -6.19 -49.62
CA PRO B 814 -30.52 -4.80 -49.84
C PRO B 814 -30.55 -3.96 -48.56
N ILE B 815 -31.49 -4.26 -47.66
CA ILE B 815 -31.55 -3.54 -46.40
C ILE B 815 -30.61 -4.15 -45.37
N GLU B 816 -30.65 -5.46 -45.22
CA GLU B 816 -29.85 -6.15 -44.23
C GLU B 816 -28.37 -5.90 -44.45
N ASP B 817 -27.96 -5.85 -45.72
CA ASP B 817 -26.58 -5.60 -46.07
C ASP B 817 -26.15 -4.20 -45.65
N LEU B 818 -27.09 -3.25 -45.63
CA LEU B 818 -26.78 -1.87 -45.24
C LEU B 818 -26.44 -1.83 -43.76
N LEU B 819 -27.25 -2.49 -42.95
CA LEU B 819 -27.07 -2.50 -41.51
C LEU B 819 -25.67 -3.02 -41.14
N PHE B 820 -25.23 -4.05 -41.85
CA PHE B 820 -23.93 -4.66 -41.59
C PHE B 820 -22.74 -3.80 -42.00
N ASN B 821 -22.99 -2.71 -42.73
CA ASN B 821 -21.92 -1.82 -43.15
C ASN B 821 -21.80 -0.61 -42.22
N LYS B 822 -22.60 -0.57 -41.16
CA LYS B 822 -22.54 0.53 -40.21
C LYS B 822 -22.02 0.12 -38.83
N VAL B 823 -22.35 -1.10 -38.39
CA VAL B 823 -21.89 -1.61 -37.09
C VAL B 823 -21.11 -2.91 -37.31
N ILE B 847 -5.62 -4.52 -30.09
CA ILE B 847 -6.15 -5.89 -30.06
C ILE B 847 -5.04 -6.88 -29.69
N CYS B 848 -3.91 -6.81 -30.41
CA CYS B 848 -2.79 -7.71 -30.21
C CYS B 848 -2.17 -7.54 -28.83
N ALA B 849 -2.15 -6.30 -28.34
CA ALA B 849 -1.61 -6.02 -27.02
C ALA B 849 -2.40 -6.74 -25.93
N GLN B 850 -3.72 -6.80 -26.10
CA GLN B 850 -4.59 -7.41 -25.11
C GLN B 850 -4.35 -8.91 -25.02
N LYS B 851 -4.11 -9.52 -26.17
CA LYS B 851 -3.86 -10.96 -26.25
C LYS B 851 -2.61 -11.37 -25.47
N PHE B 852 -1.75 -10.40 -25.19
CA PHE B 852 -0.51 -10.67 -24.48
C PHE B 852 -0.62 -10.34 -23.00
N LYS B 853 -1.81 -9.95 -22.57
CA LYS B 853 -2.06 -9.65 -21.17
C LYS B 853 -3.02 -10.66 -20.57
N GLY B 854 -3.34 -11.69 -21.35
CA GLY B 854 -4.25 -12.73 -20.88
C GLY B 854 -5.71 -12.41 -21.19
N LEU B 855 -5.94 -11.38 -21.98
CA LEU B 855 -7.30 -10.96 -22.31
C LEU B 855 -7.64 -11.34 -23.72
N THR B 856 -8.66 -12.17 -23.90
CA THR B 856 -9.03 -12.58 -25.24
C THR B 856 -10.51 -12.42 -25.51
N VAL B 857 -10.90 -12.61 -26.76
CA VAL B 857 -12.30 -12.53 -27.18
C VAL B 857 -12.72 -13.82 -27.86
N LEU B 858 -13.84 -14.37 -27.43
CA LEU B 858 -14.32 -15.63 -27.96
C LEU B 858 -15.38 -15.38 -29.03
N PRO B 859 -15.40 -16.20 -30.09
CA PRO B 859 -16.36 -16.18 -31.17
C PRO B 859 -17.70 -16.73 -30.71
N PRO B 860 -18.79 -16.31 -31.35
CA PRO B 860 -20.16 -16.79 -31.18
C PRO B 860 -20.31 -18.17 -31.76
N LEU B 861 -21.26 -18.93 -31.27
CA LEU B 861 -21.55 -20.25 -31.83
C LEU B 861 -22.19 -20.14 -33.21
N LEU B 862 -23.12 -19.21 -33.35
CA LEU B 862 -23.80 -19.03 -34.63
C LEU B 862 -23.19 -17.90 -35.43
N THR B 863 -22.70 -18.21 -36.61
CA THR B 863 -22.07 -17.22 -37.49
C THR B 863 -23.14 -16.38 -38.17
N ASP B 864 -22.72 -15.30 -38.82
CA ASP B 864 -23.65 -14.41 -39.50
C ASP B 864 -24.50 -15.14 -40.52
N GLU B 865 -23.90 -16.11 -41.21
CA GLU B 865 -24.60 -16.87 -42.21
C GLU B 865 -25.72 -17.71 -41.61
N MET B 866 -25.47 -18.28 -40.43
CA MET B 866 -26.47 -19.11 -39.77
C MET B 866 -27.64 -18.25 -39.28
N ILE B 867 -27.32 -17.06 -38.81
CA ILE B 867 -28.36 -16.13 -38.38
C ILE B 867 -29.19 -15.69 -39.59
N ALA B 868 -28.51 -15.43 -40.70
CA ALA B 868 -29.18 -15.04 -41.93
C ALA B 868 -30.16 -16.13 -42.39
N GLN B 869 -29.77 -17.39 -42.22
CA GLN B 869 -30.63 -18.51 -42.60
C GLN B 869 -31.89 -18.55 -41.75
N TYR B 870 -31.76 -18.27 -40.46
CA TYR B 870 -32.92 -18.25 -39.59
C TYR B 870 -33.87 -17.12 -39.99
N THR B 871 -33.32 -15.95 -40.26
CA THR B 871 -34.13 -14.80 -40.66
C THR B 871 -34.83 -15.07 -41.98
N SER B 872 -34.12 -15.68 -42.92
CA SER B 872 -34.68 -15.99 -44.22
C SER B 872 -35.88 -16.92 -44.12
N ALA B 873 -35.77 -17.96 -43.29
CA ALA B 873 -36.87 -18.90 -43.11
C ALA B 873 -38.10 -18.23 -42.54
N LEU B 874 -37.90 -17.30 -41.61
CA LEU B 874 -39.02 -16.59 -41.01
C LEU B 874 -39.74 -15.72 -42.03
N LEU B 875 -38.97 -15.06 -42.90
CA LEU B 875 -39.58 -14.24 -43.94
C LEU B 875 -40.36 -15.09 -44.93
N ALA B 876 -39.81 -16.24 -45.30
CA ALA B 876 -40.48 -17.13 -46.24
C ALA B 876 -41.81 -17.61 -45.69
N GLY B 877 -41.83 -17.98 -44.41
CA GLY B 877 -43.07 -18.41 -43.77
C GLY B 877 -44.08 -17.27 -43.74
N THR B 878 -43.68 -16.14 -43.20
CA THR B 878 -44.60 -15.03 -43.09
C THR B 878 -45.27 -14.71 -44.42
N ILE B 879 -44.50 -14.71 -45.51
CA ILE B 879 -45.03 -14.35 -46.81
C ILE B 879 -45.99 -15.38 -47.42
N CYS B 880 -45.64 -16.68 -47.37
CA CYS B 880 -46.41 -17.72 -48.04
C CYS B 880 -47.25 -18.58 -47.08
N SER B 881 -47.21 -18.29 -45.78
CA SER B 881 -48.07 -19.01 -44.84
C SER B 881 -48.65 -18.14 -43.72
N GLY B 882 -48.43 -16.83 -43.79
CA GLY B 882 -48.98 -15.92 -42.78
C GLY B 882 -48.50 -16.27 -41.39
N TRP B 883 -49.45 -16.36 -40.45
CA TRP B 883 -49.15 -16.63 -39.06
C TRP B 883 -49.29 -18.10 -38.69
N THR B 884 -49.75 -18.92 -39.63
CA THR B 884 -50.12 -20.27 -39.25
C THR B 884 -48.91 -21.14 -38.95
N PHE B 885 -47.77 -20.82 -39.56
CA PHE B 885 -46.56 -21.62 -39.37
C PHE B 885 -45.97 -21.45 -37.98
N GLY B 886 -46.38 -20.39 -37.28
CA GLY B 886 -45.85 -20.12 -35.95
C GLY B 886 -46.66 -20.84 -34.88
N ALA B 887 -47.75 -21.50 -35.29
CA ALA B 887 -48.63 -22.18 -34.36
C ALA B 887 -49.14 -23.47 -34.94
N GLY B 888 -48.23 -24.33 -35.39
CA GLY B 888 -48.61 -25.55 -36.07
C GLY B 888 -47.97 -25.61 -37.45
N PRO B 889 -48.54 -26.40 -38.36
CA PRO B 889 -48.13 -26.59 -39.74
C PRO B 889 -48.25 -25.30 -40.53
N ALA B 890 -47.40 -25.15 -41.55
CA ALA B 890 -47.47 -23.97 -42.40
C ALA B 890 -48.57 -24.12 -43.44
N LEU B 891 -49.60 -23.29 -43.34
CA LEU B 891 -50.76 -23.41 -44.21
C LEU B 891 -50.72 -22.40 -45.36
N GLN B 892 -50.69 -22.92 -46.58
CA GLN B 892 -50.62 -22.11 -47.79
C GLN B 892 -51.76 -21.09 -47.88
N ILE B 893 -51.43 -19.87 -48.28
CA ILE B 893 -52.42 -18.82 -48.47
C ILE B 893 -51.90 -17.76 -49.45
N PRO B 894 -52.73 -17.25 -50.37
CA PRO B 894 -52.47 -16.10 -51.22
C PRO B 894 -52.19 -14.85 -50.39
N PHE B 895 -51.19 -14.07 -50.78
CA PHE B 895 -50.83 -12.90 -49.98
C PHE B 895 -51.95 -11.87 -49.83
N PRO B 896 -52.63 -11.45 -50.92
CA PRO B 896 -53.71 -10.48 -50.90
C PRO B 896 -54.80 -10.92 -49.93
N MET B 897 -55.00 -12.24 -49.79
CA MET B 897 -56.01 -12.74 -48.87
C MET B 897 -55.47 -12.79 -47.45
N GLN B 898 -54.19 -13.10 -47.31
CA GLN B 898 -53.60 -13.07 -45.97
C GLN B 898 -53.75 -11.64 -45.55
N MET B 899 -53.37 -10.71 -46.43
CA MET B 899 -53.41 -9.27 -46.06
C MET B 899 -54.83 -8.91 -45.64
N ALA B 900 -55.81 -9.22 -46.48
CA ALA B 900 -57.21 -8.97 -46.12
C ALA B 900 -57.68 -9.35 -44.74
N TYR B 901 -57.21 -10.49 -44.25
CA TYR B 901 -57.61 -10.94 -42.92
C TYR B 901 -56.94 -10.08 -41.85
N ARG B 902 -55.76 -9.56 -42.16
CA ARG B 902 -55.08 -8.67 -41.22
C ARG B 902 -55.78 -7.32 -41.13
N PHE B 903 -56.55 -6.96 -42.16
CA PHE B 903 -57.41 -5.77 -42.11
C PHE B 903 -58.60 -5.96 -41.18
N ASN B 904 -59.27 -7.11 -41.29
CA ASN B 904 -60.41 -7.38 -40.41
C ASN B 904 -59.94 -7.35 -38.96
N GLY B 905 -58.71 -7.80 -38.73
CA GLY B 905 -58.11 -7.84 -37.40
C GLY B 905 -57.94 -6.47 -36.76
N ILE B 906 -58.03 -5.40 -37.56
CA ILE B 906 -57.89 -4.05 -37.01
C ILE B 906 -59.20 -3.27 -37.13
N GLY B 907 -60.28 -3.97 -37.42
CA GLY B 907 -61.60 -3.33 -37.49
C GLY B 907 -61.90 -2.65 -38.83
N VAL B 908 -61.25 -3.10 -39.89
CA VAL B 908 -61.51 -2.53 -41.21
C VAL B 908 -61.99 -3.64 -42.15
N THR B 909 -63.20 -3.51 -42.67
CA THR B 909 -63.79 -4.58 -43.45
C THR B 909 -62.91 -4.91 -44.66
N GLN B 910 -62.69 -6.20 -44.86
CA GLN B 910 -61.81 -6.72 -45.92
C GLN B 910 -62.11 -6.23 -47.33
N ASN B 911 -63.33 -5.76 -47.59
CA ASN B 911 -63.65 -5.32 -48.94
C ASN B 911 -62.82 -4.08 -49.29
N VAL B 912 -62.32 -3.40 -48.27
CA VAL B 912 -61.53 -2.19 -48.46
C VAL B 912 -60.23 -2.53 -49.17
N LEU B 913 -59.58 -3.61 -48.75
CA LEU B 913 -58.33 -4.02 -49.38
C LEU B 913 -58.54 -4.40 -50.83
N TYR B 914 -59.56 -5.19 -51.08
CA TYR B 914 -59.78 -5.70 -52.43
C TYR B 914 -60.08 -4.58 -53.40
N GLU B 915 -60.86 -3.60 -52.95
CA GLU B 915 -61.22 -2.46 -53.78
C GLU B 915 -60.04 -1.50 -53.95
N ASN B 916 -59.19 -1.42 -52.93
CA ASN B 916 -58.04 -0.52 -52.93
C ASN B 916 -56.70 -1.27 -52.99
N GLN B 917 -56.69 -2.46 -53.54
CA GLN B 917 -55.47 -3.28 -53.55
C GLN B 917 -54.30 -2.58 -54.23
N LYS B 918 -54.58 -1.86 -55.33
CA LYS B 918 -53.51 -1.21 -56.07
C LYS B 918 -52.91 -0.05 -55.30
N LEU B 919 -53.77 0.75 -54.67
CA LEU B 919 -53.29 1.88 -53.89
C LEU B 919 -52.39 1.41 -52.78
N ILE B 920 -52.84 0.36 -52.09
CA ILE B 920 -52.11 -0.18 -50.95
C ILE B 920 -50.79 -0.80 -51.35
N ALA B 921 -50.76 -1.56 -52.43
CA ALA B 921 -49.50 -2.16 -52.87
C ALA B 921 -48.48 -1.07 -53.17
N ASN B 922 -48.94 0.03 -53.75
CA ASN B 922 -48.04 1.14 -54.08
C ASN B 922 -47.54 1.85 -52.83
N GLN B 923 -48.42 2.05 -51.85
CA GLN B 923 -48.00 2.69 -50.61
C GLN B 923 -47.00 1.83 -49.86
N PHE B 924 -47.23 0.51 -49.86
CA PHE B 924 -46.31 -0.42 -49.21
C PHE B 924 -44.94 -0.36 -49.84
N ASN B 925 -44.89 -0.46 -51.17
CA ASN B 925 -43.64 -0.49 -51.90
C ASN B 925 -42.84 0.78 -51.65
N SER B 926 -43.54 1.91 -51.59
CA SER B 926 -42.89 3.19 -51.34
C SER B 926 -42.31 3.25 -49.93
N ALA B 927 -43.09 2.84 -48.94
CA ALA B 927 -42.66 2.88 -47.55
C ALA B 927 -41.40 2.04 -47.33
N ILE B 928 -41.34 0.87 -47.98
CA ILE B 928 -40.17 0.01 -47.84
C ILE B 928 -38.95 0.62 -48.51
N GLY B 929 -39.14 1.18 -49.70
CA GLY B 929 -38.03 1.79 -50.43
C GLY B 929 -37.35 2.89 -49.62
N LYS B 930 -38.13 3.62 -48.83
CA LYS B 930 -37.59 4.72 -48.02
C LYS B 930 -36.75 4.25 -46.83
N ILE B 931 -36.81 2.98 -46.50
CA ILE B 931 -36.08 2.47 -45.33
C ILE B 931 -34.58 2.61 -45.50
N GLN B 932 -34.08 2.31 -46.69
CA GLN B 932 -32.64 2.42 -46.93
C GLN B 932 -32.18 3.87 -46.81
N ASP B 933 -33.00 4.80 -47.29
CA ASP B 933 -32.64 6.21 -47.23
C ASP B 933 -32.69 6.71 -45.80
N SER B 934 -33.67 6.24 -45.04
CA SER B 934 -33.79 6.64 -43.64
C SER B 934 -32.57 6.21 -42.84
N LEU B 935 -32.13 4.97 -43.03
CA LEU B 935 -30.98 4.46 -42.30
C LEU B 935 -29.67 5.08 -42.82
N SER B 936 -29.53 5.16 -44.14
CA SER B 936 -28.31 5.65 -44.75
C SER B 936 -28.00 7.09 -44.37
N SER B 937 -29.02 7.93 -44.30
CA SER B 937 -28.85 9.34 -44.02
C SER B 937 -28.75 9.65 -42.53
N THR B 938 -28.92 8.64 -41.68
CA THR B 938 -28.88 8.84 -40.23
C THR B 938 -27.95 7.84 -39.55
N PRO B 939 -26.65 8.14 -39.46
CA PRO B 939 -25.61 7.29 -38.89
C PRO B 939 -25.90 6.91 -37.45
N SER B 940 -26.71 7.73 -36.78
CA SER B 940 -27.06 7.50 -35.38
C SER B 940 -28.16 6.45 -35.22
N ALA B 941 -28.76 6.03 -36.33
CA ALA B 941 -29.89 5.11 -36.30
C ALA B 941 -29.54 3.81 -35.60
N LEU B 942 -28.30 3.37 -35.76
CA LEU B 942 -27.85 2.11 -35.18
C LEU B 942 -26.99 2.34 -33.95
N GLY B 943 -27.15 3.51 -33.33
CA GLY B 943 -26.40 3.84 -32.13
C GLY B 943 -26.61 2.80 -31.03
N LYS B 944 -27.80 2.23 -30.97
CA LYS B 944 -28.11 1.22 -29.97
C LYS B 944 -27.16 0.03 -30.04
N LEU B 945 -26.75 -0.33 -31.25
CA LEU B 945 -25.88 -1.50 -31.42
C LEU B 945 -24.42 -1.10 -31.33
N GLN B 946 -24.10 0.10 -31.82
CA GLN B 946 -22.72 0.57 -31.80
C GLN B 946 -22.25 0.83 -30.38
N ASP B 947 -23.15 1.31 -29.52
CA ASP B 947 -22.79 1.60 -28.13
C ASP B 947 -22.37 0.33 -27.41
N VAL B 948 -23.03 -0.78 -27.72
CA VAL B 948 -22.69 -2.05 -27.08
C VAL B 948 -21.26 -2.45 -27.42
N VAL B 949 -20.90 -2.26 -28.68
CA VAL B 949 -19.55 -2.57 -29.14
C VAL B 949 -18.54 -1.64 -28.47
N ASN B 950 -18.86 -0.35 -28.41
CA ASN B 950 -17.95 0.64 -27.85
C ASN B 950 -17.73 0.44 -26.35
N HIS B 951 -18.79 0.10 -25.63
CA HIS B 951 -18.69 -0.04 -24.17
C HIS B 951 -17.76 -1.19 -23.79
N ASN B 952 -17.84 -2.30 -24.51
CA ASN B 952 -16.97 -3.43 -24.20
C ASN B 952 -15.53 -3.14 -24.58
N ALA B 953 -15.34 -2.43 -25.69
CA ALA B 953 -14.00 -2.09 -26.14
C ALA B 953 -13.32 -1.18 -25.13
N GLN B 954 -14.08 -0.25 -24.57
CA GLN B 954 -13.54 0.66 -23.56
C GLN B 954 -13.18 -0.07 -22.28
N ALA B 955 -14.00 -1.03 -21.88
CA ALA B 955 -13.76 -1.77 -20.66
C ALA B 955 -12.43 -2.51 -20.70
N LEU B 956 -12.12 -3.13 -21.84
CA LEU B 956 -10.87 -3.85 -21.98
C LEU B 956 -9.67 -2.92 -22.06
N ASN B 957 -9.84 -1.78 -22.73
CA ASN B 957 -8.74 -0.82 -22.84
C ASN B 957 -8.39 -0.22 -21.49
N THR B 958 -9.40 0.08 -20.69
CA THR B 958 -9.16 0.61 -19.36
C THR B 958 -8.47 -0.45 -18.51
N LEU B 959 -8.93 -1.69 -18.63
CA LEU B 959 -8.38 -2.77 -17.83
C LEU B 959 -6.89 -2.92 -18.06
N VAL B 960 -6.48 -2.91 -19.33
CA VAL B 960 -5.06 -3.02 -19.66
C VAL B 960 -4.27 -1.81 -19.18
N LYS B 961 -4.81 -0.62 -19.38
CA LYS B 961 -4.11 0.59 -19.01
C LYS B 961 -3.78 0.62 -17.51
N GLN B 962 -4.66 0.06 -16.70
CA GLN B 962 -4.47 0.02 -15.25
C GLN B 962 -3.28 -0.84 -14.81
N LEU B 963 -2.67 -1.58 -15.73
CA LEU B 963 -1.49 -2.36 -15.39
C LEU B 963 -0.31 -1.45 -15.05
N SER B 964 -0.37 -0.21 -15.51
CA SER B 964 0.70 0.75 -15.27
C SER B 964 0.67 1.35 -13.86
N SER B 965 -0.41 1.08 -13.12
CA SER B 965 -0.56 1.63 -11.77
C SER B 965 0.47 1.06 -10.79
N LYS B 966 0.90 1.88 -9.84
CA LYS B 966 1.92 1.47 -8.88
C LYS B 966 1.31 0.90 -7.60
N PHE B 967 0.11 1.35 -7.26
CA PHE B 967 -0.59 0.89 -6.06
C PHE B 967 0.25 1.02 -4.78
N GLY B 968 1.08 2.05 -4.69
CA GLY B 968 1.87 2.30 -3.49
C GLY B 968 3.26 1.64 -3.51
N ALA B 969 3.50 0.78 -4.50
CA ALA B 969 4.79 0.09 -4.59
C ALA B 969 5.86 1.02 -5.15
N ILE B 970 7.12 0.62 -5.00
CA ILE B 970 8.24 1.38 -5.55
C ILE B 970 8.14 1.46 -7.07
N SER B 971 7.56 0.43 -7.69
CA SER B 971 7.36 0.41 -9.14
C SER B 971 6.26 -0.56 -9.52
N SER B 972 5.75 -0.44 -10.75
CA SER B 972 4.75 -1.36 -11.27
C SER B 972 5.39 -2.65 -11.77
N VAL B 973 6.70 -2.62 -11.97
CA VAL B 973 7.45 -3.75 -12.51
C VAL B 973 7.97 -4.66 -11.39
N LEU B 974 7.67 -5.95 -11.50
CA LEU B 974 8.04 -6.92 -10.48
C LEU B 974 9.56 -7.09 -10.36
N ASN B 975 10.24 -7.04 -11.49
CA ASN B 975 11.68 -7.26 -11.51
C ASN B 975 12.42 -6.14 -10.79
N ASP B 976 11.81 -4.96 -10.79
CA ASP B 976 12.42 -3.80 -10.15
C ASP B 976 12.21 -3.85 -8.64
N ILE B 977 11.41 -4.80 -8.17
CA ILE B 977 11.23 -4.97 -6.75
C ILE B 977 12.19 -6.05 -6.26
N PHE B 978 12.23 -7.18 -6.98
CA PHE B 978 13.10 -8.28 -6.59
C PHE B 978 14.57 -7.86 -6.57
N SER B 979 14.97 -7.00 -7.51
CA SER B 979 16.36 -6.57 -7.59
C SER B 979 16.73 -5.46 -6.60
N ARG B 980 15.74 -4.87 -5.94
CA ARG B 980 16.02 -3.75 -5.04
C ARG B 980 15.75 -4.09 -3.57
N LEU B 981 14.78 -4.96 -3.33
CA LEU B 981 14.35 -5.27 -1.97
C LEU B 981 14.73 -6.69 -1.57
N ASP B 982 15.02 -6.87 -0.29
CA ASP B 982 15.29 -8.20 0.26
C ASP B 982 13.99 -8.99 0.30
N LYS B 983 14.07 -10.31 0.12
CA LYS B 983 12.86 -11.13 0.04
C LYS B 983 11.77 -10.78 1.09
N PRO B 984 12.08 -10.67 2.39
CA PRO B 984 11.13 -10.46 3.46
C PRO B 984 10.28 -9.21 3.25
N GLU B 985 10.79 -8.27 2.47
CA GLU B 985 10.07 -7.03 2.19
C GLU B 985 9.61 -6.98 0.74
N ALA B 986 10.38 -7.57 -0.15
CA ALA B 986 10.06 -7.55 -1.58
C ALA B 986 8.71 -8.19 -1.82
N GLU B 987 8.42 -9.26 -1.10
CA GLU B 987 7.15 -9.95 -1.23
C GLU B 987 5.98 -9.10 -0.75
N VAL B 988 6.26 -8.11 0.11
CA VAL B 988 5.21 -7.24 0.62
C VAL B 988 4.73 -6.28 -0.45
N GLN B 989 5.67 -5.65 -1.15
CA GLN B 989 5.27 -4.75 -2.23
C GLN B 989 4.66 -5.51 -3.39
N ILE B 990 5.14 -6.73 -3.62
CA ILE B 990 4.56 -7.57 -4.65
C ILE B 990 3.14 -7.94 -4.28
N ASP B 991 2.92 -8.28 -3.01
CA ASP B 991 1.59 -8.60 -2.52
C ASP B 991 0.66 -7.40 -2.73
N ARG B 992 1.18 -6.19 -2.53
CA ARG B 992 0.40 -4.98 -2.75
C ARG B 992 -0.01 -4.84 -4.21
N LEU B 993 0.92 -5.12 -5.13
CA LEU B 993 0.59 -5.05 -6.54
C LEU B 993 -0.46 -6.09 -6.91
N ILE B 994 -0.33 -7.29 -6.34
CA ILE B 994 -1.27 -8.36 -6.66
C ILE B 994 -2.69 -8.00 -6.25
N THR B 995 -2.86 -7.49 -5.03
CA THR B 995 -4.21 -7.17 -4.58
C THR B 995 -4.78 -5.98 -5.34
N GLY B 996 -3.93 -5.03 -5.69
CA GLY B 996 -4.36 -3.85 -6.43
C GLY B 996 -4.85 -4.22 -7.83
N ARG B 997 -4.01 -4.93 -8.59
CA ARG B 997 -4.37 -5.30 -9.95
C ARG B 997 -5.44 -6.39 -9.98
N LEU B 998 -5.52 -7.19 -8.91
CA LEU B 998 -6.59 -8.17 -8.77
C LEU B 998 -7.94 -7.49 -8.55
N GLN B 999 -7.95 -6.43 -7.73
CA GLN B 999 -9.18 -5.67 -7.54
C GLN B 999 -9.64 -5.08 -8.86
N SER B 1000 -8.68 -4.66 -9.69
CA SER B 1000 -9.05 -4.10 -10.99
C SER B 1000 -9.83 -5.12 -11.81
N LEU B 1001 -9.27 -6.33 -11.93
CA LEU B 1001 -9.99 -7.42 -12.64
C LEU B 1001 -11.40 -7.53 -12.05
N GLN B 1002 -11.50 -7.51 -10.73
CA GLN B 1002 -12.80 -7.68 -10.08
C GLN B 1002 -13.80 -6.64 -10.54
N THR B 1003 -13.35 -5.39 -10.67
CA THR B 1003 -14.25 -4.32 -11.11
C THR B 1003 -14.79 -4.62 -12.49
N TYR B 1004 -13.91 -5.09 -13.37
CA TYR B 1004 -14.27 -5.45 -14.74
C TYR B 1004 -15.38 -6.50 -14.75
N VAL B 1005 -15.19 -7.58 -13.99
CA VAL B 1005 -16.18 -8.65 -13.98
C VAL B 1005 -17.52 -8.16 -13.44
N THR B 1006 -17.49 -7.39 -12.36
CA THR B 1006 -18.72 -6.91 -11.76
C THR B 1006 -19.52 -6.08 -12.75
N GLN B 1007 -18.84 -5.18 -13.45
CA GLN B 1007 -19.53 -4.32 -14.41
C GLN B 1007 -20.10 -5.13 -15.57
N GLN B 1008 -19.40 -6.17 -15.99
CA GLN B 1008 -19.88 -7.02 -17.07
C GLN B 1008 -21.10 -7.82 -16.64
N LEU B 1009 -21.17 -8.19 -15.35
CA LEU B 1009 -22.33 -8.91 -14.83
C LEU B 1009 -23.57 -8.02 -14.87
N ILE B 1010 -23.41 -6.75 -14.53
CA ILE B 1010 -24.51 -5.81 -14.56
C ILE B 1010 -24.90 -5.51 -16.02
N ARG B 1011 -23.90 -5.24 -16.85
CA ARG B 1011 -24.14 -4.95 -18.25
C ARG B 1011 -24.82 -6.13 -18.96
N ALA B 1012 -24.43 -7.35 -18.58
CA ALA B 1012 -25.02 -8.53 -19.19
C ALA B 1012 -26.51 -8.59 -18.93
N ALA B 1013 -26.92 -8.22 -17.71
CA ALA B 1013 -28.32 -8.24 -17.34
C ALA B 1013 -29.14 -7.32 -18.24
N GLU B 1014 -28.54 -6.18 -18.60
CA GLU B 1014 -29.21 -5.22 -19.47
C GLU B 1014 -29.43 -5.80 -20.87
N ILE B 1015 -28.43 -6.49 -21.38
CA ILE B 1015 -28.51 -7.11 -22.69
C ILE B 1015 -29.54 -8.23 -22.70
N ARG B 1016 -29.57 -9.02 -21.64
CA ARG B 1016 -30.52 -10.12 -21.55
C ARG B 1016 -31.95 -9.60 -21.61
N ALA B 1017 -32.23 -8.53 -20.87
CA ALA B 1017 -33.58 -7.96 -20.87
C ALA B 1017 -33.97 -7.54 -22.29
N SER B 1018 -33.04 -6.94 -23.02
CA SER B 1018 -33.29 -6.55 -24.39
C SER B 1018 -33.54 -7.76 -25.28
N ALA B 1019 -32.74 -8.81 -25.07
CA ALA B 1019 -32.88 -10.03 -25.85
C ALA B 1019 -34.23 -10.67 -25.59
N ASN B 1020 -34.71 -10.60 -24.35
CA ASN B 1020 -36.00 -11.18 -24.00
C ASN B 1020 -37.13 -10.42 -24.66
N LEU B 1021 -36.97 -9.11 -24.77
CA LEU B 1021 -37.96 -8.29 -25.44
C LEU B 1021 -37.97 -8.55 -26.94
N ALA B 1022 -36.77 -8.69 -27.51
CA ALA B 1022 -36.65 -8.96 -28.93
C ALA B 1022 -37.30 -10.30 -29.28
N ALA B 1023 -37.12 -11.29 -28.41
CA ALA B 1023 -37.71 -12.60 -28.62
C ALA B 1023 -39.23 -12.52 -28.52
N THR B 1024 -39.72 -11.74 -27.57
CA THR B 1024 -41.15 -11.56 -27.41
C THR B 1024 -41.77 -10.92 -28.64
N LYS B 1025 -41.12 -9.88 -29.15
CA LYS B 1025 -41.63 -9.20 -30.34
C LYS B 1025 -41.55 -10.09 -31.57
N MET B 1026 -40.55 -10.94 -31.64
CA MET B 1026 -40.50 -11.88 -32.75
C MET B 1026 -41.75 -12.74 -32.76
N SER B 1027 -42.11 -13.27 -31.60
CA SER B 1027 -43.28 -14.14 -31.48
C SER B 1027 -44.60 -13.40 -31.72
N GLU B 1028 -44.72 -12.18 -31.22
CA GLU B 1028 -46.00 -11.46 -31.31
C GLU B 1028 -46.15 -10.53 -32.52
N CYS B 1029 -45.05 -9.99 -33.06
CA CYS B 1029 -45.08 -9.03 -34.16
C CYS B 1029 -44.89 -9.72 -35.52
N VAL B 1030 -44.07 -10.79 -35.54
CA VAL B 1030 -43.76 -11.46 -36.80
C VAL B 1030 -44.57 -12.73 -37.01
N LEU B 1031 -44.67 -13.55 -35.97
CA LEU B 1031 -45.39 -14.81 -36.07
C LEU B 1031 -46.88 -14.66 -35.76
N GLY B 1032 -47.36 -13.43 -35.74
CA GLY B 1032 -48.76 -13.15 -35.47
C GLY B 1032 -49.07 -11.67 -35.64
N GLN B 1033 -50.25 -11.28 -35.21
CA GLN B 1033 -50.69 -9.89 -35.26
C GLN B 1033 -51.02 -9.40 -33.87
N SER B 1034 -50.42 -8.28 -33.47
CA SER B 1034 -50.58 -7.80 -32.10
C SER B 1034 -51.79 -6.90 -31.91
N LYS B 1035 -52.29 -6.85 -30.68
CA LYS B 1035 -53.38 -5.96 -30.31
C LYS B 1035 -52.93 -5.07 -29.17
N ARG B 1036 -51.62 -4.91 -29.06
CA ARG B 1036 -51.02 -4.10 -28.01
C ARG B 1036 -50.57 -2.76 -28.57
N VAL B 1037 -51.04 -1.70 -27.96
CA VAL B 1037 -50.78 -0.35 -28.46
C VAL B 1037 -49.31 0.00 -28.40
N ASP B 1038 -48.80 0.47 -29.54
CA ASP B 1038 -47.41 0.93 -29.68
C ASP B 1038 -46.38 -0.15 -29.35
N PHE B 1039 -46.80 -1.42 -29.35
CA PHE B 1039 -45.87 -2.51 -29.12
C PHE B 1039 -45.10 -2.88 -30.40
N CYS B 1040 -45.82 -2.95 -31.53
CA CYS B 1040 -45.25 -3.29 -32.83
C CYS B 1040 -45.37 -2.09 -33.77
N GLY B 1041 -45.01 -0.91 -33.26
CA GLY B 1041 -45.06 0.31 -34.05
C GLY B 1041 -46.27 1.15 -33.70
N LYS B 1042 -46.23 2.42 -34.10
CA LYS B 1042 -47.31 3.36 -33.80
C LYS B 1042 -48.36 3.37 -34.91
N GLY B 1043 -49.53 2.86 -34.60
CA GLY B 1043 -50.61 2.72 -35.58
C GLY B 1043 -51.29 1.39 -35.35
N TYR B 1044 -52.08 0.95 -36.33
CA TYR B 1044 -52.75 -0.33 -36.22
C TYR B 1044 -51.91 -1.41 -36.88
N HIS B 1045 -51.38 -2.31 -36.08
CA HIS B 1045 -50.41 -3.30 -36.57
C HIS B 1045 -51.01 -4.24 -37.61
N LEU B 1046 -50.31 -4.42 -38.72
CA LEU B 1046 -50.71 -5.39 -39.73
C LEU B 1046 -49.74 -6.57 -39.77
N MET B 1047 -48.45 -6.26 -39.90
CA MET B 1047 -47.42 -7.29 -39.98
C MET B 1047 -46.04 -6.72 -39.74
N SER B 1048 -45.05 -7.59 -39.55
CA SER B 1048 -43.67 -7.16 -39.38
C SER B 1048 -42.70 -8.11 -40.08
N PHE B 1049 -41.53 -7.59 -40.43
CA PHE B 1049 -40.48 -8.41 -41.02
C PHE B 1049 -39.15 -8.21 -40.29
N PRO B 1050 -38.49 -9.28 -39.86
CA PRO B 1050 -37.19 -9.29 -39.22
C PRO B 1050 -36.05 -9.08 -40.22
N GLN B 1051 -34.99 -8.42 -39.76
CA GLN B 1051 -33.73 -8.30 -40.49
C GLN B 1051 -32.57 -8.51 -39.50
N SER B 1052 -31.48 -9.10 -39.97
CA SER B 1052 -30.32 -9.31 -39.12
C SER B 1052 -29.46 -8.06 -38.98
N ALA B 1053 -28.70 -7.99 -37.89
CA ALA B 1053 -27.78 -6.90 -37.67
C ALA B 1053 -26.67 -7.38 -36.71
N PRO B 1054 -25.51 -6.73 -36.71
CA PRO B 1054 -24.42 -6.96 -35.78
C PRO B 1054 -24.91 -6.85 -34.34
N HIS B 1055 -24.74 -7.93 -33.59
CA HIS B 1055 -25.10 -7.99 -32.17
C HIS B 1055 -26.56 -7.64 -31.88
N GLY B 1056 -27.46 -7.80 -32.84
CA GLY B 1056 -28.84 -7.45 -32.59
C GLY B 1056 -29.79 -7.79 -33.73
N VAL B 1057 -31.04 -7.37 -33.58
CA VAL B 1057 -32.10 -7.64 -34.56
C VAL B 1057 -32.85 -6.37 -34.91
N VAL B 1058 -33.26 -6.25 -36.17
CA VAL B 1058 -34.00 -5.09 -36.61
C VAL B 1058 -35.37 -5.48 -37.15
N PHE B 1059 -36.40 -4.81 -36.65
CA PHE B 1059 -37.77 -5.10 -37.10
C PHE B 1059 -38.34 -4.00 -37.96
N LEU B 1060 -38.97 -4.39 -39.05
CA LEU B 1060 -39.72 -3.45 -39.88
C LEU B 1060 -41.20 -3.64 -39.64
N HIS B 1061 -41.82 -2.65 -39.02
CA HIS B 1061 -43.22 -2.76 -38.62
C HIS B 1061 -44.14 -2.07 -39.62
N VAL B 1062 -45.04 -2.83 -40.20
CA VAL B 1062 -45.98 -2.31 -41.18
C VAL B 1062 -47.30 -2.00 -40.48
N THR B 1063 -47.70 -0.73 -40.48
CA THR B 1063 -48.88 -0.32 -39.75
C THR B 1063 -49.87 0.48 -40.60
N TYR B 1064 -51.13 0.39 -40.22
CA TYR B 1064 -52.22 1.14 -40.83
C TYR B 1064 -52.49 2.41 -40.05
N VAL B 1065 -52.54 3.54 -40.76
CA VAL B 1065 -52.80 4.83 -40.14
C VAL B 1065 -53.92 5.55 -40.87
N PRO B 1066 -55.01 5.93 -40.18
CA PRO B 1066 -56.16 6.62 -40.72
C PRO B 1066 -55.80 8.04 -41.12
N ALA B 1067 -56.49 8.58 -42.11
CA ALA B 1067 -56.20 9.93 -42.57
C ALA B 1067 -57.43 10.63 -43.12
N GLN B 1068 -57.38 11.96 -43.15
CA GLN B 1068 -58.42 12.77 -43.76
C GLN B 1068 -59.80 12.55 -43.14
N GLU B 1069 -59.92 12.83 -41.85
CA GLU B 1069 -61.18 12.70 -41.16
C GLU B 1069 -62.15 13.83 -41.53
N LYS B 1070 -63.44 13.56 -41.39
CA LYS B 1070 -64.46 14.57 -41.62
C LYS B 1070 -65.48 14.55 -40.48
N ASN B 1071 -66.06 15.71 -40.15
CA ASN B 1071 -67.00 15.91 -39.07
C ASN B 1071 -68.42 15.49 -39.44
N PHE B 1072 -69.01 14.54 -38.76
CA PHE B 1072 -70.39 14.07 -38.96
C PHE B 1072 -71.21 14.26 -37.70
N THR B 1073 -72.52 14.41 -37.86
CA THR B 1073 -73.41 14.50 -36.70
C THR B 1073 -73.85 13.10 -36.30
N THR B 1074 -73.85 12.81 -35.02
CA THR B 1074 -74.13 11.44 -34.58
C THR B 1074 -75.28 11.33 -33.58
N ALA B 1075 -75.61 10.08 -33.22
CA ALA B 1075 -76.64 9.79 -32.24
C ALA B 1075 -76.43 8.40 -31.64
N PRO B 1076 -76.62 8.24 -30.31
CA PRO B 1076 -76.60 7.01 -29.54
C PRO B 1076 -77.46 5.90 -30.13
N ALA B 1077 -78.65 6.25 -30.59
CA ALA B 1077 -79.57 5.29 -31.14
C ALA B 1077 -80.54 5.96 -32.09
N ILE B 1078 -81.13 5.17 -32.96
CA ILE B 1078 -82.12 5.69 -33.90
C ILE B 1078 -83.49 5.18 -33.48
N CYS B 1079 -84.51 6.02 -33.50
CA CYS B 1079 -85.87 5.68 -33.04
C CYS B 1079 -86.77 5.29 -34.18
N HIS B 1080 -87.51 4.19 -34.00
CA HIS B 1080 -88.48 3.79 -35.01
C HIS B 1080 -89.68 3.08 -34.41
N ASP B 1081 -90.87 3.60 -34.69
CA ASP B 1081 -92.10 2.98 -34.23
C ASP B 1081 -92.10 2.76 -32.72
N GLY B 1082 -91.53 3.71 -31.99
CA GLY B 1082 -91.54 3.69 -30.53
C GLY B 1082 -90.42 2.82 -29.93
N LYS B 1083 -89.62 2.19 -30.78
CA LYS B 1083 -88.56 1.30 -30.32
C LYS B 1083 -87.17 1.90 -30.50
N ALA B 1084 -86.22 1.51 -29.66
CA ALA B 1084 -84.84 1.98 -29.78
C ALA B 1084 -83.99 1.01 -30.59
N HIS B 1085 -83.46 1.47 -31.71
CA HIS B 1085 -82.61 0.65 -32.57
C HIS B 1085 -81.14 1.05 -32.44
N PHE B 1086 -80.29 0.08 -32.13
CA PHE B 1086 -78.85 0.29 -32.01
C PHE B 1086 -78.14 -0.42 -33.15
N PRO B 1087 -77.00 0.09 -33.62
CA PRO B 1087 -76.18 -0.49 -34.66
C PRO B 1087 -75.54 -1.77 -34.17
N ARG B 1088 -75.45 -2.77 -35.04
CA ARG B 1088 -74.75 -4.00 -34.68
C ARG B 1088 -73.26 -3.74 -34.63
N GLU B 1089 -72.81 -2.90 -35.55
CA GLU B 1089 -71.42 -2.46 -35.62
C GLU B 1089 -71.37 -1.11 -36.28
N GLY B 1090 -70.35 -0.33 -35.95
CA GLY B 1090 -70.23 1.00 -36.53
C GLY B 1090 -71.07 2.01 -35.77
N VAL B 1091 -71.23 3.18 -36.35
CA VAL B 1091 -71.94 4.28 -35.71
C VAL B 1091 -72.97 4.90 -36.66
N PHE B 1092 -73.94 5.61 -36.10
CA PHE B 1092 -74.88 6.37 -36.92
C PHE B 1092 -74.33 7.75 -37.20
N VAL B 1093 -74.38 8.16 -38.46
CA VAL B 1093 -73.91 9.47 -38.85
C VAL B 1093 -74.89 10.18 -39.76
N SER B 1094 -74.91 11.50 -39.68
CA SER B 1094 -75.73 12.32 -40.56
C SER B 1094 -74.91 13.23 -41.44
N ASN B 1095 -75.26 13.29 -42.74
CA ASN B 1095 -74.62 14.19 -43.71
C ASN B 1095 -75.34 15.54 -43.81
N GLY B 1096 -76.32 15.77 -42.93
CA GLY B 1096 -77.11 17.00 -42.87
C GLY B 1096 -78.56 16.77 -43.23
N THR B 1097 -78.84 15.75 -44.05
CA THR B 1097 -80.24 15.49 -44.42
C THR B 1097 -80.65 14.04 -44.20
N HIS B 1098 -79.70 13.12 -44.30
CA HIS B 1098 -80.02 11.70 -44.15
C HIS B 1098 -79.08 11.01 -43.18
N TRP B 1099 -79.61 10.00 -42.49
CA TRP B 1099 -78.83 9.19 -41.56
C TRP B 1099 -78.34 7.90 -42.18
N PHE B 1100 -77.09 7.55 -41.89
CA PHE B 1100 -76.46 6.33 -42.38
C PHE B 1100 -75.73 5.62 -41.27
N VAL B 1101 -75.42 4.35 -41.48
CA VAL B 1101 -74.59 3.60 -40.54
C VAL B 1101 -73.28 3.24 -41.22
N THR B 1102 -72.17 3.51 -40.54
CA THR B 1102 -70.86 3.27 -41.12
C THR B 1102 -69.88 2.67 -40.11
N GLN B 1103 -68.88 1.96 -40.60
CA GLN B 1103 -67.83 1.43 -39.74
C GLN B 1103 -66.98 2.57 -39.18
N ARG B 1104 -66.37 2.34 -38.03
CA ARG B 1104 -65.69 3.39 -37.27
C ARG B 1104 -64.36 3.85 -37.87
N ASN B 1105 -63.64 2.94 -38.49
CA ASN B 1105 -62.26 3.20 -38.92
C ASN B 1105 -62.14 3.62 -40.38
N PHE B 1106 -63.26 3.77 -41.07
CA PHE B 1106 -63.24 4.14 -42.47
C PHE B 1106 -64.64 4.56 -42.91
N TYR B 1107 -64.76 5.78 -43.44
CA TYR B 1107 -66.07 6.25 -43.83
C TYR B 1107 -66.59 5.55 -45.07
N GLU B 1108 -67.68 4.81 -44.90
CA GLU B 1108 -68.30 4.05 -45.98
C GLU B 1108 -69.77 3.76 -45.67
N PRO B 1109 -70.64 4.75 -45.84
CA PRO B 1109 -72.00 4.84 -45.35
C PRO B 1109 -72.95 3.88 -46.06
N GLN B 1110 -73.85 3.28 -45.31
CA GLN B 1110 -74.92 2.47 -45.90
C GLN B 1110 -76.26 2.78 -45.23
N ILE B 1111 -77.34 2.46 -45.92
CA ILE B 1111 -78.69 2.69 -45.43
C ILE B 1111 -78.93 1.91 -44.15
N ILE B 1112 -79.61 2.53 -43.19
CA ILE B 1112 -79.92 1.87 -41.93
C ILE B 1112 -81.10 0.92 -42.15
N THR B 1113 -80.89 -0.35 -41.83
CA THR B 1113 -81.90 -1.37 -42.07
C THR B 1113 -82.02 -2.27 -40.86
N THR B 1114 -83.02 -3.13 -40.87
CA THR B 1114 -83.20 -4.09 -39.79
C THR B 1114 -82.11 -5.16 -39.79
N ASP B 1115 -81.30 -5.20 -40.84
CA ASP B 1115 -80.24 -6.19 -40.94
C ASP B 1115 -78.90 -5.68 -40.41
N ASN B 1116 -78.85 -4.41 -40.01
CA ASN B 1116 -77.61 -3.88 -39.44
C ASN B 1116 -77.85 -3.17 -38.11
N THR B 1117 -79.03 -3.38 -37.55
CA THR B 1117 -79.37 -2.87 -36.23
C THR B 1117 -80.02 -3.95 -35.38
N PHE B 1118 -80.13 -3.69 -34.09
CA PHE B 1118 -80.86 -4.58 -33.19
C PHE B 1118 -81.73 -3.75 -32.26
N VAL B 1119 -82.79 -4.34 -31.76
CA VAL B 1119 -83.71 -3.58 -30.92
C VAL B 1119 -83.59 -3.95 -29.46
N SER B 1120 -83.54 -2.93 -28.61
CA SER B 1120 -83.49 -3.18 -27.18
C SER B 1120 -84.02 -1.98 -26.39
N GLY B 1121 -85.16 -2.18 -25.75
CA GLY B 1121 -85.80 -1.11 -24.97
C GLY B 1121 -86.62 -0.21 -25.87
N ASN B 1122 -87.32 0.73 -25.26
CA ASN B 1122 -88.18 1.63 -26.03
C ASN B 1122 -87.46 2.94 -26.36
N CYS B 1123 -88.13 3.79 -27.14
CA CYS B 1123 -87.61 5.07 -27.62
C CYS B 1123 -87.55 6.14 -26.53
N ASP B 1124 -88.01 5.82 -25.32
CA ASP B 1124 -88.04 6.81 -24.25
C ASP B 1124 -86.88 6.67 -23.26
N VAL B 1125 -86.14 5.57 -23.35
CA VAL B 1125 -85.12 5.28 -22.33
C VAL B 1125 -83.74 5.81 -22.69
N VAL B 1126 -83.49 6.00 -23.97
CA VAL B 1126 -82.18 6.45 -24.44
C VAL B 1126 -82.10 7.97 -24.53
N ILE B 1127 -81.04 8.55 -23.98
CA ILE B 1127 -80.81 9.99 -24.05
C ILE B 1127 -80.10 10.35 -25.34
N GLY B 1128 -80.64 11.33 -26.05
CA GLY B 1128 -80.01 11.79 -27.29
C GLY B 1128 -80.49 11.01 -28.51
N ILE B 1129 -81.55 10.23 -28.32
CA ILE B 1129 -82.13 9.42 -29.40
C ILE B 1129 -82.84 10.31 -30.41
N VAL B 1130 -82.76 9.97 -31.69
CA VAL B 1130 -83.40 10.80 -32.72
C VAL B 1130 -84.40 9.98 -33.55
N ASN B 1131 -85.35 10.67 -34.21
CA ASN B 1131 -86.39 10.04 -35.03
C ASN B 1131 -85.91 9.77 -36.45
N ASN B 1132 -86.17 8.54 -36.93
CA ASN B 1132 -85.89 8.13 -38.32
C ASN B 1132 -86.75 6.93 -38.71
N THR B 1133 -86.60 6.48 -39.94
CA THR B 1133 -87.24 5.25 -40.40
C THR B 1133 -86.20 4.19 -40.75
N VAL B 1134 -86.38 3.00 -40.20
CA VAL B 1134 -85.49 1.88 -40.48
C VAL B 1134 -86.08 1.02 -41.58
N TYR B 1135 -85.28 0.77 -42.62
CA TYR B 1135 -85.74 0.02 -43.77
C TYR B 1135 -85.89 -1.48 -43.50
N ASP B 1136 -87.02 -2.04 -43.93
CA ASP B 1136 -87.30 -3.46 -43.82
C ASP B 1136 -87.30 -4.09 -45.22
N PRO B 1137 -86.28 -4.90 -45.56
CA PRO B 1137 -86.00 -5.45 -46.86
C PRO B 1137 -86.99 -6.55 -47.28
N LEU B 1138 -87.82 -6.99 -46.36
CA LEU B 1138 -88.77 -8.06 -46.65
C LEU B 1138 -90.16 -7.57 -47.07
N GLN B 1139 -90.51 -6.35 -46.68
CA GLN B 1139 -91.80 -5.79 -47.01
C GLN B 1139 -92.04 -5.49 -48.50
N PRO B 1140 -91.04 -4.99 -49.26
CA PRO B 1140 -91.14 -4.65 -50.68
C PRO B 1140 -91.56 -5.85 -51.52
N GLU B 1141 -91.32 -7.06 -51.00
CA GLU B 1141 -91.68 -8.28 -51.73
C GLU B 1141 -93.02 -8.87 -51.24
N LEU B 1142 -93.70 -8.17 -50.31
CA LEU B 1142 -94.95 -8.62 -49.71
C LEU B 1142 -96.07 -7.63 -50.02
N GLN C 14 41.49 -52.24 4.43
CA GLN C 14 42.07 -52.76 3.20
C GLN C 14 40.96 -53.01 2.17
N CYS C 15 41.04 -52.30 1.05
CA CYS C 15 40.09 -52.48 -0.05
C CYS C 15 40.44 -53.70 -0.89
N VAL C 16 39.43 -54.27 -1.50
CA VAL C 16 39.61 -55.34 -2.48
C VAL C 16 39.27 -54.87 -3.87
N ASN C 17 40.24 -54.93 -4.81
CA ASN C 17 39.99 -54.72 -6.22
C ASN C 17 39.17 -55.89 -6.78
N LEU C 18 38.27 -55.61 -7.70
CA LEU C 18 37.38 -56.64 -8.22
C LEU C 18 37.20 -56.48 -9.73
N LEU C 24 27.85 -53.57 -18.71
CA LEU C 24 26.57 -53.56 -19.42
C LEU C 24 25.83 -52.24 -19.20
N PRO C 25 25.04 -51.79 -20.17
CA PRO C 25 24.20 -50.62 -20.14
C PRO C 25 23.01 -50.84 -19.19
N PRO C 26 22.45 -49.75 -18.65
CA PRO C 26 21.29 -49.70 -17.78
C PRO C 26 19.99 -49.97 -18.54
N ALA C 27 18.98 -50.44 -17.82
CA ALA C 27 17.65 -50.64 -18.38
C ALA C 27 16.71 -49.52 -17.94
N TYR C 28 15.55 -49.43 -18.58
CA TYR C 28 14.57 -48.42 -18.19
C TYR C 28 13.23 -49.08 -17.87
N THR C 29 12.50 -48.50 -16.93
CA THR C 29 11.24 -49.07 -16.48
C THR C 29 10.12 -48.03 -16.38
N ASN C 30 8.92 -48.52 -16.09
CA ASN C 30 7.76 -47.64 -15.97
C ASN C 30 7.52 -47.26 -14.52
N SER C 31 7.71 -45.99 -14.19
CA SER C 31 7.56 -45.54 -12.81
C SER C 31 6.11 -45.47 -12.37
N PHE C 32 5.21 -45.53 -13.35
CA PHE C 32 3.77 -45.39 -13.13
C PHE C 32 3.42 -44.19 -12.26
N THR C 33 2.80 -44.45 -11.12
CA THR C 33 2.31 -43.40 -10.25
C THR C 33 2.99 -43.37 -8.88
N ARG C 34 4.20 -43.94 -8.81
CA ARG C 34 4.98 -43.95 -7.58
C ARG C 34 5.86 -42.72 -7.41
N GLY C 35 6.47 -42.59 -6.22
CA GLY C 35 7.35 -41.45 -5.93
C GLY C 35 6.55 -40.27 -5.38
N VAL C 36 5.49 -40.59 -4.66
CA VAL C 36 4.62 -39.63 -4.02
C VAL C 36 4.67 -39.81 -2.51
N TYR C 37 4.68 -38.70 -1.79
CA TYR C 37 4.82 -38.72 -0.34
C TYR C 37 4.00 -37.62 0.31
N TYR C 38 3.79 -37.75 1.62
CA TYR C 38 3.06 -36.74 2.38
C TYR C 38 3.87 -35.44 2.46
N PRO C 39 3.35 -34.32 1.93
CA PRO C 39 4.02 -33.04 1.80
C PRO C 39 4.26 -32.35 3.15
N ASP C 40 3.46 -32.69 4.16
CA ASP C 40 3.64 -32.12 5.49
C ASP C 40 3.08 -33.02 6.58
N LYS C 41 3.16 -32.56 7.83
CA LYS C 41 2.75 -33.35 8.97
C LYS C 41 1.43 -32.88 9.58
N VAL C 42 0.40 -32.79 8.74
CA VAL C 42 -0.92 -32.36 9.18
C VAL C 42 -1.98 -33.41 8.83
N PHE C 43 -2.87 -33.70 9.78
CA PHE C 43 -3.92 -34.66 9.51
C PHE C 43 -5.05 -34.02 8.70
N ARG C 44 -5.41 -34.68 7.60
CA ARG C 44 -6.47 -34.21 6.73
C ARG C 44 -7.38 -35.37 6.34
N SER C 45 -8.66 -35.08 6.11
CA SER C 45 -9.58 -36.12 5.67
C SER C 45 -10.66 -35.56 4.75
N SER C 46 -11.08 -36.38 3.79
CA SER C 46 -12.13 -36.03 2.84
C SER C 46 -11.93 -34.65 2.23
N VAL C 47 -10.71 -34.37 1.80
CA VAL C 47 -10.37 -33.08 1.23
C VAL C 47 -9.44 -33.20 0.03
N LEU C 48 -9.61 -32.30 -0.94
CA LEU C 48 -8.74 -32.23 -2.10
C LEU C 48 -7.66 -31.18 -1.87
N HIS C 49 -6.40 -31.62 -1.85
CA HIS C 49 -5.29 -30.73 -1.53
C HIS C 49 -4.30 -30.60 -2.68
N SER C 50 -4.05 -29.36 -3.07
CA SER C 50 -3.12 -29.07 -4.17
C SER C 50 -1.81 -28.52 -3.64
N THR C 51 -0.70 -29.19 -3.97
CA THR C 51 0.60 -28.78 -3.44
C THR C 51 1.71 -28.79 -4.49
N GLN C 52 2.70 -27.93 -4.30
CA GLN C 52 3.88 -27.87 -5.17
C GLN C 52 5.14 -28.26 -4.41
N ASP C 53 5.80 -29.30 -4.88
CA ASP C 53 7.00 -29.84 -4.22
C ASP C 53 7.80 -30.69 -5.21
N LEU C 54 8.89 -31.26 -4.74
CA LEU C 54 9.68 -32.14 -5.61
C LEU C 54 9.13 -33.57 -5.56
N PHE C 55 8.56 -34.00 -6.70
CA PHE C 55 7.93 -35.31 -6.82
C PHE C 55 8.46 -36.04 -8.02
N LEU C 56 8.32 -37.36 -8.02
CA LEU C 56 8.66 -38.14 -9.22
C LEU C 56 7.51 -38.01 -10.22
N PRO C 57 7.76 -37.52 -11.44
CA PRO C 57 6.80 -37.39 -12.52
C PRO C 57 6.18 -38.73 -12.83
N PHE C 58 4.88 -38.75 -13.13
CA PHE C 58 4.18 -40.06 -13.34
C PHE C 58 4.60 -40.68 -14.68
N PHE C 59 4.78 -42.00 -14.72
CA PHE C 59 5.17 -42.70 -15.96
C PHE C 59 6.44 -42.06 -16.54
N SER C 60 7.59 -42.33 -15.91
CA SER C 60 8.87 -41.72 -16.37
C SER C 60 9.96 -42.80 -16.40
N ASN C 61 11.12 -42.48 -17.01
CA ASN C 61 12.26 -43.43 -17.05
C ASN C 61 12.68 -43.76 -15.62
N VAL C 62 13.03 -45.02 -15.35
CA VAL C 62 13.49 -45.42 -13.99
C VAL C 62 14.78 -46.18 -14.34
N THR C 63 15.94 -45.59 -14.04
CA THR C 63 17.23 -46.24 -14.37
C THR C 63 17.19 -47.54 -13.56
N TRP C 64 17.13 -48.68 -14.25
CA TRP C 64 17.04 -49.98 -13.59
C TRP C 64 18.38 -50.73 -13.56
N PHE C 65 18.87 -51.01 -12.35
CA PHE C 65 20.13 -51.71 -12.16
C PHE C 65 19.89 -53.09 -11.56
N HIS C 66 20.31 -54.13 -12.29
CA HIS C 66 20.08 -55.51 -11.85
C HIS C 66 21.36 -56.15 -11.31
N VAL C 67 21.33 -56.55 -10.05
CA VAL C 67 22.47 -57.18 -9.40
C VAL C 67 22.29 -58.70 -9.34
N ILE C 68 23.24 -59.44 -9.92
CA ILE C 68 23.15 -60.90 -10.07
C ILE C 68 24.47 -61.48 -10.59
N LYS C 75 28.73 -62.73 -11.25
CA LYS C 75 29.37 -61.66 -10.51
C LYS C 75 29.09 -60.29 -11.14
N ARG C 76 27.79 -59.97 -11.29
CA ARG C 76 27.34 -58.69 -11.85
C ARG C 76 26.91 -57.74 -10.75
N PHE C 77 27.70 -56.71 -10.51
CA PHE C 77 27.43 -55.78 -9.43
C PHE C 77 27.34 -54.35 -9.94
N ASP C 78 26.20 -54.00 -10.51
CA ASP C 78 26.03 -52.69 -11.12
C ASP C 78 25.77 -51.64 -10.06
N ASN C 79 26.83 -51.08 -9.51
CA ASN C 79 26.71 -50.06 -8.47
C ASN C 79 27.62 -48.85 -8.71
N PRO C 80 27.39 -48.12 -9.81
CA PRO C 80 28.11 -46.94 -10.24
C PRO C 80 27.78 -45.72 -9.39
N VAL C 81 28.57 -44.68 -9.52
CA VAL C 81 28.24 -43.41 -8.88
C VAL C 81 27.27 -42.63 -9.75
N LEU C 82 26.15 -42.24 -9.18
CA LEU C 82 25.09 -41.56 -9.92
C LEU C 82 24.95 -40.10 -9.47
N PRO C 83 24.45 -39.22 -10.34
CA PRO C 83 24.04 -37.86 -10.04
C PRO C 83 22.92 -37.84 -9.00
N PHE C 84 22.88 -36.79 -8.18
CA PHE C 84 21.82 -36.59 -7.22
C PHE C 84 20.80 -35.58 -7.75
N ASN C 85 21.30 -34.58 -8.47
CA ASN C 85 20.48 -33.51 -9.03
C ASN C 85 19.66 -32.78 -7.96
N ASP C 86 18.34 -32.70 -8.17
CA ASP C 86 17.47 -31.96 -7.25
C ASP C 86 17.03 -32.83 -6.09
N GLY C 87 16.94 -34.12 -6.34
CA GLY C 87 16.52 -35.10 -5.35
C GLY C 87 16.39 -36.44 -6.01
N VAL C 88 16.40 -37.50 -5.20
CA VAL C 88 16.41 -38.85 -5.76
C VAL C 88 15.31 -39.75 -5.23
N TYR C 89 14.66 -40.45 -6.15
CA TYR C 89 13.74 -41.52 -5.80
C TYR C 89 14.48 -42.84 -5.91
N PHE C 90 14.52 -43.59 -4.82
CA PHE C 90 15.23 -44.85 -4.82
C PHE C 90 14.33 -45.98 -4.38
N ALA C 91 14.36 -47.09 -5.10
CA ALA C 91 13.54 -48.23 -4.73
C ALA C 91 14.29 -49.52 -4.97
N SER C 92 13.92 -50.57 -4.25
CA SER C 92 14.57 -51.85 -4.45
C SER C 92 13.66 -53.03 -4.16
N ILE C 93 13.92 -54.13 -4.85
CA ILE C 93 13.23 -55.40 -4.61
C ILE C 93 14.26 -56.47 -4.30
N GLU C 94 14.11 -57.12 -3.15
CA GLU C 94 15.12 -58.10 -2.72
C GLU C 94 14.56 -59.12 -1.74
N LYS C 95 15.28 -60.24 -1.60
CA LYS C 95 14.94 -61.24 -0.57
C LYS C 95 16.22 -61.88 -0.01
N SER C 96 17.23 -61.02 0.20
CA SER C 96 18.52 -61.48 0.78
C SER C 96 19.21 -60.28 1.43
N ASN C 97 18.60 -59.09 1.33
CA ASN C 97 19.15 -57.85 1.94
C ASN C 97 20.59 -57.62 1.47
N ILE C 98 20.82 -57.59 0.15
CA ILE C 98 22.19 -57.30 -0.39
C ILE C 98 22.51 -55.81 -0.20
N ILE C 99 21.55 -54.93 -0.48
CA ILE C 99 21.79 -53.46 -0.37
C ILE C 99 21.56 -53.05 1.08
N ARG C 100 22.31 -52.07 1.59
CA ARG C 100 22.18 -51.72 3.03
C ARG C 100 22.74 -50.32 3.32
N GLY C 101 22.75 -49.41 2.34
CA GLY C 101 23.18 -48.05 2.66
C GLY C 101 23.54 -47.23 1.44
N TRP C 102 23.87 -45.97 1.68
CA TRP C 102 24.20 -45.04 0.63
C TRP C 102 25.33 -44.09 1.04
N ILE C 103 26.05 -43.61 0.04
CA ILE C 103 27.01 -42.53 0.23
C ILE C 103 26.56 -41.31 -0.53
N PHE C 104 26.49 -40.18 0.15
CA PHE C 104 26.14 -38.94 -0.52
C PHE C 104 27.28 -37.93 -0.36
N GLY C 105 27.57 -37.19 -1.42
CA GLY C 105 28.61 -36.16 -1.32
C GLY C 105 28.92 -35.55 -2.67
N THR C 106 30.14 -35.05 -2.83
CA THR C 106 30.54 -34.43 -4.09
C THR C 106 31.71 -35.18 -4.71
N THR C 107 32.89 -34.96 -4.17
CA THR C 107 34.09 -35.59 -4.68
C THR C 107 34.34 -36.96 -4.04
N LEU C 108 33.63 -37.23 -2.95
CA LEU C 108 33.64 -38.53 -2.27
C LEU C 108 35.05 -38.98 -1.86
N ASP C 109 35.83 -38.04 -1.33
CA ASP C 109 37.17 -38.33 -0.84
C ASP C 109 37.51 -37.40 0.32
N SER C 110 38.70 -37.55 0.89
CA SER C 110 39.07 -36.78 2.08
C SER C 110 39.47 -35.35 1.76
N LYS C 111 38.59 -34.63 1.10
CA LYS C 111 38.79 -33.24 0.79
C LYS C 111 37.59 -32.45 1.24
N THR C 112 36.44 -33.12 1.22
CA THR C 112 35.18 -32.49 1.59
C THR C 112 34.41 -33.42 2.51
N GLN C 113 33.37 -32.90 3.14
CA GLN C 113 32.54 -33.73 4.00
C GLN C 113 31.59 -34.58 3.18
N SER C 114 31.38 -35.81 3.64
CA SER C 114 30.45 -36.72 2.98
C SER C 114 29.49 -37.35 3.97
N LEU C 115 28.30 -37.67 3.49
CA LEU C 115 27.27 -38.29 4.31
C LEU C 115 27.19 -39.79 4.08
N LEU C 116 27.41 -40.56 5.14
CA LEU C 116 27.39 -42.00 5.04
C LEU C 116 26.25 -42.63 5.85
N ILE C 117 25.36 -43.34 5.17
CA ILE C 117 24.24 -44.00 5.82
C ILE C 117 24.34 -45.52 5.68
N VAL C 118 24.56 -46.22 6.78
CA VAL C 118 24.70 -47.67 6.74
C VAL C 118 23.76 -48.35 7.73
N ASN C 119 22.99 -49.32 7.24
CA ASN C 119 22.06 -50.06 8.08
C ASN C 119 22.74 -51.25 8.76
N ASN C 120 21.96 -51.97 9.58
CA ASN C 120 22.47 -53.03 10.44
C ASN C 120 21.34 -54.03 10.73
N ALA C 121 21.66 -55.12 11.43
CA ALA C 121 20.65 -56.06 11.95
C ALA C 121 19.93 -55.41 13.13
N THR C 122 20.60 -54.41 13.72
CA THR C 122 20.04 -53.63 14.81
C THR C 122 19.80 -52.18 14.41
N ASN C 123 20.68 -51.27 14.82
CA ASN C 123 20.48 -49.84 14.57
C ASN C 123 21.19 -49.33 13.30
N VAL C 124 20.70 -48.21 12.77
CA VAL C 124 21.31 -47.56 11.62
C VAL C 124 22.32 -46.52 12.08
N VAL C 125 23.48 -46.50 11.44
CA VAL C 125 24.52 -45.57 11.82
C VAL C 125 24.78 -44.55 10.73
N ILE C 126 24.59 -43.28 11.08
CA ILE C 126 24.77 -42.20 10.12
C ILE C 126 25.85 -41.23 10.58
N LYS C 127 26.84 -41.01 9.72
CA LYS C 127 27.94 -40.12 10.05
C LYS C 127 28.26 -39.17 8.91
N VAL C 128 28.62 -37.94 9.26
CA VAL C 128 29.12 -36.99 8.29
C VAL C 128 30.56 -36.60 8.64
N CYS C 129 31.49 -37.03 7.78
CA CYS C 129 32.92 -36.83 8.03
C CYS C 129 33.67 -36.61 6.72
N GLU C 130 34.92 -36.17 6.84
CA GLU C 130 35.80 -36.11 5.68
C GLU C 130 36.33 -37.50 5.39
N PHE C 131 35.46 -38.34 4.82
CA PHE C 131 35.77 -39.73 4.56
C PHE C 131 36.64 -39.91 3.32
N GLN C 132 37.60 -40.81 3.41
CA GLN C 132 38.30 -41.29 2.24
C GLN C 132 37.74 -42.63 1.88
N PHE C 133 36.82 -42.63 0.92
CA PHE C 133 36.05 -43.83 0.59
C PHE C 133 36.87 -44.84 -0.20
N CYS C 134 36.51 -46.11 -0.04
CA CYS C 134 37.12 -47.23 -0.73
C CYS C 134 36.87 -47.17 -2.24
N ASN C 135 37.79 -47.71 -3.02
CA ASN C 135 37.67 -47.71 -4.48
C ASN C 135 36.35 -48.35 -4.94
N ASP C 136 35.92 -49.38 -4.20
CA ASP C 136 34.66 -50.06 -4.47
C ASP C 136 34.05 -50.50 -3.15
N PRO C 137 33.32 -49.59 -2.48
CA PRO C 137 32.75 -49.76 -1.15
C PRO C 137 31.79 -50.93 -1.07
N PHE C 138 31.94 -51.76 -0.04
CA PHE C 138 31.01 -52.84 0.23
C PHE C 138 31.15 -53.36 1.66
N LEU C 139 30.18 -54.15 2.10
CA LEU C 139 30.25 -54.78 3.41
C LEU C 139 30.56 -56.25 3.24
N ASP C 140 31.16 -56.88 4.25
CA ASP C 140 31.60 -58.26 4.11
C ASP C 140 31.27 -59.11 5.33
N HIS C 141 30.22 -59.94 5.21
CA HIS C 141 29.70 -60.72 6.34
C HIS C 141 29.61 -62.20 5.98
N GLU C 151 32.17 -57.19 9.53
CA GLU C 151 33.06 -56.09 9.18
C GLU C 151 32.63 -55.46 7.84
N PHE C 152 33.36 -54.43 7.41
CA PHE C 152 33.03 -53.71 6.18
C PHE C 152 34.25 -53.07 5.54
N ARG C 153 34.12 -52.75 4.26
CA ARG C 153 35.13 -52.03 3.51
C ARG C 153 34.50 -50.85 2.78
N VAL C 154 34.11 -49.84 3.53
CA VAL C 154 33.41 -48.70 2.96
C VAL C 154 34.35 -47.50 2.83
N TYR C 155 35.15 -47.26 3.87
CA TYR C 155 36.10 -46.17 3.88
C TYR C 155 37.41 -46.62 4.49
N SER C 156 38.52 -46.00 4.07
CA SER C 156 39.83 -46.38 4.60
C SER C 156 40.20 -45.53 5.79
N SER C 157 39.79 -44.27 5.77
CA SER C 157 40.09 -43.34 6.85
C SER C 157 39.15 -42.15 6.83
N ALA C 158 39.16 -41.36 7.90
CA ALA C 158 38.40 -40.11 7.94
C ALA C 158 39.08 -39.10 8.85
N ASN C 159 38.93 -37.82 8.51
CA ASN C 159 39.54 -36.75 9.29
C ASN C 159 38.51 -36.07 10.23
N ASN C 160 37.93 -34.93 9.80
CA ASN C 160 36.99 -34.18 10.63
C ASN C 160 35.58 -34.75 10.55
N CYS C 161 34.94 -34.95 11.71
CA CYS C 161 33.54 -35.39 11.81
C CYS C 161 32.70 -34.34 12.51
N THR C 162 31.45 -34.20 12.07
CA THR C 162 30.53 -33.25 12.68
C THR C 162 29.27 -33.97 13.17
N PHE C 163 28.38 -34.26 12.24
CA PHE C 163 27.11 -34.89 12.55
C PHE C 163 27.26 -36.39 12.79
N GLU C 164 26.55 -36.89 13.81
CA GLU C 164 26.49 -38.32 14.07
C GLU C 164 25.12 -38.69 14.65
N TYR C 165 24.56 -39.78 14.14
CA TYR C 165 23.23 -40.22 14.57
C TYR C 165 23.09 -41.74 14.53
N VAL C 166 22.53 -42.32 15.59
CA VAL C 166 22.26 -43.76 15.63
C VAL C 166 20.84 -44.02 16.12
N SER C 167 20.08 -44.80 15.36
CA SER C 167 18.70 -45.10 15.76
C SER C 167 18.14 -46.35 15.08
N GLN C 168 16.81 -46.48 15.10
CA GLN C 168 16.12 -47.63 14.54
C GLN C 168 16.40 -47.73 13.04
N PRO C 169 16.54 -48.95 12.51
CA PRO C 169 16.95 -49.28 11.16
C PRO C 169 15.95 -48.80 10.12
N PHE C 170 16.45 -48.40 8.96
CA PHE C 170 15.59 -47.94 7.87
C PHE C 170 14.93 -49.08 7.11
N LEU C 171 15.63 -50.22 7.00
CA LEU C 171 15.17 -51.37 6.23
C LEU C 171 14.06 -52.11 6.97
N PHE C 181 8.10 -64.80 -0.76
CA PHE C 181 7.81 -63.53 -1.41
C PHE C 181 8.92 -62.50 -1.13
N LYS C 182 9.22 -61.67 -2.13
CA LYS C 182 10.24 -60.62 -2.02
C LYS C 182 9.69 -59.38 -1.34
N ASN C 183 10.57 -58.55 -0.80
CA ASN C 183 10.18 -57.28 -0.19
C ASN C 183 10.46 -56.11 -1.13
N LEU C 184 9.62 -55.08 -1.04
CA LEU C 184 9.83 -53.86 -1.81
C LEU C 184 9.99 -52.66 -0.89
N ARG C 185 11.03 -51.88 -1.12
CA ARG C 185 11.26 -50.68 -0.32
C ARG C 185 11.39 -49.45 -1.21
N GLU C 186 10.82 -48.34 -0.74
CA GLU C 186 10.91 -47.08 -1.46
C GLU C 186 11.42 -45.98 -0.54
N PHE C 187 12.34 -45.17 -1.07
CA PHE C 187 12.89 -44.05 -0.34
C PHE C 187 12.91 -42.79 -1.19
N VAL C 188 12.74 -41.65 -0.54
CA VAL C 188 12.94 -40.37 -1.21
C VAL C 188 13.99 -39.55 -0.47
N PHE C 189 15.03 -39.16 -1.19
CA PHE C 189 16.12 -38.38 -0.63
C PHE C 189 16.08 -36.95 -1.13
N LYS C 190 15.80 -36.03 -0.22
CA LYS C 190 15.68 -34.62 -0.58
C LYS C 190 16.60 -33.79 0.32
N ASN C 191 17.21 -32.74 -0.23
CA ASN C 191 18.18 -31.96 0.54
C ASN C 191 17.93 -30.46 0.42
N ILE C 192 17.28 -29.87 1.43
CA ILE C 192 16.92 -28.46 1.37
C ILE C 192 17.47 -27.66 2.54
N ASP C 193 18.21 -26.62 2.21
CA ASP C 193 18.78 -25.70 3.22
C ASP C 193 19.57 -26.42 4.30
N GLY C 194 20.32 -27.44 3.89
CA GLY C 194 21.18 -28.16 4.82
C GLY C 194 20.50 -29.32 5.53
N TYR C 195 19.19 -29.48 5.31
CA TYR C 195 18.45 -30.57 5.95
C TYR C 195 18.21 -31.72 4.97
N PHE C 196 18.75 -32.88 5.32
CA PHE C 196 18.60 -34.06 4.49
C PHE C 196 17.38 -34.84 4.95
N LYS C 197 16.33 -34.80 4.13
CA LYS C 197 15.04 -35.36 4.49
C LYS C 197 14.83 -36.72 3.85
N ILE C 198 14.43 -37.71 4.66
CA ILE C 198 14.19 -39.04 4.13
C ILE C 198 12.75 -39.47 4.36
N TYR C 199 12.11 -39.93 3.28
CA TYR C 199 10.77 -40.50 3.35
C TYR C 199 10.87 -41.97 2.98
N SER C 200 9.99 -42.80 3.52
CA SER C 200 10.08 -44.22 3.20
C SER C 200 8.75 -44.95 3.27
N LYS C 201 8.70 -46.10 2.58
CA LYS C 201 7.58 -47.01 2.64
C LYS C 201 8.06 -48.45 2.40
N HIS C 202 7.52 -49.39 3.18
CA HIS C 202 7.83 -50.81 2.99
C HIS C 202 6.57 -51.62 2.70
N THR C 203 6.60 -52.39 1.62
CA THR C 203 5.49 -53.27 1.29
C THR C 203 6.01 -54.64 0.87
N PRO C 204 5.20 -55.69 0.99
CA PRO C 204 5.37 -57.00 0.39
C PRO C 204 5.28 -56.96 -1.13
N ILE C 205 5.95 -57.91 -1.79
CA ILE C 205 5.87 -58.10 -3.24
C ILE C 205 6.30 -59.52 -3.60
N ASP C 212 9.12 -55.27 -13.88
CA ASP C 212 9.72 -54.11 -13.24
C ASP C 212 8.92 -53.71 -11.98
N LEU C 213 8.54 -52.43 -11.87
CA LEU C 213 7.79 -51.92 -10.71
C LEU C 213 6.29 -52.26 -10.86
N PRO C 214 5.60 -52.51 -9.74
CA PRO C 214 4.16 -52.66 -9.63
C PRO C 214 3.41 -51.40 -10.02
N GLN C 215 2.19 -51.58 -10.50
CA GLN C 215 1.32 -50.46 -10.80
C GLN C 215 0.29 -50.29 -9.68
N GLY C 216 0.25 -49.11 -9.10
CA GLY C 216 -0.66 -48.83 -7.99
C GLY C 216 -0.25 -47.56 -7.27
N PHE C 217 -1.00 -47.19 -6.24
CA PHE C 217 -0.73 -45.95 -5.52
C PHE C 217 -0.42 -46.20 -4.04
N SER C 218 0.70 -45.65 -3.59
CA SER C 218 1.08 -45.74 -2.18
C SER C 218 1.97 -44.57 -1.81
N ALA C 219 1.55 -43.80 -0.81
CA ALA C 219 2.32 -42.62 -0.42
C ALA C 219 3.38 -42.95 0.63
N LEU C 220 4.53 -42.32 0.50
CA LEU C 220 5.62 -42.47 1.45
C LEU C 220 5.49 -41.44 2.57
N GLU C 221 5.99 -41.79 3.76
CA GLU C 221 5.87 -40.90 4.90
C GLU C 221 7.23 -40.60 5.52
N PRO C 222 7.39 -39.46 6.23
CA PRO C 222 8.63 -38.98 6.82
C PRO C 222 9.27 -40.02 7.72
N LEU C 223 10.59 -40.13 7.61
CA LEU C 223 11.37 -41.06 8.42
C LEU C 223 12.30 -40.29 9.35
N VAL C 224 13.26 -39.59 8.77
CA VAL C 224 14.19 -38.76 9.53
C VAL C 224 14.44 -37.40 8.86
N ASP C 225 14.99 -36.45 9.61
CA ASP C 225 15.36 -35.14 9.08
C ASP C 225 16.70 -34.70 9.69
N LEU C 226 17.76 -34.76 8.88
CA LEU C 226 19.13 -34.60 9.38
C LEU C 226 19.71 -33.20 9.12
N PRO C 227 20.00 -32.44 10.19
CA PRO C 227 20.54 -31.08 10.19
C PRO C 227 22.04 -31.07 9.93
N ILE C 228 22.43 -31.26 8.67
CA ILE C 228 23.84 -31.47 8.35
C ILE C 228 24.56 -30.25 7.80
N GLY C 229 23.95 -29.57 6.82
CA GLY C 229 24.62 -28.47 6.13
C GLY C 229 25.61 -28.98 5.07
N ILE C 230 25.25 -30.07 4.39
CA ILE C 230 26.12 -30.71 3.41
C ILE C 230 25.70 -30.49 1.96
N ASN C 231 26.71 -30.29 1.09
CA ASN C 231 26.57 -30.22 -0.37
C ASN C 231 26.62 -31.61 -0.98
N ILE C 232 25.54 -32.03 -1.63
CA ILE C 232 25.41 -33.34 -2.26
C ILE C 232 25.13 -33.19 -3.75
N THR C 233 25.98 -33.78 -4.60
CA THR C 233 25.77 -33.74 -6.03
C THR C 233 25.75 -35.14 -6.66
N ARG C 234 26.34 -36.10 -5.97
CA ARG C 234 26.43 -37.48 -6.44
C ARG C 234 26.15 -38.45 -5.29
N PHE C 235 25.76 -39.68 -5.62
CA PHE C 235 25.58 -40.69 -4.59
C PHE C 235 25.91 -42.10 -5.10
N GLN C 236 26.16 -43.01 -4.18
CA GLN C 236 26.47 -44.40 -4.51
C GLN C 236 25.81 -45.35 -3.52
N THR C 237 25.43 -46.54 -3.97
CA THR C 237 24.84 -47.52 -3.05
C THR C 237 25.90 -48.41 -2.41
N LEU C 238 25.54 -49.01 -1.29
CA LEU C 238 26.41 -49.95 -0.57
C LEU C 238 25.79 -51.34 -0.48
N LEU C 239 26.49 -52.34 -0.97
CA LEU C 239 26.00 -53.72 -0.92
C LEU C 239 26.81 -54.59 0.02
N ALA C 240 26.16 -55.57 0.63
CA ALA C 240 26.84 -56.55 1.44
C ALA C 240 27.10 -57.81 0.64
N LEU C 241 28.32 -58.31 0.68
CA LEU C 241 28.69 -59.51 -0.04
C LEU C 241 28.89 -60.68 0.91
N HIS C 242 28.73 -61.90 0.39
CA HIS C 242 28.90 -63.13 1.15
C HIS C 242 29.25 -64.29 0.20
N ALA C 259 19.41 -62.83 -6.10
CA ALA C 259 19.53 -61.63 -6.94
C ALA C 259 18.59 -60.54 -6.43
N ALA C 260 18.91 -59.28 -6.76
CA ALA C 260 18.12 -58.12 -6.36
C ALA C 260 18.29 -57.01 -7.37
N ALA C 261 17.37 -56.07 -7.37
CA ALA C 261 17.47 -54.94 -8.28
C ALA C 261 17.05 -53.66 -7.60
N TYR C 262 17.62 -52.55 -8.04
CA TYR C 262 17.22 -51.25 -7.53
C TYR C 262 16.98 -50.27 -8.66
N TYR C 263 16.15 -49.28 -8.39
CA TYR C 263 15.71 -48.34 -9.39
C TYR C 263 16.01 -46.92 -8.96
N VAL C 264 16.45 -46.09 -9.88
CA VAL C 264 16.74 -44.70 -9.56
C VAL C 264 16.01 -43.72 -10.46
N GLY C 265 15.25 -42.83 -9.85
CA GLY C 265 14.55 -41.78 -10.57
C GLY C 265 14.95 -40.43 -10.01
N TYR C 266 14.48 -39.36 -10.62
CA TYR C 266 14.81 -38.03 -10.14
C TYR C 266 13.57 -37.18 -9.93
N LEU C 267 13.60 -36.36 -8.89
CA LEU C 267 12.46 -35.52 -8.55
C LEU C 267 12.48 -34.24 -9.35
N GLN C 268 11.30 -33.70 -9.61
CA GLN C 268 11.14 -32.44 -10.32
C GLN C 268 10.14 -31.54 -9.61
N PRO C 269 10.24 -30.22 -9.78
CA PRO C 269 9.30 -29.22 -9.30
C PRO C 269 7.98 -29.37 -10.01
N ARG C 270 7.07 -30.10 -9.37
CA ARG C 270 5.84 -30.55 -10.01
C ARG C 270 4.63 -30.26 -9.12
N THR C 271 3.48 -30.00 -9.72
CA THR C 271 2.27 -29.78 -8.96
C THR C 271 1.39 -31.02 -8.95
N PHE C 272 1.10 -31.51 -7.75
CA PHE C 272 0.22 -32.67 -7.59
C PHE C 272 -1.07 -32.32 -6.88
N LEU C 273 -2.15 -32.90 -7.34
CA LEU C 273 -3.42 -32.83 -6.64
C LEU C 273 -3.65 -34.15 -5.92
N LEU C 274 -3.70 -34.14 -4.59
CA LEU C 274 -3.86 -35.42 -3.89
C LEU C 274 -5.15 -35.57 -3.10
N LYS C 275 -5.78 -36.74 -3.21
CA LYS C 275 -7.00 -36.97 -2.45
C LYS C 275 -6.95 -37.80 -1.18
N TYR C 276 -7.44 -37.21 -0.09
CA TYR C 276 -7.37 -37.90 1.22
C TYR C 276 -8.67 -38.66 1.48
N ASN C 277 -8.56 -39.90 1.95
CA ASN C 277 -9.77 -40.71 2.24
C ASN C 277 -10.36 -40.25 3.58
N GLU C 278 -11.36 -40.99 4.09
CA GLU C 278 -11.98 -40.64 5.39
C GLU C 278 -10.92 -40.72 6.49
N ASN C 279 -9.94 -41.62 6.34
CA ASN C 279 -8.91 -41.81 7.41
C ASN C 279 -7.75 -40.83 7.22
N GLY C 280 -7.66 -40.19 6.06
CA GLY C 280 -6.58 -39.22 5.80
C GLY C 280 -5.48 -39.81 4.94
N THR C 281 -5.55 -41.12 4.67
CA THR C 281 -4.55 -41.76 3.77
C THR C 281 -4.74 -41.25 2.35
N ILE C 282 -3.67 -40.82 1.68
CA ILE C 282 -3.76 -40.36 0.27
C ILE C 282 -4.04 -41.59 -0.60
N THR C 283 -5.20 -41.64 -1.26
CA THR C 283 -5.56 -42.78 -2.07
C THR C 283 -5.29 -42.60 -3.56
N ASP C 284 -5.12 -41.37 -4.01
CA ASP C 284 -4.86 -41.12 -5.43
C ASP C 284 -4.17 -39.78 -5.63
N ALA C 285 -3.78 -39.49 -6.89
CA ALA C 285 -3.10 -38.24 -7.20
C ALA C 285 -3.19 -37.90 -8.69
N VAL C 286 -3.12 -36.61 -9.00
CA VAL C 286 -3.06 -36.16 -10.39
C VAL C 286 -1.78 -35.38 -10.65
N ASP C 287 -1.06 -35.77 -11.70
CA ASP C 287 0.13 -35.05 -12.14
C ASP C 287 -0.29 -33.99 -13.15
N CYS C 288 -0.31 -32.73 -12.73
CA CYS C 288 -0.93 -31.64 -13.46
C CYS C 288 -0.22 -31.36 -14.80
N ALA C 289 0.97 -31.92 -15.00
CA ALA C 289 1.69 -31.65 -16.24
C ALA C 289 1.89 -32.90 -17.06
N LEU C 290 1.09 -33.93 -16.81
CA LEU C 290 1.19 -35.18 -17.55
C LEU C 290 0.49 -35.10 -18.91
N ASP C 291 -0.76 -34.67 -18.92
CA ASP C 291 -1.52 -34.59 -20.15
C ASP C 291 -2.64 -33.56 -19.95
N PRO C 292 -3.31 -33.10 -21.02
CA PRO C 292 -4.39 -32.13 -21.02
C PRO C 292 -5.58 -32.52 -20.14
N LEU C 293 -5.77 -33.82 -19.91
CA LEU C 293 -6.92 -34.24 -19.11
C LEU C 293 -6.62 -34.06 -17.64
N SER C 294 -5.40 -34.41 -17.25
CA SER C 294 -4.93 -34.20 -15.89
C SER C 294 -4.87 -32.71 -15.60
N GLU C 295 -4.48 -31.93 -16.60
CA GLU C 295 -4.41 -30.48 -16.46
C GLU C 295 -5.80 -29.90 -16.18
N THR C 296 -6.80 -30.40 -16.89
CA THR C 296 -8.18 -30.00 -16.65
C THR C 296 -8.61 -30.40 -15.24
N LYS C 297 -8.29 -31.62 -14.84
CA LYS C 297 -8.65 -32.08 -13.49
C LYS C 297 -8.06 -31.17 -12.40
N CYS C 298 -6.79 -30.76 -12.54
CA CYS C 298 -6.15 -29.86 -11.57
C CYS C 298 -6.81 -28.49 -11.56
N THR C 299 -7.12 -27.97 -12.74
CA THR C 299 -7.75 -26.67 -12.85
C THR C 299 -9.08 -26.64 -12.12
N LEU C 300 -9.85 -27.71 -12.26
CA LEU C 300 -11.17 -27.80 -11.66
C LEU C 300 -11.13 -28.36 -10.23
N LYS C 301 -9.94 -28.67 -9.73
CA LYS C 301 -9.77 -29.22 -8.39
C LYS C 301 -10.61 -30.47 -8.16
N SER C 302 -10.56 -31.41 -9.11
CA SER C 302 -11.33 -32.63 -8.97
C SER C 302 -10.75 -33.81 -9.76
N PHE C 303 -11.04 -35.03 -9.31
CA PHE C 303 -10.61 -36.24 -10.02
C PHE C 303 -11.64 -36.69 -11.04
N THR C 304 -12.77 -36.00 -11.09
CA THR C 304 -13.81 -36.30 -12.07
C THR C 304 -14.21 -35.04 -12.80
N VAL C 305 -14.27 -35.12 -14.12
CA VAL C 305 -14.71 -33.99 -14.90
C VAL C 305 -15.91 -34.35 -15.75
N GLU C 306 -16.86 -33.42 -15.83
CA GLU C 306 -18.09 -33.64 -16.57
C GLU C 306 -17.90 -33.46 -18.06
N LYS C 307 -18.96 -33.70 -18.81
CA LYS C 307 -18.97 -33.56 -20.26
C LYS C 307 -19.05 -32.10 -20.66
N GLY C 308 -18.17 -31.67 -21.56
CA GLY C 308 -18.18 -30.29 -22.00
C GLY C 308 -16.80 -29.79 -22.41
N ILE C 309 -16.72 -28.49 -22.68
CA ILE C 309 -15.47 -27.86 -23.10
C ILE C 309 -14.96 -26.95 -21.99
N TYR C 310 -13.71 -27.17 -21.58
CA TYR C 310 -13.16 -26.42 -20.45
C TYR C 310 -11.93 -25.59 -20.80
N GLN C 311 -11.88 -24.38 -20.28
CA GLN C 311 -10.69 -23.53 -20.39
C GLN C 311 -9.77 -23.83 -19.22
N THR C 312 -8.56 -24.29 -19.51
CA THR C 312 -7.67 -24.72 -18.46
C THR C 312 -6.59 -23.69 -18.15
N SER C 313 -5.93 -23.89 -17.01
CA SER C 313 -4.79 -23.07 -16.60
C SER C 313 -3.50 -23.65 -17.16
N ASN C 314 -2.46 -22.82 -17.22
CA ASN C 314 -1.17 -23.26 -17.75
C ASN C 314 -0.28 -23.86 -16.68
N PHE C 315 -0.14 -25.19 -16.69
CA PHE C 315 0.69 -25.91 -15.73
C PHE C 315 2.00 -26.38 -16.35
N ARG C 316 2.33 -25.85 -17.53
CA ARG C 316 3.53 -26.25 -18.24
C ARG C 316 4.73 -25.42 -17.79
N VAL C 317 5.90 -26.06 -17.68
CA VAL C 317 7.10 -25.40 -17.20
C VAL C 317 8.31 -25.64 -18.10
N GLN C 318 9.10 -24.59 -18.32
CA GLN C 318 10.35 -24.69 -19.06
C GLN C 318 11.47 -23.94 -18.31
N PRO C 319 12.71 -24.43 -18.36
CA PRO C 319 13.88 -23.92 -17.65
C PRO C 319 14.35 -22.52 -18.07
N THR C 320 14.07 -22.15 -19.33
CA THR C 320 14.45 -20.86 -19.93
C THR C 320 15.95 -20.55 -19.84
N GLU C 321 16.37 -19.55 -20.61
CA GLU C 321 17.76 -19.10 -20.65
C GLU C 321 17.96 -17.83 -19.82
N SER C 322 19.21 -17.38 -19.72
CA SER C 322 19.55 -16.17 -18.98
C SER C 322 20.65 -15.38 -19.69
N ILE C 323 20.31 -14.18 -20.16
CA ILE C 323 21.21 -13.38 -21.00
C ILE C 323 21.40 -11.95 -20.51
N VAL C 324 22.65 -11.52 -20.42
CA VAL C 324 22.98 -10.14 -20.06
C VAL C 324 23.81 -9.46 -21.15
N ARG C 325 23.44 -8.24 -21.51
CA ARG C 325 24.12 -7.50 -22.57
C ARG C 325 24.48 -6.08 -22.16
N PHE C 326 25.71 -5.66 -22.48
CA PHE C 326 26.20 -4.30 -22.22
C PHE C 326 26.86 -3.74 -23.49
N PRO C 327 26.95 -2.41 -23.60
CA PRO C 327 27.63 -1.67 -24.66
C PRO C 327 29.14 -1.87 -24.59
N ASN C 328 29.82 -1.63 -25.71
CA ASN C 328 31.27 -1.77 -25.83
C ASN C 328 32.01 -0.86 -24.86
N ILE C 329 33.02 -1.40 -24.17
CA ILE C 329 33.88 -0.65 -23.27
C ILE C 329 35.15 -0.24 -23.98
N THR C 330 35.23 1.03 -24.37
CA THR C 330 36.36 1.51 -25.16
C THR C 330 37.13 2.62 -24.47
N ASN C 331 36.58 3.16 -23.39
CA ASN C 331 37.20 4.29 -22.71
C ASN C 331 38.43 3.88 -21.91
N LEU C 332 38.43 2.65 -21.41
CA LEU C 332 39.53 2.14 -20.60
C LEU C 332 39.79 3.09 -19.42
N CYS C 333 40.99 3.01 -18.83
CA CYS C 333 41.38 3.86 -17.71
C CYS C 333 42.92 3.95 -17.65
N PRO C 334 43.46 5.17 -17.58
CA PRO C 334 44.88 5.49 -17.68
C PRO C 334 45.70 5.03 -16.49
N PHE C 335 45.84 3.73 -16.35
CA PHE C 335 46.72 3.15 -15.33
C PHE C 335 48.13 2.97 -15.88
N ASP C 336 48.31 3.27 -17.15
CA ASP C 336 49.60 3.14 -17.81
C ASP C 336 50.52 4.28 -17.39
N GLU C 337 49.98 5.48 -17.33
CA GLU C 337 50.73 6.65 -16.89
C GLU C 337 51.10 6.54 -15.42
N VAL C 338 50.41 5.66 -14.70
CA VAL C 338 50.65 5.44 -13.28
C VAL C 338 51.70 4.34 -13.04
N PHE C 339 51.49 3.18 -13.66
CA PHE C 339 52.35 2.02 -13.40
C PHE C 339 53.51 1.85 -14.40
N ASN C 340 53.36 2.36 -15.63
CA ASN C 340 54.37 2.25 -16.69
C ASN C 340 55.11 3.58 -16.89
N ALA C 341 55.09 4.46 -15.88
CA ALA C 341 55.75 5.77 -15.93
C ALA C 341 57.26 5.63 -16.14
N THR C 342 57.83 6.51 -16.94
CA THR C 342 59.27 6.49 -17.18
C THR C 342 60.04 7.16 -16.06
N ARG C 343 59.32 7.90 -15.22
CA ARG C 343 59.94 8.59 -14.10
C ARG C 343 59.06 8.52 -12.86
N PHE C 344 59.66 8.11 -11.74
CA PHE C 344 58.97 8.09 -10.46
C PHE C 344 59.56 9.13 -9.52
N ALA C 345 58.72 9.66 -8.65
CA ALA C 345 59.13 10.67 -7.69
C ALA C 345 59.88 10.06 -6.51
N SER C 346 60.66 10.89 -5.83
CA SER C 346 61.30 10.51 -4.59
C SER C 346 60.25 10.33 -3.50
N VAL C 347 60.56 9.50 -2.51
CA VAL C 347 59.59 9.21 -1.46
C VAL C 347 59.29 10.43 -0.61
N TYR C 348 60.27 11.32 -0.43
CA TYR C 348 60.04 12.52 0.36
C TYR C 348 59.06 13.46 -0.34
N ALA C 349 58.92 13.29 -1.64
CA ALA C 349 58.08 14.14 -2.46
C ALA C 349 57.28 13.31 -3.44
N TRP C 350 56.47 12.39 -2.92
CA TRP C 350 55.73 11.46 -3.75
C TRP C 350 54.72 12.18 -4.63
N ASN C 351 54.46 11.61 -5.81
CA ASN C 351 53.53 12.23 -6.75
C ASN C 351 52.13 11.65 -6.55
N ARG C 352 51.12 12.39 -7.00
CA ARG C 352 49.74 11.92 -6.96
C ARG C 352 48.94 12.35 -8.17
N LYS C 353 48.13 11.44 -8.70
CA LYS C 353 47.22 11.77 -9.79
C LYS C 353 45.79 11.34 -9.47
N ARG C 354 44.83 12.16 -9.90
CA ARG C 354 43.41 11.88 -9.68
C ARG C 354 42.82 11.05 -10.82
N ILE C 355 42.11 9.99 -10.48
CA ILE C 355 41.45 9.13 -11.45
C ILE C 355 39.94 9.25 -11.37
N SER C 356 39.31 9.53 -12.51
CA SER C 356 37.87 9.69 -12.57
C SER C 356 37.34 9.39 -13.97
N ASN C 357 36.04 9.16 -14.07
CA ASN C 357 35.37 9.00 -15.36
C ASN C 357 36.06 7.98 -16.27
N CYS C 358 36.24 6.76 -15.76
CA CYS C 358 36.95 5.70 -16.49
C CYS C 358 36.44 4.33 -16.04
N VAL C 359 36.91 3.29 -16.73
CA VAL C 359 36.56 1.93 -16.34
C VAL C 359 37.75 1.23 -15.69
N ALA C 360 37.57 0.85 -14.44
CA ALA C 360 38.67 0.34 -13.62
C ALA C 360 38.98 -1.11 -13.93
N ASP C 361 39.72 -1.33 -15.01
CA ASP C 361 40.16 -2.66 -15.40
C ASP C 361 41.54 -2.92 -14.79
N TYR C 362 41.59 -3.81 -13.82
CA TYR C 362 42.82 -4.03 -13.05
C TYR C 362 43.66 -5.17 -13.62
N SER C 363 43.20 -5.79 -14.72
CA SER C 363 43.98 -6.87 -15.31
C SER C 363 45.15 -6.31 -16.11
N VAL C 364 45.02 -5.06 -16.52
CA VAL C 364 46.01 -4.38 -17.33
C VAL C 364 47.33 -4.22 -16.57
N LEU C 365 47.23 -3.98 -15.27
CA LEU C 365 48.39 -3.73 -14.44
C LEU C 365 48.88 -5.00 -13.73
N TYR C 366 48.43 -6.16 -14.22
CA TYR C 366 48.90 -7.44 -13.69
C TYR C 366 49.98 -8.04 -14.59
N ASN C 367 50.52 -7.21 -15.48
CA ASN C 367 51.60 -7.63 -16.38
C ASN C 367 52.80 -6.70 -16.22
N LEU C 368 53.05 -6.29 -14.98
CA LEU C 368 54.12 -5.35 -14.68
C LEU C 368 55.38 -6.02 -14.17
N ALA C 369 55.22 -7.15 -13.49
CA ALA C 369 56.32 -7.78 -12.77
C ALA C 369 55.98 -9.23 -12.44
N PRO C 370 56.99 -10.02 -12.05
CA PRO C 370 56.87 -11.31 -11.38
C PRO C 370 56.05 -11.21 -10.10
N PHE C 371 55.89 -9.99 -9.60
CA PHE C 371 55.14 -9.64 -8.41
C PHE C 371 55.95 -9.84 -7.15
N PHE C 372 55.92 -8.84 -6.28
CA PHE C 372 56.66 -8.87 -5.02
C PHE C 372 55.74 -8.54 -3.85
N THR C 373 55.11 -7.36 -3.89
CA THR C 373 54.12 -7.00 -2.88
C THR C 373 52.79 -6.64 -3.51
N PHE C 374 51.73 -7.28 -3.02
CA PHE C 374 50.37 -7.00 -3.46
C PHE C 374 49.40 -7.21 -2.32
N LYS C 375 48.96 -6.11 -1.72
CA LYS C 375 48.04 -6.17 -0.58
C LYS C 375 46.89 -5.19 -0.74
N CYS C 376 45.68 -5.62 -0.38
CA CYS C 376 44.49 -4.77 -0.45
C CYS C 376 43.81 -4.64 0.90
N TYR C 377 43.35 -3.43 1.20
CA TYR C 377 42.75 -3.11 2.49
C TYR C 377 41.31 -2.66 2.32
N GLY C 378 40.38 -3.43 2.89
CA GLY C 378 38.96 -3.10 2.83
C GLY C 378 38.29 -3.68 1.58
N VAL C 379 39.10 -4.13 0.63
CA VAL C 379 38.58 -4.69 -0.61
C VAL C 379 39.30 -5.97 -1.01
N SER C 380 38.54 -6.97 -1.43
CA SER C 380 39.10 -8.22 -1.93
C SER C 380 39.72 -8.02 -3.32
N PRO C 381 40.90 -8.63 -3.58
CA PRO C 381 41.56 -8.72 -4.87
C PRO C 381 40.65 -9.29 -5.97
N THR C 382 39.59 -9.98 -5.55
CA THR C 382 38.66 -10.61 -6.47
C THR C 382 37.48 -9.71 -6.83
N LYS C 383 37.29 -8.64 -6.06
CA LYS C 383 36.15 -7.74 -6.26
C LYS C 383 36.59 -6.41 -6.84
N LEU C 384 37.87 -6.29 -7.20
CA LEU C 384 38.37 -5.05 -7.76
C LEU C 384 37.73 -4.75 -9.11
N ASN C 385 37.56 -5.79 -9.93
CA ASN C 385 36.90 -5.63 -11.22
C ASN C 385 35.40 -5.79 -11.06
N ASP C 386 34.81 -4.97 -10.20
CA ASP C 386 33.39 -5.04 -9.89
C ASP C 386 32.90 -3.76 -9.23
N LEU C 387 33.55 -3.39 -8.12
CA LEU C 387 33.17 -2.21 -7.35
C LEU C 387 33.41 -0.93 -8.16
N CYS C 388 32.63 0.12 -7.85
CA CYS C 388 32.81 1.44 -8.44
C CYS C 388 33.00 2.49 -7.35
N PHE C 389 34.00 3.34 -7.54
CA PHE C 389 34.40 4.30 -6.51
C PHE C 389 34.16 5.76 -6.92
N THR C 390 33.99 6.61 -5.93
CA THR C 390 33.72 8.04 -6.17
C THR C 390 35.00 8.83 -6.36
N ASN C 391 36.01 8.51 -5.56
CA ASN C 391 37.26 9.26 -5.55
C ASN C 391 38.46 8.31 -5.51
N VAL C 392 39.19 8.23 -6.62
CA VAL C 392 40.34 7.33 -6.70
C VAL C 392 41.61 8.11 -6.98
N TYR C 393 42.65 7.84 -6.19
CA TYR C 393 43.93 8.53 -6.36
C TYR C 393 45.09 7.54 -6.44
N ALA C 394 46.05 7.84 -7.30
CA ALA C 394 47.22 6.99 -7.44
C ALA C 394 48.49 7.72 -7.00
N ASP C 395 49.07 7.26 -5.90
CA ASP C 395 50.30 7.85 -5.38
C ASP C 395 51.49 7.00 -5.80
N SER C 396 52.62 7.63 -6.14
CA SER C 396 53.77 6.85 -6.57
C SER C 396 55.11 7.39 -6.06
N PHE C 397 56.02 6.47 -5.75
CA PHE C 397 57.36 6.81 -5.26
C PHE C 397 58.33 5.63 -5.29
N VAL C 398 59.63 5.92 -5.12
CA VAL C 398 60.66 4.88 -5.05
C VAL C 398 61.33 4.79 -3.67
N ILE C 399 61.33 3.58 -3.12
CA ILE C 399 61.94 3.28 -1.82
C ILE C 399 62.74 1.98 -1.88
N ARG C 400 63.42 1.65 -0.77
CA ARG C 400 64.13 0.38 -0.68
C ARG C 400 63.16 -0.77 -0.46
N GLY C 401 63.55 -1.97 -0.90
CA GLY C 401 62.72 -3.14 -0.71
C GLY C 401 62.34 -3.37 0.75
N ASP C 402 63.27 -3.10 1.67
CA ASP C 402 63.01 -3.30 3.10
C ASP C 402 62.14 -2.21 3.71
N GLU C 403 61.74 -1.25 2.89
CA GLU C 403 60.87 -0.17 3.33
C GLU C 403 59.45 -0.36 2.79
N VAL C 404 59.27 -1.35 1.92
CA VAL C 404 57.98 -1.59 1.29
C VAL C 404 56.95 -2.00 2.34
N ARG C 405 57.41 -2.72 3.35
CA ARG C 405 56.57 -3.17 4.45
C ARG C 405 55.98 -2.02 5.25
N GLN C 406 56.56 -0.82 5.11
CA GLN C 406 56.08 0.33 5.86
C GLN C 406 54.91 1.02 5.16
N ILE C 407 54.61 0.60 3.94
CA ILE C 407 53.53 1.24 3.21
C ILE C 407 52.23 0.51 3.52
N ALA C 408 51.74 0.72 4.74
CA ALA C 408 50.54 0.06 5.22
C ALA C 408 50.02 0.74 6.50
N PRO C 409 48.74 0.59 6.80
CA PRO C 409 48.09 0.96 8.04
C PRO C 409 48.76 0.33 9.26
N GLY C 410 48.95 1.12 10.29
CA GLY C 410 49.48 0.63 11.56
C GLY C 410 51.01 0.49 11.56
N GLN C 411 51.66 0.91 10.49
CA GLN C 411 53.11 0.76 10.41
C GLN C 411 53.85 2.00 10.88
N THR C 412 55.10 1.79 11.30
CA THR C 412 55.97 2.86 11.78
C THR C 412 57.43 2.46 11.59
N GLY C 413 58.32 3.44 11.48
CA GLY C 413 59.72 3.17 11.26
C GLY C 413 60.48 4.39 10.74
N ASN C 414 60.34 4.67 9.44
CA ASN C 414 60.99 5.81 8.82
C ASN C 414 60.10 6.43 7.75
N ILE C 415 59.77 5.64 6.73
CA ILE C 415 59.00 6.14 5.61
C ILE C 415 57.56 6.42 6.06
N ALA C 416 57.02 5.51 6.84
CA ALA C 416 55.65 5.65 7.32
C ALA C 416 55.48 6.94 8.12
N ASP C 417 56.53 7.37 8.83
CA ASP C 417 56.41 8.52 9.73
C ASP C 417 56.81 9.85 9.09
N TYR C 418 57.84 9.84 8.24
CA TYR C 418 58.39 11.11 7.75
C TYR C 418 58.28 11.34 6.24
N ASN C 419 57.79 10.35 5.50
CA ASN C 419 57.75 10.49 4.05
C ASN C 419 56.35 10.21 3.48
N TYR C 420 55.86 8.99 3.68
CA TYR C 420 54.57 8.58 3.14
C TYR C 420 53.72 7.86 4.17
N LYS C 421 52.78 8.60 4.77
CA LYS C 421 51.93 8.05 5.81
C LYS C 421 50.54 7.67 5.31
N LEU C 422 50.12 6.44 5.60
CA LEU C 422 48.75 6.01 5.32
C LEU C 422 47.95 6.02 6.61
N PRO C 423 46.64 6.30 6.53
CA PRO C 423 45.70 6.27 7.63
C PRO C 423 45.41 4.85 8.08
N ASP C 424 45.03 4.69 9.34
CA ASP C 424 44.72 3.38 9.91
C ASP C 424 43.48 2.76 9.27
N ASP C 425 42.61 3.60 8.72
CA ASP C 425 41.40 3.14 8.05
C ASP C 425 41.52 3.23 6.54
N PHE C 426 42.75 3.22 6.03
CA PHE C 426 42.99 3.27 4.59
C PHE C 426 42.24 2.18 3.84
N THR C 427 41.61 2.58 2.75
CA THR C 427 40.96 1.66 1.83
C THR C 427 41.59 1.82 0.47
N GLY C 428 42.03 0.71 -0.10
CA GLY C 428 42.74 0.74 -1.37
C GLY C 428 43.70 -0.44 -1.49
N CYS C 429 44.56 -0.40 -2.50
CA CYS C 429 45.55 -1.47 -2.74
C CYS C 429 46.96 -0.91 -2.91
N VAL C 430 47.92 -1.60 -2.30
CA VAL C 430 49.33 -1.24 -2.38
C VAL C 430 50.09 -2.26 -3.22
N ILE C 431 50.67 -1.78 -4.32
CA ILE C 431 51.37 -2.62 -5.27
C ILE C 431 52.81 -2.16 -5.44
N ALA C 432 53.77 -3.07 -5.33
CA ALA C 432 55.17 -2.69 -5.47
C ALA C 432 55.97 -3.78 -6.19
N TRP C 433 56.97 -3.36 -6.96
CA TRP C 433 57.81 -4.30 -7.68
C TRP C 433 59.26 -3.85 -7.81
N ASN C 434 60.12 -4.81 -8.08
CA ASN C 434 61.56 -4.59 -8.19
C ASN C 434 61.92 -3.87 -9.48
N SER C 435 62.56 -2.71 -9.35
CA SER C 435 62.90 -1.88 -10.50
C SER C 435 64.41 -1.69 -10.63
N ASN C 436 65.18 -2.57 -10.00
CA ASN C 436 66.64 -2.47 -10.00
C ASN C 436 67.21 -2.36 -11.41
N LYS C 437 66.62 -3.07 -12.35
CA LYS C 437 67.12 -3.09 -13.73
C LYS C 437 66.93 -1.78 -14.47
N LEU C 438 66.10 -0.90 -13.92
CA LEU C 438 65.84 0.38 -14.57
C LEU C 438 66.44 1.55 -13.80
N ASP C 439 66.39 1.48 -12.47
CA ASP C 439 66.77 2.62 -11.63
C ASP C 439 68.21 2.59 -11.10
N SER C 440 68.81 1.40 -10.96
CA SER C 440 70.12 1.36 -10.30
C SER C 440 71.24 1.88 -11.18
N LYS C 441 72.35 2.28 -10.56
CA LYS C 441 73.54 2.70 -11.29
C LYS C 441 74.78 2.05 -10.70
N VAL C 442 75.78 1.83 -11.53
CA VAL C 442 76.98 1.10 -11.10
C VAL C 442 77.64 1.74 -9.87
N SER C 443 77.74 3.06 -9.86
CA SER C 443 78.35 3.76 -8.73
C SER C 443 77.32 4.28 -7.73
N GLY C 444 76.05 3.99 -7.99
CA GLY C 444 74.98 4.44 -7.10
C GLY C 444 74.10 5.53 -7.71
N ASN C 445 72.79 5.33 -7.64
CA ASN C 445 71.82 6.31 -8.06
C ASN C 445 71.45 7.20 -6.88
N TYR C 446 71.86 8.46 -6.94
CA TYR C 446 71.70 9.40 -5.83
C TYR C 446 70.57 10.39 -6.08
N ASN C 447 69.74 10.12 -7.09
CA ASN C 447 68.65 11.03 -7.44
C ASN C 447 67.40 10.81 -6.61
N TYR C 448 67.38 9.73 -5.82
CA TYR C 448 66.23 9.44 -4.98
C TYR C 448 66.50 9.78 -3.53
N LEU C 449 65.70 10.69 -3.00
CA LEU C 449 65.88 11.17 -1.63
C LEU C 449 64.74 10.77 -0.70
N TYR C 450 65.07 10.63 0.58
CA TYR C 450 64.09 10.41 1.63
C TYR C 450 64.36 11.32 2.81
N ARG C 451 63.33 11.61 3.58
CA ARG C 451 63.47 12.46 4.75
C ARG C 451 63.88 11.65 5.96
N LEU C 452 64.94 12.12 6.63
CA LEU C 452 65.44 11.48 7.83
C LEU C 452 65.21 12.34 9.06
N PHE C 453 65.32 13.66 8.90
CA PHE C 453 65.19 14.57 10.03
C PHE C 453 63.93 15.41 9.97
N ARG C 454 63.08 15.25 10.98
CA ARG C 454 61.82 15.99 11.07
C ARG C 454 61.41 16.15 12.53
N LYS C 455 60.85 17.32 12.85
CA LYS C 455 60.42 17.63 14.22
C LYS C 455 59.30 16.71 14.71
N SER C 456 58.39 16.33 13.82
CA SER C 456 57.26 15.49 14.18
C SER C 456 56.83 14.59 13.04
N ASN C 457 56.01 13.59 13.35
CA ASN C 457 55.51 12.65 12.36
C ASN C 457 54.46 13.30 11.47
N LEU C 458 54.33 12.79 10.25
CA LEU C 458 53.37 13.30 9.27
C LEU C 458 51.96 12.77 9.49
N LYS C 459 50.98 13.54 9.03
CA LYS C 459 49.59 13.10 8.98
C LYS C 459 49.39 12.28 7.71
N PRO C 460 48.33 11.46 7.64
CA PRO C 460 47.95 10.67 6.49
C PRO C 460 47.88 11.53 5.23
N PHE C 461 48.56 11.05 4.18
CA PHE C 461 48.62 11.72 2.88
C PHE C 461 49.21 13.13 2.93
N GLU C 462 49.99 13.42 3.96
CA GLU C 462 50.71 14.70 4.02
C GLU C 462 52.04 14.56 3.29
N ARG C 463 52.36 15.55 2.46
CA ARG C 463 53.61 15.52 1.70
C ARG C 463 54.50 16.70 2.04
N ASP C 464 55.52 16.45 2.84
CA ASP C 464 56.46 17.51 3.25
C ASP C 464 57.65 17.57 2.30
N ILE C 465 57.74 18.65 1.53
CA ILE C 465 58.78 18.79 0.52
C ILE C 465 59.76 19.92 0.86
N SER C 466 59.71 20.38 2.11
CA SER C 466 60.60 21.44 2.59
C SER C 466 62.04 20.94 2.74
N THR C 467 63.00 21.82 2.44
CA THR C 467 64.41 21.49 2.60
C THR C 467 65.07 22.36 3.68
N GLU C 468 64.23 22.93 4.55
CA GLU C 468 64.72 23.78 5.64
C GLU C 468 65.61 22.97 6.58
N ILE C 469 66.76 23.53 6.93
CA ILE C 469 67.75 22.81 7.74
C ILE C 469 67.23 22.54 9.15
N TYR C 470 67.39 21.29 9.59
CA TYR C 470 66.88 20.83 10.87
C TYR C 470 67.80 21.13 12.04
N GLN C 471 67.23 21.70 13.10
CA GLN C 471 67.97 21.98 14.33
C GLN C 471 67.77 20.87 15.33
N ALA C 472 68.84 20.16 15.66
CA ALA C 472 68.76 19.01 16.55
C ALA C 472 69.14 19.40 17.98
N GLY C 473 69.62 20.62 18.15
CA GLY C 473 70.11 21.08 19.44
C GLY C 473 69.34 22.29 19.95
N ASN C 474 69.97 23.05 20.84
CA ASN C 474 69.34 24.20 21.47
C ASN C 474 69.96 25.51 20.99
N LYS C 475 70.62 25.47 19.84
CA LYS C 475 71.21 26.66 19.24
C LYS C 475 70.85 26.75 17.76
N PRO C 476 70.57 27.95 17.26
CA PRO C 476 70.26 28.27 15.88
C PRO C 476 71.50 28.22 15.00
N CYS C 477 71.66 27.11 14.26
CA CYS C 477 72.81 26.92 13.37
C CYS C 477 72.68 27.79 12.12
N ASN C 478 71.46 28.27 11.88
CA ASN C 478 71.19 29.18 10.77
C ASN C 478 71.66 28.62 9.43
N GLY C 479 71.45 27.33 9.23
CA GLY C 479 71.78 26.69 7.96
C GLY C 479 73.19 26.13 7.91
N VAL C 480 73.99 26.38 8.95
CA VAL C 480 75.35 25.87 8.97
C VAL C 480 75.41 24.46 9.52
N ALA C 481 75.69 23.50 8.64
CA ALA C 481 75.62 22.09 9.01
C ALA C 481 76.85 21.67 9.82
N GLY C 482 76.87 22.11 11.08
CA GLY C 482 77.92 21.76 12.02
C GLY C 482 77.38 20.74 13.00
N PHE C 483 77.55 21.01 14.30
CA PHE C 483 77.04 20.09 15.31
C PHE C 483 75.55 20.32 15.54
N ASN C 484 74.81 19.22 15.67
CA ASN C 484 73.37 19.29 15.91
C ASN C 484 72.62 20.12 14.88
N CYS C 485 72.99 19.98 13.60
CA CYS C 485 72.38 20.70 12.49
C CYS C 485 72.49 19.84 11.23
N TYR C 486 71.34 19.46 10.67
CA TYR C 486 71.33 18.48 9.59
C TYR C 486 70.49 18.88 8.38
N PHE C 487 70.90 18.42 7.20
CA PHE C 487 70.08 18.52 6.01
C PHE C 487 69.02 17.40 6.06
N PRO C 488 67.72 17.74 6.04
CA PRO C 488 66.58 16.86 6.19
C PRO C 488 66.58 15.61 5.31
N LEU C 489 67.08 15.73 4.08
CA LEU C 489 67.00 14.62 3.14
C LEU C 489 68.32 13.86 2.99
N ARG C 490 68.21 12.56 2.73
CA ARG C 490 69.35 11.72 2.44
C ARG C 490 69.13 10.88 1.19
N SER C 491 70.21 10.47 0.55
CA SER C 491 70.13 9.69 -0.68
C SER C 491 70.09 8.18 -0.42
N TYR C 492 69.47 7.45 -1.33
CA TYR C 492 69.41 5.99 -1.26
C TYR C 492 70.68 5.30 -1.79
N SER C 493 71.29 5.88 -2.80
CA SER C 493 72.47 5.28 -3.42
C SER C 493 72.23 3.84 -3.88
N PHE C 494 71.29 3.67 -4.82
CA PHE C 494 70.92 2.33 -5.30
C PHE C 494 71.98 1.78 -6.27
N ARG C 495 72.38 0.53 -6.08
CA ARG C 495 73.39 -0.11 -6.93
C ARG C 495 72.96 -1.51 -7.41
N PRO C 496 73.43 -1.95 -8.59
CA PRO C 496 73.25 -3.28 -9.17
C PRO C 496 73.81 -4.40 -8.31
N THR C 497 74.73 -4.07 -7.42
CA THR C 497 75.38 -5.07 -6.59
C THR C 497 74.62 -5.34 -5.30
N TYR C 498 73.57 -4.56 -5.05
CA TYR C 498 72.78 -4.71 -3.84
C TYR C 498 71.92 -5.95 -3.89
N GLY C 499 71.75 -6.61 -2.75
CA GLY C 499 70.88 -7.78 -2.66
C GLY C 499 69.44 -7.38 -2.33
N VAL C 500 68.60 -8.38 -2.10
CA VAL C 500 67.19 -8.14 -1.83
C VAL C 500 67.01 -7.33 -0.56
N GLY C 501 66.18 -6.29 -0.65
CA GLY C 501 65.90 -5.40 0.48
C GLY C 501 66.65 -4.08 0.35
N HIS C 502 67.76 -4.09 -0.39
CA HIS C 502 68.56 -2.89 -0.60
C HIS C 502 68.33 -2.33 -2.00
N GLN C 503 67.75 -3.15 -2.87
CA GLN C 503 67.41 -2.74 -4.22
C GLN C 503 66.19 -1.83 -4.18
N PRO C 504 66.03 -0.93 -5.17
CA PRO C 504 64.91 -0.02 -5.33
C PRO C 504 63.65 -0.74 -5.75
N TYR C 505 62.52 -0.29 -5.19
CA TYR C 505 61.22 -0.77 -5.59
C TYR C 505 60.30 0.39 -5.95
N ARG C 506 59.51 0.18 -7.00
CA ARG C 506 58.54 1.18 -7.42
C ARG C 506 57.21 0.88 -6.77
N VAL C 507 56.70 1.84 -6.01
CA VAL C 507 55.50 1.64 -5.24
C VAL C 507 54.37 2.52 -5.74
N VAL C 508 53.22 1.89 -6.00
CA VAL C 508 52.02 2.62 -6.39
C VAL C 508 50.88 2.28 -5.46
N VAL C 509 50.25 3.30 -4.90
CA VAL C 509 49.13 3.09 -4.00
C VAL C 509 47.85 3.63 -4.59
N LEU C 510 46.87 2.75 -4.78
CA LEU C 510 45.59 3.17 -5.32
C LEU C 510 44.56 3.27 -4.20
N SER C 511 44.21 4.49 -3.83
CA SER C 511 43.24 4.70 -2.77
C SER C 511 41.85 4.63 -3.35
N PHE C 512 40.92 4.07 -2.60
CA PHE C 512 39.54 3.96 -3.04
C PHE C 512 38.58 4.62 -2.06
N GLU C 513 37.51 5.20 -2.60
CA GLU C 513 36.47 5.80 -1.78
C GLU C 513 35.12 5.18 -2.11
N VAL C 521 34.42 5.89 -11.09
CA VAL C 521 35.44 4.92 -11.51
C VAL C 521 34.95 3.50 -11.28
N CYS C 522 34.42 2.88 -12.35
CA CYS C 522 33.71 1.61 -12.23
C CYS C 522 34.46 0.47 -12.92
N GLY C 523 34.50 -0.69 -12.27
CA GLY C 523 35.05 -1.87 -12.92
C GLY C 523 34.20 -2.21 -14.14
N PRO C 524 34.76 -2.96 -15.08
CA PRO C 524 34.15 -3.38 -16.34
C PRO C 524 33.05 -4.39 -16.11
N LYS C 525 32.04 -4.36 -16.97
CA LYS C 525 30.96 -5.33 -16.91
C LYS C 525 31.00 -6.23 -18.14
N LYS C 526 31.01 -7.54 -17.90
CA LYS C 526 31.07 -8.51 -18.98
C LYS C 526 29.69 -8.84 -19.50
N SER C 527 29.61 -9.21 -20.78
CA SER C 527 28.36 -9.61 -21.40
C SER C 527 28.44 -11.04 -21.91
N THR C 528 27.28 -11.60 -22.23
CA THR C 528 27.24 -12.92 -22.84
C THR C 528 26.66 -12.84 -24.25
N ASN C 529 26.44 -14.00 -24.84
CA ASN C 529 25.94 -14.05 -26.21
C ASN C 529 24.46 -13.72 -26.26
N LEU C 530 23.88 -13.78 -27.44
CA LEU C 530 22.47 -13.48 -27.59
C LEU C 530 21.75 -14.63 -28.27
N VAL C 531 20.69 -15.11 -27.63
CA VAL C 531 19.89 -16.19 -28.18
C VAL C 531 18.52 -15.69 -28.56
N LYS C 532 18.08 -16.06 -29.76
CA LYS C 532 16.81 -15.58 -30.28
C LYS C 532 15.82 -16.72 -30.51
N ASN C 533 14.54 -16.36 -30.51
CA ASN C 533 13.43 -17.29 -30.75
C ASN C 533 13.30 -18.34 -29.65
N LYS C 534 13.79 -18.01 -28.47
CA LYS C 534 13.66 -18.88 -27.31
C LYS C 534 13.40 -18.05 -26.06
N CYS C 535 12.70 -18.62 -25.08
CA CYS C 535 12.32 -17.92 -23.85
C CYS C 535 13.53 -17.68 -22.96
N VAL C 536 13.78 -16.40 -22.68
CA VAL C 536 14.97 -15.98 -21.95
C VAL C 536 14.67 -14.89 -20.91
N ASN C 537 15.35 -14.98 -19.77
CA ASN C 537 15.36 -13.90 -18.79
C ASN C 537 16.50 -12.97 -19.15
N PHE C 538 16.18 -11.76 -19.58
CA PHE C 538 17.20 -10.89 -20.15
C PHE C 538 17.46 -9.62 -19.35
N ASN C 539 18.66 -9.06 -19.55
CA ASN C 539 19.03 -7.76 -19.00
C ASN C 539 19.84 -6.95 -20.00
N PHE C 540 19.21 -5.95 -20.61
CA PHE C 540 19.89 -5.13 -21.61
C PHE C 540 20.24 -3.78 -21.02
N ASN C 541 21.53 -3.61 -20.72
CA ASN C 541 22.03 -2.38 -20.13
C ASN C 541 21.15 -1.88 -18.97
N GLY C 542 20.73 -2.78 -18.07
CA GLY C 542 19.99 -2.38 -16.88
C GLY C 542 18.46 -2.55 -16.97
N LEU C 543 17.95 -2.84 -18.15
CA LEU C 543 16.50 -2.98 -18.35
C LEU C 543 16.08 -4.45 -18.30
N LYS C 544 15.61 -4.87 -17.13
CA LYS C 544 15.39 -6.29 -16.88
C LYS C 544 13.97 -6.75 -17.20
N GLY C 545 13.87 -7.96 -17.75
CA GLY C 545 12.57 -8.55 -18.04
C GLY C 545 12.72 -9.97 -18.56
N THR C 546 11.58 -10.59 -18.86
CA THR C 546 11.56 -11.96 -19.35
C THR C 546 10.65 -12.07 -20.55
N GLY C 547 11.05 -12.89 -21.51
CA GLY C 547 10.23 -13.13 -22.69
C GLY C 547 11.05 -13.70 -23.83
N VAL C 548 10.40 -13.91 -24.96
CA VAL C 548 11.08 -14.42 -26.14
C VAL C 548 11.53 -13.25 -27.00
N LEU C 549 12.80 -13.25 -27.38
CA LEU C 549 13.36 -12.17 -28.16
C LEU C 549 13.47 -12.54 -29.63
N THR C 550 12.85 -11.72 -30.48
CA THR C 550 12.90 -11.96 -31.92
C THR C 550 13.30 -10.68 -32.64
N GLU C 551 13.70 -10.80 -33.90
CA GLU C 551 14.07 -9.62 -34.68
C GLU C 551 12.85 -8.76 -34.99
N SER C 552 12.99 -7.44 -34.79
CA SER C 552 11.87 -6.52 -34.98
C SER C 552 12.06 -5.64 -36.22
N ASN C 553 10.93 -5.27 -36.84
CA ASN C 553 10.94 -4.37 -37.98
C ASN C 553 10.60 -2.94 -37.55
N LYS C 554 10.62 -2.69 -36.24
CA LYS C 554 10.38 -1.36 -35.71
C LYS C 554 11.61 -0.49 -35.91
N LYS C 555 11.38 0.79 -36.18
CA LYS C 555 12.48 1.73 -36.35
C LYS C 555 12.44 2.79 -35.27
N PHE C 556 13.50 2.87 -34.49
CA PHE C 556 13.59 3.83 -33.41
C PHE C 556 14.34 5.09 -33.83
N LEU C 557 13.96 6.20 -33.23
CA LEU C 557 14.70 7.44 -33.40
C LEU C 557 16.03 7.25 -32.68
N PRO C 558 17.18 7.68 -33.24
CA PRO C 558 18.53 7.41 -32.79
C PRO C 558 18.77 7.45 -31.27
N PHE C 559 18.12 8.36 -30.53
CA PHE C 559 18.41 8.42 -29.10
C PHE C 559 17.53 7.50 -28.26
N GLN C 560 16.50 6.94 -28.88
CA GLN C 560 15.55 6.08 -28.17
C GLN C 560 16.15 4.70 -27.95
N GLN C 561 16.02 4.20 -26.72
CA GLN C 561 16.67 2.95 -26.34
C GLN C 561 15.70 1.76 -26.28
N PHE C 562 14.43 2.06 -26.04
CA PHE C 562 13.41 1.02 -25.95
C PHE C 562 12.05 1.63 -26.21
N GLY C 563 11.07 0.78 -26.51
CA GLY C 563 9.70 1.25 -26.73
C GLY C 563 8.74 0.63 -25.73
N ARG C 564 7.53 1.17 -25.68
CA ARG C 564 6.50 0.66 -24.78
C ARG C 564 5.15 0.53 -25.47
N ASP C 565 4.33 -0.39 -24.98
CA ASP C 565 2.98 -0.58 -25.48
C ASP C 565 1.97 0.28 -24.74
N ILE C 566 0.68 0.01 -24.97
CA ILE C 566 -0.42 0.78 -24.40
C ILE C 566 -0.53 0.65 -22.88
N ALA C 567 0.16 -0.33 -22.30
CA ALA C 567 0.10 -0.57 -20.86
C ALA C 567 1.32 0.03 -20.19
N ASP C 568 2.11 0.79 -20.94
CA ASP C 568 3.36 1.35 -20.46
C ASP C 568 4.33 0.23 -20.08
N THR C 569 4.32 -0.85 -20.86
CA THR C 569 5.22 -1.98 -20.65
C THR C 569 6.14 -2.15 -21.85
N THR C 570 7.42 -2.35 -21.59
CA THR C 570 8.39 -2.48 -22.67
C THR C 570 7.99 -3.60 -23.61
N ASP C 571 7.98 -3.33 -24.92
CA ASP C 571 7.66 -4.36 -25.89
C ASP C 571 8.74 -4.49 -26.95
N ALA C 572 9.80 -3.71 -26.79
CA ALA C 572 10.92 -3.76 -27.71
C ALA C 572 12.12 -3.07 -27.09
N VAL C 573 13.31 -3.60 -27.37
CA VAL C 573 14.53 -3.00 -26.85
C VAL C 573 15.63 -2.90 -27.91
N ARG C 574 16.53 -1.94 -27.73
CA ARG C 574 17.71 -1.81 -28.56
C ARG C 574 18.89 -2.53 -27.92
N ASP C 575 19.55 -3.39 -28.68
CA ASP C 575 20.73 -4.09 -28.19
C ASP C 575 21.92 -3.12 -28.19
N PRO C 576 22.53 -2.86 -27.02
CA PRO C 576 23.53 -1.84 -26.79
C PRO C 576 24.81 -2.08 -27.58
N GLN C 577 24.99 -3.29 -28.08
CA GLN C 577 26.20 -3.60 -28.84
C GLN C 577 25.95 -3.68 -30.34
N THR C 578 24.83 -4.27 -30.74
CA THR C 578 24.57 -4.43 -32.16
C THR C 578 23.63 -3.36 -32.70
N LEU C 579 22.99 -2.62 -31.80
CA LEU C 579 22.06 -1.55 -32.14
C LEU C 579 20.87 -2.06 -32.97
N GLU C 580 20.57 -3.35 -32.79
CA GLU C 580 19.42 -3.96 -33.45
C GLU C 580 18.21 -3.87 -32.53
N ILE C 581 17.02 -3.88 -33.11
CA ILE C 581 15.81 -3.82 -32.31
C ILE C 581 15.18 -5.20 -32.18
N LEU C 582 14.92 -5.60 -30.94
CA LEU C 582 14.31 -6.90 -30.66
C LEU C 582 12.90 -6.75 -30.12
N ASP C 583 12.00 -7.60 -30.63
CA ASP C 583 10.62 -7.65 -30.19
C ASP C 583 10.48 -8.56 -28.98
N ILE C 584 9.64 -8.18 -28.03
CA ILE C 584 9.43 -9.02 -26.85
C ILE C 584 8.04 -9.65 -26.83
N THR C 585 8.03 -10.97 -26.99
CA THR C 585 6.79 -11.76 -26.95
C THR C 585 6.76 -12.56 -25.65
N PRO C 586 5.63 -12.60 -24.94
CA PRO C 586 5.41 -13.37 -23.73
C PRO C 586 5.78 -14.83 -23.93
N CYS C 587 6.28 -15.45 -22.85
CA CYS C 587 6.74 -16.82 -22.83
C CYS C 587 5.58 -17.78 -22.58
N SER C 588 5.37 -18.73 -23.49
CA SER C 588 4.27 -19.68 -23.38
C SER C 588 2.91 -19.00 -23.32
N PHE C 589 2.51 -18.38 -24.43
CA PHE C 589 1.25 -17.65 -24.51
C PHE C 589 0.23 -18.42 -25.33
N GLY C 590 -1.05 -18.07 -25.16
CA GLY C 590 -2.13 -18.68 -25.92
C GLY C 590 -3.04 -19.53 -25.03
N GLY C 591 -4.34 -19.38 -25.21
CA GLY C 591 -5.31 -20.14 -24.42
C GLY C 591 -5.43 -21.57 -24.94
N VAL C 592 -5.59 -22.52 -24.02
CA VAL C 592 -5.83 -23.91 -24.38
C VAL C 592 -7.13 -24.40 -23.75
N SER C 593 -7.99 -24.95 -24.60
CA SER C 593 -9.30 -25.45 -24.19
C SER C 593 -9.44 -26.94 -24.46
N VAL C 594 -9.86 -27.69 -23.45
CA VAL C 594 -9.93 -29.14 -23.56
C VAL C 594 -11.36 -29.64 -23.74
N ILE C 595 -11.58 -30.46 -24.75
CA ILE C 595 -12.89 -30.98 -25.07
C ILE C 595 -13.02 -32.44 -24.64
N THR C 596 -13.90 -32.70 -23.68
CA THR C 596 -14.01 -34.04 -23.13
C THR C 596 -15.46 -34.49 -23.06
N PRO C 597 -15.75 -35.77 -23.28
CA PRO C 597 -17.05 -36.39 -23.10
C PRO C 597 -17.37 -36.62 -21.63
N GLY C 598 -16.38 -36.43 -20.76
CA GLY C 598 -16.55 -36.67 -19.34
C GLY C 598 -15.82 -37.94 -18.94
N THR C 599 -15.21 -37.93 -17.76
CA THR C 599 -14.47 -39.09 -17.29
C THR C 599 -15.40 -40.13 -16.71
N ASN C 600 -16.23 -40.66 -17.60
CA ASN C 600 -17.25 -41.68 -17.31
C ASN C 600 -17.34 -42.63 -18.51
N THR C 601 -17.75 -42.06 -19.65
CA THR C 601 -17.76 -42.77 -20.93
C THR C 601 -16.34 -43.10 -21.41
N SER C 602 -15.42 -42.14 -21.31
CA SER C 602 -14.06 -42.39 -21.78
C SER C 602 -13.06 -41.42 -21.14
N ASN C 603 -11.78 -41.69 -21.35
CA ASN C 603 -10.72 -40.84 -20.81
C ASN C 603 -9.88 -40.21 -21.92
N GLN C 604 -10.49 -39.94 -23.05
CA GLN C 604 -9.79 -39.30 -24.16
C GLN C 604 -10.31 -37.90 -24.40
N VAL C 605 -9.43 -37.01 -24.87
CA VAL C 605 -9.82 -35.63 -25.11
C VAL C 605 -9.35 -35.12 -26.46
N ALA C 606 -9.93 -34.01 -26.89
CA ALA C 606 -9.43 -33.25 -28.02
C ALA C 606 -9.02 -31.89 -27.51
N VAL C 607 -8.00 -31.28 -28.11
CA VAL C 607 -7.52 -30.00 -27.60
C VAL C 607 -7.64 -28.88 -28.62
N LEU C 608 -8.24 -27.78 -28.21
CA LEU C 608 -8.39 -26.61 -29.05
C LEU C 608 -7.37 -25.52 -28.68
N TYR C 609 -6.55 -25.13 -29.64
CA TYR C 609 -5.58 -24.08 -29.42
C TYR C 609 -6.06 -22.77 -30.06
N GLN C 610 -6.21 -21.73 -29.24
CA GLN C 610 -6.83 -20.48 -29.67
C GLN C 610 -5.88 -19.54 -30.40
N GLY C 611 -6.31 -19.02 -31.55
CA GLY C 611 -5.57 -17.97 -32.24
C GLY C 611 -4.32 -18.46 -32.95
N VAL C 612 -4.33 -19.73 -33.35
CA VAL C 612 -3.23 -20.33 -34.09
C VAL C 612 -3.69 -20.89 -35.42
N ASN C 613 -2.71 -21.11 -36.33
CA ASN C 613 -2.93 -21.63 -37.67
C ASN C 613 -2.64 -23.11 -37.90
N CYS C 614 -2.51 -23.84 -36.77
CA CYS C 614 -2.14 -25.26 -36.77
C CYS C 614 -0.69 -25.41 -37.14
N THR C 615 -0.21 -24.79 -38.24
CA THR C 615 1.20 -24.98 -38.65
C THR C 615 2.20 -24.70 -37.56
N GLU C 616 1.90 -23.61 -36.85
CA GLU C 616 2.80 -23.01 -35.88
C GLU C 616 2.57 -23.46 -34.45
N VAL C 617 1.66 -24.40 -34.26
CA VAL C 617 1.30 -24.78 -32.90
C VAL C 617 2.48 -25.34 -32.07
N PRO C 618 3.32 -26.23 -32.63
CA PRO C 618 4.46 -26.83 -31.97
C PRO C 618 5.46 -25.77 -31.52
N VAL C 619 5.39 -24.58 -32.13
CA VAL C 619 6.28 -23.48 -31.80
C VAL C 619 5.68 -22.62 -30.69
N ALA C 620 4.41 -22.26 -30.88
CA ALA C 620 3.69 -21.39 -29.95
C ALA C 620 3.63 -21.98 -28.55
N ILE C 621 3.48 -23.30 -28.45
CA ILE C 621 3.37 -23.93 -27.14
C ILE C 621 4.68 -24.56 -26.69
N HIS C 622 5.76 -24.32 -27.43
CA HIS C 622 7.06 -24.87 -27.07
C HIS C 622 6.94 -26.38 -26.82
N ALA C 623 6.43 -27.10 -27.82
CA ALA C 623 6.12 -28.52 -27.66
C ALA C 623 7.33 -29.35 -27.28
N ASP C 624 8.52 -28.89 -27.67
CA ASP C 624 9.75 -29.62 -27.41
C ASP C 624 10.11 -29.61 -25.93
N GLN C 625 9.49 -28.71 -25.17
CA GLN C 625 9.75 -28.60 -23.75
C GLN C 625 8.77 -29.46 -22.96
N LEU C 626 7.84 -30.09 -23.66
CA LEU C 626 6.79 -30.87 -23.04
C LEU C 626 7.09 -32.36 -23.10
N THR C 627 6.48 -33.12 -22.20
CA THR C 627 6.64 -34.57 -22.15
C THR C 627 5.94 -35.21 -23.35
N PRO C 628 6.33 -36.45 -23.73
CA PRO C 628 5.76 -37.25 -24.81
C PRO C 628 4.26 -37.45 -24.68
N THR C 629 3.76 -37.47 -23.45
CA THR C 629 2.34 -37.72 -23.21
C THR C 629 1.49 -36.46 -23.41
N TRP C 630 2.14 -35.32 -23.57
CA TRP C 630 1.45 -34.05 -23.82
C TRP C 630 1.64 -33.69 -25.29
N ARG C 631 2.85 -33.96 -25.78
CA ARG C 631 3.30 -33.57 -27.11
C ARG C 631 2.42 -34.13 -28.22
N VAL C 632 1.75 -35.25 -27.97
CA VAL C 632 0.91 -35.88 -28.99
C VAL C 632 -0.29 -35.00 -29.39
N TYR C 633 -0.54 -33.94 -28.66
CA TYR C 633 -1.65 -33.06 -28.98
C TYR C 633 -1.22 -31.82 -29.75
N SER C 634 0.08 -31.68 -29.99
CA SER C 634 0.55 -30.50 -30.70
C SER C 634 0.48 -30.67 -32.21
N THR C 635 0.56 -31.92 -32.67
CA THR C 635 0.57 -32.20 -34.11
C THR C 635 0.36 -33.68 -34.39
N GLY C 636 0.00 -34.01 -35.62
CA GLY C 636 -0.12 -35.41 -36.03
C GLY C 636 -1.58 -35.85 -36.17
N SER C 637 -1.78 -36.92 -36.93
CA SER C 637 -3.11 -37.48 -37.17
C SER C 637 -4.08 -36.40 -37.64
N ASN C 638 -5.31 -36.45 -37.15
CA ASN C 638 -6.33 -35.49 -37.54
C ASN C 638 -6.15 -34.10 -36.93
N VAL C 639 -6.10 -33.11 -37.81
CA VAL C 639 -6.01 -31.70 -37.43
C VAL C 639 -7.03 -30.90 -38.24
N PHE C 640 -7.84 -30.10 -37.55
CA PHE C 640 -8.90 -29.35 -38.22
C PHE C 640 -8.89 -27.86 -37.88
N GLN C 641 -8.78 -27.02 -38.91
CA GLN C 641 -8.88 -25.56 -38.73
C GLN C 641 -10.32 -25.10 -38.58
N THR C 642 -10.56 -24.29 -37.55
CA THR C 642 -11.85 -23.63 -37.35
C THR C 642 -11.57 -22.14 -37.18
N ARG C 643 -12.63 -21.33 -37.16
CA ARG C 643 -12.41 -19.90 -36.95
C ARG C 643 -12.23 -19.59 -35.47
N ALA C 644 -12.34 -20.62 -34.63
CA ALA C 644 -12.17 -20.48 -33.21
C ALA C 644 -10.77 -20.93 -32.77
N GLY C 645 -10.00 -21.44 -33.73
CA GLY C 645 -8.68 -21.96 -33.41
C GLY C 645 -8.40 -23.31 -34.08
N CYS C 646 -7.32 -23.96 -33.65
CA CYS C 646 -6.84 -25.21 -34.22
C CYS C 646 -7.28 -26.39 -33.35
N LEU C 647 -8.10 -27.27 -33.92
CA LEU C 647 -8.60 -28.42 -33.17
C LEU C 647 -7.81 -29.69 -33.51
N ILE C 648 -7.12 -30.21 -32.51
CA ILE C 648 -6.28 -31.39 -32.71
C ILE C 648 -6.74 -32.56 -31.84
N GLY C 649 -6.91 -33.73 -32.46
CA GLY C 649 -7.35 -34.93 -31.75
C GLY C 649 -8.81 -35.26 -31.98
N ALA C 650 -9.44 -34.57 -32.93
CA ALA C 650 -10.84 -34.86 -33.26
C ALA C 650 -10.99 -35.04 -34.76
N GLU C 651 -11.82 -36.00 -35.16
CA GLU C 651 -12.02 -36.27 -36.57
C GLU C 651 -13.18 -35.47 -37.13
N TYR C 652 -12.90 -34.66 -38.14
CA TYR C 652 -13.92 -33.83 -38.75
C TYR C 652 -14.73 -34.61 -39.78
N VAL C 653 -16.04 -34.47 -39.72
CA VAL C 653 -16.91 -35.13 -40.68
C VAL C 653 -17.84 -34.14 -41.37
N ASN C 654 -18.41 -34.57 -42.50
CA ASN C 654 -19.30 -33.75 -43.32
C ASN C 654 -20.78 -33.92 -42.92
N ASN C 655 -21.06 -34.80 -41.95
CA ASN C 655 -22.43 -35.09 -41.49
C ASN C 655 -22.83 -34.11 -40.38
N SER C 656 -23.98 -33.47 -40.55
CA SER C 656 -24.43 -32.46 -39.63
C SER C 656 -25.37 -33.05 -38.59
N TYR C 657 -25.22 -32.61 -37.35
CA TYR C 657 -26.07 -33.07 -36.26
C TYR C 657 -26.49 -31.90 -35.39
N GLU C 658 -27.33 -32.17 -34.39
CA GLU C 658 -27.67 -31.16 -33.41
C GLU C 658 -26.41 -30.89 -32.60
N CYS C 659 -26.15 -29.65 -32.23
CA CYS C 659 -24.95 -29.29 -31.51
C CYS C 659 -24.90 -29.96 -30.13
N ASP C 660 -23.80 -30.62 -29.83
CA ASP C 660 -23.62 -31.30 -28.55
C ASP C 660 -22.68 -30.49 -27.66
N ILE C 661 -21.39 -30.56 -27.94
CA ILE C 661 -20.43 -29.72 -27.22
C ILE C 661 -19.92 -28.62 -28.15
N PRO C 662 -20.36 -27.37 -27.95
CA PRO C 662 -20.08 -26.24 -28.82
C PRO C 662 -18.63 -25.83 -28.75
N ILE C 663 -18.05 -25.54 -29.91
CA ILE C 663 -16.70 -25.01 -29.98
C ILE C 663 -16.71 -23.54 -30.38
N GLY C 664 -17.47 -23.24 -31.42
CA GLY C 664 -17.59 -21.86 -31.89
C GLY C 664 -17.57 -21.78 -33.41
N ALA C 665 -18.11 -20.69 -33.95
CA ALA C 665 -18.12 -20.43 -35.38
C ALA C 665 -18.78 -21.55 -36.16
N GLY C 666 -19.87 -22.10 -35.63
CA GLY C 666 -20.65 -23.12 -36.32
C GLY C 666 -20.15 -24.54 -36.09
N ILE C 667 -19.04 -24.70 -35.39
CA ILE C 667 -18.47 -26.02 -35.16
C ILE C 667 -18.79 -26.55 -33.76
N CYS C 668 -19.22 -27.81 -33.69
CA CYS C 668 -19.51 -28.53 -32.46
C CYS C 668 -18.81 -29.89 -32.49
N ALA C 669 -18.62 -30.48 -31.31
CA ALA C 669 -18.00 -31.78 -31.20
C ALA C 669 -18.90 -32.76 -30.45
N SER C 670 -18.71 -34.04 -30.72
CA SER C 670 -19.50 -35.09 -30.04
C SER C 670 -18.75 -36.41 -29.97
N TYR C 671 -19.23 -37.28 -29.09
CA TYR C 671 -18.68 -38.62 -28.95
C TYR C 671 -19.62 -39.66 -29.55
N GLN C 672 -19.36 -40.06 -30.79
CA GLN C 672 -20.25 -40.96 -31.52
C GLN C 672 -19.47 -42.03 -32.29
N THR C 673 -20.12 -43.18 -32.48
CA THR C 673 -19.53 -44.30 -33.24
C THR C 673 -19.46 -43.96 -34.73
N GLN C 687 -15.90 -45.91 -31.02
CA GLN C 687 -16.47 -44.57 -30.72
C GLN C 687 -15.32 -43.61 -30.39
N SER C 688 -15.36 -42.39 -30.92
CA SER C 688 -14.28 -41.40 -30.68
C SER C 688 -14.85 -39.98 -30.66
N ILE C 689 -13.98 -38.97 -30.67
CA ILE C 689 -14.44 -37.55 -30.65
C ILE C 689 -14.43 -37.01 -32.08
N ILE C 690 -15.59 -36.57 -32.58
CA ILE C 690 -15.70 -36.03 -33.93
C ILE C 690 -16.10 -34.56 -33.92
N ALA C 691 -15.82 -33.88 -35.02
CA ALA C 691 -16.20 -32.48 -35.18
C ALA C 691 -17.06 -32.31 -36.43
N TYR C 692 -18.01 -31.39 -36.38
CA TYR C 692 -18.91 -31.18 -37.50
C TYR C 692 -19.52 -29.78 -37.47
N THR C 693 -20.06 -29.34 -38.61
CA THR C 693 -20.83 -28.12 -38.63
C THR C 693 -22.25 -28.43 -38.15
N MET C 694 -22.71 -27.64 -37.19
CA MET C 694 -24.01 -27.90 -36.57
C MET C 694 -25.16 -27.61 -37.50
N SER C 695 -26.24 -28.37 -37.36
CA SER C 695 -27.46 -28.13 -38.11
C SER C 695 -28.26 -27.02 -37.45
N LEU C 696 -29.12 -26.38 -38.24
CA LEU C 696 -29.97 -25.30 -37.72
C LEU C 696 -31.40 -25.76 -37.48
N GLY C 697 -31.81 -26.78 -38.22
CA GLY C 697 -33.17 -27.28 -38.17
C GLY C 697 -33.42 -28.21 -39.35
N ALA C 698 -34.62 -28.74 -39.45
CA ALA C 698 -34.98 -29.63 -40.55
C ALA C 698 -35.28 -28.82 -41.79
N GLU C 699 -34.78 -29.25 -42.94
CA GLU C 699 -35.07 -28.54 -44.17
C GLU C 699 -36.50 -28.81 -44.63
N ASN C 700 -37.19 -27.75 -45.05
CA ASN C 700 -38.57 -27.85 -45.51
C ASN C 700 -38.86 -26.82 -46.59
N SER C 701 -40.09 -26.83 -47.09
CA SER C 701 -40.48 -25.88 -48.17
C SER C 701 -41.94 -25.47 -48.00
N VAL C 702 -42.27 -24.23 -48.37
CA VAL C 702 -43.67 -23.74 -48.29
C VAL C 702 -44.12 -23.35 -49.70
N ALA C 703 -45.36 -23.68 -50.07
CA ALA C 703 -45.84 -23.39 -51.44
C ALA C 703 -46.26 -21.93 -51.55
N CYS C 704 -46.33 -21.41 -52.78
CA CYS C 704 -46.73 -19.99 -53.00
C CYS C 704 -47.71 -19.90 -54.17
N SER C 705 -48.95 -20.37 -53.96
CA SER C 705 -49.97 -20.25 -55.03
C SER C 705 -50.83 -19.01 -54.77
N ASN C 706 -51.23 -18.32 -55.84
CA ASN C 706 -52.09 -17.16 -55.66
C ASN C 706 -53.58 -17.50 -55.71
N ASN C 707 -53.92 -18.80 -55.71
CA ASN C 707 -55.32 -19.25 -55.79
C ASN C 707 -55.57 -20.53 -55.02
N SER C 708 -54.72 -20.84 -54.04
CA SER C 708 -54.87 -22.09 -53.30
C SER C 708 -54.66 -21.90 -51.80
N ILE C 709 -55.58 -22.47 -51.03
CA ILE C 709 -55.58 -22.34 -49.58
C ILE C 709 -55.45 -23.71 -48.90
N ALA C 710 -54.68 -23.79 -47.83
CA ALA C 710 -54.58 -25.03 -47.07
C ALA C 710 -55.43 -24.94 -45.80
N ILE C 711 -56.31 -25.91 -45.59
CA ILE C 711 -57.21 -25.88 -44.44
C ILE C 711 -57.19 -27.21 -43.67
N PRO C 712 -56.93 -27.19 -42.36
CA PRO C 712 -56.86 -28.34 -41.48
C PRO C 712 -58.22 -29.02 -41.38
N THR C 713 -58.23 -30.35 -41.46
CA THR C 713 -59.47 -31.11 -41.34
C THR C 713 -59.60 -31.83 -39.99
N ASN C 714 -58.52 -31.83 -39.21
CA ASN C 714 -58.45 -32.47 -37.90
C ASN C 714 -57.64 -31.59 -36.96
N PHE C 715 -57.50 -32.04 -35.70
CA PHE C 715 -56.75 -31.30 -34.68
C PHE C 715 -56.23 -32.24 -33.60
N THR C 716 -55.26 -31.75 -32.85
CA THR C 716 -54.74 -32.46 -31.70
C THR C 716 -54.68 -31.55 -30.49
N ILE C 717 -55.15 -32.05 -29.35
CA ILE C 717 -55.01 -31.35 -28.09
C ILE C 717 -53.73 -31.84 -27.43
N SER C 718 -52.86 -30.91 -27.06
CA SER C 718 -51.57 -31.28 -26.48
C SER C 718 -51.28 -30.45 -25.24
N VAL C 719 -50.40 -30.97 -24.39
CA VAL C 719 -50.03 -30.27 -23.17
C VAL C 719 -48.52 -30.16 -23.02
N THR C 720 -48.03 -28.95 -22.81
CA THR C 720 -46.60 -28.75 -22.62
C THR C 720 -46.33 -28.21 -21.22
N THR C 721 -45.10 -28.39 -20.76
CA THR C 721 -44.74 -27.98 -19.40
C THR C 721 -43.71 -26.86 -19.40
N GLU C 722 -43.99 -25.81 -18.65
CA GLU C 722 -43.04 -24.71 -18.48
C GLU C 722 -42.62 -24.55 -17.03
N ILE C 723 -41.33 -24.44 -16.80
CA ILE C 723 -40.80 -24.32 -15.46
C ILE C 723 -40.12 -22.97 -15.23
N LEU C 724 -40.50 -22.29 -14.15
CA LEU C 724 -39.88 -21.02 -13.80
C LEU C 724 -39.49 -20.99 -12.32
N PRO C 725 -38.32 -20.44 -11.98
CA PRO C 725 -37.88 -20.14 -10.64
C PRO C 725 -38.64 -18.94 -10.11
N VAL C 726 -38.85 -18.89 -8.79
CA VAL C 726 -39.55 -17.80 -8.15
C VAL C 726 -38.74 -17.20 -6.99
N SER C 727 -38.01 -18.06 -6.29
CA SER C 727 -37.27 -17.62 -5.11
C SER C 727 -35.96 -18.36 -4.97
N MET C 728 -35.08 -17.84 -4.14
CA MET C 728 -33.81 -18.47 -3.82
C MET C 728 -33.62 -18.59 -2.33
N THR C 729 -32.51 -19.19 -1.93
CA THR C 729 -32.17 -19.35 -0.54
C THR C 729 -31.88 -17.99 0.11
N LYS C 730 -32.49 -17.76 1.27
CA LYS C 730 -32.30 -16.54 2.02
C LYS C 730 -31.28 -16.74 3.14
N THR C 731 -30.04 -16.34 2.88
CA THR C 731 -28.92 -16.59 3.79
C THR C 731 -28.76 -15.48 4.81
N SER C 732 -27.94 -15.75 5.81
CA SER C 732 -27.61 -14.76 6.84
C SER C 732 -26.15 -14.93 7.27
N VAL C 733 -25.46 -13.81 7.47
CA VAL C 733 -24.04 -13.84 7.77
C VAL C 733 -23.72 -13.12 9.08
N ASP C 734 -22.98 -13.80 9.96
CA ASP C 734 -22.58 -13.27 11.26
C ASP C 734 -21.57 -12.10 11.19
N CYS C 735 -20.74 -12.09 10.13
CA CYS C 735 -19.67 -11.10 9.94
C CYS C 735 -18.54 -11.31 10.95
N THR C 736 -18.84 -11.10 12.22
CA THR C 736 -17.85 -11.20 13.29
C THR C 736 -17.25 -12.60 13.40
N MET C 737 -18.08 -13.63 13.33
CA MET C 737 -17.56 -14.98 13.38
C MET C 737 -16.71 -15.30 12.16
N TYR C 738 -17.09 -14.72 11.02
CA TYR C 738 -16.33 -14.91 9.79
C TYR C 738 -14.98 -14.20 9.90
N ILE C 739 -14.99 -12.96 10.42
CA ILE C 739 -13.78 -12.18 10.60
C ILE C 739 -13.50 -11.96 12.08
N CYS C 740 -12.37 -12.51 12.56
CA CYS C 740 -11.87 -12.46 13.93
C CYS C 740 -12.27 -13.69 14.76
N GLY C 741 -13.50 -14.18 14.51
CA GLY C 741 -13.88 -15.46 15.12
C GLY C 741 -13.88 -15.41 16.64
N ASP C 742 -13.06 -16.26 17.27
CA ASP C 742 -12.99 -16.31 18.73
C ASP C 742 -11.88 -15.42 19.29
N SER C 743 -11.26 -14.62 18.44
CA SER C 743 -10.21 -13.72 18.89
C SER C 743 -10.76 -12.43 19.46
N THR C 744 -10.62 -12.28 20.77
CA THR C 744 -11.13 -11.14 21.50
C THR C 744 -10.41 -9.87 21.08
N GLU C 745 -9.11 -9.99 20.85
CA GLU C 745 -8.29 -8.85 20.46
C GLU C 745 -8.68 -8.32 19.08
N CYS C 746 -8.83 -9.23 18.10
CA CYS C 746 -9.18 -8.88 16.73
C CYS C 746 -10.54 -8.20 16.65
N SER C 747 -11.50 -8.70 17.42
CA SER C 747 -12.86 -8.18 17.37
C SER C 747 -12.94 -6.70 17.73
N ASN C 748 -11.90 -6.18 18.40
CA ASN C 748 -11.90 -4.79 18.82
C ASN C 748 -11.23 -3.87 17.80
N LEU C 749 -10.76 -4.46 16.70
CA LEU C 749 -10.11 -3.70 15.64
C LEU C 749 -11.06 -3.43 14.49
N LEU C 750 -12.10 -4.25 14.38
CA LEU C 750 -13.08 -4.09 13.30
C LEU C 750 -13.81 -2.78 13.43
N LEU C 751 -13.85 -2.26 14.65
CA LEU C 751 -14.55 -1.03 14.97
C LEU C 751 -13.87 0.16 14.32
N GLN C 752 -12.62 -0.02 13.91
CA GLN C 752 -11.85 1.08 13.33
C GLN C 752 -12.01 1.14 11.82
N TYR C 753 -12.68 0.14 11.24
CA TYR C 753 -12.83 0.06 9.79
C TYR C 753 -14.16 0.65 9.32
N GLY C 754 -14.99 1.05 10.26
CA GLY C 754 -16.30 1.62 9.91
C GLY C 754 -17.39 0.56 9.93
N SER C 755 -18.62 0.98 9.70
CA SER C 755 -19.77 0.10 9.82
C SER C 755 -20.00 -0.78 8.59
N PHE C 756 -19.03 -1.64 8.30
CA PHE C 756 -19.14 -2.55 7.15
C PHE C 756 -20.10 -3.70 7.42
N CYS C 757 -20.12 -4.23 8.66
CA CYS C 757 -21.00 -5.33 9.04
C CYS C 757 -22.46 -4.89 8.99
N THR C 758 -22.69 -3.62 9.32
CA THR C 758 -24.05 -3.08 9.28
C THR C 758 -24.57 -3.01 7.86
N GLN C 759 -23.73 -2.52 6.95
CA GLN C 759 -24.11 -2.43 5.55
C GLN C 759 -24.34 -3.82 4.97
N LEU C 760 -23.51 -4.77 5.37
CA LEU C 760 -23.62 -6.14 4.91
C LEU C 760 -24.90 -6.80 5.41
N LYS C 761 -25.18 -6.67 6.70
CA LYS C 761 -26.38 -7.27 7.25
C LYS C 761 -27.59 -6.59 6.66
N ARG C 762 -27.50 -5.28 6.43
CA ARG C 762 -28.60 -4.54 5.85
C ARG C 762 -28.92 -5.00 4.43
N ALA C 763 -27.89 -5.16 3.60
CA ALA C 763 -28.08 -5.63 2.24
C ALA C 763 -28.67 -7.03 2.14
N LEU C 764 -28.20 -7.93 3.00
CA LEU C 764 -28.67 -9.31 2.99
C LEU C 764 -30.10 -9.41 3.51
N THR C 765 -30.44 -8.60 4.50
CA THR C 765 -31.79 -8.60 5.02
C THR C 765 -32.78 -8.19 3.94
N GLY C 766 -32.43 -7.15 3.18
CA GLY C 766 -33.29 -6.69 2.11
C GLY C 766 -33.58 -7.80 1.10
N ILE C 767 -32.54 -8.53 0.72
CA ILE C 767 -32.70 -9.64 -0.22
C ILE C 767 -33.66 -10.68 0.35
N ALA C 768 -33.44 -11.03 1.62
CA ALA C 768 -34.24 -12.06 2.28
C ALA C 768 -35.71 -11.68 2.30
N VAL C 769 -36.01 -10.40 2.53
CA VAL C 769 -37.39 -9.94 2.57
C VAL C 769 -38.05 -10.08 1.20
N GLU C 770 -37.32 -9.74 0.14
CA GLU C 770 -37.85 -9.86 -1.22
C GLU C 770 -38.19 -11.31 -1.56
N GLN C 771 -37.42 -12.26 -1.05
CA GLN C 771 -37.67 -13.67 -1.37
C GLN C 771 -39.05 -14.11 -0.90
N ASP C 772 -39.55 -13.52 0.18
CA ASP C 772 -40.86 -13.86 0.70
C ASP C 772 -41.95 -13.04 0.04
N LYS C 773 -41.55 -12.16 -0.86
CA LYS C 773 -42.49 -11.34 -1.61
C LYS C 773 -42.75 -12.00 -2.95
N ASN C 774 -41.69 -12.51 -3.56
CA ASN C 774 -41.80 -13.15 -4.87
C ASN C 774 -42.83 -14.27 -4.82
N THR C 775 -42.84 -15.02 -3.73
CA THR C 775 -43.70 -16.18 -3.61
C THR C 775 -45.17 -15.84 -3.43
N GLN C 776 -45.48 -14.75 -2.73
CA GLN C 776 -46.89 -14.42 -2.54
C GLN C 776 -47.44 -13.74 -3.78
N GLU C 777 -46.60 -13.02 -4.51
CA GLU C 777 -47.06 -12.37 -5.73
C GLU C 777 -47.47 -13.40 -6.79
N VAL C 778 -46.75 -14.51 -6.84
CA VAL C 778 -47.04 -15.55 -7.80
C VAL C 778 -48.23 -16.42 -7.38
N PHE C 779 -48.24 -16.88 -6.13
CA PHE C 779 -49.26 -17.84 -5.70
C PHE C 779 -50.51 -17.23 -5.09
N ALA C 780 -50.37 -16.12 -4.37
CA ALA C 780 -51.53 -15.55 -3.68
C ALA C 780 -52.32 -14.63 -4.59
N GLN C 781 -52.90 -15.21 -5.64
CA GLN C 781 -53.71 -14.46 -6.61
C GLN C 781 -55.18 -14.45 -6.21
N VAL C 782 -55.50 -15.17 -5.16
CA VAL C 782 -56.87 -15.26 -4.68
C VAL C 782 -56.98 -14.89 -3.22
N LYS C 783 -58.02 -14.15 -2.87
CA LYS C 783 -58.29 -13.80 -1.48
C LYS C 783 -59.22 -14.83 -0.87
N GLN C 784 -59.74 -15.69 -1.73
CA GLN C 784 -60.67 -16.75 -1.34
C GLN C 784 -60.02 -18.10 -1.57
N ILE C 785 -59.92 -18.90 -0.53
CA ILE C 785 -59.33 -20.22 -0.66
C ILE C 785 -60.44 -21.24 -0.85
N TYR C 786 -60.50 -21.81 -2.04
CA TYR C 786 -61.57 -22.73 -2.39
C TYR C 786 -61.20 -24.17 -2.09
N LYS C 787 -62.13 -24.89 -1.46
CA LYS C 787 -61.97 -26.31 -1.25
C LYS C 787 -62.05 -27.03 -2.60
N THR C 788 -61.22 -28.06 -2.79
CA THR C 788 -61.24 -28.77 -4.07
C THR C 788 -62.57 -29.49 -4.26
N PRO C 789 -62.96 -29.78 -5.51
CA PRO C 789 -64.13 -30.56 -5.88
C PRO C 789 -64.08 -31.98 -5.31
N PRO C 790 -65.22 -32.53 -4.90
CA PRO C 790 -65.44 -33.92 -4.53
C PRO C 790 -65.25 -34.87 -5.71
N ILE C 791 -65.35 -34.33 -6.92
CA ILE C 791 -65.26 -35.13 -8.13
C ILE C 791 -64.08 -34.69 -8.99
N LYS C 792 -63.34 -35.66 -9.51
CA LYS C 792 -62.15 -35.40 -10.32
C LYS C 792 -62.38 -35.72 -11.79
N TYR C 793 -63.63 -35.99 -12.13
CA TYR C 793 -64.03 -36.37 -13.49
C TYR C 793 -65.17 -35.50 -13.98
N PHE C 794 -64.90 -34.65 -14.97
CA PHE C 794 -65.89 -33.69 -15.44
C PHE C 794 -66.20 -33.83 -16.92
N GLY C 795 -67.27 -34.55 -17.26
CA GLY C 795 -67.69 -34.66 -18.65
C GLY C 795 -66.70 -35.45 -19.50
N GLY C 796 -65.95 -36.34 -18.88
CA GLY C 796 -64.95 -37.12 -19.58
C GLY C 796 -63.53 -36.62 -19.33
N PHE C 797 -63.39 -35.43 -18.76
CA PHE C 797 -62.08 -34.87 -18.48
C PHE C 797 -61.56 -35.29 -17.11
N ASN C 798 -60.41 -35.97 -17.11
CA ASN C 798 -59.78 -36.55 -15.91
C ASN C 798 -58.67 -35.65 -15.38
N PHE C 799 -58.89 -35.09 -14.17
CA PHE C 799 -57.97 -34.16 -13.51
C PHE C 799 -57.30 -34.78 -12.30
N SER C 800 -57.36 -36.11 -12.19
CA SER C 800 -56.84 -36.79 -11.01
C SER C 800 -55.35 -36.64 -10.82
N GLN C 801 -54.64 -36.26 -11.87
CA GLN C 801 -53.19 -36.13 -11.77
C GLN C 801 -52.74 -34.72 -11.39
N ILE C 802 -53.65 -33.75 -11.46
CA ILE C 802 -53.28 -32.37 -11.13
C ILE C 802 -53.88 -31.94 -9.79
N LEU C 803 -54.95 -32.62 -9.37
CA LEU C 803 -55.59 -32.32 -8.10
C LEU C 803 -54.94 -33.14 -6.96
N PRO C 804 -54.94 -32.61 -5.73
CA PRO C 804 -54.39 -33.22 -4.54
C PRO C 804 -54.92 -34.62 -4.29
N ASP C 805 -54.05 -35.51 -3.80
CA ASP C 805 -54.43 -36.88 -3.46
C ASP C 805 -54.58 -37.06 -1.94
N PRO C 806 -55.81 -37.22 -1.43
CA PRO C 806 -56.16 -37.42 -0.04
C PRO C 806 -55.50 -38.64 0.59
N SER C 807 -55.06 -39.59 -0.23
CA SER C 807 -54.47 -40.82 0.26
C SER C 807 -52.98 -40.68 0.56
N LYS C 808 -52.41 -39.54 0.18
CA LYS C 808 -50.99 -39.28 0.38
C LYS C 808 -50.81 -38.19 1.42
N PRO C 809 -50.06 -38.45 2.51
CA PRO C 809 -49.89 -37.59 3.66
C PRO C 809 -48.97 -36.40 3.36
N SER C 810 -49.39 -35.58 2.41
CA SER C 810 -48.68 -34.38 2.01
C SER C 810 -49.65 -33.47 1.29
N LYS C 811 -50.80 -34.04 0.95
CA LYS C 811 -51.88 -33.31 0.26
C LYS C 811 -51.39 -32.67 -1.03
N ARG C 812 -50.65 -33.44 -1.83
CA ARG C 812 -50.14 -32.98 -3.11
C ARG C 812 -50.66 -33.85 -4.23
N SER C 813 -50.74 -33.27 -5.42
CA SER C 813 -51.15 -34.02 -6.60
C SER C 813 -50.00 -34.90 -7.08
N PRO C 814 -50.27 -35.98 -7.79
CA PRO C 814 -49.32 -36.86 -8.46
C PRO C 814 -48.25 -36.11 -9.25
N ILE C 815 -48.66 -35.22 -10.16
CA ILE C 815 -47.69 -34.52 -11.01
C ILE C 815 -46.78 -33.57 -10.22
N GLU C 816 -47.34 -32.82 -9.29
CA GLU C 816 -46.48 -31.90 -8.54
C GLU C 816 -45.63 -32.64 -7.52
N ASP C 817 -46.12 -33.77 -7.01
CA ASP C 817 -45.39 -34.48 -5.97
C ASP C 817 -44.03 -35.00 -6.45
N LEU C 818 -43.96 -35.52 -7.67
CA LEU C 818 -42.67 -36.01 -8.14
C LEU C 818 -41.69 -34.86 -8.40
N LEU C 819 -42.19 -33.64 -8.48
CA LEU C 819 -41.33 -32.49 -8.75
C LEU C 819 -40.46 -32.18 -7.53
N PHE C 820 -40.83 -32.74 -6.38
CA PHE C 820 -40.10 -32.51 -5.15
C PHE C 820 -39.06 -33.61 -4.92
N ASN C 821 -39.01 -34.57 -5.83
CA ASN C 821 -38.04 -35.64 -5.75
C ASN C 821 -36.94 -35.47 -6.79
N LYS C 822 -37.00 -34.38 -7.53
CA LYS C 822 -36.05 -34.11 -8.59
C LYS C 822 -35.11 -32.96 -8.25
N VAL C 823 -35.51 -32.13 -7.28
CA VAL C 823 -34.72 -30.98 -6.89
C VAL C 823 -34.37 -31.07 -5.40
N THR C 824 -33.08 -30.88 -5.06
CA THR C 824 -32.60 -30.99 -3.69
C THR C 824 -32.53 -29.60 -3.05
N LEU C 846 -21.82 -30.66 5.02
CA LEU C 846 -21.18 -29.41 4.62
C LEU C 846 -21.79 -28.20 5.33
N ILE C 847 -23.11 -28.22 5.54
CA ILE C 847 -23.84 -27.11 6.15
C ILE C 847 -23.46 -26.91 7.61
N CYS C 848 -23.05 -27.98 8.27
CA CYS C 848 -22.58 -27.89 9.64
C CYS C 848 -21.30 -27.07 9.70
N ALA C 849 -20.38 -27.36 8.79
CA ALA C 849 -19.12 -26.63 8.73
C ALA C 849 -19.36 -25.16 8.44
N GLN C 850 -20.32 -24.88 7.57
CA GLN C 850 -20.65 -23.50 7.22
C GLN C 850 -21.18 -22.73 8.42
N LYS C 851 -22.03 -23.38 9.21
CA LYS C 851 -22.61 -22.76 10.40
C LYS C 851 -21.53 -22.24 11.34
N PHE C 852 -20.47 -23.03 11.51
CA PHE C 852 -19.41 -22.68 12.44
C PHE C 852 -18.52 -21.55 11.95
N LYS C 853 -18.75 -21.07 10.74
CA LYS C 853 -17.97 -19.96 10.21
C LYS C 853 -18.82 -18.70 10.16
N GLY C 854 -20.02 -18.79 10.71
CA GLY C 854 -20.93 -17.64 10.76
C GLY C 854 -21.87 -17.58 9.57
N LEU C 855 -21.92 -18.65 8.78
CA LEU C 855 -22.79 -18.67 7.61
C LEU C 855 -23.99 -19.58 7.83
N THR C 856 -25.19 -19.00 7.86
CA THR C 856 -26.38 -19.79 8.11
C THR C 856 -27.47 -19.51 7.10
N VAL C 857 -28.58 -20.26 7.20
CA VAL C 857 -29.72 -20.10 6.31
C VAL C 857 -31.02 -19.98 7.09
N LEU C 858 -31.83 -19.00 6.70
CA LEU C 858 -33.11 -18.76 7.35
C LEU C 858 -34.23 -19.47 6.58
N PRO C 859 -35.30 -19.87 7.26
CA PRO C 859 -36.50 -20.46 6.70
C PRO C 859 -37.34 -19.39 5.99
N PRO C 860 -38.16 -19.81 5.03
CA PRO C 860 -39.14 -19.03 4.29
C PRO C 860 -40.32 -18.68 5.16
N LEU C 861 -41.04 -17.63 4.79
CA LEU C 861 -42.24 -17.22 5.51
C LEU C 861 -43.35 -18.25 5.30
N LEU C 862 -43.53 -18.67 4.05
CA LEU C 862 -44.55 -19.66 3.72
C LEU C 862 -43.93 -21.03 3.50
N THR C 863 -44.59 -22.05 4.05
CA THR C 863 -44.13 -23.41 3.88
C THR C 863 -44.73 -24.05 2.64
N ASP C 864 -44.17 -25.18 2.22
CA ASP C 864 -44.66 -25.89 1.04
C ASP C 864 -46.09 -26.37 1.22
N GLU C 865 -46.47 -26.63 2.47
CA GLU C 865 -47.82 -27.10 2.78
C GLU C 865 -48.87 -26.01 2.62
N MET C 866 -48.43 -24.75 2.59
CA MET C 866 -49.36 -23.64 2.41
C MET C 866 -49.37 -23.17 0.96
N ILE C 867 -48.23 -23.32 0.29
CA ILE C 867 -48.14 -23.00 -1.12
C ILE C 867 -49.02 -23.96 -1.91
N ALA C 868 -49.02 -25.22 -1.49
CA ALA C 868 -49.87 -26.24 -2.10
C ALA C 868 -51.34 -25.86 -1.99
N GLN C 869 -51.72 -25.23 -0.88
CA GLN C 869 -53.12 -24.83 -0.67
C GLN C 869 -53.53 -23.74 -1.65
N TYR C 870 -52.64 -22.79 -1.88
CA TYR C 870 -52.94 -21.74 -2.84
C TYR C 870 -53.15 -22.34 -4.22
N THR C 871 -52.28 -23.27 -4.59
CA THR C 871 -52.38 -23.90 -5.90
C THR C 871 -53.68 -24.66 -6.05
N SER C 872 -54.08 -25.38 -5.01
CA SER C 872 -55.30 -26.18 -5.10
C SER C 872 -56.53 -25.28 -5.18
N ALA C 873 -56.46 -24.09 -4.60
CA ALA C 873 -57.55 -23.12 -4.68
C ALA C 873 -57.69 -22.59 -6.10
N LEU C 874 -56.55 -22.38 -6.75
CA LEU C 874 -56.54 -21.89 -8.13
C LEU C 874 -57.10 -22.94 -9.06
N LEU C 875 -56.75 -24.20 -8.83
CA LEU C 875 -57.26 -25.29 -9.66
C LEU C 875 -58.76 -25.46 -9.48
N ALA C 876 -59.23 -25.34 -8.23
CA ALA C 876 -60.66 -25.48 -7.96
C ALA C 876 -61.44 -24.38 -8.68
N GLY C 877 -60.93 -23.16 -8.63
CA GLY C 877 -61.56 -22.05 -9.32
C GLY C 877 -61.57 -22.27 -10.83
N THR C 878 -60.41 -22.59 -11.39
CA THR C 878 -60.29 -22.77 -12.83
C THR C 878 -61.25 -23.82 -13.36
N ILE C 879 -61.35 -24.95 -12.67
CA ILE C 879 -62.18 -26.04 -13.15
C ILE C 879 -63.69 -25.75 -13.06
N CYS C 880 -64.15 -25.22 -11.91
CA CYS C 880 -65.59 -25.07 -11.65
C CYS C 880 -66.17 -23.68 -11.99
N SER C 881 -65.33 -22.65 -12.15
CA SER C 881 -65.85 -21.32 -12.46
C SER C 881 -65.13 -20.64 -13.64
N GLY C 882 -64.28 -21.39 -14.32
CA GLY C 882 -63.56 -20.86 -15.47
C GLY C 882 -62.69 -19.68 -15.09
N TRP C 883 -62.77 -18.61 -15.86
CA TRP C 883 -61.95 -17.43 -15.62
C TRP C 883 -62.65 -16.36 -14.81
N THR C 884 -63.90 -16.60 -14.43
CA THR C 884 -64.70 -15.52 -13.83
C THR C 884 -64.21 -15.16 -12.44
N PHE C 885 -63.61 -16.13 -11.75
CA PHE C 885 -63.13 -15.91 -10.38
C PHE C 885 -61.94 -14.96 -10.36
N GLY C 886 -61.32 -14.75 -11.52
CA GLY C 886 -60.16 -13.89 -11.61
C GLY C 886 -60.55 -12.42 -11.85
N ALA C 887 -61.85 -12.17 -12.02
CA ALA C 887 -62.32 -10.81 -12.30
C ALA C 887 -63.63 -10.53 -11.57
N GLY C 888 -63.77 -11.08 -10.37
CA GLY C 888 -65.01 -10.93 -9.62
C GLY C 888 -65.37 -12.22 -8.91
N PRO C 889 -66.65 -12.41 -8.59
CA PRO C 889 -67.25 -13.56 -7.96
C PRO C 889 -67.08 -14.80 -8.83
N ALA C 890 -67.02 -15.97 -8.20
CA ALA C 890 -66.86 -17.21 -8.94
C ALA C 890 -68.20 -17.70 -9.46
N LEU C 891 -68.36 -17.73 -10.77
CA LEU C 891 -69.61 -18.08 -11.39
C LEU C 891 -69.58 -19.50 -11.96
N GLN C 892 -70.30 -20.41 -11.31
CA GLN C 892 -70.29 -21.81 -11.71
C GLN C 892 -70.71 -22.02 -13.16
N ILE C 893 -70.01 -22.94 -13.82
CA ILE C 893 -70.29 -23.32 -15.20
C ILE C 893 -69.89 -24.79 -15.41
N PRO C 894 -70.64 -25.58 -16.19
CA PRO C 894 -70.29 -26.91 -16.64
C PRO C 894 -68.97 -26.89 -17.39
N PHE C 895 -68.08 -27.84 -17.09
CA PHE C 895 -66.77 -27.83 -17.72
C PHE C 895 -66.83 -27.83 -19.25
N PRO C 896 -67.65 -28.69 -19.89
CA PRO C 896 -67.81 -28.78 -21.33
C PRO C 896 -68.25 -27.45 -21.94
N MET C 897 -68.91 -26.60 -21.15
CA MET C 897 -69.34 -25.32 -21.66
C MET C 897 -68.22 -24.30 -21.54
N GLN C 898 -67.38 -24.48 -20.53
CA GLN C 898 -66.21 -23.63 -20.39
C GLN C 898 -65.33 -23.84 -21.61
N MET C 899 -65.19 -25.10 -22.01
CA MET C 899 -64.42 -25.48 -23.18
C MET C 899 -65.00 -24.86 -24.44
N ALA C 900 -66.32 -24.87 -24.56
CA ALA C 900 -66.99 -24.29 -25.73
C ALA C 900 -66.60 -22.84 -25.92
N TYR C 901 -66.48 -22.11 -24.81
CA TYR C 901 -66.13 -20.70 -24.86
C TYR C 901 -64.67 -20.52 -25.24
N ARG C 902 -63.82 -21.39 -24.71
CA ARG C 902 -62.39 -21.33 -25.00
C ARG C 902 -62.10 -21.70 -26.45
N PHE C 903 -62.93 -22.55 -27.05
CA PHE C 903 -62.82 -22.86 -28.47
C PHE C 903 -63.23 -21.66 -29.34
N ASN C 904 -64.32 -21.00 -28.97
CA ASN C 904 -64.72 -19.80 -29.71
C ASN C 904 -63.61 -18.76 -29.68
N GLY C 905 -62.91 -18.69 -28.55
CA GLY C 905 -61.84 -17.74 -28.34
C GLY C 905 -60.63 -17.95 -29.25
N ILE C 906 -60.56 -19.11 -29.92
CA ILE C 906 -59.44 -19.37 -30.82
C ILE C 906 -59.91 -19.44 -32.26
N GLY C 907 -61.15 -19.01 -32.50
CA GLY C 907 -61.68 -18.96 -33.86
C GLY C 907 -62.23 -20.29 -34.36
N VAL C 908 -62.66 -21.17 -33.46
CA VAL C 908 -63.24 -22.43 -33.86
C VAL C 908 -64.67 -22.53 -33.34
N THR C 909 -65.62 -22.71 -34.24
CA THR C 909 -67.02 -22.72 -33.84
C THR C 909 -67.27 -23.80 -32.81
N GLN C 910 -68.03 -23.45 -31.78
CA GLN C 910 -68.22 -24.32 -30.62
C GLN C 910 -68.92 -25.65 -30.90
N ASN C 911 -69.56 -25.76 -32.06
CA ASN C 911 -70.23 -27.02 -32.38
C ASN C 911 -69.20 -28.12 -32.56
N VAL C 912 -67.96 -27.73 -32.83
CA VAL C 912 -66.88 -28.69 -33.04
C VAL C 912 -66.62 -29.45 -31.76
N LEU C 913 -66.63 -28.74 -30.64
CA LEU C 913 -66.40 -29.36 -29.34
C LEU C 913 -67.48 -30.39 -29.02
N TYR C 914 -68.73 -30.00 -29.17
CA TYR C 914 -69.83 -30.87 -28.77
C TYR C 914 -69.90 -32.10 -29.66
N GLU C 915 -69.59 -31.95 -30.93
CA GLU C 915 -69.60 -33.07 -31.87
C GLU C 915 -68.41 -34.00 -31.65
N ASN C 916 -67.28 -33.45 -31.20
CA ASN C 916 -66.07 -34.22 -30.95
C ASN C 916 -65.70 -34.28 -29.47
N GLN C 917 -66.67 -34.14 -28.58
CA GLN C 917 -66.37 -34.07 -27.15
C GLN C 917 -65.57 -35.27 -26.66
N LYS C 918 -65.91 -36.46 -27.17
CA LYS C 918 -65.24 -37.66 -26.72
C LYS C 918 -63.77 -37.69 -27.15
N LEU C 919 -63.51 -37.21 -28.37
CA LEU C 919 -62.16 -37.19 -28.91
C LEU C 919 -61.27 -36.25 -28.12
N ILE C 920 -61.82 -35.09 -27.80
CA ILE C 920 -61.10 -34.06 -27.09
C ILE C 920 -60.79 -34.49 -25.66
N ALA C 921 -61.77 -35.05 -24.98
CA ALA C 921 -61.56 -35.54 -23.63
C ALA C 921 -60.50 -36.64 -23.62
N ASN C 922 -60.52 -37.50 -24.64
CA ASN C 922 -59.55 -38.58 -24.74
C ASN C 922 -58.13 -38.06 -25.01
N GLN C 923 -58.02 -37.09 -25.94
CA GLN C 923 -56.73 -36.49 -26.24
C GLN C 923 -56.17 -35.75 -25.03
N PHE C 924 -57.05 -35.07 -24.29
CA PHE C 924 -56.64 -34.38 -23.09
C PHE C 924 -56.09 -35.33 -22.04
N ASN C 925 -56.85 -36.39 -21.75
CA ASN C 925 -56.48 -37.33 -20.70
C ASN C 925 -55.13 -37.99 -21.01
N SER C 926 -54.89 -38.24 -22.30
CA SER C 926 -53.62 -38.84 -22.72
C SER C 926 -52.45 -37.88 -22.57
N ALA C 927 -52.64 -36.64 -23.00
CA ALA C 927 -51.58 -35.63 -22.92
C ALA C 927 -51.14 -35.40 -21.47
N ILE C 928 -52.09 -35.47 -20.54
CA ILE C 928 -51.77 -35.31 -19.14
C ILE C 928 -51.01 -36.53 -18.61
N GLY C 929 -51.47 -37.72 -19.01
CA GLY C 929 -50.83 -38.96 -18.59
C GLY C 929 -49.34 -39.00 -18.96
N LYS C 930 -48.98 -38.42 -20.12
CA LYS C 930 -47.61 -38.43 -20.59
C LYS C 930 -46.67 -37.49 -19.83
N ILE C 931 -47.22 -36.60 -19.00
CA ILE C 931 -46.37 -35.63 -18.31
C ILE C 931 -45.39 -36.30 -17.35
N GLN C 932 -45.89 -37.23 -16.56
CA GLN C 932 -45.05 -37.86 -15.55
C GLN C 932 -43.90 -38.61 -16.20
N ASP C 933 -44.14 -39.18 -17.37
CA ASP C 933 -43.12 -39.93 -18.06
C ASP C 933 -42.03 -39.02 -18.63
N SER C 934 -42.43 -37.87 -19.18
CA SER C 934 -41.45 -36.96 -19.75
C SER C 934 -40.63 -36.27 -18.67
N LEU C 935 -41.20 -36.12 -17.48
CA LEU C 935 -40.46 -35.58 -16.35
C LEU C 935 -39.50 -36.60 -15.74
N SER C 936 -39.95 -37.85 -15.65
CA SER C 936 -39.15 -38.90 -15.03
C SER C 936 -37.99 -39.37 -15.88
N SER C 937 -38.20 -39.42 -17.20
CA SER C 937 -37.19 -39.95 -18.10
C SER C 937 -36.12 -38.92 -18.43
N THR C 938 -36.32 -37.68 -17.97
CA THR C 938 -35.40 -36.61 -18.26
C THR C 938 -35.01 -35.85 -16.99
N PRO C 939 -33.94 -36.27 -16.30
CA PRO C 939 -33.43 -35.71 -15.05
C PRO C 939 -33.11 -34.23 -15.16
N SER C 940 -32.87 -33.77 -16.40
CA SER C 940 -32.53 -32.39 -16.65
C SER C 940 -33.77 -31.50 -16.79
N ALA C 941 -34.95 -32.10 -16.72
CA ALA C 941 -36.20 -31.38 -16.93
C ALA C 941 -36.36 -30.22 -15.96
N LEU C 942 -35.88 -30.40 -14.73
CA LEU C 942 -35.98 -29.36 -13.71
C LEU C 942 -34.62 -28.72 -13.45
N GLY C 943 -33.74 -28.81 -14.46
CA GLY C 943 -32.39 -28.30 -14.37
C GLY C 943 -32.32 -26.79 -14.53
N LYS C 944 -33.13 -26.08 -13.74
CA LYS C 944 -33.07 -24.64 -13.67
C LYS C 944 -33.50 -24.23 -12.28
N LEU C 945 -34.19 -25.15 -11.60
CA LEU C 945 -34.52 -24.95 -10.21
C LEU C 945 -33.38 -25.49 -9.37
N GLN C 946 -32.74 -26.53 -9.90
CA GLN C 946 -31.57 -27.12 -9.26
C GLN C 946 -30.38 -26.17 -9.34
N ASP C 947 -30.31 -25.39 -10.41
CA ASP C 947 -29.22 -24.41 -10.57
C ASP C 947 -29.29 -23.34 -9.49
N VAL C 948 -30.49 -22.98 -9.08
CA VAL C 948 -30.65 -21.98 -8.03
C VAL C 948 -30.08 -22.52 -6.74
N VAL C 949 -30.37 -23.79 -6.47
CA VAL C 949 -29.87 -24.46 -5.28
C VAL C 949 -28.35 -24.58 -5.33
N ASN C 950 -27.82 -24.96 -6.49
CA ASN C 950 -26.38 -25.18 -6.64
C ASN C 950 -25.58 -23.90 -6.54
N HIS C 951 -26.10 -22.79 -7.06
CA HIS C 951 -25.39 -21.52 -7.03
C HIS C 951 -25.23 -20.99 -5.63
N ASN C 952 -26.28 -21.12 -4.82
CA ASN C 952 -26.21 -20.65 -3.45
C ASN C 952 -25.30 -21.54 -2.61
N ALA C 953 -25.34 -22.84 -2.86
CA ALA C 953 -24.52 -23.77 -2.09
C ALA C 953 -23.03 -23.53 -2.33
N GLN C 954 -22.65 -23.32 -3.59
CA GLN C 954 -21.23 -23.13 -3.89
C GLN C 954 -20.74 -21.74 -3.47
N ALA C 955 -21.65 -20.78 -3.42
CA ALA C 955 -21.27 -19.43 -2.99
C ALA C 955 -20.81 -19.43 -1.54
N LEU C 956 -21.46 -20.24 -0.70
CA LEU C 956 -21.08 -20.31 0.70
C LEU C 956 -19.83 -21.15 0.89
N ASN C 957 -19.66 -22.18 0.06
CA ASN C 957 -18.45 -22.99 0.13
C ASN C 957 -17.23 -22.17 -0.27
N THR C 958 -17.42 -21.27 -1.23
CA THR C 958 -16.35 -20.39 -1.67
C THR C 958 -15.88 -19.51 -0.52
N LEU C 959 -16.82 -18.96 0.23
CA LEU C 959 -16.44 -18.13 1.36
C LEU C 959 -15.59 -18.91 2.38
N VAL C 960 -16.03 -20.10 2.73
CA VAL C 960 -15.31 -20.87 3.74
C VAL C 960 -13.88 -21.18 3.30
N LYS C 961 -13.73 -21.55 2.04
CA LYS C 961 -12.43 -21.92 1.50
C LYS C 961 -11.48 -20.72 1.37
N GLN C 962 -11.98 -19.51 1.54
CA GLN C 962 -11.14 -18.32 1.42
C GLN C 962 -10.57 -17.88 2.76
N LEU C 963 -10.96 -18.56 3.82
CA LEU C 963 -10.46 -18.24 5.15
C LEU C 963 -9.01 -18.70 5.29
N SER C 964 -8.62 -19.66 4.46
CA SER C 964 -7.27 -20.18 4.48
C SER C 964 -6.24 -19.22 3.85
N SER C 965 -6.71 -18.22 3.11
CA SER C 965 -5.79 -17.29 2.45
C SER C 965 -5.17 -16.34 3.47
N LYS C 966 -3.90 -15.99 3.24
CA LYS C 966 -3.16 -15.17 4.20
C LYS C 966 -3.19 -13.67 3.88
N PHE C 967 -3.38 -13.32 2.62
CA PHE C 967 -3.43 -11.92 2.23
C PHE C 967 -2.18 -11.14 2.64
N GLY C 968 -1.02 -11.80 2.61
CA GLY C 968 0.24 -11.14 2.93
C GLY C 968 0.68 -11.38 4.37
N ALA C 969 -0.21 -11.93 5.19
CA ALA C 969 0.09 -12.20 6.58
C ALA C 969 0.97 -13.43 6.72
N ILE C 970 1.66 -13.53 7.85
CA ILE C 970 2.48 -14.71 8.15
C ILE C 970 1.62 -15.95 8.39
N SER C 971 0.34 -15.75 8.71
CA SER C 971 -0.53 -16.87 9.02
C SER C 971 -2.01 -16.54 8.82
N SER C 972 -2.80 -17.55 8.45
CA SER C 972 -4.24 -17.40 8.31
C SER C 972 -4.96 -17.59 9.65
N VAL C 973 -4.20 -18.02 10.67
CA VAL C 973 -4.77 -18.26 11.98
C VAL C 973 -4.48 -17.12 12.93
N LEU C 974 -5.55 -16.47 13.38
CA LEU C 974 -5.46 -15.26 14.16
C LEU C 974 -4.75 -15.48 15.50
N ASN C 975 -5.01 -16.63 16.12
CA ASN C 975 -4.46 -16.93 17.43
C ASN C 975 -2.99 -17.32 17.36
N ASP C 976 -2.50 -17.59 16.16
CA ASP C 976 -1.10 -17.94 15.97
C ASP C 976 -0.27 -16.70 15.66
N ILE C 977 -0.92 -15.55 15.60
CA ILE C 977 -0.23 -14.29 15.37
C ILE C 977 -0.02 -13.58 16.68
N PHE C 978 -1.09 -13.45 17.45
CA PHE C 978 -1.02 -12.77 18.74
C PHE C 978 -0.17 -13.54 19.74
N SER C 979 -0.07 -14.84 19.55
CA SER C 979 0.71 -15.69 20.45
C SER C 979 2.22 -15.61 20.19
N ARG C 980 2.61 -15.09 19.02
CA ARG C 980 4.02 -15.04 18.66
C ARG C 980 4.58 -13.62 18.63
N LEU C 981 3.81 -12.69 18.11
CA LEU C 981 4.28 -11.32 17.95
C LEU C 981 3.74 -10.40 19.06
N ASP C 982 4.40 -9.26 19.27
CA ASP C 982 3.91 -8.29 20.24
C ASP C 982 2.82 -7.43 19.62
N LYS C 983 2.23 -6.52 20.38
CA LYS C 983 1.10 -5.75 19.89
C LYS C 983 1.39 -4.91 18.64
N PRO C 984 2.50 -4.14 18.58
CA PRO C 984 2.87 -3.26 17.48
C PRO C 984 3.12 -4.03 16.18
N GLU C 985 3.32 -5.34 16.30
CA GLU C 985 3.62 -6.17 15.15
C GLU C 985 2.43 -7.05 14.77
N ALA C 986 1.73 -7.55 15.79
CA ALA C 986 0.60 -8.43 15.59
C ALA C 986 -0.52 -7.68 14.87
N GLU C 987 -0.70 -6.41 15.22
CA GLU C 987 -1.73 -5.60 14.59
C GLU C 987 -1.47 -5.41 13.10
N VAL C 988 -0.20 -5.31 12.72
CA VAL C 988 0.13 -5.14 11.32
C VAL C 988 -0.26 -6.38 10.52
N GLN C 989 0.04 -7.54 11.10
CA GLN C 989 -0.29 -8.81 10.46
C GLN C 989 -1.79 -9.09 10.47
N ILE C 990 -2.46 -8.68 11.55
CA ILE C 990 -3.87 -9.00 11.72
C ILE C 990 -4.73 -8.12 10.81
N ASP C 991 -4.27 -6.89 10.57
CA ASP C 991 -5.00 -5.96 9.71
C ASP C 991 -5.04 -6.43 8.26
N ARG C 992 -4.04 -7.21 7.86
CA ARG C 992 -4.01 -7.75 6.51
C ARG C 992 -5.11 -8.78 6.32
N LEU C 993 -5.37 -9.56 7.37
CA LEU C 993 -6.40 -10.59 7.33
C LEU C 993 -7.79 -9.96 7.35
N ILE C 994 -7.95 -8.91 8.16
CA ILE C 994 -9.22 -8.22 8.23
C ILE C 994 -9.59 -7.57 6.91
N THR C 995 -8.64 -6.86 6.30
CA THR C 995 -8.93 -6.18 5.05
C THR C 995 -9.31 -7.18 3.98
N GLY C 996 -8.55 -8.27 3.88
CA GLY C 996 -8.79 -9.27 2.86
C GLY C 996 -10.15 -9.94 3.02
N ARG C 997 -10.49 -10.31 4.25
CA ARG C 997 -11.74 -11.02 4.50
C ARG C 997 -12.96 -10.12 4.33
N LEU C 998 -12.80 -8.82 4.59
CA LEU C 998 -13.89 -7.88 4.34
C LEU C 998 -14.21 -7.83 2.85
N GLN C 999 -13.18 -7.88 2.02
CA GLN C 999 -13.40 -7.89 0.57
C GLN C 999 -14.09 -9.17 0.12
N SER C 1000 -13.77 -10.29 0.76
CA SER C 1000 -14.41 -11.56 0.43
C SER C 1000 -15.90 -11.51 0.69
N LEU C 1001 -16.28 -10.93 1.82
CA LEU C 1001 -17.69 -10.79 2.15
C LEU C 1001 -18.39 -9.80 1.24
N GLN C 1002 -17.70 -8.72 0.90
CA GLN C 1002 -18.30 -7.71 0.03
C GLN C 1002 -18.57 -8.28 -1.35
N THR C 1003 -17.69 -9.15 -1.82
CA THR C 1003 -17.88 -9.78 -3.11
C THR C 1003 -19.09 -10.69 -3.07
N TYR C 1004 -19.23 -11.45 -1.99
CA TYR C 1004 -20.37 -12.33 -1.82
C TYR C 1004 -21.68 -11.54 -1.88
N VAL C 1005 -21.75 -10.45 -1.12
CA VAL C 1005 -22.97 -9.65 -1.08
C VAL C 1005 -23.29 -9.06 -2.45
N THR C 1006 -22.28 -8.54 -3.14
CA THR C 1006 -22.53 -7.90 -4.43
C THR C 1006 -23.08 -8.90 -5.43
N GLN C 1007 -22.47 -10.08 -5.49
CA GLN C 1007 -22.91 -11.09 -6.46
C GLN C 1007 -24.25 -11.70 -6.07
N GLN C 1008 -24.46 -11.86 -4.76
CA GLN C 1008 -25.71 -12.39 -4.25
C GLN C 1008 -26.85 -11.43 -4.59
N LEU C 1009 -26.55 -10.14 -4.58
CA LEU C 1009 -27.52 -9.09 -4.88
C LEU C 1009 -27.86 -9.06 -6.37
N ILE C 1010 -26.85 -9.24 -7.23
CA ILE C 1010 -27.09 -9.31 -8.67
C ILE C 1010 -27.96 -10.53 -9.00
N ARG C 1011 -27.66 -11.68 -8.39
CA ARG C 1011 -28.45 -12.88 -8.61
C ARG C 1011 -29.90 -12.71 -8.14
N ALA C 1012 -30.10 -12.00 -7.02
CA ALA C 1012 -31.45 -11.76 -6.53
C ALA C 1012 -32.29 -11.02 -7.56
N ALA C 1013 -31.67 -10.09 -8.29
CA ALA C 1013 -32.37 -9.34 -9.31
C ALA C 1013 -32.84 -10.26 -10.44
N GLU C 1014 -32.03 -11.28 -10.76
CA GLU C 1014 -32.38 -12.22 -11.81
C GLU C 1014 -33.61 -13.04 -11.43
N ILE C 1015 -33.66 -13.47 -10.18
CA ILE C 1015 -34.80 -14.22 -9.66
C ILE C 1015 -36.04 -13.35 -9.59
N ARG C 1016 -35.86 -12.09 -9.18
CA ARG C 1016 -36.98 -11.17 -9.11
C ARG C 1016 -37.63 -11.03 -10.47
N ALA C 1017 -36.81 -10.94 -11.52
CA ALA C 1017 -37.33 -10.82 -12.88
C ALA C 1017 -38.13 -12.04 -13.29
N SER C 1018 -37.66 -13.24 -12.95
CA SER C 1018 -38.40 -14.44 -13.32
C SER C 1018 -39.66 -14.60 -12.48
N ALA C 1019 -39.63 -14.07 -11.25
CA ALA C 1019 -40.81 -14.09 -10.39
C ALA C 1019 -41.91 -13.21 -10.96
N ASN C 1020 -41.52 -12.08 -11.55
CA ASN C 1020 -42.48 -11.17 -12.15
C ASN C 1020 -43.14 -11.79 -13.36
N LEU C 1021 -42.36 -12.58 -14.10
CA LEU C 1021 -42.88 -13.29 -15.27
C LEU C 1021 -43.84 -14.38 -14.84
N ALA C 1022 -43.47 -15.11 -13.79
CA ALA C 1022 -44.31 -16.19 -13.28
C ALA C 1022 -45.64 -15.65 -12.80
N ALA C 1023 -45.62 -14.48 -12.15
CA ALA C 1023 -46.83 -13.87 -11.66
C ALA C 1023 -47.70 -13.39 -12.83
N THR C 1024 -47.06 -12.85 -13.87
CA THR C 1024 -47.79 -12.42 -15.05
C THR C 1024 -48.48 -13.59 -15.72
N LYS C 1025 -47.78 -14.71 -15.85
CA LYS C 1025 -48.36 -15.89 -16.47
C LYS C 1025 -49.48 -16.50 -15.64
N MET C 1026 -49.34 -16.46 -14.32
CA MET C 1026 -50.42 -16.92 -13.46
C MET C 1026 -51.69 -16.12 -13.76
N SER C 1027 -51.53 -14.82 -13.97
CA SER C 1027 -52.66 -13.93 -14.25
C SER C 1027 -53.23 -14.12 -15.64
N GLU C 1028 -52.37 -14.20 -16.64
CA GLU C 1028 -52.82 -14.19 -18.03
C GLU C 1028 -53.09 -15.58 -18.64
N CYS C 1029 -52.42 -16.63 -18.13
CA CYS C 1029 -52.60 -17.98 -18.67
C CYS C 1029 -53.61 -18.77 -17.84
N VAL C 1030 -53.50 -18.70 -16.50
CA VAL C 1030 -54.37 -19.49 -15.63
C VAL C 1030 -55.71 -18.83 -15.34
N LEU C 1031 -55.70 -17.53 -15.03
CA LEU C 1031 -56.94 -16.82 -14.70
C LEU C 1031 -57.60 -16.18 -15.92
N GLY C 1032 -57.40 -16.77 -17.10
CA GLY C 1032 -57.96 -16.24 -18.34
C GLY C 1032 -57.55 -17.07 -19.56
N GLN C 1033 -57.61 -16.45 -20.74
CA GLN C 1033 -57.20 -17.08 -21.98
C GLN C 1033 -56.37 -16.09 -22.78
N SER C 1034 -55.15 -16.49 -23.13
CA SER C 1034 -54.22 -15.57 -23.77
C SER C 1034 -54.29 -15.60 -25.29
N LYS C 1035 -54.12 -14.42 -25.90
CA LYS C 1035 -54.07 -14.29 -27.36
C LYS C 1035 -52.68 -13.88 -27.82
N ARG C 1036 -51.71 -13.99 -26.91
CA ARG C 1036 -50.33 -13.65 -27.21
C ARG C 1036 -49.60 -14.88 -27.72
N VAL C 1037 -49.02 -14.78 -28.91
CA VAL C 1037 -48.40 -15.93 -29.55
C VAL C 1037 -47.22 -16.47 -28.78
N ASP C 1038 -47.23 -17.78 -28.54
CA ASP C 1038 -46.18 -18.51 -27.86
C ASP C 1038 -45.92 -18.01 -26.44
N PHE C 1039 -46.86 -17.27 -25.87
CA PHE C 1039 -46.73 -16.83 -24.50
C PHE C 1039 -47.10 -17.95 -23.51
N CYS C 1040 -48.22 -18.63 -23.77
CA CYS C 1040 -48.73 -19.71 -22.93
C CYS C 1040 -48.59 -21.04 -23.69
N GLY C 1041 -47.45 -21.24 -24.33
CA GLY C 1041 -47.16 -22.48 -25.04
C GLY C 1041 -47.38 -22.34 -26.55
N LYS C 1042 -46.88 -23.33 -27.29
CA LYS C 1042 -47.01 -23.38 -28.75
C LYS C 1042 -48.42 -23.80 -29.16
N GLY C 1043 -48.96 -23.17 -30.19
CA GLY C 1043 -50.30 -23.50 -30.66
C GLY C 1043 -51.29 -22.49 -30.09
N TYR C 1044 -52.57 -22.78 -30.22
CA TYR C 1044 -53.59 -21.86 -29.74
C TYR C 1044 -53.94 -22.17 -28.30
N HIS C 1045 -53.87 -21.16 -27.45
CA HIS C 1045 -54.05 -21.37 -26.02
C HIS C 1045 -55.50 -21.62 -25.65
N LEU C 1046 -55.75 -22.69 -24.90
CA LEU C 1046 -57.06 -22.95 -24.34
C LEU C 1046 -57.06 -22.65 -22.85
N MET C 1047 -56.14 -23.27 -22.12
CA MET C 1047 -56.03 -23.06 -20.67
C MET C 1047 -54.69 -23.50 -20.10
N SER C 1048 -54.47 -23.18 -18.84
CA SER C 1048 -53.25 -23.60 -18.13
C SER C 1048 -53.56 -24.03 -16.71
N PHE C 1049 -52.77 -24.95 -16.17
CA PHE C 1049 -52.90 -25.35 -14.78
C PHE C 1049 -51.55 -25.23 -14.05
N PRO C 1050 -51.50 -24.56 -12.89
CA PRO C 1050 -50.36 -24.42 -12.03
C PRO C 1050 -50.07 -25.67 -11.20
N GLN C 1051 -48.79 -25.91 -10.93
CA GLN C 1051 -48.32 -26.97 -10.04
C GLN C 1051 -47.19 -26.42 -9.16
N SER C 1052 -47.04 -26.96 -7.95
CA SER C 1052 -45.99 -26.49 -7.05
C SER C 1052 -44.65 -27.16 -7.33
N ALA C 1053 -43.57 -26.47 -6.96
CA ALA C 1053 -42.23 -27.00 -7.09
C ALA C 1053 -41.30 -26.28 -6.11
N PRO C 1054 -40.17 -26.90 -5.71
CA PRO C 1054 -39.12 -26.31 -4.93
C PRO C 1054 -38.60 -25.04 -5.56
N HIS C 1055 -38.67 -23.94 -4.82
CA HIS C 1055 -38.17 -22.64 -5.26
C HIS C 1055 -38.75 -22.15 -6.58
N GLY C 1056 -39.94 -22.62 -6.96
CA GLY C 1056 -40.50 -22.19 -8.23
C GLY C 1056 -41.90 -22.72 -8.51
N VAL C 1057 -42.37 -22.47 -9.73
CA VAL C 1057 -43.71 -22.85 -10.16
C VAL C 1057 -43.67 -23.54 -11.51
N VAL C 1058 -44.55 -24.50 -11.71
CA VAL C 1058 -44.63 -25.20 -12.99
C VAL C 1058 -46.01 -25.06 -13.62
N PHE C 1059 -46.03 -24.69 -14.89
CA PHE C 1059 -47.28 -24.49 -15.60
C PHE C 1059 -47.51 -25.57 -16.65
N LEU C 1060 -48.71 -26.14 -16.66
CA LEU C 1060 -49.11 -27.08 -17.69
C LEU C 1060 -50.02 -26.39 -18.68
N HIS C 1061 -49.54 -26.20 -19.91
CA HIS C 1061 -50.28 -25.44 -20.91
C HIS C 1061 -51.02 -26.33 -21.89
N VAL C 1062 -52.34 -26.18 -21.92
CA VAL C 1062 -53.19 -26.96 -22.81
C VAL C 1062 -53.47 -26.15 -24.06
N THR C 1063 -53.01 -26.65 -25.20
CA THR C 1063 -53.12 -25.93 -26.46
C THR C 1063 -53.75 -26.73 -27.57
N TYR C 1064 -54.28 -26.02 -28.57
CA TYR C 1064 -54.92 -26.60 -29.75
C TYR C 1064 -54.01 -26.49 -30.97
N VAL C 1065 -53.75 -27.63 -31.61
CA VAL C 1065 -52.90 -27.66 -32.79
C VAL C 1065 -53.64 -28.26 -33.99
N PRO C 1066 -53.77 -27.50 -35.10
CA PRO C 1066 -54.32 -27.93 -36.37
C PRO C 1066 -53.60 -29.13 -36.93
N ALA C 1067 -54.33 -30.02 -37.62
CA ALA C 1067 -53.71 -31.18 -38.23
C ALA C 1067 -54.42 -31.62 -39.51
N GLN C 1068 -53.68 -32.29 -40.39
CA GLN C 1068 -54.24 -32.91 -41.59
C GLN C 1068 -54.91 -31.93 -42.55
N GLU C 1069 -54.13 -30.97 -43.07
CA GLU C 1069 -54.68 -30.01 -44.00
C GLU C 1069 -54.88 -30.56 -45.40
N LYS C 1070 -55.83 -29.96 -46.11
CA LYS C 1070 -56.11 -30.26 -47.52
C LYS C 1070 -55.99 -28.97 -48.36
N ASN C 1071 -55.58 -29.09 -49.64
CA ASN C 1071 -55.49 -27.98 -50.59
C ASN C 1071 -56.82 -27.74 -51.29
N PHE C 1072 -57.40 -26.53 -51.17
CA PHE C 1072 -58.64 -26.16 -51.87
C PHE C 1072 -58.41 -24.90 -52.73
N THR C 1073 -59.17 -24.77 -53.83
CA THR C 1073 -59.02 -23.60 -54.69
C THR C 1073 -59.90 -22.49 -54.16
N THR C 1074 -59.32 -21.30 -54.03
CA THR C 1074 -60.02 -20.22 -53.37
C THR C 1074 -60.29 -19.01 -54.27
N ALA C 1075 -61.00 -18.03 -53.73
CA ALA C 1075 -61.25 -16.76 -54.39
C ALA C 1075 -61.63 -15.72 -53.33
N PRO C 1076 -61.23 -14.45 -53.53
CA PRO C 1076 -61.46 -13.32 -52.64
C PRO C 1076 -62.92 -12.90 -52.59
N ALA C 1077 -63.67 -13.27 -53.62
CA ALA C 1077 -65.07 -12.88 -53.71
C ALA C 1077 -65.80 -13.70 -54.76
N ILE C 1078 -67.13 -13.69 -54.67
CA ILE C 1078 -67.99 -14.29 -55.69
C ILE C 1078 -68.89 -13.25 -56.35
N CYS C 1079 -68.98 -13.32 -57.68
CA CYS C 1079 -69.83 -12.46 -58.47
C CYS C 1079 -71.19 -13.09 -58.72
N HIS C 1080 -72.25 -12.41 -58.34
CA HIS C 1080 -73.60 -12.91 -58.54
C HIS C 1080 -74.59 -11.77 -58.72
N ASP C 1081 -75.37 -11.85 -59.80
CA ASP C 1081 -76.34 -10.82 -60.14
C ASP C 1081 -75.67 -9.44 -60.26
N GLY C 1082 -74.43 -9.44 -60.75
CA GLY C 1082 -73.69 -8.20 -60.98
C GLY C 1082 -73.09 -7.61 -59.72
N LYS C 1083 -73.24 -8.30 -58.59
CA LYS C 1083 -72.79 -7.80 -57.30
C LYS C 1083 -71.63 -8.62 -56.75
N ALA C 1084 -70.74 -7.97 -55.98
CA ALA C 1084 -69.61 -8.66 -55.37
C ALA C 1084 -69.92 -9.09 -53.94
N HIS C 1085 -69.93 -10.41 -53.72
CA HIS C 1085 -70.25 -11.00 -52.43
C HIS C 1085 -68.99 -11.45 -51.69
N PHE C 1086 -68.85 -11.01 -50.45
CA PHE C 1086 -67.73 -11.39 -49.59
C PHE C 1086 -68.28 -12.18 -48.42
N PRO C 1087 -67.53 -13.13 -47.86
CA PRO C 1087 -67.89 -13.91 -46.70
C PRO C 1087 -67.90 -13.05 -45.45
N ARG C 1088 -68.86 -13.30 -44.56
CA ARG C 1088 -68.91 -12.56 -43.30
C ARG C 1088 -67.86 -13.08 -42.34
N GLU C 1089 -67.65 -14.38 -42.34
CA GLU C 1089 -66.68 -15.02 -41.46
C GLU C 1089 -66.27 -16.36 -42.02
N GLY C 1090 -65.19 -16.38 -42.79
CA GLY C 1090 -64.75 -17.61 -43.44
C GLY C 1090 -64.05 -17.34 -44.75
N VAL C 1091 -63.76 -18.42 -45.49
CA VAL C 1091 -63.09 -18.36 -46.77
C VAL C 1091 -63.84 -19.16 -47.83
N PHE C 1092 -63.92 -18.63 -49.05
CA PHE C 1092 -64.56 -19.35 -50.13
C PHE C 1092 -63.61 -20.40 -50.69
N VAL C 1093 -64.08 -21.63 -50.78
CA VAL C 1093 -63.28 -22.72 -51.30
C VAL C 1093 -64.03 -23.55 -52.32
N SER C 1094 -63.30 -24.15 -53.23
CA SER C 1094 -63.86 -25.06 -54.21
C SER C 1094 -63.33 -26.47 -54.03
N ASN C 1095 -64.24 -27.46 -53.99
CA ASN C 1095 -63.89 -28.86 -53.80
C ASN C 1095 -63.77 -29.62 -55.13
N GLY C 1096 -63.85 -28.88 -56.24
CA GLY C 1096 -63.71 -29.43 -57.58
C GLY C 1096 -64.74 -28.82 -58.53
N THR C 1097 -66.02 -29.01 -58.23
CA THR C 1097 -67.08 -28.49 -59.09
C THR C 1097 -68.02 -27.50 -58.40
N HIS C 1098 -67.92 -27.38 -57.08
CA HIS C 1098 -68.82 -26.50 -56.34
C HIS C 1098 -68.07 -25.63 -55.33
N TRP C 1099 -68.55 -24.41 -55.15
CA TRP C 1099 -67.99 -23.48 -54.17
C TRP C 1099 -68.74 -23.51 -52.85
N PHE C 1100 -68.00 -23.49 -51.75
CA PHE C 1100 -68.52 -23.50 -50.40
C PHE C 1100 -67.87 -22.42 -49.56
N VAL C 1101 -68.50 -22.05 -48.47
CA VAL C 1101 -67.88 -21.14 -47.52
C VAL C 1101 -67.60 -21.89 -46.24
N THR C 1102 -66.39 -21.77 -45.73
CA THR C 1102 -66.06 -22.46 -44.48
C THR C 1102 -65.27 -21.61 -43.53
N GLN C 1103 -65.13 -22.09 -42.30
CA GLN C 1103 -64.30 -21.42 -41.30
C GLN C 1103 -62.84 -21.74 -41.55
N ARG C 1104 -61.96 -20.86 -41.09
CA ARG C 1104 -60.55 -20.95 -41.44
C ARG C 1104 -59.75 -21.99 -40.65
N ASN C 1105 -60.15 -22.26 -39.42
CA ASN C 1105 -59.33 -23.10 -38.54
C ASN C 1105 -59.76 -24.56 -38.48
N PHE C 1106 -60.75 -24.92 -39.28
CA PHE C 1106 -61.28 -26.28 -39.29
C PHE C 1106 -62.18 -26.47 -40.50
N TYR C 1107 -61.86 -27.43 -41.36
CA TYR C 1107 -62.63 -27.60 -42.58
C TYR C 1107 -64.04 -28.10 -42.30
N GLU C 1108 -65.02 -27.30 -42.70
CA GLU C 1108 -66.43 -27.61 -42.52
C GLU C 1108 -67.27 -26.79 -43.49
N PRO C 1109 -67.47 -27.27 -44.71
CA PRO C 1109 -68.03 -26.54 -45.84
C PRO C 1109 -69.52 -26.32 -45.68
N GLN C 1110 -69.98 -25.14 -46.07
CA GLN C 1110 -71.40 -24.85 -46.05
C GLN C 1110 -71.85 -24.20 -47.36
N ILE C 1111 -73.13 -24.33 -47.66
CA ILE C 1111 -73.68 -23.71 -48.86
C ILE C 1111 -73.61 -22.20 -48.73
N ILE C 1112 -73.17 -21.54 -49.80
CA ILE C 1112 -73.05 -20.09 -49.82
C ILE C 1112 -74.42 -19.45 -50.01
N THR C 1113 -74.79 -18.60 -49.06
CA THR C 1113 -76.11 -17.99 -49.07
C THR C 1113 -76.01 -16.52 -48.72
N THR C 1114 -77.13 -15.82 -48.85
CA THR C 1114 -77.18 -14.40 -48.51
C THR C 1114 -77.05 -14.18 -47.00
N ASP C 1115 -77.16 -15.25 -46.21
CA ASP C 1115 -77.09 -15.12 -44.76
C ASP C 1115 -75.68 -15.31 -44.19
N ASN C 1116 -74.72 -15.62 -45.05
CA ASN C 1116 -73.34 -15.81 -44.59
C ASN C 1116 -72.35 -15.02 -45.42
N THR C 1117 -72.88 -14.10 -46.23
CA THR C 1117 -72.09 -13.20 -47.05
C THR C 1117 -72.62 -11.78 -46.91
N PHE C 1118 -71.87 -10.83 -47.45
CA PHE C 1118 -72.33 -9.45 -47.53
C PHE C 1118 -71.93 -8.86 -48.86
N VAL C 1119 -72.65 -7.83 -49.30
CA VAL C 1119 -72.40 -7.26 -50.62
C VAL C 1119 -71.77 -5.89 -50.54
N SER C 1120 -70.70 -5.71 -51.31
CA SER C 1120 -70.06 -4.41 -51.37
C SER C 1120 -69.41 -4.15 -52.72
N GLY C 1121 -69.98 -3.21 -53.47
CA GLY C 1121 -69.44 -2.87 -54.78
C GLY C 1121 -69.89 -3.86 -55.85
N ASN C 1122 -69.48 -3.59 -57.09
CA ASN C 1122 -69.81 -4.44 -58.22
C ASN C 1122 -68.66 -5.41 -58.52
N CYS C 1123 -68.81 -6.22 -59.56
CA CYS C 1123 -67.87 -7.30 -59.89
C CYS C 1123 -66.63 -6.81 -60.63
N ASP C 1124 -66.56 -5.51 -60.92
CA ASP C 1124 -65.47 -4.97 -61.72
C ASP C 1124 -64.38 -4.31 -60.87
N VAL C 1125 -64.50 -4.41 -59.55
CA VAL C 1125 -63.52 -3.79 -58.66
C VAL C 1125 -62.77 -4.79 -57.81
N VAL C 1126 -62.87 -6.07 -58.14
CA VAL C 1126 -62.16 -7.12 -57.41
C VAL C 1126 -61.33 -7.97 -58.36
N ILE C 1127 -60.08 -8.24 -57.96
CA ILE C 1127 -59.19 -9.07 -58.77
C ILE C 1127 -59.22 -10.50 -58.28
N GLY C 1128 -59.58 -11.43 -59.17
CA GLY C 1128 -59.65 -12.84 -58.81
C GLY C 1128 -61.06 -13.30 -58.46
N ILE C 1129 -62.05 -12.43 -58.71
CA ILE C 1129 -63.45 -12.75 -58.43
C ILE C 1129 -63.95 -13.83 -59.37
N VAL C 1130 -64.75 -14.75 -58.85
CA VAL C 1130 -65.25 -15.86 -59.67
C VAL C 1130 -66.78 -15.83 -59.78
N ASN C 1131 -67.32 -16.50 -60.79
CA ASN C 1131 -68.76 -16.59 -61.04
C ASN C 1131 -69.37 -17.80 -60.34
N ASN C 1132 -70.35 -17.56 -59.47
CA ASN C 1132 -71.06 -18.61 -58.73
C ASN C 1132 -72.47 -18.16 -58.42
N THR C 1133 -73.24 -19.01 -57.76
CA THR C 1133 -74.62 -18.68 -57.38
C THR C 1133 -74.75 -18.56 -55.87
N VAL C 1134 -75.38 -17.48 -55.42
CA VAL C 1134 -75.63 -17.27 -54.01
C VAL C 1134 -77.09 -17.56 -53.68
N TYR C 1135 -77.32 -18.54 -52.80
CA TYR C 1135 -78.66 -19.00 -52.48
C TYR C 1135 -79.42 -18.06 -51.56
N ASP C 1136 -80.68 -17.82 -51.89
CA ASP C 1136 -81.57 -16.98 -51.09
C ASP C 1136 -82.68 -17.82 -50.44
N PRO C 1137 -82.60 -18.08 -49.13
CA PRO C 1137 -83.50 -18.87 -48.31
C PRO C 1137 -84.96 -18.44 -48.41
N LEU C 1138 -85.19 -17.21 -48.87
CA LEU C 1138 -86.55 -16.68 -48.98
C LEU C 1138 -87.30 -17.22 -50.19
N GLN C 1139 -86.59 -17.41 -51.29
CA GLN C 1139 -87.21 -17.69 -52.59
C GLN C 1139 -88.22 -18.86 -52.62
N PRO C 1140 -87.96 -19.99 -51.93
CA PRO C 1140 -88.83 -21.16 -51.87
C PRO C 1140 -90.19 -20.84 -51.25
N GLU C 1141 -90.26 -19.75 -50.49
CA GLU C 1141 -91.51 -19.33 -49.86
C GLU C 1141 -92.06 -18.04 -50.46
N LEU C 1142 -91.56 -17.66 -51.65
CA LEU C 1142 -91.97 -16.45 -52.35
C LEU C 1142 -92.79 -16.81 -53.58
N ILE D 2 44.14 -16.99 46.64
CA ILE D 2 44.79 -16.53 45.42
C ILE D 2 46.17 -15.94 45.76
N THR D 3 47.18 -16.82 45.85
CA THR D 3 48.55 -16.42 46.21
C THR D 3 49.57 -16.93 45.21
N LEU D 4 50.70 -16.22 45.13
CA LEU D 4 51.81 -16.60 44.29
C LEU D 4 53.13 -16.43 45.05
N LYS D 5 53.93 -17.48 45.08
CA LYS D 5 55.23 -17.48 45.78
C LYS D 5 56.37 -17.58 44.79
N GLU D 6 57.50 -16.97 45.13
CA GLU D 6 58.65 -16.99 44.23
C GLU D 6 59.88 -17.58 44.90
N SER D 7 60.69 -18.28 44.11
CA SER D 7 61.96 -18.81 44.59
C SER D 7 62.99 -18.87 43.48
N GLY D 8 64.26 -18.92 43.85
CA GLY D 8 65.34 -19.01 42.88
C GLY D 8 66.60 -18.32 43.41
N PRO D 9 67.64 -18.20 42.58
CA PRO D 9 68.91 -17.59 42.86
C PRO D 9 68.75 -16.11 43.22
N THR D 10 69.55 -15.64 44.16
CA THR D 10 69.55 -14.23 44.51
C THR D 10 70.84 -13.55 44.04
N LEU D 11 71.86 -14.37 43.77
CA LEU D 11 73.14 -13.88 43.29
C LEU D 11 73.54 -14.60 42.01
N VAL D 12 73.76 -13.84 40.94
CA VAL D 12 74.11 -14.41 39.64
C VAL D 12 75.38 -13.78 39.10
N LYS D 13 76.25 -14.58 38.50
CA LYS D 13 77.47 -14.05 37.92
C LYS D 13 77.18 -13.48 36.53
N PRO D 14 77.96 -12.51 36.05
CA PRO D 14 77.83 -11.89 34.74
C PRO D 14 77.85 -12.93 33.63
N THR D 15 77.00 -12.70 32.63
CA THR D 15 76.83 -13.51 31.41
C THR D 15 76.16 -14.86 31.67
N GLN D 16 75.83 -15.15 32.93
CA GLN D 16 75.17 -16.41 33.25
C GLN D 16 73.66 -16.29 33.08
N THR D 17 72.95 -17.38 33.32
CA THR D 17 71.50 -17.38 33.14
C THR D 17 70.76 -17.42 34.49
N LEU D 18 69.76 -16.56 34.61
CA LEU D 18 68.91 -16.50 35.79
C LEU D 18 67.64 -17.31 35.59
N THR D 19 67.35 -18.21 36.53
CA THR D 19 66.11 -18.98 36.49
C THR D 19 65.28 -18.75 37.74
N LEU D 20 64.06 -18.25 37.54
CA LEU D 20 63.14 -18.01 38.64
C LEU D 20 61.88 -18.85 38.48
N THR D 21 61.43 -19.47 39.57
CA THR D 21 60.24 -20.28 39.55
C THR D 21 59.14 -19.69 40.43
N CYS D 22 57.95 -19.54 39.84
CA CYS D 22 56.76 -19.05 40.54
C CYS D 22 55.77 -20.20 40.75
N THR D 23 55.36 -20.38 42.00
CA THR D 23 54.38 -21.40 42.33
C THR D 23 53.12 -20.75 42.85
N PHE D 24 51.99 -21.10 42.27
CA PHE D 24 50.74 -20.44 42.64
C PHE D 24 49.69 -21.43 43.14
N SER D 25 48.75 -20.91 43.92
CA SER D 25 47.64 -21.72 44.41
C SER D 25 46.38 -20.90 44.63
N GLY D 26 45.24 -21.58 44.63
CA GLY D 26 43.93 -20.94 44.84
C GLY D 26 43.21 -20.74 43.51
N PHE D 27 43.93 -20.91 42.41
CA PHE D 27 43.36 -20.75 41.08
C PHE D 27 44.11 -21.61 40.08
N SER D 28 43.49 -21.79 38.92
CA SER D 28 44.14 -22.50 37.81
C SER D 28 44.56 -21.54 36.72
N VAL D 29 45.60 -21.91 35.97
CA VAL D 29 46.07 -21.10 34.85
C VAL D 29 45.59 -21.68 33.53
N THR D 30 44.74 -22.69 33.60
CA THR D 30 44.26 -23.36 32.39
C THR D 30 42.88 -22.84 32.00
N THR D 31 42.43 -21.82 32.72
CA THR D 31 41.13 -21.20 32.46
C THR D 31 41.26 -20.00 31.56
N SER D 32 40.23 -19.76 30.75
CA SER D 32 40.23 -18.67 29.79
C SER D 32 40.34 -17.32 30.46
N GLY D 33 41.13 -16.43 29.86
CA GLY D 33 41.25 -15.06 30.35
C GLY D 33 42.29 -14.93 31.45
N VAL D 34 42.87 -16.05 31.89
CA VAL D 34 43.84 -16.03 32.97
C VAL D 34 45.22 -16.48 32.54
N GLY D 35 46.23 -15.66 32.84
CA GLY D 35 47.62 -16.01 32.58
C GLY D 35 48.51 -15.63 33.75
N VAL D 36 49.82 -15.83 33.59
CA VAL D 36 50.80 -15.46 34.60
C VAL D 36 51.95 -14.71 33.94
N GLY D 37 52.34 -13.57 34.53
CA GLY D 37 53.44 -12.81 33.95
C GLY D 37 54.48 -12.39 34.98
N TRP D 38 55.58 -11.84 34.48
CA TRP D 38 56.67 -11.38 35.32
C TRP D 38 56.98 -9.90 35.09
N ILE D 39 57.30 -9.22 36.18
CA ILE D 39 57.66 -7.81 36.19
C ILE D 39 58.90 -7.61 37.05
N ARG D 40 59.73 -6.62 36.72
CA ARG D 40 60.87 -6.34 37.60
C ARG D 40 60.95 -4.86 37.96
N GLN D 41 61.60 -4.57 39.07
CA GLN D 41 61.78 -3.19 39.48
C GLN D 41 63.19 -2.93 40.00
N PRO D 42 64.09 -2.40 39.16
CA PRO D 42 65.43 -1.96 39.52
C PRO D 42 65.30 -0.72 40.40
N PRO D 43 66.25 -0.50 41.31
CA PRO D 43 66.23 0.52 42.33
C PRO D 43 66.11 1.91 41.72
N GLY D 44 65.17 2.69 42.23
CA GLY D 44 64.97 4.07 41.77
C GLY D 44 64.15 4.15 40.49
N LYS D 45 63.71 3.00 39.98
CA LYS D 45 62.98 2.95 38.71
C LYS D 45 61.57 2.42 38.86
N ALA D 46 60.76 2.65 37.83
CA ALA D 46 59.38 2.17 37.75
C ALA D 46 59.33 0.70 37.34
N LEU D 47 58.16 0.11 37.51
CA LEU D 47 57.94 -1.29 37.17
C LEU D 47 58.16 -1.55 35.67
N GLU D 48 58.87 -2.64 35.36
CA GLU D 48 59.16 -3.01 33.98
C GLU D 48 58.59 -4.38 33.61
N TYR D 49 57.80 -4.43 32.55
CA TYR D 49 57.22 -5.67 32.08
C TYR D 49 58.25 -6.58 31.42
N LEU D 50 58.25 -7.86 31.80
CA LEU D 50 59.19 -8.83 31.22
C LEU D 50 58.52 -9.82 30.28
N ALA D 51 57.64 -10.66 30.81
CA ALA D 51 57.07 -11.75 30.01
C ALA D 51 55.69 -12.16 30.50
N LEU D 52 54.92 -12.78 29.61
CA LEU D 52 53.58 -13.25 29.93
C LEU D 52 53.22 -14.55 29.20
N ILE D 53 52.73 -15.53 29.94
CA ILE D 53 52.27 -16.77 29.34
C ILE D 53 50.78 -16.98 29.61
N TYR D 54 50.04 -17.38 28.58
CA TYR D 54 48.60 -17.58 28.69
C TYR D 54 48.22 -19.04 28.92
N TRP D 55 46.93 -19.26 29.18
CA TRP D 55 46.38 -20.57 29.48
C TRP D 55 46.55 -21.57 28.35
N ASP D 56 46.70 -21.07 27.13
CA ASP D 56 46.82 -21.93 25.95
C ASP D 56 48.27 -22.07 25.50
N ASP D 57 49.20 -21.68 26.38
CA ASP D 57 50.62 -21.78 26.12
C ASP D 57 51.12 -20.74 25.13
N ASP D 58 50.29 -19.75 24.83
CA ASP D 58 50.73 -18.62 24.04
C ASP D 58 51.75 -17.81 24.86
N LYS D 59 52.91 -17.55 24.27
CA LYS D 59 53.99 -16.88 24.99
C LYS D 59 54.34 -15.54 24.39
N ARG D 60 54.24 -14.49 25.20
CA ARG D 60 54.55 -13.13 24.76
C ARG D 60 55.64 -12.52 25.63
N TYR D 61 56.46 -11.64 25.04
CA TYR D 61 57.58 -11.05 25.75
C TYR D 61 57.69 -9.55 25.51
N SER D 62 58.33 -8.84 26.44
CA SER D 62 58.64 -7.43 26.22
C SER D 62 59.51 -7.28 24.99
N THR D 63 59.24 -6.26 24.18
CA THR D 63 59.92 -6.14 22.90
C THR D 63 61.43 -5.95 23.03
N SER D 64 61.88 -5.37 24.13
CA SER D 64 63.29 -5.12 24.33
C SER D 64 64.04 -6.32 24.91
N LEU D 65 63.30 -7.30 25.44
CA LEU D 65 63.91 -8.47 26.04
C LEU D 65 63.45 -9.76 25.38
N LYS D 66 62.80 -9.64 24.23
CA LYS D 66 62.25 -10.79 23.54
C LYS D 66 63.32 -11.86 23.25
N SER D 67 64.52 -11.40 22.93
CA SER D 67 65.62 -12.31 22.60
C SER D 67 66.32 -12.92 23.82
N ARG D 68 66.02 -12.38 25.01
CA ARG D 68 66.73 -12.83 26.22
C ARG D 68 65.86 -13.66 27.15
N LEU D 69 64.53 -13.51 27.04
CA LEU D 69 63.63 -14.21 27.94
C LEU D 69 62.96 -15.42 27.30
N THR D 70 62.79 -16.47 28.09
CA THR D 70 61.96 -17.61 27.72
C THR D 70 61.05 -18.01 28.88
N ILE D 71 59.75 -18.14 28.61
CA ILE D 71 58.81 -18.49 29.67
C ILE D 71 58.07 -19.79 29.37
N THR D 72 58.02 -20.69 30.34
CA THR D 72 57.31 -21.95 30.20
C THR D 72 56.49 -22.24 31.45
N LYS D 73 55.55 -23.19 31.35
CA LYS D 73 54.71 -23.54 32.48
C LYS D 73 54.47 -25.04 32.60
N ASP D 74 54.17 -25.47 33.81
CA ASP D 74 53.79 -26.85 34.09
C ASP D 74 52.50 -26.87 34.90
N THR D 75 51.40 -27.21 34.25
CA THR D 75 50.09 -27.06 34.86
C THR D 75 49.78 -28.16 35.87
N SER D 76 50.68 -29.15 35.98
CA SER D 76 50.48 -30.23 36.92
C SER D 76 51.00 -29.87 38.30
N LYS D 77 51.86 -28.86 38.36
CA LYS D 77 52.47 -28.44 39.61
C LYS D 77 52.11 -26.99 39.94
N ASN D 78 51.30 -26.37 39.10
CA ASN D 78 50.98 -24.95 39.23
C ASN D 78 52.26 -24.10 39.29
N GLN D 79 53.19 -24.37 38.39
CA GLN D 79 54.44 -23.62 38.35
C GLN D 79 54.68 -22.93 37.01
N VAL D 80 55.26 -21.74 37.09
CA VAL D 80 55.69 -20.99 35.91
C VAL D 80 57.17 -20.62 36.05
N VAL D 81 57.94 -20.89 34.99
CA VAL D 81 59.38 -20.64 35.05
C VAL D 81 59.84 -19.64 34.01
N LEU D 82 60.57 -18.63 34.46
CA LEU D 82 61.15 -17.64 33.55
C LEU D 82 62.66 -17.67 33.60
N THR D 83 63.28 -17.81 32.43
CA THR D 83 64.73 -17.79 32.36
C THR D 83 65.23 -16.59 31.57
N MET D 84 66.23 -15.92 32.12
CA MET D 84 66.82 -14.74 31.48
C MET D 84 68.31 -14.94 31.23
N THR D 85 68.69 -14.96 29.97
CA THR D 85 70.08 -15.23 29.61
C THR D 85 70.95 -13.98 29.56
N ASN D 86 72.27 -14.19 29.56
CA ASN D 86 73.27 -13.14 29.45
C ASN D 86 73.08 -12.03 30.47
N MET D 87 72.93 -12.40 31.73
CA MET D 87 72.70 -11.41 32.78
C MET D 87 73.81 -10.37 32.83
N ASP D 88 73.40 -9.11 32.78
CA ASP D 88 74.34 -7.99 32.84
C ASP D 88 74.46 -7.52 34.30
N PRO D 89 75.61 -7.00 34.71
CA PRO D 89 75.84 -6.31 35.97
C PRO D 89 74.78 -5.25 36.26
N VAL D 90 74.21 -4.65 35.22
CA VAL D 90 73.19 -3.61 35.40
C VAL D 90 71.81 -4.22 35.65
N ASP D 91 71.66 -5.52 35.45
CA ASP D 91 70.38 -6.20 35.62
C ASP D 91 70.14 -6.57 37.07
N THR D 92 70.13 -5.56 37.94
CA THR D 92 69.83 -5.77 39.34
C THR D 92 68.46 -5.19 39.65
N ALA D 93 67.56 -6.06 40.08
CA ALA D 93 66.18 -5.66 40.31
C ALA D 93 65.44 -6.68 41.17
N THR D 94 64.31 -6.27 41.72
CA THR D 94 63.41 -7.21 42.34
C THR D 94 62.44 -7.73 41.30
N TYR D 95 62.33 -9.05 41.22
CA TYR D 95 61.45 -9.68 40.25
C TYR D 95 60.14 -10.06 40.91
N TYR D 96 59.03 -9.89 40.19
CA TYR D 96 57.72 -10.19 40.72
C TYR D 96 56.94 -11.13 39.81
N CYS D 97 56.18 -12.05 40.42
CA CYS D 97 55.24 -12.90 39.75
C CYS D 97 53.82 -12.41 40.06
N ALA D 98 53.00 -12.24 39.03
CA ALA D 98 51.65 -11.72 39.23
C ALA D 98 50.68 -12.36 38.25
N ARG D 99 49.41 -12.42 38.65
CA ARG D 99 48.38 -12.99 37.79
C ARG D 99 47.95 -11.98 36.73
N HIS D 100 47.81 -12.43 35.49
CA HIS D 100 47.44 -11.54 34.39
C HIS D 100 46.01 -11.73 33.90
N THR D 101 45.30 -10.62 33.79
CA THR D 101 43.95 -10.56 33.24
C THR D 101 43.81 -9.34 32.33
N ILE D 102 42.73 -9.27 31.55
CA ILE D 102 42.54 -8.13 30.65
C ILE D 102 42.03 -6.83 31.33
N PRO D 103 40.87 -6.83 32.02
CA PRO D 103 40.25 -5.64 32.60
C PRO D 103 41.15 -5.01 33.66
N SER D 104 42.04 -5.83 34.21
CA SER D 104 43.05 -5.41 35.17
C SER D 104 44.33 -6.11 34.81
N ILE D 105 45.39 -5.35 34.58
CA ILE D 105 46.57 -5.93 33.96
C ILE D 105 47.26 -6.96 34.86
N PHE D 106 47.77 -6.53 35.99
CA PHE D 106 48.33 -7.49 36.94
C PHE D 106 47.75 -7.31 38.33
N ASP D 107 47.50 -8.43 39.00
CA ASP D 107 47.04 -8.37 40.39
C ASP D 107 47.62 -9.52 41.19
N TYR D 108 47.31 -9.55 42.48
CA TYR D 108 47.79 -10.61 43.36
C TYR D 108 49.29 -10.76 43.23
N TRP D 109 49.99 -9.63 43.28
CA TRP D 109 51.44 -9.62 43.12
C TRP D 109 52.11 -10.33 44.29
N GLY D 110 53.15 -11.09 44.00
CA GLY D 110 53.92 -11.73 45.06
C GLY D 110 54.86 -10.71 45.69
N GLN D 111 55.52 -11.11 46.78
CA GLN D 111 56.40 -10.19 47.49
C GLN D 111 57.65 -9.84 46.67
N GLY D 112 58.06 -10.76 45.82
CA GLY D 112 59.18 -10.53 44.92
C GLY D 112 60.50 -11.08 45.44
N ILE D 113 61.41 -11.34 44.52
CA ILE D 113 62.74 -11.85 44.84
C ILE D 113 63.80 -10.89 44.32
N LEU D 114 64.75 -10.54 45.19
CA LEU D 114 65.80 -9.61 44.78
C LEU D 114 66.99 -10.33 44.17
N VAL D 115 67.31 -9.98 42.93
CA VAL D 115 68.42 -10.59 42.22
C VAL D 115 69.49 -9.56 41.88
N THR D 116 70.71 -9.85 42.29
CA THR D 116 71.87 -9.00 42.02
C THR D 116 72.89 -9.74 41.18
N VAL D 117 73.42 -9.05 40.17
CA VAL D 117 74.42 -9.65 39.31
C VAL D 117 75.81 -9.15 39.70
N SER D 118 76.70 -10.09 40.06
CA SER D 118 78.05 -9.81 40.53
C SER D 118 78.84 -11.10 40.65
N PRO E 2 55.42 6.86 23.27
CA PRO E 2 54.96 5.59 23.83
C PRO E 2 55.39 5.45 25.30
N VAL E 3 55.28 6.55 26.06
CA VAL E 3 55.61 6.57 27.48
C VAL E 3 54.49 7.20 28.29
N LEU E 4 54.10 6.56 29.38
CA LEU E 4 53.12 7.15 30.27
C LEU E 4 53.79 8.19 31.16
N THR E 5 53.26 9.40 31.17
CA THR E 5 53.88 10.49 31.92
C THR E 5 53.11 10.85 33.20
N GLN E 6 53.85 10.94 34.30
CA GLN E 6 53.30 11.28 35.60
C GLN E 6 54.12 12.40 36.26
N PRO E 7 53.54 13.13 37.22
CA PRO E 7 54.19 14.09 38.10
C PRO E 7 55.14 13.36 39.03
N ALA E 8 56.22 14.03 39.42
CA ALA E 8 57.19 13.39 40.31
C ALA E 8 56.61 13.14 41.69
N SER E 9 55.80 14.07 42.18
CA SER E 9 55.25 13.95 43.51
C SER E 9 53.99 14.81 43.70
N VAL E 10 53.22 14.47 44.72
CA VAL E 10 52.06 15.23 45.14
C VAL E 10 52.06 15.39 46.66
N SER E 11 51.38 16.40 47.17
CA SER E 11 51.31 16.57 48.61
C SER E 11 50.10 17.38 49.06
N GLY E 12 49.77 17.25 50.33
CA GLY E 12 48.70 18.03 50.97
C GLY E 12 48.46 17.53 52.39
N SER E 13 47.59 18.23 53.12
CA SER E 13 47.28 17.86 54.50
C SER E 13 46.25 16.75 54.51
N PRO E 14 46.20 15.94 55.57
CA PRO E 14 45.22 14.89 55.78
C PRO E 14 43.83 15.50 55.84
N GLY E 15 42.89 14.87 55.14
CA GLY E 15 41.53 15.37 55.03
C GLY E 15 41.30 16.12 53.72
N GLN E 16 42.39 16.46 53.03
CA GLN E 16 42.29 17.16 51.75
C GLN E 16 42.29 16.18 50.59
N SER E 17 41.91 16.68 49.41
CA SER E 17 41.88 15.85 48.19
C SER E 17 43.18 15.95 47.39
N ILE E 18 43.74 14.80 47.03
CA ILE E 18 44.94 14.75 46.21
C ILE E 18 44.67 14.13 44.85
N THR E 19 45.16 14.77 43.80
CA THR E 19 44.98 14.24 42.45
C THR E 19 46.31 13.81 41.83
N ILE E 20 46.37 12.57 41.38
CA ILE E 20 47.54 12.05 40.70
C ILE E 20 47.20 11.75 39.25
N SER E 21 47.85 12.45 38.33
CA SER E 21 47.51 12.30 36.91
C SER E 21 48.48 11.37 36.18
N CYS E 22 48.00 10.77 35.08
CA CYS E 22 48.79 9.96 34.16
C CYS E 22 48.33 10.17 32.73
N THR E 23 49.21 10.69 31.89
CA THR E 23 48.83 11.03 30.53
C THR E 23 49.63 10.24 29.49
N ALA E 24 48.93 9.75 28.47
CA ALA E 24 49.59 9.03 27.38
C ALA E 24 50.28 10.04 26.47
N THR E 25 51.35 9.59 25.82
CA THR E 25 52.09 10.45 24.89
C THR E 25 52.09 9.85 23.49
N SER E 26 51.19 8.89 23.27
CA SER E 26 51.11 8.19 22.00
C SER E 26 49.69 7.76 21.69
N SER E 27 49.45 7.46 20.41
CA SER E 27 48.17 6.93 19.96
C SER E 27 48.12 5.41 20.05
N ASP E 28 49.26 4.81 20.40
CA ASP E 28 49.39 3.35 20.48
C ASP E 28 48.48 2.75 21.55
N VAL E 29 48.03 3.60 22.47
CA VAL E 29 47.14 3.18 23.54
C VAL E 29 45.73 2.91 23.03
N GLY E 30 45.44 3.38 21.82
CA GLY E 30 44.15 3.14 21.21
C GLY E 30 43.02 3.74 22.02
N ASN E 31 42.09 2.89 22.43
CA ASN E 31 40.93 3.33 23.21
C ASN E 31 41.30 3.82 24.61
N TYR E 32 42.49 3.44 25.08
CA TYR E 32 42.96 3.84 26.40
C TYR E 32 41.88 3.64 27.46
N ASN E 33 41.16 2.52 27.37
CA ASN E 33 40.05 2.25 28.27
C ASN E 33 40.37 1.19 29.31
N TYR E 34 41.64 0.84 29.44
CA TYR E 34 42.05 -0.13 30.44
C TYR E 34 43.20 0.41 31.27
N VAL E 35 42.91 1.43 32.08
CA VAL E 35 43.94 2.06 32.89
C VAL E 35 43.88 1.54 34.32
N SER E 36 45.01 1.06 34.81
CA SER E 36 45.10 0.55 36.17
C SER E 36 45.95 1.46 37.03
N TRP E 37 45.65 1.49 38.32
CA TRP E 37 46.47 2.22 39.28
C TRP E 37 46.90 1.32 40.42
N TYR E 38 48.17 1.46 40.81
CA TYR E 38 48.73 0.65 41.88
C TYR E 38 49.25 1.51 43.03
N GLN E 39 49.17 0.99 44.23
CA GLN E 39 49.74 1.62 45.41
C GLN E 39 50.88 0.76 45.94
N HIS E 40 52.11 1.29 45.88
CA HIS E 40 53.27 0.51 46.26
C HIS E 40 53.93 1.01 47.54
N HIS E 41 53.93 0.16 48.56
CA HIS E 41 54.63 0.43 49.81
C HIS E 41 55.95 -0.33 49.79
N PRO E 42 57.07 0.31 50.14
CA PRO E 42 58.38 -0.29 50.22
C PRO E 42 58.35 -1.55 51.08
N GLY E 43 58.95 -2.61 50.57
CA GLY E 43 59.01 -3.89 51.29
C GLY E 43 57.78 -4.76 51.04
N LYS E 44 56.78 -4.23 50.34
CA LYS E 44 55.54 -4.96 50.10
C LYS E 44 55.24 -5.12 48.61
N ALA E 45 54.44 -6.13 48.28
CA ALA E 45 53.96 -6.33 46.92
C ALA E 45 53.03 -5.18 46.54
N PRO E 46 53.09 -4.66 45.31
CA PRO E 46 52.20 -3.67 44.74
C PRO E 46 50.75 -4.12 44.80
N LYS E 47 49.85 -3.22 45.22
CA LYS E 47 48.44 -3.53 45.31
C LYS E 47 47.62 -2.78 44.26
N LEU E 48 46.65 -3.47 43.68
CA LEU E 48 45.76 -2.85 42.69
C LEU E 48 44.68 -2.04 43.41
N MET E 49 44.56 -0.76 43.06
CA MET E 49 43.60 0.12 43.69
C MET E 49 42.44 0.43 42.76
N ILE E 50 42.76 0.68 41.49
CA ILE E 50 41.76 0.98 40.47
C ILE E 50 42.08 0.23 39.19
N TYR E 51 41.03 -0.22 38.50
CA TYR E 51 41.21 -0.88 37.21
C TYR E 51 40.11 -0.47 36.24
N GLU E 52 40.38 -0.66 34.96
CA GLU E 52 39.42 -0.28 33.94
C GLU E 52 38.96 1.16 34.17
N VAL E 53 39.95 2.05 34.36
CA VAL E 53 39.76 3.49 34.50
C VAL E 53 39.21 3.92 35.86
N SER E 54 38.04 3.41 36.25
CA SER E 54 37.40 3.91 37.46
C SER E 54 36.83 2.85 38.43
N ASN E 55 37.06 1.57 38.17
CA ASN E 55 36.49 0.54 39.03
C ASN E 55 37.42 0.20 40.21
N ARG E 56 36.81 -0.18 41.34
CA ARG E 56 37.58 -0.65 42.49
C ARG E 56 37.54 -2.17 42.59
N PRO E 57 38.65 -2.79 42.98
CA PRO E 57 38.77 -4.15 43.49
C PRO E 57 38.16 -4.22 44.88
N SER E 58 37.88 -5.43 45.35
CA SER E 58 37.49 -5.61 46.73
C SER E 58 38.69 -5.39 47.63
N GLY E 59 38.45 -4.99 48.88
CA GLY E 59 39.53 -4.73 49.81
C GLY E 59 40.12 -3.33 49.60
N VAL E 60 39.37 -2.48 48.91
CA VAL E 60 39.81 -1.13 48.60
C VAL E 60 38.84 -0.09 49.13
N SER E 61 39.39 0.90 49.84
CA SER E 61 38.61 1.98 50.42
C SER E 61 37.87 2.79 49.37
N ASN E 62 36.66 3.23 49.71
CA ASN E 62 35.84 4.03 48.80
C ASN E 62 36.36 5.47 48.67
N ARG E 63 37.47 5.74 49.34
CA ARG E 63 38.12 7.04 49.22
C ARG E 63 38.89 7.13 47.90
N PHE E 64 39.10 5.98 47.27
CA PHE E 64 39.84 5.92 46.02
C PHE E 64 38.92 5.78 44.81
N SER E 65 39.05 6.71 43.88
CA SER E 65 38.24 6.69 42.67
C SER E 65 38.98 7.35 41.52
N GLY E 66 38.46 7.25 40.30
CA GLY E 66 39.15 7.84 39.17
C GLY E 66 38.24 8.09 37.99
N SER E 67 38.80 8.70 36.95
CA SER E 67 38.08 9.04 35.73
C SER E 67 39.05 9.31 34.58
N LYS E 68 38.52 9.47 33.37
CA LYS E 68 39.35 9.79 32.22
C LYS E 68 38.77 10.96 31.43
N SER E 69 39.65 11.72 30.78
CA SER E 69 39.27 12.77 29.85
C SER E 69 40.24 12.80 28.69
N GLY E 70 39.75 12.49 27.50
CA GLY E 70 40.63 12.36 26.35
C GLY E 70 41.55 11.16 26.53
N ASN E 71 42.86 11.40 26.51
CA ASN E 71 43.84 10.33 26.68
C ASN E 71 44.59 10.46 28.00
N THR E 72 43.99 11.17 28.95
CA THR E 72 44.57 11.36 30.26
C THR E 72 43.68 10.79 31.36
N ALA E 73 44.29 10.07 32.29
CA ALA E 73 43.56 9.47 33.40
C ALA E 73 43.97 10.14 34.71
N SER E 74 43.06 10.16 35.67
CA SER E 74 43.36 10.73 36.98
C SER E 74 42.89 9.84 38.13
N LEU E 75 43.75 9.72 39.13
CA LEU E 75 43.43 9.02 40.36
C LEU E 75 43.14 10.03 41.47
N THR E 76 41.97 9.92 42.08
CA THR E 76 41.58 10.83 43.13
C THR E 76 41.61 10.15 44.49
N ILE E 77 42.33 10.75 45.42
CA ILE E 77 42.39 10.25 46.78
C ILE E 77 41.71 11.23 47.73
N SER E 78 40.47 10.91 48.12
CA SER E 78 39.71 11.80 48.97
C SER E 78 39.99 11.52 50.44
N GLY E 79 39.78 12.51 51.29
CA GLY E 79 39.96 12.30 52.71
C GLY E 79 41.36 11.79 53.02
N LEU E 80 42.37 12.42 52.42
CA LEU E 80 43.75 11.94 52.53
C LEU E 80 44.12 11.52 53.93
N GLN E 81 44.68 10.32 54.05
CA GLN E 81 45.13 9.79 55.34
C GLN E 81 46.64 9.77 55.43
N ALA E 82 47.16 9.74 56.65
CA ALA E 82 48.60 9.67 56.88
C ALA E 82 49.15 8.32 56.43
N GLU E 83 48.26 7.36 56.21
CA GLU E 83 48.64 6.02 55.81
C GLU E 83 48.70 5.87 54.29
N ASP E 84 48.44 6.96 53.57
CA ASP E 84 48.40 6.91 52.12
C ASP E 84 49.76 7.22 51.48
N GLU E 85 50.81 7.31 52.29
CA GLU E 85 52.13 7.61 51.74
C GLU E 85 52.71 6.40 51.04
N ALA E 86 52.70 6.45 49.71
CA ALA E 86 53.13 5.35 48.86
C ALA E 86 53.49 5.88 47.48
N ASP E 87 54.17 5.04 46.70
CA ASP E 87 54.45 5.38 45.31
C ASP E 87 53.34 4.86 44.42
N TYR E 88 52.65 5.77 43.75
CA TYR E 88 51.52 5.38 42.91
C TYR E 88 51.94 5.25 41.45
N TYR E 89 51.49 4.17 40.82
CA TYR E 89 51.82 3.91 39.43
C TYR E 89 50.57 3.71 38.58
N CYS E 90 50.63 4.14 37.31
CA CYS E 90 49.58 3.89 36.33
C CYS E 90 50.05 2.85 35.31
N SER E 91 49.11 2.13 34.72
CA SER E 91 49.45 1.16 33.70
C SER E 91 48.38 1.03 32.63
N SER E 92 48.81 0.81 31.39
CA SER E 92 47.86 0.68 30.28
C SER E 92 48.43 -0.16 29.14
N TYR E 93 47.58 -0.52 28.18
CA TYR E 93 48.00 -1.32 27.03
C TYR E 93 48.43 -0.45 25.85
N THR E 94 49.40 -0.96 25.09
CA THR E 94 49.80 -0.41 23.81
C THR E 94 49.75 -1.50 22.75
N SER E 95 50.07 -1.16 21.50
CA SER E 95 49.87 -2.07 20.38
C SER E 95 50.63 -3.40 20.46
N SER E 96 51.77 -3.44 21.15
CA SER E 96 52.55 -4.68 21.22
C SER E 96 53.06 -4.99 22.62
N SER E 97 52.63 -4.20 23.60
CA SER E 97 53.10 -4.36 24.96
C SER E 97 52.21 -3.65 25.95
N LEU E 98 52.53 -3.77 27.23
CA LEU E 98 51.87 -2.97 28.25
C LEU E 98 52.91 -2.07 28.91
N LEU E 99 52.48 -0.91 29.38
CA LEU E 99 53.40 0.04 30.00
C LEU E 99 53.04 0.36 31.44
N PHE E 100 54.05 0.74 32.20
CA PHE E 100 53.88 1.30 33.53
C PHE E 100 54.35 2.75 33.53
N GLY E 101 53.74 3.58 34.37
CA GLY E 101 54.13 4.99 34.47
C GLY E 101 55.38 5.17 35.31
N GLY E 102 55.91 6.39 35.32
CA GLY E 102 57.14 6.70 36.04
C GLY E 102 57.01 6.54 37.55
N GLY E 103 55.82 6.79 38.08
CA GLY E 103 55.59 6.68 39.52
C GLY E 103 55.55 8.04 40.19
N THR E 104 54.50 8.26 40.99
CA THR E 104 54.33 9.52 41.69
C THR E 104 54.43 9.30 43.20
N LYS E 105 55.32 10.05 43.83
CA LYS E 105 55.53 9.92 45.28
C LYS E 105 54.60 10.84 46.05
N LEU E 106 53.76 10.25 46.91
CA LEU E 106 52.84 11.05 47.71
C LEU E 106 53.41 11.33 49.09
N THR E 107 53.29 12.57 49.54
CA THR E 107 53.70 12.96 50.89
C THR E 107 52.54 13.61 51.63
N VAL E 108 52.33 13.18 52.88
CA VAL E 108 51.28 13.76 53.70
C VAL E 108 51.87 14.80 54.64
N LEU E 109 51.31 15.99 54.63
CA LEU E 109 51.85 17.11 55.40
C LEU E 109 51.20 17.20 56.77
N GLY E 110 51.99 17.64 57.77
CA GLY E 110 51.50 17.82 59.14
C GLY E 110 52.62 18.30 60.05
N ILE F 2 69.45 -1.72 -34.48
CA ILE F 2 70.39 -1.20 -33.49
C ILE F 2 71.81 -1.26 -34.06
N THR F 3 72.45 -0.08 -34.22
CA THR F 3 73.80 0.02 -34.74
C THR F 3 74.58 1.18 -34.11
N LEU F 4 75.89 0.99 -33.97
CA LEU F 4 76.78 2.02 -33.46
C LEU F 4 78.07 2.06 -34.28
N LYS F 5 78.37 3.22 -34.87
CA LYS F 5 79.55 3.39 -35.72
C LYS F 5 80.58 4.31 -35.06
N GLU F 6 81.85 3.95 -35.16
CA GLU F 6 82.91 4.75 -34.55
C GLU F 6 83.81 5.39 -35.60
N SER F 7 84.25 6.62 -35.33
CA SER F 7 85.17 7.31 -36.21
C SER F 7 86.09 8.26 -35.45
N GLY F 8 87.22 8.60 -36.07
CA GLY F 8 88.19 9.53 -35.50
C GLY F 8 89.60 9.16 -35.96
N PRO F 9 90.61 9.83 -35.40
CA PRO F 9 92.02 9.67 -35.68
C PRO F 9 92.47 8.25 -35.36
N THR F 10 93.43 7.75 -36.13
CA THR F 10 94.00 6.43 -35.88
C THR F 10 95.42 6.56 -35.34
N LEU F 11 95.90 7.80 -35.26
CA LEU F 11 97.24 8.10 -34.78
C LEU F 11 97.23 9.32 -33.87
N VAL F 12 97.77 9.14 -32.67
CA VAL F 12 97.85 10.21 -31.68
C VAL F 12 99.29 10.32 -31.19
N LYS F 13 99.78 11.53 -31.01
CA LYS F 13 101.14 11.71 -30.52
C LYS F 13 101.15 11.67 -28.99
N PRO F 14 102.28 11.29 -28.37
CA PRO F 14 102.50 11.29 -26.94
C PRO F 14 102.16 12.63 -26.31
N THR F 15 101.53 12.56 -25.13
CA THR F 15 101.12 13.71 -24.31
C THR F 15 99.95 14.49 -24.91
N GLN F 16 99.47 14.07 -26.09
CA GLN F 16 98.34 14.74 -26.71
C GLN F 16 97.03 14.12 -26.25
N THR F 17 95.91 14.68 -26.71
CA THR F 17 94.60 14.19 -26.30
C THR F 17 93.91 13.41 -27.42
N LEU F 18 93.42 12.23 -27.07
CA LEU F 18 92.66 11.38 -27.99
C LEU F 18 91.20 11.79 -28.01
N THR F 19 90.60 11.84 -29.19
CA THR F 19 89.17 12.08 -29.31
C THR F 19 88.52 11.10 -30.28
N LEU F 20 87.48 10.40 -29.82
CA LEU F 20 86.74 9.48 -30.66
C LEU F 20 85.24 9.70 -30.53
N THR F 21 84.54 9.66 -31.67
CA THR F 21 83.10 9.89 -31.68
C THR F 21 82.32 8.65 -32.13
N CYS F 22 81.30 8.29 -31.35
CA CYS F 22 80.39 7.20 -31.62
C CYS F 22 79.03 7.71 -32.05
N THR F 23 78.58 7.33 -33.23
CA THR F 23 77.28 7.73 -33.73
C THR F 23 76.35 6.53 -33.76
N PHE F 24 75.18 6.67 -33.14
CA PHE F 24 74.29 5.53 -33.01
C PHE F 24 72.93 5.78 -33.62
N SER F 25 72.23 4.69 -33.92
CA SER F 25 70.87 4.76 -34.44
C SER F 25 70.09 3.49 -34.12
N GLY F 26 68.78 3.57 -34.25
CA GLY F 26 67.90 2.43 -33.96
C GLY F 26 67.32 2.53 -32.56
N PHE F 27 67.86 3.43 -31.75
CA PHE F 27 67.42 3.58 -30.38
C PHE F 27 67.68 4.97 -29.83
N SER F 28 66.98 5.31 -28.76
CA SER F 28 67.22 6.55 -28.04
C SER F 28 68.13 6.32 -26.84
N VAL F 29 68.90 7.35 -26.47
CA VAL F 29 69.76 7.27 -25.29
C VAL F 29 69.25 8.18 -24.18
N THR F 30 68.03 8.69 -24.36
CA THR F 30 67.46 9.62 -23.38
C THR F 30 66.42 8.92 -22.50
N THR F 31 66.33 7.60 -22.66
CA THR F 31 65.37 6.81 -21.91
C THR F 31 66.03 6.12 -20.72
N SER F 32 65.25 5.85 -19.68
CA SER F 32 65.77 5.20 -18.48
C SER F 32 66.27 3.80 -18.78
N GLY F 33 67.38 3.42 -18.16
CA GLY F 33 67.90 2.06 -18.31
C GLY F 33 68.93 1.93 -19.44
N VAL F 34 69.03 2.96 -20.29
CA VAL F 34 69.96 2.89 -21.43
C VAL F 34 71.04 3.96 -21.40
N GLY F 35 72.30 3.51 -21.45
CA GLY F 35 73.43 4.42 -21.58
C GLY F 35 74.39 3.95 -22.67
N VAL F 36 75.45 4.71 -22.89
CA VAL F 36 76.48 4.35 -23.87
C VAL F 36 77.87 4.45 -23.23
N GLY F 37 78.67 3.40 -23.39
CA GLY F 37 79.99 3.41 -22.79
C GLY F 37 81.09 3.05 -23.77
N TRP F 38 82.33 3.25 -23.33
CA TRP F 38 83.51 2.95 -24.13
C TRP F 38 84.41 1.95 -23.43
N ILE F 39 84.96 1.04 -24.23
CA ILE F 39 85.85 0.00 -23.76
C ILE F 39 87.04 -0.09 -24.72
N ARG F 40 88.23 -0.44 -24.22
CA ARG F 40 89.36 -0.59 -25.12
C ARG F 40 90.04 -1.95 -24.95
N GLN F 41 90.69 -2.41 -26.00
CA GLN F 41 91.42 -3.67 -25.94
C GLN F 41 92.81 -3.58 -26.57
N PRO F 42 93.87 -3.39 -25.76
CA PRO F 42 95.26 -3.41 -26.18
C PRO F 42 95.62 -4.86 -26.53
N PRO F 43 96.54 -5.06 -27.46
CA PRO F 43 96.92 -6.33 -28.02
C PRO F 43 97.41 -7.30 -26.94
N GLY F 44 96.87 -8.51 -26.97
CA GLY F 44 97.25 -9.55 -26.02
C GLY F 44 96.51 -9.43 -24.68
N LYS F 45 95.65 -8.42 -24.56
CA LYS F 45 94.94 -8.18 -23.31
C LYS F 45 93.42 -8.28 -23.44
N ALA F 46 92.74 -8.30 -22.29
CA ALA F 46 91.29 -8.34 -22.21
C ALA F 46 90.69 -6.95 -22.35
N LEU F 47 89.37 -6.90 -22.39
CA LEU F 47 88.64 -5.65 -22.52
C LEU F 47 88.77 -4.80 -21.26
N GLU F 48 89.08 -3.52 -21.44
CA GLU F 48 89.23 -2.59 -20.33
C GLU F 48 88.18 -1.49 -20.36
N TYR F 49 87.42 -1.38 -19.28
CA TYR F 49 86.40 -0.34 -19.16
C TYR F 49 87.01 1.05 -19.08
N LEU F 50 86.47 1.99 -19.85
CA LEU F 50 86.93 3.36 -19.81
C LEU F 50 85.92 4.28 -19.16
N ALA F 51 84.76 4.46 -19.81
CA ALA F 51 83.78 5.43 -19.33
C ALA F 51 82.36 5.06 -19.72
N LEU F 52 81.40 5.56 -18.96
CA LEU F 52 79.99 5.36 -19.23
C LEU F 52 79.17 6.62 -18.99
N ILE F 53 78.39 7.01 -19.98
CA ILE F 53 77.50 8.16 -19.82
C ILE F 53 76.05 7.71 -19.84
N TYR F 54 75.29 8.16 -18.85
CA TYR F 54 73.89 7.78 -18.71
C TYR F 54 72.95 8.74 -19.40
N TRP F 55 71.71 8.30 -19.58
CA TRP F 55 70.67 9.08 -20.24
C TRP F 55 70.42 10.44 -19.59
N ASP F 56 70.74 10.56 -18.30
CA ASP F 56 70.51 11.80 -17.55
C ASP F 56 71.77 12.63 -17.43
N ASP F 57 72.79 12.30 -18.24
CA ASP F 57 74.06 13.02 -18.28
C ASP F 57 74.93 12.74 -17.05
N ASP F 58 74.60 11.70 -16.30
CA ASP F 58 75.50 11.25 -15.25
C ASP F 58 76.73 10.61 -15.89
N LYS F 59 77.91 11.08 -15.49
CA LYS F 59 79.16 10.62 -16.10
C LYS F 59 80.02 9.85 -15.12
N ARG F 60 80.27 8.57 -15.44
CA ARG F 60 81.08 7.71 -14.59
C ARG F 60 82.31 7.20 -15.33
N TYR F 61 83.41 6.98 -14.61
CA TYR F 61 84.67 6.60 -15.23
C TYR F 61 85.38 5.48 -14.48
N SER F 62 86.29 4.80 -15.17
CA SER F 62 87.17 3.83 -14.52
C SER F 62 87.98 4.55 -13.43
N THR F 63 88.19 3.89 -12.30
CA THR F 63 88.83 4.54 -11.17
C THR F 63 90.28 4.93 -11.45
N SER F 64 90.93 4.17 -12.32
CA SER F 64 92.33 4.43 -12.64
C SER F 64 92.49 5.51 -13.71
N LEU F 65 91.45 5.71 -14.51
CA LEU F 65 91.48 6.71 -15.58
C LEU F 65 90.51 7.86 -15.31
N LYS F 66 89.98 7.94 -14.10
CA LYS F 66 88.99 8.96 -13.76
C LYS F 66 89.49 10.36 -14.06
N SER F 67 90.77 10.61 -13.81
CA SER F 67 91.35 11.94 -14.02
C SER F 67 91.74 12.21 -15.47
N ARG F 68 91.72 11.18 -16.31
CA ARG F 68 92.18 11.32 -17.70
C ARG F 68 91.04 11.33 -18.71
N LEU F 69 89.90 10.74 -18.34
CA LEU F 69 88.79 10.63 -19.27
C LEU F 69 87.69 11.66 -19.03
N THR F 70 87.09 12.12 -20.14
CA THR F 70 85.88 12.92 -20.11
C THR F 70 84.92 12.40 -21.16
N ILE F 71 83.65 12.24 -20.81
CA ILE F 71 82.66 11.74 -21.76
C ILE F 71 81.45 12.65 -21.81
N THR F 72 81.04 13.01 -23.02
CA THR F 72 79.87 13.86 -23.22
C THR F 72 78.99 13.30 -24.32
N LYS F 73 77.75 13.79 -24.38
CA LYS F 73 76.83 13.36 -25.42
C LYS F 73 76.05 14.52 -26.01
N ASP F 74 75.60 14.35 -27.24
CA ASP F 74 74.74 15.30 -27.90
C ASP F 74 73.55 14.57 -28.51
N THR F 75 72.40 14.69 -27.85
CA THR F 75 71.23 13.89 -28.19
C THR F 75 70.53 14.33 -29.46
N SER F 76 70.95 15.47 -30.03
CA SER F 76 70.31 15.95 -31.25
C SER F 76 70.91 15.27 -32.47
N LYS F 77 72.11 14.72 -32.31
CA LYS F 77 72.82 14.09 -33.42
C LYS F 77 73.05 12.61 -33.16
N ASN F 78 72.56 12.13 -32.02
CA ASN F 78 72.80 10.77 -31.57
C ASN F 78 74.30 10.45 -31.53
N GLN F 79 75.08 11.37 -30.95
CA GLN F 79 76.53 11.16 -30.86
C GLN F 79 77.03 11.14 -29.42
N VAL F 80 78.01 10.27 -29.16
CA VAL F 80 78.70 10.23 -27.88
C VAL F 80 80.20 10.40 -28.10
N VAL F 81 80.80 11.33 -27.36
CA VAL F 81 82.21 11.64 -27.56
C VAL F 81 83.05 11.37 -26.32
N LEU F 82 84.13 10.62 -26.50
CA LEU F 82 85.07 10.35 -25.43
C LEU F 82 86.41 11.00 -25.72
N THR F 83 86.98 11.66 -24.73
CA THR F 83 88.32 12.18 -24.87
C THR F 83 89.22 11.62 -23.77
N MET F 84 90.49 11.41 -24.11
CA MET F 84 91.46 10.88 -23.16
C MET F 84 92.76 11.68 -23.22
N THR F 85 93.09 12.34 -22.11
CA THR F 85 94.24 13.23 -22.09
C THR F 85 95.54 12.52 -21.74
N ASN F 86 96.65 13.20 -22.02
CA ASN F 86 97.99 12.72 -21.69
C ASN F 86 98.28 11.31 -22.19
N MET F 87 98.02 11.07 -23.48
CA MET F 87 98.23 9.73 -24.04
C MET F 87 99.69 9.31 -23.94
N ASP F 88 99.91 8.09 -23.43
CA ASP F 88 101.24 7.53 -23.35
C ASP F 88 101.50 6.61 -24.55
N PRO F 89 102.76 6.35 -24.89
CA PRO F 89 103.20 5.41 -25.91
C PRO F 89 102.63 4.01 -25.69
N VAL F 90 102.25 3.70 -24.45
CA VAL F 90 101.71 2.39 -24.13
C VAL F 90 100.20 2.33 -24.30
N ASP F 91 99.57 3.48 -24.53
CA ASP F 91 98.13 3.54 -24.68
C ASP F 91 97.70 3.26 -26.12
N THR F 92 98.09 2.09 -26.62
CA THR F 92 97.68 1.64 -27.95
C THR F 92 96.67 0.53 -27.83
N ALA F 93 95.50 0.74 -28.39
CA ALA F 93 94.42 -0.21 -28.24
C ALA F 93 93.32 0.03 -29.26
N THR F 94 92.46 -0.97 -29.44
CA THR F 94 91.25 -0.78 -30.21
C THR F 94 90.14 -0.33 -29.30
N TYR F 95 89.49 0.78 -29.67
CA TYR F 95 88.42 1.34 -28.87
C TYR F 95 87.07 0.86 -29.39
N TYR F 96 86.16 0.57 -28.46
CA TYR F 96 84.83 0.09 -28.80
C TYR F 96 83.74 0.94 -28.17
N CYS F 97 82.67 1.14 -28.93
CA CYS F 97 81.44 1.78 -28.45
C CYS F 97 80.36 0.71 -28.31
N ALA F 98 79.70 0.68 -27.16
CA ALA F 98 78.68 -0.32 -26.90
C ALA F 98 77.57 0.20 -26.00
N ARG F 99 76.38 -0.39 -26.10
CA ARG F 99 75.25 0.02 -25.29
C ARG F 99 75.32 -0.60 -23.91
N HIS F 100 75.05 0.18 -22.88
CA HIS F 100 75.12 -0.31 -21.51
C HIS F 100 73.75 -0.41 -20.85
N THR F 101 73.46 -1.60 -20.32
CA THR F 101 72.24 -1.85 -19.56
C THR F 101 72.56 -2.62 -18.29
N ILE F 102 71.56 -2.82 -17.44
CA ILE F 102 71.77 -3.56 -16.18
C ILE F 102 71.83 -5.09 -16.33
N PRO F 103 70.81 -5.76 -16.93
CA PRO F 103 70.78 -7.20 -17.13
C PRO F 103 71.94 -7.68 -17.98
N SER F 104 72.45 -6.79 -18.83
CA SER F 104 73.62 -7.08 -19.66
C SER F 104 74.52 -5.86 -19.68
N ILE F 105 75.77 -6.05 -19.27
CA ILE F 105 76.65 -4.90 -19.05
C ILE F 105 76.93 -4.14 -20.33
N PHE F 106 77.33 -4.85 -21.38
CA PHE F 106 77.47 -4.24 -22.70
C PHE F 106 76.94 -5.15 -23.80
N ASP F 107 76.34 -4.55 -24.82
CA ASP F 107 75.93 -5.29 -26.01
C ASP F 107 75.96 -4.40 -27.24
N TYR F 108 75.65 -4.98 -28.39
CA TYR F 108 75.63 -4.24 -29.65
C TYR F 108 76.95 -3.51 -29.85
N TRP F 109 78.05 -4.24 -29.68
CA TRP F 109 79.38 -3.67 -29.80
C TRP F 109 79.68 -3.28 -31.24
N GLY F 110 80.34 -2.15 -31.42
CA GLY F 110 80.78 -1.74 -32.75
C GLY F 110 82.04 -2.51 -33.13
N GLN F 111 82.48 -2.35 -34.37
CA GLN F 111 83.65 -3.08 -34.85
C GLN F 111 84.92 -2.57 -34.17
N GLY F 112 84.92 -1.29 -33.82
CA GLY F 112 86.02 -0.70 -33.07
C GLY F 112 87.03 0.01 -33.98
N ILE F 113 87.77 0.93 -33.38
CA ILE F 113 88.81 1.68 -34.09
C ILE F 113 90.16 1.51 -33.42
N LEU F 114 91.17 1.15 -34.19
CA LEU F 114 92.50 0.95 -33.63
C LEU F 114 93.31 2.24 -33.65
N VAL F 115 93.72 2.68 -32.47
CA VAL F 115 94.50 3.91 -32.36
C VAL F 115 95.87 3.63 -31.76
N THR F 116 96.90 4.09 -32.46
CA THR F 116 98.27 3.91 -32.02
C THR F 116 98.86 5.22 -31.55
N VAL F 117 99.63 5.16 -30.47
CA VAL F 117 100.29 6.36 -29.97
C VAL F 117 101.75 6.38 -30.41
N SER F 118 102.13 7.42 -31.16
CA SER F 118 103.47 7.57 -31.72
C SER F 118 103.63 8.94 -32.37
N PRO G 2 89.94 -8.02 -6.24
CA PRO G 2 88.90 -7.41 -7.09
C PRO G 2 89.20 -7.63 -8.58
N VAL G 3 89.62 -8.84 -8.92
CA VAL G 3 89.91 -9.22 -10.32
C VAL G 3 89.18 -10.50 -10.70
N LEU G 4 88.60 -10.51 -11.89
CA LEU G 4 87.95 -11.71 -12.39
C LEU G 4 89.01 -12.67 -12.95
N THR G 5 89.00 -13.91 -12.47
CA THR G 5 90.02 -14.88 -12.87
C THR G 5 89.48 -15.95 -13.80
N GLN G 6 90.19 -16.19 -14.90
CA GLN G 6 89.85 -17.18 -15.90
C GLN G 6 91.05 -18.06 -16.24
N PRO G 7 90.83 -19.28 -16.76
CA PRO G 7 91.83 -20.17 -17.31
C PRO G 7 92.39 -19.59 -18.60
N ALA G 8 93.65 -19.89 -18.89
CA ALA G 8 94.27 -19.37 -20.10
C ALA G 8 93.58 -19.88 -21.35
N SER G 9 93.17 -21.14 -21.33
CA SER G 9 92.55 -21.76 -22.50
C SER G 9 91.68 -22.95 -22.13
N VAL G 10 90.76 -23.28 -23.02
CA VAL G 10 89.90 -24.47 -22.92
C VAL G 10 89.88 -25.20 -24.25
N SER G 11 89.81 -26.52 -24.21
CA SER G 11 89.78 -27.31 -25.44
C SER G 11 89.02 -28.60 -25.26
N GLY G 12 88.65 -29.21 -26.39
CA GLY G 12 87.96 -30.49 -26.38
C GLY G 12 87.53 -30.91 -27.78
N SER G 13 87.05 -32.14 -27.91
CA SER G 13 86.60 -32.69 -29.18
C SER G 13 85.30 -32.03 -29.61
N PRO G 14 85.07 -31.89 -30.92
CA PRO G 14 83.86 -31.35 -31.52
C PRO G 14 82.69 -32.26 -31.23
N GLY G 15 81.54 -31.67 -30.97
CA GLY G 15 80.34 -32.42 -30.66
C GLY G 15 80.20 -32.65 -29.15
N GLN G 16 81.26 -32.36 -28.41
CA GLN G 16 81.25 -32.59 -26.97
C GLN G 16 80.94 -31.30 -26.21
N SER G 17 80.70 -31.43 -24.92
CA SER G 17 80.43 -30.27 -24.08
C SER G 17 81.66 -29.83 -23.32
N ILE G 18 81.89 -28.52 -23.30
CA ILE G 18 83.02 -27.94 -22.57
C ILE G 18 82.54 -26.86 -21.62
N THR G 19 83.40 -26.49 -20.67
CA THR G 19 83.07 -25.41 -19.74
C THR G 19 84.18 -24.37 -19.68
N ILE G 20 83.76 -23.11 -19.78
CA ILE G 20 84.65 -21.97 -19.61
C ILE G 20 84.25 -21.24 -18.33
N SER G 21 85.17 -21.17 -17.37
CA SER G 21 84.83 -20.64 -16.05
C SER G 21 85.40 -19.25 -15.78
N CYS G 22 84.77 -18.54 -14.84
CA CYS G 22 85.20 -17.22 -14.38
C CYS G 22 84.82 -17.02 -12.91
N THR G 23 85.80 -16.75 -12.06
CA THR G 23 85.56 -16.64 -10.63
C THR G 23 85.91 -15.26 -10.09
N ALA G 24 85.05 -14.73 -9.23
CA ALA G 24 85.31 -13.45 -8.60
C ALA G 24 86.28 -13.64 -7.43
N THR G 25 87.09 -12.62 -7.15
CA THR G 25 88.04 -12.69 -6.06
C THR G 25 87.77 -11.65 -4.99
N SER G 26 86.57 -11.08 -5.03
CA SER G 26 86.21 -10.06 -4.05
C SER G 26 84.74 -10.09 -3.73
N SER G 27 84.37 -9.49 -2.61
CA SER G 27 82.99 -9.37 -2.20
C SER G 27 82.33 -8.12 -2.79
N ASP G 28 83.13 -7.31 -3.50
CA ASP G 28 82.65 -6.06 -4.08
C ASP G 28 81.60 -6.30 -5.15
N VAL G 29 81.54 -7.53 -5.64
CA VAL G 29 80.57 -7.91 -6.66
C VAL G 29 79.16 -8.04 -6.09
N GLY G 30 79.07 -8.10 -4.76
CA GLY G 30 77.78 -8.20 -4.11
C GLY G 30 77.03 -9.47 -4.53
N ASN G 31 75.85 -9.29 -5.08
CA ASN G 31 75.01 -10.40 -5.50
C ASN G 31 75.62 -11.18 -6.68
N TYR G 32 76.53 -10.54 -7.42
CA TYR G 32 77.18 -11.17 -8.56
C TYR G 32 76.16 -11.84 -9.48
N ASN G 33 75.02 -11.17 -9.67
CA ASN G 33 73.92 -11.74 -10.44
C ASN G 33 73.76 -11.10 -11.81
N TYR G 34 74.78 -10.38 -12.25
CA TYR G 34 74.75 -9.75 -13.56
C TYR G 34 76.00 -10.10 -14.35
N VAL G 35 76.31 -11.38 -14.39
CA VAL G 35 77.47 -11.85 -15.11
C VAL G 35 77.17 -11.97 -16.59
N SER G 36 78.02 -11.35 -17.40
CA SER G 36 77.86 -11.40 -18.85
C SER G 36 78.99 -12.20 -19.47
N TRP G 37 78.68 -12.96 -20.51
CA TRP G 37 79.68 -13.71 -21.25
C TRP G 37 79.71 -13.28 -22.71
N TYR G 38 80.91 -13.12 -23.24
CA TYR G 38 81.09 -12.70 -24.62
C TYR G 38 81.91 -13.70 -25.43
N GLN G 39 81.58 -13.80 -26.71
CA GLN G 39 82.35 -14.58 -27.67
C GLN G 39 82.98 -13.63 -28.68
N HIS G 40 84.29 -13.42 -28.60
CA HIS G 40 84.93 -12.44 -29.47
C HIS G 40 85.68 -13.09 -30.62
N HIS G 41 85.17 -12.88 -31.83
CA HIS G 41 85.78 -13.38 -33.05
C HIS G 41 86.78 -12.34 -33.56
N PRO G 42 88.07 -12.66 -33.66
CA PRO G 42 89.14 -11.77 -34.06
C PRO G 42 88.79 -11.05 -35.36
N GLY G 43 88.99 -9.74 -35.38
CA GLY G 43 88.71 -8.92 -36.54
C GLY G 43 87.29 -8.35 -36.52
N LYS G 44 86.46 -8.85 -35.60
CA LYS G 44 85.07 -8.42 -35.48
C LYS G 44 84.75 -7.87 -34.09
N ALA G 45 83.56 -7.30 -33.95
CA ALA G 45 83.07 -6.85 -32.67
C ALA G 45 82.83 -8.06 -31.75
N PRO G 46 83.01 -7.91 -30.42
CA PRO G 46 82.58 -8.84 -29.40
C PRO G 46 81.08 -9.04 -29.42
N LYS G 47 80.63 -10.28 -29.27
CA LYS G 47 79.20 -10.57 -29.23
C LYS G 47 78.76 -11.10 -27.87
N LEU G 48 77.63 -10.60 -27.38
CA LEU G 48 77.07 -11.08 -26.12
C LEU G 48 76.39 -12.43 -26.34
N MET G 49 76.78 -13.42 -25.55
CA MET G 49 76.22 -14.76 -25.69
C MET G 49 75.28 -15.09 -24.53
N ILE G 50 75.69 -14.71 -23.32
CA ILE G 50 74.90 -14.95 -22.12
C ILE G 50 74.89 -13.70 -21.24
N TYR G 51 73.75 -13.43 -20.63
CA TYR G 51 73.65 -12.30 -19.71
C TYR G 51 72.82 -12.65 -18.49
N GLU G 52 72.99 -11.87 -17.43
CA GLU G 52 72.29 -12.16 -16.19
C GLU G 52 72.52 -13.62 -15.82
N VAL G 53 73.80 -14.03 -15.89
CA VAL G 53 74.26 -15.36 -15.52
C VAL G 53 73.88 -16.47 -16.50
N SER G 54 72.59 -16.60 -16.83
CA SER G 54 72.15 -17.75 -17.62
C SER G 54 71.26 -17.46 -18.84
N ASN G 55 70.89 -16.21 -19.07
CA ASN G 55 69.94 -15.90 -20.16
C ASN G 55 70.63 -15.72 -21.50
N ARG G 56 69.92 -16.03 -22.58
CA ARG G 56 70.43 -15.80 -23.93
C ARG G 56 69.81 -14.54 -24.55
N PRO G 57 70.58 -13.75 -25.29
CA PRO G 57 70.17 -12.74 -26.24
C PRO G 57 69.56 -13.40 -27.46
N SER G 58 68.84 -12.63 -28.26
CA SER G 58 68.36 -13.13 -29.54
C SER G 58 69.54 -13.27 -30.49
N GLY G 59 69.42 -14.19 -31.44
CA GLY G 59 70.50 -14.43 -32.40
C GLY G 59 71.58 -15.31 -31.79
N VAL G 60 71.23 -16.02 -30.72
CA VAL G 60 72.17 -16.89 -30.02
C VAL G 60 71.67 -18.32 -29.98
N SER G 61 72.56 -19.25 -30.31
CA SER G 61 72.26 -20.67 -30.34
C SER G 61 71.92 -21.22 -28.96
N ASN G 62 70.99 -22.17 -28.92
CA ASN G 62 70.57 -22.79 -27.66
C ASN G 62 71.63 -23.72 -27.09
N ARG G 63 72.75 -23.83 -27.80
CA ARG G 63 73.89 -24.62 -27.33
C ARG G 63 74.63 -23.87 -26.24
N PHE G 64 74.34 -22.57 -26.11
CA PHE G 64 75.01 -21.73 -25.12
C PHE G 64 74.11 -21.45 -23.92
N SER G 65 74.62 -21.76 -22.74
CA SER G 65 73.89 -21.52 -21.50
C SER G 65 74.88 -21.21 -20.38
N GLY G 66 74.38 -20.93 -19.19
CA GLY G 66 75.28 -20.60 -18.09
C GLY G 66 74.63 -20.80 -16.73
N SER G 67 75.42 -20.65 -15.69
CA SER G 67 74.97 -20.86 -14.32
C SER G 67 75.91 -20.20 -13.31
N LYS G 68 75.48 -20.17 -12.05
CA LYS G 68 76.32 -19.64 -10.97
C LYS G 68 76.31 -20.57 -9.76
N SER G 69 77.43 -20.57 -9.04
CA SER G 69 77.54 -21.26 -7.76
C SER G 69 78.42 -20.44 -6.83
N GLY G 70 77.83 -19.90 -5.77
CA GLY G 70 78.57 -18.99 -4.90
C GLY G 70 78.91 -17.72 -5.67
N ASN G 71 80.20 -17.41 -5.76
CA ASN G 71 80.66 -16.22 -6.48
C ASN G 71 81.40 -16.59 -7.75
N THR G 72 81.14 -17.79 -8.26
CA THR G 72 81.76 -18.27 -9.49
C THR G 72 80.71 -18.54 -10.56
N ALA G 73 81.01 -18.11 -11.79
CA ALA G 73 80.10 -18.31 -12.91
C ALA G 73 80.72 -19.24 -13.94
N SER G 74 79.87 -19.96 -14.67
CA SER G 74 80.34 -20.86 -15.72
C SER G 74 79.54 -20.71 -17.01
N LEU G 75 80.25 -20.77 -18.13
CA LEU G 75 79.64 -20.80 -19.45
C LEU G 75 79.69 -22.21 -20.02
N THR G 76 78.52 -22.75 -20.39
CA THR G 76 78.45 -24.09 -20.93
C THR G 76 78.21 -24.09 -22.43
N ILE G 77 79.08 -24.76 -23.16
CA ILE G 77 78.96 -24.86 -24.61
C ILE G 77 78.77 -26.30 -25.05
N SER G 78 77.55 -26.65 -25.45
CA SER G 78 77.26 -28.01 -25.87
C SER G 78 77.43 -28.15 -27.37
N GLY G 79 77.65 -29.38 -27.84
CA GLY G 79 77.72 -29.62 -29.28
C GLY G 79 78.83 -28.79 -29.91
N LEU G 80 79.97 -28.72 -29.24
CA LEU G 80 81.07 -27.86 -29.68
C LEU G 80 81.30 -27.91 -31.18
N GLN G 81 81.33 -26.74 -31.81
CA GLN G 81 81.57 -26.63 -33.24
C GLN G 81 82.92 -26.01 -33.52
N ALA G 82 83.45 -26.27 -34.71
CA ALA G 82 84.71 -25.66 -35.14
C ALA G 82 84.55 -24.15 -35.32
N GLU G 83 83.29 -23.72 -35.41
CA GLU G 83 82.97 -22.31 -35.60
C GLU G 83 82.92 -21.56 -34.27
N ASP G 84 83.14 -22.28 -33.18
CA ASP G 84 83.09 -21.68 -31.85
C ASP G 84 84.45 -21.17 -31.40
N GLU G 85 85.44 -21.24 -32.28
CA GLU G 85 86.79 -20.81 -31.90
C GLU G 85 86.86 -19.29 -31.80
N ALA G 86 86.93 -18.81 -30.55
CA ALA G 86 86.90 -17.40 -30.25
C ALA G 86 87.49 -17.15 -28.87
N ASP G 87 87.79 -15.90 -28.57
CA ASP G 87 88.25 -15.52 -27.24
C ASP G 87 87.06 -15.17 -26.36
N TYR G 88 86.86 -15.92 -25.29
CA TYR G 88 85.70 -15.73 -24.44
C TYR G 88 86.03 -14.84 -23.25
N TYR G 89 85.15 -13.91 -22.95
CA TYR G 89 85.34 -13.01 -21.82
C TYR G 89 84.15 -13.00 -20.88
N CYS G 90 84.43 -12.82 -19.59
CA CYS G 90 83.41 -12.64 -18.57
C CYS G 90 83.40 -11.19 -18.06
N SER G 91 82.24 -10.72 -17.65
CA SER G 91 82.14 -9.40 -17.05
C SER G 91 81.12 -9.37 -15.92
N SER G 92 81.38 -8.56 -14.91
CA SER G 92 80.46 -8.41 -13.79
C SER G 92 80.60 -7.02 -13.14
N TYR G 93 79.64 -6.66 -12.29
CA TYR G 93 79.69 -5.37 -11.61
C TYR G 93 80.47 -5.48 -10.30
N THR G 94 81.08 -4.36 -9.91
CA THR G 94 81.71 -4.22 -8.60
C THR G 94 81.15 -2.98 -7.92
N SER G 95 81.73 -2.61 -6.77
CA SER G 95 81.16 -1.56 -5.93
C SER G 95 81.13 -0.16 -6.59
N SER G 96 82.07 0.12 -7.50
CA SER G 96 82.10 1.45 -8.14
C SER G 96 82.42 1.38 -9.63
N SER G 97 82.50 0.18 -10.18
CA SER G 97 82.88 0.01 -11.58
C SER G 97 82.51 -1.37 -12.10
N LEU G 98 82.74 -1.59 -13.39
CA LEU G 98 82.57 -2.92 -13.95
C LEU G 98 83.92 -3.46 -14.40
N LEU G 99 84.08 -4.78 -14.37
CA LEU G 99 85.33 -5.42 -14.78
C LEU G 99 85.13 -6.51 -15.81
N PHE G 100 86.17 -6.75 -16.60
CA PHE G 100 86.22 -7.87 -17.52
C PHE G 100 87.30 -8.87 -17.06
N GLY G 101 87.11 -10.14 -17.40
CA GLY G 101 88.08 -11.17 -17.04
C GLY G 101 89.28 -11.19 -17.99
N GLY G 102 90.25 -12.04 -17.67
CA GLY G 102 91.49 -12.14 -18.44
C GLY G 102 91.29 -12.59 -19.88
N GLY G 103 90.29 -13.44 -20.12
CA GLY G 103 90.01 -13.95 -21.45
C GLY G 103 90.49 -15.39 -21.62
N THR G 104 89.60 -16.24 -22.14
CA THR G 104 89.91 -17.64 -22.34
C THR G 104 89.94 -17.98 -23.82
N LYS G 105 91.05 -18.57 -24.28
CA LYS G 105 91.15 -18.97 -25.68
C LYS G 105 90.58 -20.36 -25.89
N LEU G 106 89.57 -20.48 -26.76
CA LEU G 106 88.99 -21.79 -27.04
C LEU G 106 89.52 -22.40 -28.34
N THR G 107 90.06 -23.61 -28.23
CA THR G 107 90.56 -24.35 -29.39
C THR G 107 89.75 -25.62 -29.60
N VAL G 108 89.32 -25.84 -30.83
CA VAL G 108 88.53 -27.02 -31.16
C VAL G 108 89.40 -28.05 -31.87
N LEU G 109 89.40 -29.27 -31.34
CA LEU G 109 90.27 -30.32 -31.87
C LEU G 109 89.71 -30.88 -33.17
N GLY G 110 90.60 -31.37 -34.04
CA GLY G 110 90.21 -31.97 -35.32
C GLY G 110 91.39 -32.67 -35.97
N ILE H 2 17.74 61.11 45.54
CA ILE H 2 18.84 60.69 46.42
C ILE H 2 19.45 61.91 47.10
N THR H 3 19.29 62.00 48.43
CA THR H 3 19.82 63.12 49.21
C THR H 3 20.33 62.65 50.57
N LEU H 4 21.38 63.31 51.07
CA LEU H 4 21.95 63.03 52.38
C LEU H 4 22.28 64.33 53.11
N LYS H 5 21.71 64.50 54.31
CA LYS H 5 21.91 65.70 55.10
C LYS H 5 22.72 65.41 56.36
N GLU H 6 23.62 66.32 56.71
CA GLU H 6 24.47 66.12 57.88
C GLU H 6 24.18 67.12 58.98
N SER H 7 24.28 66.65 60.23
CA SER H 7 24.10 67.51 61.39
C SER H 7 24.95 67.03 62.57
N GLY H 8 25.22 67.94 63.50
CA GLY H 8 25.99 67.61 64.70
C GLY H 8 26.76 68.82 65.19
N PRO H 9 27.63 68.65 66.19
CA PRO H 9 28.48 69.65 66.81
C PRO H 9 29.44 70.25 65.81
N THR H 10 29.70 71.55 65.93
CA THR H 10 30.67 72.22 65.08
C THR H 10 31.92 72.60 65.87
N LEU H 11 31.79 72.61 67.19
CA LEU H 11 32.89 72.93 68.09
C LEU H 11 33.08 71.84 69.13
N VAL H 12 34.28 71.26 69.18
CA VAL H 12 34.58 70.17 70.10
C VAL H 12 35.83 70.50 70.91
N LYS H 13 35.81 70.17 72.20
CA LYS H 13 36.97 70.41 73.04
C LYS H 13 37.96 69.24 72.91
N PRO H 14 39.25 69.45 73.15
CA PRO H 14 40.30 68.44 73.12
C PRO H 14 39.97 67.26 74.02
N THR H 15 40.29 66.07 73.52
CA THR H 15 40.11 64.78 74.17
C THR H 15 38.65 64.34 74.26
N GLN H 16 37.72 65.18 73.76
CA GLN H 16 36.31 64.83 73.81
C GLN H 16 35.93 64.02 72.56
N THR H 17 34.67 63.59 72.51
CA THR H 17 34.22 62.77 71.39
C THR H 17 33.29 63.53 70.45
N LEU H 18 33.54 63.37 69.16
CA LEU H 18 32.71 63.99 68.12
C LEU H 18 31.67 63.01 67.59
N THR H 19 30.41 63.41 67.62
CA THR H 19 29.34 62.57 67.06
C THR H 19 28.60 63.30 65.94
N LEU H 20 28.63 62.71 64.75
CA LEU H 20 27.93 63.27 63.60
C LEU H 20 26.87 62.31 63.07
N THR H 21 25.71 62.86 62.72
CA THR H 21 24.62 62.05 62.19
C THR H 21 24.26 62.43 60.76
N CYS H 22 24.17 61.43 59.88
CA CYS H 22 23.78 61.55 58.50
C CYS H 22 22.37 61.03 58.27
N THR H 23 21.46 61.85 57.82
CA THR H 23 20.10 61.42 57.56
C THR H 23 19.88 61.37 56.06
N PHE H 24 19.43 60.23 55.56
CA PHE H 24 19.30 60.09 54.12
C PHE H 24 17.89 59.73 53.70
N SER H 25 17.59 60.00 52.43
CA SER H 25 16.29 59.66 51.86
C SER H 25 16.41 59.45 50.36
N GLY H 26 15.39 58.81 49.79
CA GLY H 26 15.37 58.51 48.36
C GLY H 26 15.85 57.10 48.07
N PHE H 27 16.43 56.46 49.08
CA PHE H 27 16.94 55.10 48.93
C PHE H 27 16.98 54.35 50.25
N SER H 28 17.12 53.04 50.17
CA SER H 28 17.29 52.19 51.33
C SER H 28 18.74 51.73 51.44
N VAL H 29 19.28 51.70 52.66
CA VAL H 29 20.64 51.23 52.86
C VAL H 29 20.73 49.70 52.91
N THR H 30 19.62 49.06 53.28
CA THR H 30 19.63 47.62 53.46
C THR H 30 19.53 46.87 52.13
N THR H 31 20.41 47.21 51.19
CA THR H 31 20.44 46.54 49.89
C THR H 31 21.86 46.13 49.54
N SER H 32 21.98 45.03 48.80
CA SER H 32 23.29 44.52 48.41
C SER H 32 24.05 45.51 47.54
N GLY H 33 25.34 45.64 47.79
CA GLY H 33 26.19 46.50 46.98
C GLY H 33 26.15 47.96 47.44
N VAL H 34 25.35 48.27 48.45
CA VAL H 34 25.21 49.66 48.92
C VAL H 34 25.58 49.83 50.39
N GLY H 35 26.45 50.82 50.66
CA GLY H 35 26.80 51.18 52.02
C GLY H 35 26.84 52.70 52.18
N VAL H 36 27.14 53.16 53.39
CA VAL H 36 27.28 54.58 53.69
C VAL H 36 28.57 54.82 54.44
N GLY H 37 29.36 55.79 54.00
CA GLY H 37 30.63 56.06 54.67
C GLY H 37 30.87 57.53 54.92
N TRP H 38 31.93 57.81 55.67
CA TRP H 38 32.32 59.17 56.00
C TRP H 38 33.73 59.47 55.53
N ILE H 39 33.91 60.70 55.06
CA ILE H 39 35.20 61.20 54.59
C ILE H 39 35.41 62.60 55.17
N ARG H 40 36.65 62.98 55.44
CA ARG H 40 36.90 64.34 55.93
C ARG H 40 37.96 65.05 55.12
N GLN H 41 37.89 66.38 55.09
CA GLN H 41 38.89 67.17 54.39
C GLN H 41 39.39 68.34 55.24
N PRO H 42 40.56 68.20 55.89
CA PRO H 42 41.24 69.24 56.63
C PRO H 42 41.78 70.27 55.63
N PRO H 43 41.96 71.52 56.05
CA PRO H 43 42.34 72.64 55.21
C PRO H 43 43.69 72.41 54.55
N GLY H 44 43.72 72.63 53.23
CA GLY H 44 44.95 72.49 52.45
C GLY H 44 45.27 71.03 52.12
N LYS H 45 44.38 70.11 52.51
CA LYS H 45 44.62 68.68 52.31
C LYS H 45 43.57 68.01 51.44
N ALA H 46 43.86 66.79 51.03
CA ALA H 46 42.97 65.97 50.23
C ALA H 46 41.95 65.23 51.11
N LEU H 47 41.03 64.54 50.47
CA LEU H 47 39.98 63.79 51.17
C LEU H 47 40.55 62.59 51.90
N GLU H 48 40.15 62.41 53.15
CA GLU H 48 40.62 61.30 53.97
C GLU H 48 39.49 60.36 54.36
N TYR H 49 39.64 59.09 54.02
CA TYR H 49 38.65 58.08 54.38
C TYR H 49 38.61 57.84 55.87
N LEU H 50 37.42 57.80 56.45
CA LEU H 50 37.25 57.52 57.87
C LEU H 50 36.64 56.15 58.13
N ALA H 51 35.40 55.97 57.71
CA ALA H 51 34.68 54.73 58.04
C ALA H 51 33.61 54.40 57.02
N LEU H 52 33.27 53.11 56.94
CA LEU H 52 32.23 52.61 56.05
C LEU H 52 31.39 51.53 56.71
N ILE H 53 30.07 51.69 56.66
CA ILE H 53 29.19 50.65 57.16
C ILE H 53 28.36 50.06 56.02
N TYR H 54 28.34 48.74 55.95
CA TYR H 54 27.63 48.02 54.90
C TYR H 54 26.18 47.72 55.27
N TRP H 55 25.40 47.36 54.26
CA TRP H 55 24.00 47.02 54.41
C TRP H 55 23.74 45.92 55.43
N ASP H 56 24.74 45.05 55.63
CA ASP H 56 24.60 43.92 56.54
C ASP H 56 25.26 44.18 57.88
N ASP H 57 25.57 45.45 58.15
CA ASP H 57 26.15 45.89 59.41
C ASP H 57 27.62 45.51 59.56
N ASP H 58 28.28 45.13 58.45
CA ASP H 58 29.73 44.96 58.49
C ASP H 58 30.38 46.34 58.59
N LYS H 59 31.20 46.53 59.62
CA LYS H 59 31.79 47.82 59.90
C LYS H 59 33.28 47.86 59.62
N ARG H 60 33.70 48.76 58.73
CA ARG H 60 35.10 48.89 58.35
C ARG H 60 35.63 50.30 58.62
N TYR H 61 36.91 50.40 58.96
CA TYR H 61 37.51 51.69 59.32
C TYR H 61 38.88 51.91 58.70
N SER H 62 39.29 53.17 58.60
CA SER H 62 40.65 53.51 58.18
C SER H 62 41.63 52.87 59.16
N THR H 63 42.73 52.30 58.65
CA THR H 63 43.63 51.55 59.51
C THR H 63 44.28 52.42 60.58
N SER H 64 44.45 53.71 60.28
CA SER H 64 45.10 54.61 61.22
C SER H 64 44.13 55.14 62.29
N LEU H 65 42.83 55.01 62.05
CA LEU H 65 41.83 55.50 62.99
C LEU H 65 40.92 54.38 63.48
N LYS H 66 41.30 53.13 63.19
CA LYS H 66 40.47 51.98 63.53
C LYS H 66 40.09 51.95 65.01
N SER H 67 41.02 52.36 65.88
CA SER H 67 40.79 52.34 67.32
C SER H 67 40.02 53.55 67.82
N ARG H 68 39.82 54.55 66.96
CA ARG H 68 39.19 55.80 67.37
C ARG H 68 37.77 55.96 66.83
N LEU H 69 37.47 55.25 65.73
CA LEU H 69 36.17 55.39 65.08
C LEU H 69 35.22 54.23 65.38
N THR H 70 33.94 54.56 65.57
CA THR H 70 32.86 53.57 65.63
C THR H 70 31.70 54.05 64.78
N ILE H 71 31.16 53.17 63.94
CA ILE H 71 30.06 53.55 63.05
C ILE H 71 28.88 52.60 63.21
N THR H 72 27.70 53.16 63.36
CA THR H 72 26.48 52.37 63.50
C THR H 72 25.38 52.95 62.62
N LYS H 73 24.32 52.16 62.39
CA LYS H 73 23.20 52.64 61.59
C LYS H 73 21.85 52.28 62.18
N ASP H 74 20.86 53.14 61.93
CA ASP H 74 19.48 52.89 62.30
C ASP H 74 18.61 52.88 61.05
N THR H 75 18.18 51.68 60.64
CA THR H 75 17.47 51.52 59.38
C THR H 75 16.03 51.97 59.46
N SER H 76 15.55 52.24 60.68
CA SER H 76 14.17 52.65 60.87
C SER H 76 13.99 54.14 60.61
N LYS H 77 15.06 54.90 60.83
CA LYS H 77 15.02 56.35 60.64
C LYS H 77 15.90 56.80 59.49
N ASN H 78 16.48 55.85 58.77
CA ASN H 78 17.42 56.15 57.69
C ASN H 78 18.56 57.05 58.17
N GLN H 79 19.19 56.67 59.28
CA GLN H 79 20.30 57.48 59.80
C GLN H 79 21.57 56.65 60.03
N VAL H 80 22.72 57.28 59.77
CA VAL H 80 24.02 56.68 60.04
C VAL H 80 24.83 57.59 60.97
N VAL H 81 25.38 57.01 62.03
CA VAL H 81 26.10 57.79 63.02
C VAL H 81 27.56 57.37 63.18
N LEU H 82 28.45 58.34 63.07
CA LEU H 82 29.87 58.09 63.26
C LEU H 82 30.41 58.85 64.46
N THR H 83 31.08 58.13 65.35
CA THR H 83 31.69 58.78 66.51
C THR H 83 33.20 58.66 66.47
N MET H 84 33.87 59.77 66.73
CA MET H 84 35.33 59.81 66.75
C MET H 84 35.84 60.27 68.11
N THR H 85 36.53 59.37 68.80
CA THR H 85 36.99 59.65 70.17
C THR H 85 38.34 60.35 70.21
N ASN H 86 38.66 60.91 71.37
CA ASN H 86 39.95 61.55 71.64
C ASN H 86 40.32 62.60 70.61
N MET H 87 39.40 63.52 70.32
CA MET H 87 39.67 64.55 69.32
C MET H 87 40.87 65.41 69.68
N ASP H 88 41.79 65.56 68.73
CA ASP H 88 42.96 66.40 68.94
C ASP H 88 42.72 67.78 68.34
N PRO H 89 43.46 68.80 68.78
CA PRO H 89 43.50 70.15 68.23
C PRO H 89 43.78 70.16 66.72
N VAL H 90 44.41 69.10 66.23
CA VAL H 90 44.74 69.02 64.81
C VAL H 90 43.64 68.38 63.99
N ASP H 91 42.62 67.84 64.66
CA ASP H 91 41.51 67.19 63.98
C ASP H 91 40.44 68.19 63.58
N THR H 92 40.84 69.17 62.78
CA THR H 92 39.91 70.15 62.24
C THR H 92 39.71 69.92 60.76
N ALA H 93 38.48 69.65 60.38
CA ALA H 93 38.17 69.29 59.01
C ALA H 93 36.69 69.41 58.71
N THR H 94 36.35 69.45 57.43
CA THR H 94 34.96 69.33 57.03
C THR H 94 34.64 67.87 56.78
N TYR H 95 33.59 67.40 57.45
CA TYR H 95 33.20 66.00 57.35
C TYR H 95 32.10 65.84 56.31
N TYR H 96 32.17 64.75 55.55
CA TYR H 96 31.20 64.48 54.50
C TYR H 96 30.57 63.09 54.65
N CYS H 97 29.28 63.01 54.35
CA CYS H 97 28.53 61.76 54.26
C CYS H 97 28.29 61.46 52.77
N ALA H 98 28.59 60.22 52.36
CA ALA H 98 28.42 59.86 50.95
C ALA H 98 28.07 58.37 50.82
N ARG H 99 27.41 58.03 49.70
CA ARG H 99 27.03 56.65 49.44
C ARG H 99 28.18 55.88 48.84
N HIS H 100 28.40 54.66 49.31
CA HIS H 100 29.50 53.84 48.85
C HIS H 100 29.04 52.64 48.02
N THR H 101 29.62 52.49 46.84
CA THR H 101 29.37 51.35 45.97
C THR H 101 30.69 50.83 45.41
N ILE H 102 30.63 49.72 44.68
CA ILE H 102 31.84 49.13 44.12
C ILE H 102 32.38 49.80 42.85
N PRO H 103 31.57 50.00 41.78
CA PRO H 103 31.98 50.66 40.54
C PRO H 103 32.31 52.13 40.77
N SER H 104 31.79 52.67 41.87
CA SER H 104 32.03 54.05 42.27
C SER H 104 32.22 54.12 43.78
N ILE H 105 33.42 54.47 44.21
CA ILE H 105 33.77 54.39 45.62
C ILE H 105 32.86 55.27 46.49
N PHE H 106 32.69 56.53 46.10
CA PHE H 106 31.70 57.39 46.76
C PHE H 106 30.96 58.28 45.79
N ASP H 107 29.68 58.51 46.06
CA ASP H 107 28.89 59.46 45.28
C ASP H 107 27.80 60.10 46.13
N TYR H 108 27.05 61.01 45.54
CA TYR H 108 25.98 61.70 46.24
C TYR H 108 26.49 62.30 47.54
N TRP H 109 27.60 63.03 47.44
CA TRP H 109 28.23 63.64 48.60
C TRP H 109 27.36 64.75 49.16
N GLY H 110 27.28 64.84 50.48
CA GLY H 110 26.56 65.93 51.12
C GLY H 110 27.43 67.18 51.13
N GLN H 111 26.86 68.30 51.56
CA GLN H 111 27.60 69.56 51.57
C GLN H 111 28.70 69.54 52.63
N GLY H 112 28.47 68.78 53.70
CA GLY H 112 29.49 68.60 54.73
C GLY H 112 29.31 69.53 55.91
N ILE H 113 29.88 69.14 57.04
CA ILE H 113 29.84 69.91 58.28
C ILE H 113 31.24 70.22 58.76
N LEU H 114 31.51 71.48 59.06
CA LEU H 114 32.83 71.87 59.51
C LEU H 114 32.98 71.76 61.02
N VAL H 115 33.96 70.96 61.44
CA VAL H 115 34.20 70.75 62.86
C VAL H 115 35.59 71.24 63.25
N THR H 116 35.64 72.10 64.26
CA THR H 116 36.88 72.65 64.78
C THR H 116 37.11 72.22 66.21
N VAL H 117 38.33 71.82 66.52
CA VAL H 117 38.65 71.42 67.88
C VAL H 117 39.40 72.54 68.62
N SER H 118 38.83 72.97 69.75
CA SER H 118 39.36 74.06 70.55
C SER H 118 38.62 74.13 71.89
N PRO I 2 52.09 52.91 48.91
CA PRO I 2 50.64 52.79 49.04
C PRO I 2 49.97 54.16 49.07
N VAL I 3 50.46 55.09 48.24
CA VAL I 3 49.89 56.44 48.12
C VAL I 3 49.60 56.78 46.66
N LEU I 4 48.43 57.37 46.42
CA LEU I 4 48.11 57.83 45.08
C LEU I 4 48.79 59.17 44.83
N THR I 5 49.54 59.25 43.73
CA THR I 5 50.32 60.46 43.43
C THR I 5 49.73 61.26 42.28
N GLN I 6 49.60 62.57 42.50
CA GLN I 6 49.06 63.50 41.51
C GLN I 6 49.97 64.72 41.38
N PRO I 7 49.93 65.44 40.25
CA PRO I 7 50.56 66.72 40.00
C PRO I 7 49.92 67.80 40.85
N ALA I 8 50.70 68.81 41.21
CA ALA I 8 50.18 69.90 42.04
C ALA I 8 49.07 70.67 41.32
N SER I 9 49.25 70.87 40.02
CA SER I 9 48.27 71.63 39.25
C SER I 9 48.30 71.27 37.77
N VAL I 10 47.24 71.64 37.08
CA VAL I 10 47.11 71.48 35.64
C VAL I 10 46.62 72.78 35.04
N SER I 11 47.09 73.12 33.84
CA SER I 11 46.65 74.35 33.22
C SER I 11 46.66 74.28 31.69
N GLY I 12 45.93 75.19 31.06
CA GLY I 12 45.89 75.30 29.61
C GLY I 12 44.85 76.33 29.17
N SER I 13 44.86 76.65 27.89
CA SER I 13 43.92 77.60 27.31
C SER I 13 42.52 77.02 27.27
N PRO I 14 41.48 77.85 27.38
CA PRO I 14 40.09 77.48 27.25
C PRO I 14 39.82 77.01 25.83
N GLY I 15 39.01 75.97 25.71
CA GLY I 15 38.67 75.40 24.42
C GLY I 15 39.63 74.26 24.07
N GLN I 16 40.72 74.15 24.81
CA GLN I 16 41.72 73.13 24.55
C GLN I 16 41.56 71.95 25.49
N SER I 17 42.36 70.91 25.29
CA SER I 17 42.29 69.74 26.15
C SER I 17 43.46 69.67 27.11
N ILE I 18 43.15 69.31 28.35
CA ILE I 18 44.18 69.10 29.37
C ILE I 18 44.03 67.73 30.01
N THR I 19 45.07 67.28 30.69
CA THR I 19 45.04 65.97 31.34
C THR I 19 45.46 66.05 32.81
N ILE I 20 44.68 65.38 33.65
CA ILE I 20 45.00 65.23 35.06
C ILE I 20 45.32 63.77 35.36
N SER I 21 46.54 63.50 35.81
CA SER I 21 46.96 62.13 36.01
C SER I 21 46.97 61.72 37.48
N CYS I 22 46.86 60.41 37.73
CA CYS I 22 46.94 59.80 39.06
C CYS I 22 47.57 58.42 38.97
N THR I 23 48.71 58.25 39.63
CA THR I 23 49.45 56.99 39.54
C THR I 23 49.55 56.28 40.88
N ALA I 24 49.31 54.98 40.88
CA ALA I 24 49.46 54.17 42.09
C ALA I 24 50.92 53.89 42.34
N THR I 25 51.29 53.73 43.61
CA THR I 25 52.67 53.46 43.98
C THR I 25 52.81 52.12 44.71
N SER I 26 51.81 51.27 44.56
CA SER I 26 51.82 49.98 45.24
C SER I 26 51.03 48.93 44.48
N SER I 27 51.24 47.68 44.84
CA SER I 27 50.50 46.56 44.25
C SER I 27 49.24 46.23 45.05
N ASP I 28 49.01 46.97 46.13
CA ASP I 28 47.85 46.75 46.99
C ASP I 28 46.55 47.08 46.26
N VAL I 29 46.67 47.85 45.18
CA VAL I 29 45.52 48.23 44.37
C VAL I 29 45.02 47.07 43.52
N GLY I 30 45.85 46.04 43.37
CA GLY I 30 45.47 44.88 42.60
C GLY I 30 45.18 45.26 41.15
N ASN I 31 43.97 44.97 40.70
CA ASN I 31 43.56 45.25 39.33
C ASN I 31 43.45 46.74 39.03
N TYR I 32 43.37 47.57 40.07
CA TYR I 32 43.29 49.01 39.90
C TYR I 32 42.25 49.37 38.83
N ASN I 33 41.11 48.68 38.86
CA ASN I 33 40.08 48.86 37.84
C ASN I 33 38.83 49.55 38.37
N TYR I 34 38.96 50.22 39.51
CA TYR I 34 37.83 50.92 40.10
C TYR I 34 38.22 52.34 40.46
N VAL I 35 38.81 53.02 39.49
CA VAL I 35 39.29 54.37 39.72
C VAL I 35 38.17 55.39 39.55
N SER I 36 38.02 56.24 40.55
CA SER I 36 37.00 57.29 40.53
C SER I 36 37.64 58.67 40.48
N TRP I 37 37.03 59.58 39.75
CA TRP I 37 37.50 60.96 39.69
C TRP I 37 36.44 61.93 40.15
N TYR I 38 36.87 62.93 40.92
CA TYR I 38 35.95 63.92 41.45
C TYR I 38 36.35 65.34 41.06
N GLN I 39 35.35 66.19 40.90
CA GLN I 39 35.55 67.63 40.69
C GLN I 39 35.00 68.39 41.88
N HIS I 40 35.88 68.96 42.70
CA HIS I 40 35.43 69.61 43.92
C HIS I 40 35.45 71.14 43.83
N HIS I 41 34.26 71.73 43.89
CA HIS I 41 34.11 73.17 43.86
C HIS I 41 34.04 73.69 45.31
N PRO I 42 34.97 74.55 45.74
CA PRO I 42 35.08 75.07 47.08
C PRO I 42 33.73 75.63 47.56
N GLY I 43 33.36 75.26 48.78
CA GLY I 43 32.09 75.70 49.36
C GLY I 43 30.96 74.72 49.08
N LYS I 44 31.21 73.75 48.19
CA LYS I 44 30.21 72.77 47.80
C LYS I 44 30.69 71.34 48.04
N ALA I 45 29.77 70.39 47.89
CA ALA I 45 30.11 68.97 47.94
C ALA I 45 30.97 68.61 46.72
N PRO I 46 31.89 67.63 46.85
CA PRO I 46 32.59 66.97 45.77
C PRO I 46 31.61 66.27 44.84
N LYS I 47 31.83 66.39 43.54
CA LYS I 47 30.97 65.72 42.55
C LYS I 47 31.72 64.62 41.81
N LEU I 48 31.05 63.49 41.59
CA LEU I 48 31.65 62.40 40.83
C LEU I 48 31.56 62.70 39.34
N MET I 49 32.71 62.64 38.65
CA MET I 49 32.75 62.95 37.23
C MET I 49 32.96 61.69 36.41
N ILE I 50 33.85 60.82 36.90
CA ILE I 50 34.17 59.56 36.22
C ILE I 50 34.25 58.43 37.25
N TYR I 51 33.76 57.25 36.88
CA TYR I 51 33.86 56.10 37.75
C TYR I 51 34.23 54.85 36.95
N GLU I 52 34.74 53.84 37.64
CA GLU I 52 35.16 52.63 36.95
C GLU I 52 36.08 53.00 35.79
N VAL I 53 37.07 53.85 36.09
CA VAL I 53 38.11 54.27 35.15
C VAL I 53 37.64 55.25 34.08
N SER I 54 36.60 54.88 33.31
CA SER I 54 36.21 55.70 32.16
C SER I 54 34.73 56.05 32.03
N ASN I 55 33.88 55.57 32.93
CA ASN I 55 32.44 55.77 32.77
C ASN I 55 31.96 57.10 33.36
N ARG I 56 30.98 57.73 32.70
CA ARG I 56 30.37 58.94 33.23
C ARG I 56 29.10 58.60 34.03
N PRO I 57 28.88 59.28 35.16
CA PRO I 57 27.63 59.41 35.89
C PRO I 57 26.65 60.25 35.09
N SER I 58 25.38 60.19 35.45
CA SER I 58 24.41 61.11 34.87
C SER I 58 24.66 62.51 35.40
N GLY I 59 24.29 63.52 34.62
CA GLY I 59 24.50 64.90 35.03
C GLY I 59 25.94 65.35 34.76
N VAL I 60 26.64 64.61 33.91
CA VAL I 60 28.04 64.89 33.59
C VAL I 60 28.24 65.09 32.09
N SER I 61 28.96 66.16 31.75
CA SER I 61 29.23 66.53 30.36
C SER I 61 30.08 65.47 29.64
N ASN I 62 29.83 65.32 28.33
CA ASN I 62 30.56 64.35 27.51
C ASN I 62 31.98 64.85 27.23
N ARG I 63 32.30 66.02 27.73
CA ARG I 63 33.65 66.57 27.60
C ARG I 63 34.58 65.84 28.56
N PHE I 64 34.01 65.10 29.51
CA PHE I 64 34.78 64.39 30.51
C PHE I 64 34.86 62.90 30.23
N SER I 65 36.08 62.37 30.15
CA SER I 65 36.31 60.95 29.93
C SER I 65 37.59 60.50 30.63
N GLY I 66 37.90 59.21 30.56
CA GLY I 66 39.09 58.71 31.23
C GLY I 66 39.58 57.40 30.64
N SER I 67 40.74 56.96 31.11
CA SER I 67 41.39 55.74 30.63
C SER I 67 42.43 55.24 31.62
N LYS I 68 42.93 54.03 31.38
CA LYS I 68 43.99 53.44 32.22
C LYS I 68 45.12 52.87 31.37
N SER I 69 46.33 52.93 31.91
CA SER I 69 47.50 52.27 31.33
C SER I 69 48.38 51.72 32.43
N GLY I 70 48.46 50.40 32.54
CA GLY I 70 49.18 49.79 33.64
C GLY I 70 48.46 50.09 34.95
N ASN I 71 49.17 50.73 35.88
CA ASN I 71 48.59 51.08 37.18
C ASN I 71 48.42 52.59 37.32
N THR I 72 48.34 53.28 36.18
CA THR I 72 48.15 54.72 36.16
C THR I 72 46.86 55.09 35.44
N ALA I 73 46.11 56.02 36.02
CA ALA I 73 44.85 56.46 35.44
C ALA I 73 44.95 57.92 35.00
N SER I 74 44.18 58.28 33.99
CA SER I 74 44.15 59.65 33.50
C SER I 74 42.73 60.16 33.27
N LEU I 75 42.50 61.40 33.68
CA LEU I 75 41.24 62.10 33.43
C LEU I 75 41.43 63.12 32.30
N THR I 76 40.63 63.00 31.27
CA THR I 76 40.72 63.89 30.13
C THR I 76 39.60 64.90 30.11
N ILE I 77 39.95 66.18 30.06
CA ILE I 77 38.95 67.23 30.00
C ILE I 77 39.09 68.03 28.71
N SER I 78 38.19 67.79 27.77
CA SER I 78 38.25 68.46 26.48
C SER I 78 37.38 69.70 26.49
N GLY I 79 37.64 70.64 25.57
CA GLY I 79 36.81 71.82 25.46
C GLY I 79 36.83 72.61 26.77
N LEU I 80 38.01 72.73 27.37
CA LEU I 80 38.15 73.31 28.69
C LEU I 80 37.40 74.63 28.84
N GLN I 81 36.60 74.72 29.89
CA GLN I 81 35.82 75.92 30.17
C GLN I 81 36.33 76.62 31.42
N ALA I 82 36.03 77.91 31.55
CA ALA I 82 36.37 78.67 32.75
C ALA I 82 35.59 78.14 33.96
N GLU I 83 34.54 77.37 33.68
CA GLU I 83 33.70 76.80 34.72
C GLU I 83 34.26 75.49 35.25
N ASP I 84 35.39 75.05 34.69
CA ASP I 84 36.01 73.79 35.09
C ASP I 84 37.07 74.00 36.15
N GLU I 85 37.17 75.22 36.68
CA GLU I 85 38.18 75.51 37.71
C GLU I 85 37.76 74.93 39.04
N ALA I 86 38.40 73.83 39.40
CA ALA I 86 38.07 73.07 40.60
C ALA I 86 39.26 72.22 41.02
N ASP I 87 39.22 71.69 42.23
CA ASP I 87 40.23 70.76 42.69
C ASP I 87 39.82 69.34 42.37
N TYR I 88 40.62 68.67 41.54
CA TYR I 88 40.27 67.32 41.11
C TYR I 88 40.96 66.26 41.95
N TYR I 89 40.21 65.22 42.30
CA TYR I 89 40.75 64.15 43.12
C TYR I 89 40.53 62.78 42.47
N CYS I 90 41.47 61.86 42.70
CA CYS I 90 41.35 60.47 42.27
C CYS I 90 41.16 59.57 43.48
N SER I 91 40.52 58.43 43.26
CA SER I 91 40.34 57.47 44.34
C SER I 91 40.34 56.03 43.83
N SER I 92 40.95 55.15 44.60
CA SER I 92 41.04 53.73 44.24
C SER I 92 41.05 52.84 45.48
N TYR I 93 40.81 51.54 45.27
CA TYR I 93 40.83 50.56 46.35
C TYR I 93 42.24 50.05 46.62
N THR I 94 42.50 49.71 47.89
CA THR I 94 43.71 48.99 48.27
C THR I 94 43.31 47.72 49.02
N SER I 95 44.28 46.97 49.51
CA SER I 95 44.03 45.65 50.09
C SER I 95 43.07 45.64 51.29
N SER I 96 43.05 46.71 52.08
CA SER I 96 42.19 46.73 53.28
C SER I 96 41.46 48.05 53.49
N SER I 97 41.58 48.96 52.54
CA SER I 97 41.01 50.30 52.67
C SER I 97 40.87 50.96 51.30
N LEU I 98 40.41 52.21 51.31
CA LEU I 98 40.36 52.99 50.09
C LEU I 98 41.13 54.30 50.27
N LEU I 99 41.75 54.79 49.20
CA LEU I 99 42.54 56.02 49.28
C LEU I 99 42.10 57.09 48.30
N PHE I 100 42.37 58.34 48.66
CA PHE I 100 42.20 59.47 47.77
C PHE I 100 43.56 60.05 47.41
N GLY I 101 43.66 60.66 46.24
CA GLY I 101 44.92 61.27 45.80
C GLY I 101 45.13 62.64 46.43
N GLY I 102 46.30 63.21 46.18
CA GLY I 102 46.69 64.51 46.76
C GLY I 102 45.82 65.67 46.30
N GLY I 103 45.32 65.60 45.06
CA GLY I 103 44.49 66.66 44.51
C GLY I 103 45.25 67.53 43.52
N THR I 104 44.62 67.79 42.38
CA THR I 104 45.23 68.62 41.34
C THR I 104 44.41 69.89 41.13
N LYS I 105 45.05 71.04 41.27
CA LYS I 105 44.36 72.32 41.09
C LYS I 105 44.34 72.74 39.62
N LEU I 106 43.15 72.93 39.06
CA LEU I 106 43.05 73.34 37.66
C LEU I 106 42.92 74.85 37.53
N THR I 107 43.69 75.41 36.60
CA THR I 107 43.61 76.83 36.28
C THR I 107 43.36 77.04 34.79
N VAL I 108 42.38 77.88 34.48
CA VAL I 108 42.08 78.19 33.08
C VAL I 108 42.72 79.52 32.71
N LEU I 109 43.52 79.50 31.65
CA LEU I 109 44.27 80.69 31.25
C LEU I 109 43.37 81.70 30.55
N GLY I 110 43.67 83.00 30.74
CA GLY I 110 42.93 84.08 30.09
C GLY I 110 43.07 85.38 30.88
C1 NAG J . -38.92 -4.38 -56.83
C2 NAG J . -38.99 -4.29 -58.39
C3 NAG J . -37.56 -4.33 -58.97
C4 NAG J . -36.75 -3.18 -58.34
C5 NAG J . -36.73 -3.34 -56.78
C6 NAG J . -35.92 -2.24 -56.09
C7 NAG J . -40.86 -5.28 -59.58
C8 NAG J . -41.58 -6.48 -60.13
N2 NAG J . -39.72 -5.43 -58.91
O3 NAG J . -37.69 -4.21 -60.38
O4 NAG J . -35.39 -3.23 -58.90
O5 NAG J . -38.10 -3.32 -56.29
O6 NAG J . -36.46 -0.93 -56.32
O7 NAG J . -41.32 -4.14 -59.77
C1 NAG J . -35.05 -2.01 -59.74
C2 NAG J . -33.51 -1.94 -59.94
C3 NAG J . -33.19 -0.71 -60.77
C4 NAG J . -33.96 -0.74 -62.11
C5 NAG J . -35.47 -0.82 -61.79
C6 NAG J . -36.31 -0.79 -63.04
C7 NAG J . -32.26 -2.82 -58.04
C8 NAG J . -31.62 -2.68 -56.69
N2 NAG J . -32.88 -1.79 -58.60
O3 NAG J . -31.78 -0.67 -61.06
O4 NAG J . -33.69 0.46 -62.82
O5 NAG J . -35.75 -2.04 -61.01
O6 NAG J . -36.24 -2.00 -63.79
O7 NAG J . -32.19 -3.91 -58.64
C1 NAG K . -29.64 -5.11 43.57
C2 NAG K . -30.82 -5.29 44.59
C3 NAG K . -31.57 -6.58 44.23
C4 NAG K . -32.10 -6.46 42.78
C5 NAG K . -30.90 -6.23 41.83
C6 NAG K . -31.35 -6.05 40.38
C7 NAG K . -30.73 -4.70 46.94
C8 NAG K . -30.15 -4.85 48.32
N2 NAG K . -30.25 -5.42 45.94
O3 NAG K . -32.66 -6.77 45.14
O4 NAG K . -32.77 -7.67 42.43
O5 NAG K . -30.17 -5.04 42.23
O6 NAG K . -30.26 -6.25 39.49
O7 NAG K . -31.67 -3.91 46.76
C1 NAG L . -10.55 28.70 52.96
C2 NAG L . -10.50 29.81 54.07
C3 NAG L . -9.51 30.90 53.63
C4 NAG L . -8.12 30.25 53.45
C5 NAG L . -8.23 29.14 52.38
C6 NAG L . -6.89 28.45 52.16
C7 NAG L . -12.43 30.50 55.39
C8 NAG L . -13.78 31.14 55.53
N2 NAG L . -11.84 30.42 54.21
O3 NAG L . -9.44 31.92 54.63
O4 NAG L . -7.22 31.26 53.00
O5 NAG L . -9.23 28.14 52.78
O6 NAG L . -6.55 27.60 53.27
O7 NAG L . -11.86 30.06 56.41
C1 NAG M . 8.19 14.11 47.04
C2 NAG M . 9.50 13.28 47.19
C3 NAG M . 10.23 13.28 45.84
C4 NAG M . 9.30 12.66 44.78
C5 NAG M . 8.02 13.52 44.70
C6 NAG M . 7.03 12.96 43.69
C7 NAG M . 10.50 13.38 49.41
C8 NAG M . 11.36 14.06 50.45
N2 NAG M . 10.34 13.93 48.21
O3 NAG M . 11.43 12.49 45.96
O4 NAG M . 9.98 12.65 43.52
O5 NAG M . 7.36 13.55 46.01
O6 NAG M . 5.93 13.85 43.51
O7 NAG M . 9.94 12.32 49.69
C1 NAG N . 0.30 2.93 39.36
C2 NAG N . 1.77 3.45 39.51
C3 NAG N . 2.62 2.91 38.35
C4 NAG N . 2.56 1.36 38.36
C5 NAG N . 1.09 0.93 38.24
C6 NAG N . 0.94 -0.59 38.28
C7 NAG N . 1.87 5.65 40.57
C8 NAG N . 1.87 7.14 40.48
N2 NAG N . 1.77 4.92 39.46
O3 NAG N . 3.97 3.34 38.49
O4 NAG N . 3.34 0.86 37.28
O5 NAG N . 0.30 1.48 39.33
O6 NAG N . -0.35 -1.00 37.84
O7 NAG N . 1.99 5.09 41.66
C1 NAG O . -32.81 26.68 23.71
C2 NAG O . -34.15 25.89 23.94
C3 NAG O . -35.32 26.86 23.72
C4 NAG O . -35.19 28.05 24.68
C5 NAG O . -33.86 28.76 24.40
C6 NAG O . -33.66 29.96 25.31
C7 NAG O . -34.55 23.56 23.34
C8 NAG O . -34.73 22.47 22.33
N2 NAG O . -34.27 24.80 22.95
O3 NAG O . -36.55 26.17 23.94
O4 NAG O . -36.29 28.94 24.50
O5 NAG O . -32.75 27.82 24.60
O6 NAG O . -32.58 30.78 24.86
O7 NAG O . -34.67 23.29 24.55
C1 NAG P . 4.27 -36.61 32.06
C2 NAG P . 3.24 -37.11 33.16
C3 NAG P . 3.35 -38.63 33.30
C4 NAG P . 3.05 -39.26 31.92
C5 NAG P . 4.08 -38.72 30.89
C6 NAG P . 3.83 -39.29 29.51
C7 NAG P . 2.66 -35.81 35.15
C8 NAG P . 3.03 -35.15 36.44
N2 NAG P . 3.58 -36.46 34.44
O3 NAG P . 2.40 -39.09 34.26
O4 NAG P . 3.17 -40.69 32.03
O5 NAG P . 3.99 -37.27 30.82
O6 NAG P . 4.99 -39.17 28.70
O7 NAG P . 1.49 -35.73 34.73
C1 NAG Q . 26.69 -17.66 33.13
C2 NAG Q . 25.16 -17.96 33.29
C3 NAG Q . 24.51 -16.74 33.97
C4 NAG Q . 25.18 -16.51 35.34
C5 NAG Q . 26.69 -16.27 35.12
C6 NAG Q . 27.44 -16.09 36.43
C7 NAG Q . 23.63 -19.05 31.77
C8 NAG Q . 23.03 -19.25 30.41
N2 NAG Q . 24.57 -18.14 31.96
O3 NAG Q . 23.11 -16.99 34.16
O4 NAG Q . 24.60 -15.36 35.96
O5 NAG Q . 27.28 -17.42 34.43
O6 NAG Q . 27.24 -17.19 37.31
O7 NAG Q . 23.22 -19.75 32.72
C1 NAG R . -48.67 8.15 18.97
C2 NAG R . -48.52 9.05 17.70
C3 NAG R . -49.24 10.37 17.98
C4 NAG R . -50.73 10.09 18.28
C5 NAG R . -50.81 9.15 19.51
C6 NAG R . -52.25 8.76 19.83
C7 NAG R . -46.39 8.61 16.59
C8 NAG R . -44.93 8.91 16.38
N2 NAG R . -47.09 9.32 17.48
O3 NAG R . -49.13 11.23 16.83
O4 NAG R . -51.40 11.32 18.56
O5 NAG R . -50.08 7.92 19.25
O6 NAG R . -52.36 8.22 21.14
O7 NAG R . -46.93 7.73 15.93
C1 NAG S . -34.84 -30.11 20.36
C2 NAG S . -35.21 -30.43 18.87
C3 NAG S . -36.25 -31.57 18.88
C4 NAG S . -35.64 -32.80 19.62
C5 NAG S . -35.28 -32.38 21.06
C6 NAG S . -34.63 -33.52 21.84
C7 NAG S . -35.16 -28.51 17.35
C8 NAG S . -35.80 -27.32 16.71
N2 NAG S . -35.83 -29.25 18.25
O3 NAG S . -36.55 -31.92 17.53
O4 NAG S . -36.61 -33.84 19.64
O5 NAG S . -34.33 -31.27 21.03
O6 NAG S . -34.49 -33.20 23.21
O7 NAG S . -34.00 -28.82 17.03
C1 NAG T . -53.64 -26.34 19.80
C2 NAG T . -53.98 -27.21 21.06
C3 NAG T . -52.98 -28.39 21.06
C4 NAG T . -53.13 -29.19 19.75
C5 NAG T . -52.86 -28.25 18.54
C6 NAG T . -53.11 -28.96 17.21
C7 NAG T . -54.82 -25.79 22.85
C8 NAG T . -54.61 -24.94 24.07
N2 NAG T . -53.79 -26.37 22.25
O3 NAG T . -53.26 -29.23 22.18
O4 NAG T . -52.18 -30.25 19.74
O5 NAG T . -53.78 -27.12 18.59
O6 NAG T . -52.40 -28.33 16.14
O7 NAG T . -55.97 -25.96 22.41
C1 NAG U . -74.79 -34.31 -13.41
C2 NAG U . -75.87 -35.23 -14.09
C3 NAG U . -76.50 -36.08 -12.98
C4 NAG U . -75.40 -36.93 -12.29
C5 NAG U . -74.32 -35.97 -11.71
C6 NAG U . -73.14 -36.76 -11.15
C7 NAG U . -76.75 -33.99 -15.99
C8 NAG U . -77.79 -33.10 -16.62
N2 NAG U . -76.87 -34.35 -14.71
O3 NAG U . -77.48 -36.96 -13.54
O4 NAG U . -75.98 -37.66 -11.23
O5 NAG U . -73.79 -35.12 -12.76
O6 NAG U . -72.32 -35.92 -10.34
O7 NAG U . -75.81 -34.40 -16.67
C1 NAG V . -78.15 -2.54 -9.16
C2 NAG V . -79.70 -2.53 -8.93
C3 NAG V . -80.14 -1.08 -8.75
C4 NAG V . -79.37 -0.46 -7.55
C5 NAG V . -77.85 -0.54 -7.85
C6 NAG V . -77.04 -0.01 -6.69
C7 NAG V . -80.80 -4.37 -10.09
C8 NAG V . -81.49 -4.93 -11.29
N2 NAG V . -80.36 -3.10 -10.09
O3 NAG V . -81.54 -1.04 -8.49
O4 NAG V . -79.77 0.90 -7.40
O5 NAG V . -77.46 -1.93 -8.06
O6 NAG V . -75.68 0.21 -7.07
O7 NAG V . -80.64 -5.08 -9.08
C1 NAG W . -67.98 17.88 -10.05
C2 NAG W . -69.23 18.77 -9.75
C3 NAG W . -68.77 19.94 -8.88
C4 NAG W . -68.14 19.41 -7.58
C5 NAG W . -66.94 18.51 -7.95
C6 NAG W . -66.29 17.89 -6.72
C7 NAG W . -71.04 19.37 -11.26
C8 NAG W . -71.55 19.93 -12.55
N2 NAG W . -69.74 19.29 -11.03
O3 NAG W . -69.89 20.78 -8.56
O4 NAG W . -67.69 20.50 -6.79
O5 NAG W . -67.39 17.42 -8.81
O6 NAG W . -64.97 17.44 -7.01
O7 NAG W . -71.85 19.01 -10.38
C1 NAG X . -76.18 -21.26 -6.54
C2 NAG X . -76.35 -20.42 -5.23
C3 NAG X . -75.15 -20.73 -4.31
C4 NAG X . -75.12 -22.24 -4.01
C5 NAG X . -74.97 -23.00 -5.35
C6 NAG X . -74.96 -24.50 -5.15
C7 NAG X . -77.47 -18.31 -5.72
C8 NAG X . -77.41 -16.85 -6.07
N2 NAG X . -76.33 -19.00 -5.58
O3 NAG X . -75.32 -20.00 -3.09
O4 NAG X . -74.01 -22.53 -3.17
O5 NAG X . -76.09 -22.66 -6.23
O6 NAG X . -74.73 -25.18 -6.38
O7 NAG X . -78.55 -18.86 -5.54
C1 NAG Y . -90.36 -17.40 -17.09
C2 NAG Y . -91.42 -17.41 -15.94
C3 NAG Y . -92.81 -17.36 -16.58
C4 NAG Y . -92.94 -16.08 -17.43
C5 NAG Y . -91.83 -16.12 -18.53
C6 NAG Y . -91.85 -14.87 -19.38
C7 NAG Y . -91.00 -18.65 -13.89
C8 NAG Y . -90.84 -19.95 -13.13
N2 NAG Y . -91.27 -18.66 -15.18
O3 NAG Y . -93.81 -17.33 -15.54
O4 NAG Y . -94.23 -16.06 -18.06
O5 NAG Y . -90.51 -16.21 -17.90
O6 NAG Y . -91.61 -13.70 -18.60
O7 NAG Y . -90.84 -17.57 -13.28
C1 NAG Z . -86.56 -34.75 -27.33
C2 NAG Z . -87.35 -35.68 -28.32
C3 NAG Z . -86.79 -37.10 -28.15
C4 NAG Z . -85.29 -37.10 -28.48
C5 NAG Z . -84.56 -36.12 -27.52
C6 NAG Z . -83.08 -36.03 -27.85
C7 NAG Z . -89.70 -35.56 -28.87
C8 NAG Z . -91.15 -35.58 -28.49
N2 NAG Z . -88.77 -35.68 -27.93
O3 NAG Z . -87.49 -37.99 -29.04
O4 NAG Z . -84.78 -38.42 -28.27
O5 NAG Z . -85.15 -34.79 -27.65
O6 NAG Z . -82.34 -35.58 -26.72
O7 NAG Z . -89.39 -35.44 -30.07
C1 NAG AA . 2.09 39.40 -20.04
C2 NAG AA . 2.16 40.61 -21.04
C3 NAG AA . 0.82 41.37 -20.96
C4 NAG AA . -0.31 40.41 -21.35
C5 NAG AA . -0.30 39.20 -20.38
C6 NAG AA . -1.36 38.17 -20.73
C7 NAG AA . 3.99 42.09 -21.60
C8 NAG AA . 5.12 43.00 -21.22
N2 NAG AA . 3.27 41.49 -20.65
O3 NAG AA . 0.86 42.47 -21.89
O4 NAG AA . -1.56 41.08 -21.26
O5 NAG AA . 1.01 38.53 -20.41
O6 NAG AA . -1.37 37.84 -22.11
O7 NAG AA . 3.73 41.89 -22.79
C1 NAG BA . 37.77 25.76 -29.84
C2 NAG BA . 39.15 26.13 -30.51
C3 NAG BA . 40.23 25.17 -30.01
C4 NAG BA . 40.32 25.28 -28.48
C5 NAG BA . 38.93 24.90 -27.89
C6 NAG BA . 38.91 24.97 -26.37
C7 NAG BA . 38.97 27.11 -32.73
C8 NAG BA . 38.87 26.98 -34.22
N2 NAG BA . 39.05 26.02 -31.97
O3 NAG BA . 41.48 25.52 -30.61
O4 NAG BA . 41.33 24.41 -27.99
O5 NAG BA . 37.91 25.81 -28.40
O6 NAG BA . 39.56 26.13 -25.86
O7 NAG BA . 38.96 28.23 -32.21
C1 NAG CA . 40.43 23.06 -6.21
C2 NAG CA . 40.02 24.33 -5.39
C3 NAG CA . 39.37 23.88 -4.07
C4 NAG CA . 38.14 23.04 -4.42
C5 NAG CA . 38.56 21.82 -5.28
C6 NAG CA . 37.36 20.98 -5.69
C7 NAG CA . 42.28 24.79 -4.50
C8 NAG CA . 43.43 25.71 -4.30
N2 NAG CA . 41.20 25.21 -5.16
O3 NAG CA . 39.00 25.04 -3.32
O4 NAG CA . 37.55 22.57 -3.20
O5 NAG CA . 39.24 22.27 -6.48
O6 NAG CA . 37.76 19.71 -6.18
O7 NAG CA . 42.35 23.63 -4.07
C1 NAG DA . 21.45 23.57 -3.32
C2 NAG DA . 22.44 23.80 -2.13
C3 NAG DA . 22.04 22.88 -0.97
C4 NAG DA . 20.58 23.20 -0.56
C5 NAG DA . 19.67 22.97 -1.79
C6 NAG DA . 18.21 23.24 -1.47
C7 NAG DA . 24.69 24.39 -2.85
C8 NAG DA . 26.07 24.00 -3.28
N2 NAG DA . 23.80 23.45 -2.57
O3 NAG DA . 22.92 23.11 0.14
O4 NAG DA . 20.19 22.35 0.52
O5 NAG DA . 20.09 23.83 -2.90
O6 NAG DA . 18.00 24.57 -1.02
O7 NAG DA . 24.40 25.59 -2.74
C1 NAG EA . 7.63 8.42 -41.41
C2 NAG EA . 7.03 9.65 -42.17
C3 NAG EA . 6.79 9.25 -43.63
C4 NAG EA . 8.14 8.82 -44.25
C5 NAG EA . 8.70 7.63 -43.44
C6 NAG EA . 10.07 7.22 -43.95
C7 NAG EA . 5.65 10.99 -40.66
C8 NAG EA . 4.33 11.33 -40.06
N2 NAG EA . 5.74 10.01 -41.55
O3 NAG EA . 6.27 10.38 -44.34
O4 NAG EA . 7.91 8.42 -45.59
O5 NAG EA . 8.86 8.02 -42.03
O6 NAG EA . 10.45 5.93 -43.49
O7 NAG EA . 6.67 11.62 -40.33
C1 NAG FA . -5.83 36.88 28.01
C2 NAG FA . -6.26 38.07 27.10
C3 NAG FA . -7.71 38.46 27.44
C4 NAG FA . -8.60 37.23 27.19
C5 NAG FA . -8.11 36.05 28.06
C6 NAG FA . -8.93 34.79 27.84
C7 NAG FA . -4.67 39.75 26.36
C8 NAG FA . -3.74 40.90 26.63
N2 NAG FA . -5.36 39.20 27.35
O3 NAG FA . -8.12 39.56 26.61
O4 NAG FA . -9.95 37.55 27.53
O5 NAG FA . -6.71 35.74 27.76
O6 NAG FA . -8.81 33.90 28.93
O7 NAG FA . -4.78 39.32 25.21
C1 NAG GA . 16.42 41.02 36.16
C2 NAG GA . 15.53 40.25 35.13
C3 NAG GA . 15.85 40.76 33.70
C4 NAG GA . 15.59 42.28 33.65
C5 NAG GA . 16.46 42.97 34.73
C6 NAG GA . 16.23 44.48 34.75
C7 NAG GA . 14.92 37.90 34.94
C8 NAG GA . 15.25 36.43 35.02
N2 NAG GA . 15.85 38.82 35.22
O3 NAG GA . 15.01 40.11 32.76
O4 NAG GA . 15.92 42.77 32.35
O5 NAG GA . 16.17 42.43 36.06
O6 NAG GA . 14.87 44.80 34.99
O7 NAG GA . 13.78 38.26 34.59
C1 NAG HA . -16.96 18.38 -40.68
C2 NAG HA . -17.93 17.18 -40.94
C3 NAG HA . -17.89 16.83 -42.43
C4 NAG HA . -18.31 18.08 -43.24
C5 NAG HA . -17.33 19.24 -42.92
C6 NAG HA . -17.70 20.52 -43.63
C7 NAG HA . -18.05 15.72 -38.98
C8 NAG HA . -17.57 14.54 -38.19
N2 NAG HA . -17.47 16.03 -40.15
O3 NAG HA . -18.80 15.76 -42.70
O4 NAG HA . -18.28 17.78 -44.62
O5 NAG HA . -17.34 19.51 -41.48
O6 NAG HA . -16.62 21.45 -43.63
O7 NAG HA . -18.98 16.40 -38.55
C1 NAG IA . -25.79 34.35 -4.48
C2 NAG IA . -27.01 35.31 -4.19
C3 NAG IA . -26.72 36.07 -2.88
C4 NAG IA . -26.57 35.04 -1.74
C5 NAG IA . -25.40 34.08 -2.08
C6 NAG IA . -25.24 32.97 -1.04
C7 NAG IA . -27.99 36.05 -6.28
C8 NAG IA . -28.10 37.05 -7.39
N2 NAG IA . -27.13 36.27 -5.29
O3 NAG IA . -27.77 36.99 -2.60
O4 NAG IA . -26.29 35.74 -0.53
O5 NAG IA . -25.65 33.43 -3.37
O6 NAG IA . -26.46 32.28 -0.80
O7 NAG IA . -28.70 35.04 -6.29
C1 NAG JA . -37.78 37.68 -22.29
C2 NAG JA . -36.57 38.70 -22.32
C3 NAG JA . -36.48 39.39 -20.96
C4 NAG JA . -37.80 40.10 -20.64
C5 NAG JA . -38.92 39.04 -20.63
C6 NAG JA . -40.27 39.64 -20.28
C7 NAG JA . -34.67 37.96 -23.66
C8 NAG JA . -33.37 37.22 -23.75
N2 NAG JA . -35.31 37.97 -22.49
O3 NAG JA . -35.42 40.36 -20.99
O4 NAG JA . -37.70 40.72 -19.35
O5 NAG JA . -39.00 38.38 -21.94
O6 NAG JA . -41.22 38.64 -19.97
O7 NAG JA . -35.12 38.56 -24.63
C1 NAG KA . -75.29 18.62 -25.64
C2 NAG KA . -76.69 18.32 -24.98
C3 NAG KA . -77.52 19.61 -25.06
C4 NAG KA . -76.78 20.74 -24.31
C5 NAG KA . -75.40 20.96 -24.99
C6 NAG KA . -74.58 22.01 -24.27
C7 NAG KA . -77.30 15.99 -25.33
C8 NAG KA . -77.99 14.91 -26.11
N2 NAG KA . -77.34 17.26 -25.75
O3 NAG KA . -78.79 19.38 -24.43
O4 NAG KA . -77.56 21.94 -24.38
O5 NAG KA . -74.64 19.71 -24.96
O6 NAG KA . -73.51 22.48 -25.08
O7 NAG KA . -76.71 15.70 -24.28
C1 NAG LA . -56.54 8.76 -50.65
C2 NAG LA . -57.33 9.36 -51.87
C3 NAG LA . -56.63 8.90 -53.15
C4 NAG LA . -55.17 9.40 -53.14
C5 NAG LA . -54.46 8.81 -51.89
C6 NAG LA . -53.03 9.29 -51.78
C7 NAG LA . -59.71 9.62 -51.43
C8 NAG LA . -61.10 9.08 -51.38
N2 NAG LA . -58.70 8.84 -51.82
O3 NAG LA . -57.31 9.44 -54.29
O4 NAG LA . -54.51 8.96 -54.32
O5 NAG LA . -55.18 9.21 -50.68
O6 NAG LA . -52.25 8.42 -50.98
O7 NAG LA . -59.50 10.80 -51.09
C1 NAG MA . -64.26 19.45 -36.81
C2 NAG MA . -63.16 20.05 -37.74
C3 NAG MA . -62.03 20.61 -36.86
C4 NAG MA . -62.62 21.67 -35.91
C5 NAG MA . -63.71 21.00 -35.03
C6 NAG MA . -64.37 22.00 -34.10
C7 NAG MA . -62.92 18.88 -39.86
C8 NAG MA . -62.34 17.78 -40.69
N2 NAG MA . -62.60 18.98 -38.57
O3 NAG MA . -61.04 21.21 -37.69
O4 NAG MA . -61.58 22.18 -35.07
O5 NAG MA . -64.75 20.44 -35.90
O6 NAG MA . -65.21 21.34 -33.15
O7 NAG MA . -63.69 19.70 -40.38
C1 NAG NA . -76.93 13.06 -48.05
C2 NAG NA . -77.00 14.33 -48.96
C3 NAG NA . -78.24 14.22 -49.86
C4 NAG NA . -78.14 12.92 -50.71
C5 NAG NA . -78.04 11.71 -49.74
C6 NAG NA . -77.87 10.41 -50.50
C7 NAG NA . -76.20 16.46 -48.05
C8 NAG NA . -76.37 17.64 -47.16
N2 NAG NA . -77.13 15.51 -48.10
O3 NAG NA . -78.29 15.36 -50.74
O4 NAG NA . -79.31 12.81 -51.50
O5 NAG NA . -76.88 11.87 -48.86
O6 NAG NA . -76.68 10.40 -51.28
O7 NAG NA . -75.17 16.36 -48.76
C1 NAG OA . -90.27 11.47 -32.34
C2 NAG OA . -89.93 12.47 -31.19
C3 NAG OA . -90.99 12.34 -30.09
C4 NAG OA . -92.39 12.60 -30.69
C5 NAG OA . -92.63 11.57 -31.80
C6 NAG OA . -93.99 11.72 -32.47
C7 NAG OA . -87.51 12.71 -31.02
C8 NAG OA . -86.19 12.29 -30.44
N2 NAG OA . -88.62 12.10 -30.63
O3 NAG OA . -90.71 13.31 -29.05
O4 NAG OA . -93.37 12.47 -29.66
O5 NAG OA . -91.61 11.70 -32.84
O6 NAG OA . -94.33 10.56 -33.22
O7 NAG OA . -87.56 13.61 -31.86
C1 NAG PA . 41.45 -50.93 -8.43
C2 NAG PA . 42.82 -50.81 -9.17
C3 NAG PA . 42.77 -49.59 -10.11
C4 NAG PA . 41.63 -49.77 -11.11
C5 NAG PA . 40.29 -49.91 -10.33
C6 NAG PA . 39.12 -50.14 -11.25
C7 NAG PA . 44.86 -51.51 -8.05
C8 NAG PA . 45.96 -51.28 -7.05
N2 NAG PA . 43.88 -50.61 -8.19
O3 NAG PA . 44.02 -49.48 -10.81
O4 NAG PA . 41.57 -48.65 -11.99
O5 NAG PA . 40.38 -51.07 -9.42
O6 NAG PA . 37.89 -49.90 -10.58
O7 NAG PA . 44.88 -52.52 -8.75
C1 NAG QA . 13.73 -42.77 -21.60
C2 NAG QA . 12.25 -42.96 -22.05
C3 NAG QA . 12.18 -42.83 -23.58
C4 NAG QA . 12.72 -41.43 -23.97
C5 NAG QA . 14.16 -41.28 -23.46
C6 NAG QA . 14.75 -39.90 -23.77
C7 NAG QA . 10.76 -44.43 -20.80
C8 NAG QA . 10.34 -45.79 -20.34
N2 NAG QA . 11.82 -44.29 -21.61
O3 NAG QA . 10.83 -42.98 -24.01
O4 NAG QA . 12.66 -41.28 -25.38
O5 NAG QA . 14.21 -41.46 -22.01
O6 NAG QA . 16.16 -39.92 -23.66
O7 NAG QA . 10.13 -43.44 -20.44
C1 NAG RA . 25.48 -52.75 14.28
C2 NAG RA . 25.71 -53.85 15.38
C3 NAG RA . 26.33 -53.17 16.62
C4 NAG RA . 27.66 -52.49 16.19
C5 NAG RA . 27.33 -51.44 15.09
C6 NAG RA . 28.59 -50.74 14.59
C7 NAG RA . 24.10 -55.69 15.39
C8 NAG RA . 22.75 -56.26 15.73
N2 NAG RA . 24.40 -54.43 15.72
O3 NAG RA . 26.58 -54.16 17.62
O4 NAG RA . 28.23 -51.85 17.33
O5 NAG RA . 26.71 -52.10 13.94
O6 NAG RA . 28.25 -49.59 13.83
O7 NAG RA . 24.92 -56.40 14.79
C1 NAG SA . 40.33 -31.20 11.35
C2 NAG SA . 41.73 -31.78 10.99
C3 NAG SA . 42.79 -30.96 11.74
C4 NAG SA . 42.67 -29.47 11.33
C5 NAG SA . 41.24 -28.97 11.67
C6 NAG SA . 41.05 -27.53 11.23
C7 NAG SA . 42.45 -34.08 10.78
C8 NAG SA . 42.50 -35.50 11.27
N2 NAG SA . 41.77 -33.17 11.45
O3 NAG SA . 44.10 -31.43 11.41
O4 NAG SA . 43.62 -28.72 12.08
O5 NAG SA . 40.26 -29.80 10.98
O6 NAG SA . 41.24 -27.37 9.83
O7 NAG SA . 43.09 -33.78 9.75
C1 NAG TA . 28.59 -28.17 -4.51
C2 NAG TA . 27.43 -27.25 -5.05
C3 NAG TA . 27.61 -27.07 -6.57
C4 NAG TA . 28.99 -26.43 -6.83
C5 NAG TA . 30.08 -27.38 -6.26
C6 NAG TA . 31.47 -26.82 -6.46
C7 NAG TA . 25.34 -27.55 -3.81
C8 NAG TA . 24.02 -28.22 -3.60
N2 NAG TA . 26.13 -27.92 -4.82
O3 NAG TA . 26.57 -26.21 -7.07
O4 NAG TA . 29.17 -26.27 -8.23
O5 NAG TA . 29.86 -27.57 -4.83
O6 NAG TA . 32.46 -27.81 -6.22
O7 NAG TA . 25.70 -26.65 -3.04
C1 NAG UA . -10.98 -45.95 7.34
C2 NAG UA . -11.46 -46.79 6.11
C3 NAG UA . -12.50 -47.80 6.61
C4 NAG UA . -11.85 -48.70 7.70
C5 NAG UA . -11.36 -47.80 8.85
C6 NAG UA . -10.66 -48.61 9.94
C7 NAG UA . -11.70 -45.79 3.90
C8 NAG UA . -12.39 -44.88 2.95
N2 NAG UA . -12.11 -45.89 5.16
O3 NAG UA . -12.93 -48.62 5.51
O4 NAG UA . -12.83 -49.62 8.17
O5 NAG UA . -10.40 -46.81 8.34
O6 NAG UA . -10.64 -47.89 11.17
O7 NAG UA . -10.72 -46.46 3.51
C1 NAG VA . 31.29 -3.28 -30.60
C2 NAG VA . 30.64 -2.51 -31.81
C3 NAG VA . 30.32 -3.54 -32.91
C4 NAG VA . 31.61 -4.26 -33.32
C5 NAG VA . 32.21 -4.97 -32.08
C6 NAG VA . 33.51 -5.67 -32.42
C7 NAG VA . 29.34 -0.60 -31.02
C8 NAG VA . 28.04 0.00 -30.58
N2 NAG VA . 29.39 -1.89 -31.36
O3 NAG VA . 29.77 -2.86 -34.05
O4 NAG VA . 31.29 -5.24 -34.32
O5 NAG VA . 32.47 -3.98 -31.04
O6 NAG VA . 33.86 -6.60 -31.41
O7 NAG VA . 30.36 0.10 -31.09
C1 NAG WA . 52.95 -1.70 -19.46
C2 NAG WA . 51.39 -1.93 -19.44
C3 NAG WA . 51.12 -3.43 -19.66
C4 NAG WA . 51.76 -3.87 -21.00
C5 NAG WA . 53.28 -3.58 -20.94
C6 NAG WA . 53.99 -3.97 -22.23
C7 NAG WA . 49.76 -0.79 -18.03
C8 NAG WA . 49.25 -0.39 -16.68
N2 NAG WA . 50.87 -1.52 -18.13
O3 NAG WA . 49.71 -3.66 -19.69
O4 NAG WA . 51.52 -5.26 -21.20
O5 NAG WA . 53.51 -2.16 -20.70
O6 NAG WA . 53.42 -3.36 -23.38
O7 NAG WA . 49.16 -0.44 -19.05
C1 NAG XA . -20.78 -43.42 -15.00
C2 NAG XA . -20.47 -44.90 -15.44
C3 NAG XA . -21.63 -45.79 -14.95
C4 NAG XA . -21.75 -45.65 -13.41
C5 NAG XA . -22.02 -44.17 -13.06
C6 NAG XA . -22.11 -43.95 -11.57
C7 NAG XA . -19.53 -45.71 -17.53
C8 NAG XA . -19.48 -45.75 -19.04
N2 NAG XA . -20.42 -44.94 -16.91
O3 NAG XA . -21.37 -47.15 -15.29
O4 NAG XA . -22.84 -46.47 -12.97
O5 NAG XA . -20.92 -43.35 -13.57
O6 NAG XA . -22.67 -42.68 -11.27
O7 NAG XA . -18.74 -46.42 -16.88
C1 NAG YA . -3.42 -18.85 -41.66
C2 NAG YA . -2.73 -17.55 -42.18
C3 NAG YA . -3.38 -17.13 -43.50
C4 NAG YA . -3.14 -18.26 -44.51
C5 NAG YA . -3.79 -19.57 -43.97
C6 NAG YA . -3.47 -20.73 -44.90
C7 NAG YA . -1.85 -16.10 -40.43
C8 NAG YA . -1.98 -14.95 -39.48
N2 NAG YA . -2.88 -16.46 -41.21
O3 NAG YA . -2.74 -15.94 -43.95
O4 NAG YA . -3.75 -17.91 -45.74
O5 NAG YA . -3.23 -19.91 -42.65
O6 NAG YA . -4.33 -21.83 -44.68
O7 NAG YA . -0.77 -16.70 -40.51
C1 NAG ZA . -15.91 -33.90 -47.00
C2 NAG ZA . -14.99 -35.17 -47.00
C3 NAG ZA . -13.65 -34.81 -47.66
C4 NAG ZA . -13.92 -34.31 -49.09
C5 NAG ZA . -14.85 -33.08 -49.03
C6 NAG ZA . -15.20 -32.59 -50.41
C7 NAG ZA . -15.39 -36.62 -45.11
C8 NAG ZA . -15.10 -37.05 -43.70
N2 NAG ZA . -14.74 -35.58 -45.62
O3 NAG ZA . -12.83 -35.98 -47.68
O4 NAG ZA . -12.68 -33.96 -49.70
O5 NAG ZA . -16.11 -33.43 -48.35
O6 NAG ZA . -15.82 -31.31 -50.38
O7 NAG ZA . -16.20 -37.26 -45.79
C1 NAG AB . -50.47 -16.35 -60.31
C2 NAG AB . -51.52 -16.04 -61.36
C3 NAG AB . -51.08 -16.61 -62.70
C4 NAG AB . -49.68 -16.11 -63.05
C5 NAG AB . -48.72 -16.42 -61.92
C6 NAG AB . -47.33 -15.87 -62.21
C7 NAG AB . -53.66 -15.91 -60.24
C8 NAG AB . -54.76 -16.72 -59.62
N2 NAG AB . -52.80 -16.59 -60.99
O3 NAG AB . -52.00 -16.20 -63.72
O4 NAG AB . -49.24 -16.75 -64.25
O5 NAG AB . -49.21 -15.82 -60.71
O6 NAG AB . -46.84 -16.42 -63.44
O7 NAG AB . -53.56 -14.70 -60.08
C1 NAG BB . -59.02 -37.16 -36.41
C2 NAG BB . -59.90 -38.16 -37.24
C3 NAG BB . -60.46 -39.21 -36.27
C4 NAG BB . -59.29 -39.94 -35.59
C5 NAG BB . -58.44 -38.90 -34.82
C6 NAG BB . -57.24 -39.53 -34.15
C7 NAG BB . -60.98 -37.14 -39.16
C8 NAG BB . -62.11 -36.36 -39.77
N2 NAG BB . -60.98 -37.40 -37.85
O3 NAG BB . -61.25 -40.15 -37.01
O4 NAG BB . -59.81 -40.91 -34.68
O5 NAG BB . -57.95 -37.88 -35.75
O6 NAG BB . -56.64 -38.65 -33.22
O7 NAG BB . -60.05 -37.56 -39.88
C1 NAG CB . -57.84 -40.89 -14.22
C2 NAG CB . -58.77 -42.12 -13.91
C3 NAG CB . -58.05 -43.01 -12.88
C4 NAG CB . -56.71 -43.48 -13.47
C5 NAG CB . -55.86 -42.22 -13.77
C6 NAG CB . -54.51 -42.57 -14.38
C7 NAG CB . -61.18 -41.78 -13.95
C8 NAG CB . -62.46 -41.35 -13.31
N2 NAG CB . -60.03 -41.66 -13.30
O3 NAG CB . -58.87 -44.15 -12.59
O4 NAG CB . -56.05 -44.32 -12.53
O5 NAG CB . -56.57 -41.37 -14.72
O6 NAG CB . -53.63 -43.10 -13.40
O7 NAG CB . -61.20 -42.25 -15.09
C1 NAG DB . -50.49 -28.62 -51.46
C2 NAG DB . -50.18 -30.10 -51.06
C3 NAG DB . -48.69 -30.26 -50.71
C4 NAG DB . -47.87 -29.88 -51.95
C5 NAG DB . -48.19 -28.40 -52.33
C6 NAG DB . -47.44 -27.98 -53.58
C7 NAG DB . -51.53 -31.71 -49.86
C8 NAG DB . -52.27 -32.18 -48.66
N2 NAG DB . -50.94 -30.51 -49.88
O3 NAG DB . -48.43 -31.61 -50.35
O4 NAG DB . -46.49 -30.08 -51.66
O5 NAG DB . -49.63 -28.26 -52.58
O6 NAG DB . -46.03 -27.92 -53.36
O7 NAG DB . -51.48 -32.44 -50.86
C1 NAG EB . -67.87 -30.92 -54.90
C2 NAG EB . -67.49 -32.37 -55.38
C3 NAG EB . -68.79 -33.10 -55.80
C4 NAG EB . -69.76 -33.15 -54.61
C5 NAG EB . -70.06 -31.71 -54.15
C6 NAG EB . -70.99 -31.68 -52.95
C7 NAG EB . -65.55 -33.10 -56.64
C8 NAG EB . -64.66 -33.05 -57.85
N2 NAG EB . -66.61 -32.30 -56.55
O3 NAG EB . -68.48 -34.43 -56.23
O4 NAG EB . -70.95 -33.81 -55.01
O5 NAG EB . -68.82 -31.04 -53.80
O6 NAG EB . -72.15 -30.89 -53.20
O7 NAG EB . -65.30 -33.90 -55.74
C1 NAG FB . -68.36 -13.97 -65.19
C2 NAG FB . -67.01 -13.93 -65.97
C3 NAG FB . -66.96 -12.63 -66.79
C4 NAG FB . -68.17 -12.59 -67.75
C5 NAG FB . -69.46 -12.65 -66.91
C6 NAG FB . -70.70 -12.66 -67.79
C7 NAG FB . -65.27 -15.05 -64.69
C8 NAG FB . -64.16 -15.03 -63.69
N2 NAG FB . -65.92 -13.93 -64.99
O3 NAG FB . -65.74 -12.58 -67.53
O4 NAG FB . -68.13 -11.38 -68.50
O5 NAG FB . -69.48 -13.88 -66.10
O6 NAG FB . -71.88 -12.42 -67.01
O7 NAG FB . -65.57 -16.12 -65.24
#